data_3MK7
#
_entry.id   3MK7
#
_cell.length_a   136.475
_cell.length_b   279.933
_cell.length_c   175.192
_cell.angle_alpha   90.00
_cell.angle_beta   90.00
_cell.angle_gamma   90.00
#
_symmetry.space_group_name_H-M   'P 21 21 2'
#
loop_
_entity.id
_entity.type
_entity.pdbx_description
1 polymer 'Cytochrome c oxidase, cbb3-type, subunit N'
2 polymer 'Cytochrome c oxidase, cbb3-type, subunit O'
3 polymer 'Cytochrome c oxidase, cbb3-type, subunit P'
4 polymer '30-mer peptide'
5 non-polymer 'PROTOPORPHYRIN IX CONTAINING FE'
6 non-polymer 'COPPER (II) ION'
7 non-polymer 'CALCIUM ION'
8 non-polymer 'HYDROGEN PEROXIDE'
9 non-polymer 'PHOSPHATE ION'
10 non-polymer 'HEME C'
11 non-polymer HEXACYANOFERRATE(3-)
#
loop_
_entity_poly.entity_id
_entity_poly.type
_entity_poly.pdbx_seq_one_letter_code
_entity_poly.pdbx_strand_id
1 'polypeptide(L)'
;MNTATSTAYSYKVVRQFAIMTVVWGIVGMGLGVFIAAQLAWPFLNFDLPWTSFGRLRPLHTNAVIFAFGGCALFATSYYS
VQRTCQTTLFAPKLAAFTFWGWQLVILLAAISLPLGFTSSKEYAELEWPIDILITIVWVAYAVVFFGTLAKRKVKHIYVG
NWFFGAFILTVAILHVVNNLEIPVTAMKSYSLYAGATDAMVQWWYGHNAVGFFLTAGFLGIMYYFVPKQAERPVYSYRLS
IVHFWALITVYIWAGPHHLHYTALPDWAQSLGMVMSLILLAPSWGGMINGMMTLSGAWHKLRSDPILRFLVVSLAFYGMS
TFEGPMMAIKTVNALSHYTDWTIGHVHAGALGWVAMVSIGALYHLVPKVFGREQMHSIGLINTHFWLATIGTVLYIASMW
VNGIAQGLMWRAINDDGTLTYSFVESLEASHPGFVVRMIGGAIFFAGMLVMAYNTWRTVQAAKPAEYDAAAQIA
;
A,D,G,K
2 'polypeptide(L)'
;MKSHEKLEKNVGLLTLFMILAVSIGGLTQIVPLFFQDSVNEPVEGMKPYTALQLEGRDLYIREGCVGCHSQMIRPFRAET
ERYGHYSVAGESVYDHPFLWGSKRTGPDLARVGGRYSDDWHRAHLYNPRNVVPESKMPSYPWLVENTLDGKDTAKKMSAL
RMLGVPYTEEDIAGARDSVNGKTEMDAMVAYLQVLGTALTNKR
;
B,E,H,L
3 'polypeptide(L)'
;MSTFWSGYIALLTLGTIVALFWLIFATRKGESAGTTDQTMGHAFDGIEEYDNPLPRWWFLLFIGTLVFGILYLVLYPGLG
NWKGVLPGYEGGWTQEKQWEREVAQADEKYGPIFAKYAAMSVEEVAQDPQAVKMGARLFANYCSICHGSDAKGSLGFPNL
ADQDWRWGGDAASIKTSILNGRIAAMPAWGQAIGEEGVKNVAAFVRKDLAGLPLPEGTDADLSAGKNVYAQTCAVCHGQG
GEGMAALGAPKLNSAAGWIYGSSLGQLQQTIRHGRNGQMPAQQQYLGDDKVHLLAAYVYSLSQKPEQLANQ
;
C,F,I,M
4 'polypeptide(L)'
;(UNK)(UNK)(UNK)(UNK)(UNK)(UNK)(UNK)(UNK)(UNK)(UNK)(UNK)(UNK)(UNK)(UNK)(UNK)(UNK)
(UNK)(UNK)(UNK)(UNK)(UNK)(UNK)(UNK)(UNK)(UNK)(UNK)(UNK)(UNK)(UNK)(UNK)
;
U,X,Y,Z
#
# COMPACT_ATOMS: atom_id res chain seq x y z
N THR A 5 -42.48 71.41 -43.50
CA THR A 5 -42.39 70.61 -44.78
C THR A 5 -42.19 69.12 -44.43
N SER A 6 -40.96 68.61 -44.59
CA SER A 6 -40.51 67.27 -44.14
C SER A 6 -41.31 66.03 -44.60
N THR A 7 -42.29 66.23 -45.49
CA THR A 7 -43.12 65.11 -45.97
C THR A 7 -42.41 64.34 -47.10
N ALA A 8 -41.32 63.67 -46.72
CA ALA A 8 -40.57 62.70 -47.51
C ALA A 8 -39.99 61.71 -46.49
N TYR A 9 -40.21 60.42 -46.70
CA TYR A 9 -39.86 59.43 -45.68
C TYR A 9 -38.38 59.56 -45.33
N SER A 10 -38.04 59.38 -44.06
CA SER A 10 -36.66 59.36 -43.61
C SER A 10 -36.05 58.01 -43.95
N TYR A 11 -35.35 57.95 -45.08
CA TYR A 11 -34.77 56.69 -45.55
C TYR A 11 -33.32 56.50 -45.09
N LYS A 12 -32.79 57.49 -44.40
CA LYS A 12 -31.39 57.49 -44.00
C LYS A 12 -31.05 56.30 -43.13
N VAL A 13 -31.82 56.15 -42.05
CA VAL A 13 -31.56 55.10 -41.07
C VAL A 13 -31.75 53.72 -41.71
N VAL A 14 -32.85 53.56 -42.46
CA VAL A 14 -33.15 52.31 -43.16
C VAL A 14 -31.98 51.88 -44.04
N ARG A 15 -31.36 52.84 -44.70
CA ARG A 15 -30.21 52.59 -45.55
C ARG A 15 -29.04 52.01 -44.76
N GLN A 16 -28.74 52.63 -43.62
CA GLN A 16 -27.67 52.15 -42.74
C GLN A 16 -27.94 50.70 -42.28
N PHE A 17 -29.07 50.50 -41.60
CA PHE A 17 -29.44 49.19 -41.09
C PHE A 17 -29.52 48.10 -42.14
N ALA A 18 -29.94 48.46 -43.36
CA ALA A 18 -29.99 47.51 -44.48
C ALA A 18 -28.60 46.98 -44.76
N ILE A 19 -27.67 47.89 -45.04
CA ILE A 19 -26.30 47.52 -45.33
C ILE A 19 -25.74 46.69 -44.18
N MET A 20 -25.90 47.21 -42.98
CA MET A 20 -25.38 46.51 -41.83
C MET A 20 -26.03 45.14 -41.63
N THR A 21 -27.29 44.96 -42.07
CA THR A 21 -27.93 43.65 -42.03
C THR A 21 -27.15 42.66 -42.87
N VAL A 22 -26.77 43.06 -44.09
CA VAL A 22 -25.97 42.18 -44.95
C VAL A 22 -24.59 41.95 -44.35
N VAL A 23 -23.98 43.00 -43.79
CA VAL A 23 -22.66 42.85 -43.19
C VAL A 23 -22.68 41.86 -42.01
N TRP A 24 -23.63 42.03 -41.10
CA TRP A 24 -23.67 41.15 -39.93
C TRP A 24 -24.08 39.76 -40.35
N GLY A 25 -25.00 39.66 -41.29
CA GLY A 25 -25.35 38.36 -41.89
C GLY A 25 -24.10 37.57 -42.22
N ILE A 26 -23.21 38.18 -43.02
CA ILE A 26 -21.94 37.58 -43.41
C ILE A 26 -21.12 37.22 -42.18
N VAL A 27 -20.79 38.20 -41.35
CA VAL A 27 -19.99 37.97 -40.13
C VAL A 27 -20.59 36.87 -39.26
N GLY A 28 -21.90 36.93 -39.04
CA GLY A 28 -22.62 36.00 -38.18
C GLY A 28 -22.60 34.60 -38.76
N MET A 29 -22.98 34.47 -40.02
CA MET A 29 -23.05 33.17 -40.64
C MET A 29 -21.69 32.58 -40.89
N GLY A 30 -20.71 33.45 -41.14
CA GLY A 30 -19.31 33.04 -41.26
C GLY A 30 -18.89 32.33 -40.00
N LEU A 31 -19.03 33.02 -38.88
CA LEU A 31 -18.80 32.44 -37.57
C LEU A 31 -19.51 31.10 -37.40
N GLY A 32 -20.75 31.04 -37.89
CA GLY A 32 -21.52 29.80 -37.86
C GLY A 32 -20.77 28.71 -38.56
N VAL A 33 -20.38 28.98 -39.82
CA VAL A 33 -19.61 28.03 -40.58
C VAL A 33 -18.36 27.65 -39.81
N PHE A 34 -17.72 28.65 -39.24
CA PHE A 34 -16.46 28.39 -38.60
C PHE A 34 -16.58 27.42 -37.43
N ILE A 35 -17.52 27.69 -36.51
CA ILE A 35 -17.69 26.83 -35.33
C ILE A 35 -18.27 25.49 -35.72
N ALA A 36 -18.97 25.46 -36.86
CA ALA A 36 -19.47 24.20 -37.38
C ALA A 36 -18.29 23.34 -37.73
N ALA A 37 -17.30 23.97 -38.33
CA ALA A 37 -16.08 23.30 -38.73
C ALA A 37 -15.29 22.84 -37.51
N GLN A 38 -15.34 23.63 -36.43
CA GLN A 38 -14.63 23.27 -35.24
C GLN A 38 -15.20 21.96 -34.68
N LEU A 39 -16.51 21.78 -34.80
CA LEU A 39 -17.09 20.59 -34.25
C LEU A 39 -16.64 19.37 -35.05
N ALA A 40 -16.27 19.59 -36.31
CA ALA A 40 -15.83 18.51 -37.18
C ALA A 40 -14.36 18.25 -36.95
N TRP A 41 -13.60 19.34 -36.90
CA TRP A 41 -12.16 19.28 -36.89
C TRP A 41 -11.67 20.21 -35.80
N PRO A 42 -11.51 19.69 -34.57
CA PRO A 42 -11.28 20.52 -33.39
C PRO A 42 -9.97 21.32 -33.47
N PHE A 43 -9.07 21.00 -34.40
CA PHE A 43 -7.82 21.75 -34.50
C PHE A 43 -8.10 23.19 -34.83
N LEU A 44 -9.28 23.45 -35.38
CA LEU A 44 -9.66 24.81 -35.77
C LEU A 44 -9.95 25.67 -34.57
N ASN A 45 -9.94 25.08 -33.39
CA ASN A 45 -10.01 25.79 -32.14
C ASN A 45 -8.71 26.60 -31.95
N PHE A 46 -7.60 26.07 -32.45
CA PHE A 46 -6.30 26.74 -32.46
C PHE A 46 -5.63 26.94 -31.12
N ASP A 47 -5.99 26.13 -30.13
CA ASP A 47 -5.42 26.34 -28.76
C ASP A 47 -5.29 27.82 -28.31
N LEU A 48 -6.27 28.65 -28.67
CA LEU A 48 -6.37 30.03 -28.20
C LEU A 48 -7.68 30.27 -27.49
N PRO A 49 -7.64 30.97 -26.37
CA PRO A 49 -8.83 31.21 -25.61
C PRO A 49 -9.91 31.95 -26.39
N TRP A 50 -9.51 32.87 -27.24
CA TRP A 50 -10.49 33.73 -27.93
C TRP A 50 -11.09 33.12 -29.16
N THR A 51 -10.59 31.97 -29.58
CA THR A 51 -11.04 31.37 -30.83
C THR A 51 -11.51 29.96 -30.57
N SER A 52 -11.54 29.55 -29.31
CA SER A 52 -12.09 28.25 -28.97
C SER A 52 -13.63 28.27 -29.09
N PHE A 53 -14.22 27.10 -29.32
CA PHE A 53 -15.65 26.94 -29.56
C PHE A 53 -16.54 27.48 -28.46
N GLY A 54 -16.22 27.21 -27.20
CA GLY A 54 -17.07 27.62 -26.12
C GLY A 54 -17.34 29.12 -26.09
N ARG A 55 -16.37 29.90 -26.53
CA ARG A 55 -16.45 31.35 -26.48
C ARG A 55 -17.00 31.87 -27.79
N LEU A 56 -16.61 31.25 -28.90
CA LEU A 56 -17.12 31.69 -30.19
C LEU A 56 -18.62 31.45 -30.34
N ARG A 57 -19.11 30.36 -29.76
CA ARG A 57 -20.48 29.96 -29.97
C ARG A 57 -21.46 31.12 -29.74
N PRO A 58 -21.51 31.66 -28.50
CA PRO A 58 -22.43 32.77 -28.23
C PRO A 58 -22.15 33.98 -29.10
N LEU A 59 -20.94 34.10 -29.66
CA LEU A 59 -20.72 35.13 -30.64
C LEU A 59 -21.55 34.83 -31.86
N HIS A 60 -21.51 33.60 -32.40
CA HIS A 60 -22.35 33.25 -33.58
C HIS A 60 -23.79 33.58 -33.23
N THR A 61 -24.19 33.08 -32.08
CA THR A 61 -25.51 33.28 -31.57
C THR A 61 -25.94 34.75 -31.56
N ASN A 62 -25.20 35.59 -30.85
CA ASN A 62 -25.57 37.01 -30.71
C ASN A 62 -25.42 37.77 -31.98
N ALA A 63 -24.34 37.48 -32.73
CA ALA A 63 -24.11 38.05 -34.06
C ALA A 63 -25.30 37.76 -34.97
N VAL A 64 -25.72 36.52 -34.95
CA VAL A 64 -26.71 36.09 -35.89
C VAL A 64 -28.11 36.56 -35.56
N ILE A 65 -28.49 36.54 -34.28
CA ILE A 65 -29.81 37.00 -33.81
C ILE A 65 -29.93 38.52 -33.67
N PHE A 66 -29.12 39.10 -32.80
CA PHE A 66 -29.24 40.50 -32.47
C PHE A 66 -28.58 41.36 -33.51
N ALA A 67 -27.50 40.88 -34.12
CA ALA A 67 -26.82 41.68 -35.13
C ALA A 67 -27.51 41.55 -36.48
N PHE A 68 -27.61 40.32 -37.00
CA PHE A 68 -28.28 40.08 -38.29
C PHE A 68 -29.78 40.31 -38.17
N GLY A 69 -30.46 39.42 -37.43
CA GLY A 69 -31.87 39.55 -37.11
C GLY A 69 -32.23 40.93 -36.60
N GLY A 70 -31.48 41.42 -35.63
CA GLY A 70 -31.70 42.76 -35.11
C GLY A 70 -31.76 43.81 -36.20
N CYS A 71 -30.70 43.91 -37.00
CA CYS A 71 -30.60 44.98 -37.98
C CYS A 71 -31.66 44.82 -38.99
N ALA A 72 -31.95 43.58 -39.35
CA ALA A 72 -33.01 43.28 -40.29
C ALA A 72 -34.33 43.89 -39.79
N LEU A 73 -34.60 43.70 -38.50
CA LEU A 73 -35.82 44.22 -37.87
C LEU A 73 -35.88 45.74 -37.87
N PHE A 74 -34.76 46.38 -37.57
CA PHE A 74 -34.67 47.83 -37.60
C PHE A 74 -34.93 48.34 -39.01
N ALA A 75 -34.17 47.81 -39.98
CA ALA A 75 -34.30 48.21 -41.39
C ALA A 75 -35.72 47.99 -41.85
N THR A 76 -36.27 46.83 -41.52
CA THR A 76 -37.59 46.48 -41.92
C THR A 76 -38.66 47.35 -41.26
N SER A 77 -38.65 47.44 -39.92
CA SER A 77 -39.68 48.22 -39.21
C SER A 77 -39.64 49.70 -39.58
N TYR A 78 -38.46 50.28 -39.64
CA TYR A 78 -38.35 51.70 -39.97
C TYR A 78 -38.84 52.02 -41.37
N TYR A 79 -38.53 51.14 -42.33
CA TYR A 79 -39.12 51.23 -43.67
C TYR A 79 -40.64 51.00 -43.61
N SER A 80 -41.03 49.79 -43.19
CA SER A 80 -42.43 49.37 -43.09
C SER A 80 -43.34 50.36 -42.34
N VAL A 81 -42.98 50.74 -41.12
CA VAL A 81 -43.85 51.63 -40.32
C VAL A 81 -44.10 52.99 -41.01
N GLN A 82 -43.04 53.60 -41.51
CA GLN A 82 -43.18 54.88 -42.17
C GLN A 82 -44.23 54.83 -43.27
N ARG A 83 -44.11 53.85 -44.15
CA ARG A 83 -45.00 53.71 -45.32
C ARG A 83 -46.39 53.20 -44.95
N THR A 84 -46.41 52.19 -44.10
CA THR A 84 -47.64 51.53 -43.68
C THR A 84 -48.58 52.49 -42.96
N CYS A 85 -48.08 53.64 -42.53
CA CYS A 85 -48.96 54.65 -41.96
C CYS A 85 -48.70 56.08 -42.45
N GLN A 86 -47.76 56.19 -43.39
CA GLN A 86 -47.62 57.38 -44.27
C GLN A 86 -47.16 58.69 -43.62
N THR A 87 -46.12 58.61 -42.80
CA THR A 87 -45.41 59.79 -42.27
C THR A 87 -43.94 59.48 -42.05
N THR A 88 -43.12 60.53 -41.96
CA THR A 88 -41.70 60.38 -41.66
C THR A 88 -41.55 59.84 -40.25
N LEU A 89 -40.54 59.00 -40.02
CA LEU A 89 -40.20 58.47 -38.70
C LEU A 89 -40.18 59.56 -37.64
N PHE A 90 -40.87 59.29 -36.54
CA PHE A 90 -40.87 60.18 -35.39
C PHE A 90 -39.46 60.26 -34.80
N ALA A 91 -38.99 61.49 -34.61
CA ALA A 91 -37.63 61.79 -34.17
C ALA A 91 -36.59 61.04 -35.00
N PRO A 92 -36.23 61.58 -36.18
CA PRO A 92 -35.28 60.92 -37.09
C PRO A 92 -33.87 60.82 -36.49
N LYS A 93 -33.53 61.76 -35.61
CA LYS A 93 -32.25 61.72 -34.91
C LYS A 93 -32.22 60.61 -33.85
N LEU A 94 -33.31 60.47 -33.11
CA LEU A 94 -33.39 59.41 -32.10
C LEU A 94 -33.26 58.04 -32.77
N ALA A 95 -33.72 57.95 -34.02
CA ALA A 95 -33.56 56.74 -34.83
C ALA A 95 -32.11 56.56 -35.25
N ALA A 96 -31.43 57.66 -35.55
CA ALA A 96 -30.02 57.59 -35.87
C ALA A 96 -29.22 57.07 -34.67
N PHE A 97 -29.57 57.54 -33.48
CA PHE A 97 -28.98 57.02 -32.27
C PHE A 97 -29.13 55.49 -32.22
N THR A 98 -30.35 55.02 -32.43
CA THR A 98 -30.65 53.59 -32.37
C THR A 98 -29.86 52.81 -33.41
N PHE A 99 -29.33 53.49 -34.42
CA PHE A 99 -28.43 52.79 -35.31
C PHE A 99 -27.07 52.59 -34.66
N TRP A 100 -26.38 53.69 -34.38
CA TRP A 100 -25.05 53.63 -33.80
C TRP A 100 -25.09 52.96 -32.44
N GLY A 101 -26.15 53.23 -31.70
CA GLY A 101 -26.39 52.54 -30.43
C GLY A 101 -26.30 51.04 -30.58
N TRP A 102 -27.07 50.53 -31.54
CA TRP A 102 -27.11 49.12 -31.82
C TRP A 102 -25.80 48.58 -32.34
N GLN A 103 -25.11 49.38 -33.15
CA GLN A 103 -23.83 48.98 -33.72
C GLN A 103 -22.83 48.86 -32.61
N LEU A 104 -22.86 49.82 -31.70
CA LEU A 104 -21.98 49.77 -30.54
C LEU A 104 -22.25 48.50 -29.71
N VAL A 105 -23.52 48.08 -29.64
CA VAL A 105 -23.88 46.88 -28.89
C VAL A 105 -23.22 45.70 -29.52
N ILE A 106 -23.41 45.52 -30.83
CA ILE A 106 -22.80 44.41 -31.57
C ILE A 106 -21.28 44.45 -31.46
N LEU A 107 -20.67 45.60 -31.64
CA LEU A 107 -19.23 45.72 -31.50
C LEU A 107 -18.74 45.32 -30.09
N LEU A 108 -19.48 45.70 -29.07
CA LEU A 108 -19.16 45.30 -27.69
C LEU A 108 -19.29 43.79 -27.50
N ALA A 109 -20.29 43.20 -28.14
CA ALA A 109 -20.47 41.76 -28.14
C ALA A 109 -19.27 41.07 -28.74
N ALA A 110 -18.85 41.56 -29.91
CA ALA A 110 -17.69 41.02 -30.64
C ALA A 110 -16.42 41.03 -29.76
N ILE A 111 -16.16 42.12 -29.09
CA ILE A 111 -15.00 42.20 -28.25
C ILE A 111 -15.22 41.43 -26.97
N SER A 112 -16.38 41.55 -26.34
CA SER A 112 -16.57 41.04 -24.98
C SER A 112 -16.65 39.52 -24.90
N LEU A 113 -17.28 38.89 -25.88
CA LEU A 113 -17.57 37.46 -25.77
C LEU A 113 -16.34 36.57 -25.97
N PRO A 114 -15.47 36.90 -26.95
CA PRO A 114 -14.30 36.05 -27.08
C PRO A 114 -13.32 36.33 -25.95
N LEU A 115 -13.38 37.55 -25.41
CA LEU A 115 -12.65 37.89 -24.21
C LEU A 115 -13.11 37.15 -22.95
N GLY A 116 -14.23 36.44 -23.02
CA GLY A 116 -14.69 35.63 -21.90
C GLY A 116 -15.75 36.22 -20.99
N PHE A 117 -16.15 37.48 -21.22
CA PHE A 117 -17.19 38.12 -20.40
C PHE A 117 -18.61 37.76 -20.80
N THR A 118 -19.14 36.70 -20.22
CA THR A 118 -20.49 36.21 -20.56
C THR A 118 -21.27 35.83 -19.31
N SER A 119 -22.56 36.16 -19.30
CA SER A 119 -23.41 35.81 -18.16
C SER A 119 -23.72 34.32 -18.15
N SER A 120 -23.39 33.66 -19.23
CA SER A 120 -23.73 32.28 -19.51
C SER A 120 -25.19 32.07 -19.91
N LYS A 121 -26.06 33.03 -19.61
CA LYS A 121 -27.47 32.90 -19.94
C LYS A 121 -27.65 32.90 -21.48
N GLU A 122 -28.31 31.87 -22.03
CA GLU A 122 -28.46 31.77 -23.47
C GLU A 122 -29.25 32.92 -24.06
N TYR A 123 -28.64 33.59 -25.04
CA TYR A 123 -29.21 34.72 -25.77
C TYR A 123 -29.33 35.96 -24.90
N ALA A 124 -28.63 35.92 -23.78
CA ALA A 124 -28.63 37.02 -22.85
C ALA A 124 -27.22 37.07 -22.26
N GLU A 125 -26.25 36.66 -23.06
CA GLU A 125 -24.94 36.30 -22.56
C GLU A 125 -24.12 37.54 -22.24
N LEU A 126 -24.46 38.67 -22.85
CA LEU A 126 -23.67 39.91 -22.63
C LEU A 126 -23.73 40.43 -21.18
N GLU A 127 -22.62 40.95 -20.70
CA GLU A 127 -22.57 41.39 -19.34
C GLU A 127 -23.30 42.72 -19.02
N TRP A 128 -23.56 42.94 -17.73
CA TRP A 128 -24.44 44.01 -17.32
C TRP A 128 -24.26 45.41 -17.97
N PRO A 129 -23.02 45.91 -18.13
CA PRO A 129 -22.97 47.25 -18.72
C PRO A 129 -23.60 47.24 -20.10
N ILE A 130 -23.43 46.17 -20.84
CA ILE A 130 -24.03 46.08 -22.17
C ILE A 130 -25.57 45.95 -22.10
N ASP A 131 -26.08 45.24 -21.10
CA ASP A 131 -27.52 45.17 -20.89
C ASP A 131 -28.13 46.54 -20.58
N ILE A 132 -27.39 47.37 -19.84
CA ILE A 132 -27.82 48.76 -19.66
C ILE A 132 -27.93 49.47 -21.01
N LEU A 133 -26.88 49.34 -21.81
CA LEU A 133 -26.83 49.99 -23.12
C LEU A 133 -27.97 49.53 -24.00
N ILE A 134 -28.14 48.21 -24.10
CA ILE A 134 -29.28 47.65 -24.83
C ILE A 134 -30.61 48.29 -24.40
N THR A 135 -30.91 48.26 -23.11
CA THR A 135 -32.14 48.85 -22.63
C THR A 135 -32.28 50.28 -23.13
N ILE A 136 -31.22 51.09 -23.04
CA ILE A 136 -31.28 52.47 -23.49
C ILE A 136 -31.61 52.53 -24.98
N VAL A 137 -30.90 51.75 -25.79
CA VAL A 137 -31.16 51.74 -27.23
C VAL A 137 -32.58 51.28 -27.53
N TRP A 138 -33.02 50.27 -26.80
CA TRP A 138 -34.35 49.73 -27.01
C TRP A 138 -35.45 50.74 -26.66
N VAL A 139 -35.32 51.40 -25.51
CA VAL A 139 -36.29 52.39 -25.11
C VAL A 139 -36.37 53.44 -26.22
N ALA A 140 -35.20 53.88 -26.70
CA ALA A 140 -35.12 54.87 -27.78
C ALA A 140 -35.86 54.40 -29.02
N TYR A 141 -35.61 53.14 -29.41
CA TYR A 141 -36.29 52.49 -30.54
C TYR A 141 -37.81 52.45 -30.37
N ALA A 142 -38.25 52.07 -29.17
CA ALA A 142 -39.66 52.01 -28.81
C ALA A 142 -40.33 53.37 -29.06
N VAL A 143 -39.67 54.43 -28.58
CA VAL A 143 -40.14 55.80 -28.76
C VAL A 143 -40.20 56.17 -30.25
N VAL A 144 -39.17 55.84 -31.00
CA VAL A 144 -39.16 56.11 -32.44
C VAL A 144 -40.29 55.37 -33.18
N PHE A 145 -40.50 54.10 -32.86
CA PHE A 145 -41.53 53.31 -33.53
C PHE A 145 -42.92 53.75 -33.13
N PHE A 146 -43.22 53.64 -31.84
CA PHE A 146 -44.54 53.99 -31.33
C PHE A 146 -44.91 55.46 -31.58
N GLY A 147 -43.89 56.32 -31.58
CA GLY A 147 -44.07 57.71 -31.96
C GLY A 147 -44.51 57.85 -33.40
N THR A 148 -43.92 57.05 -34.29
CA THR A 148 -44.27 57.10 -35.70
C THR A 148 -45.72 56.65 -35.90
N LEU A 149 -46.12 55.60 -35.19
CA LEU A 149 -47.53 55.20 -35.12
C LEU A 149 -48.42 56.34 -34.60
N ALA A 150 -48.05 56.89 -33.46
CA ALA A 150 -48.84 57.93 -32.81
C ALA A 150 -49.05 59.16 -33.68
N LYS A 151 -48.24 59.32 -34.73
CA LYS A 151 -48.41 60.46 -35.64
C LYS A 151 -48.66 60.04 -37.10
N ARG A 152 -49.34 58.90 -37.27
CA ARG A 152 -49.74 58.39 -38.57
C ARG A 152 -50.82 59.27 -39.23
N LYS A 153 -51.23 58.88 -40.44
CA LYS A 153 -52.27 59.59 -41.17
C LYS A 153 -53.59 58.85 -41.15
N VAL A 154 -53.55 57.54 -41.45
CA VAL A 154 -54.77 56.69 -41.46
C VAL A 154 -55.32 56.46 -40.05
N LYS A 155 -56.64 56.22 -39.98
CA LYS A 155 -57.28 55.91 -38.70
C LYS A 155 -56.79 54.55 -38.20
N HIS A 156 -56.74 53.59 -39.11
CA HIS A 156 -56.36 52.23 -38.76
C HIS A 156 -54.85 52.04 -38.73
N ILE A 157 -54.40 51.11 -37.88
CA ILE A 157 -53.00 50.72 -37.83
C ILE A 157 -52.87 49.35 -38.46
N TYR A 158 -52.05 49.24 -39.49
CA TYR A 158 -51.84 47.96 -40.17
C TYR A 158 -51.42 46.84 -39.22
N VAL A 159 -51.92 45.63 -39.49
CA VAL A 159 -51.69 44.45 -38.63
C VAL A 159 -50.21 44.10 -38.58
N GLY A 160 -49.46 44.52 -39.60
CA GLY A 160 -48.01 44.36 -39.61
C GLY A 160 -47.39 45.04 -38.40
N ASN A 161 -47.95 46.19 -38.04
CA ASN A 161 -47.42 46.95 -36.92
C ASN A 161 -47.89 46.46 -35.56
N TRP A 162 -48.93 45.62 -35.55
CA TRP A 162 -49.35 44.97 -34.32
C TRP A 162 -48.22 44.05 -33.91
N PHE A 163 -47.71 43.32 -34.89
CA PHE A 163 -46.65 42.39 -34.62
C PHE A 163 -45.38 43.14 -34.22
N PHE A 164 -45.01 44.14 -35.01
CA PHE A 164 -43.81 44.89 -34.67
C PHE A 164 -43.98 45.44 -33.29
N GLY A 165 -45.10 46.14 -33.09
CA GLY A 165 -45.41 46.76 -31.81
C GLY A 165 -45.24 45.82 -30.64
N ALA A 166 -45.85 44.64 -30.75
CA ALA A 166 -45.79 43.64 -29.71
C ALA A 166 -44.34 43.27 -29.45
N PHE A 167 -43.66 42.79 -30.50
CA PHE A 167 -42.24 42.47 -30.45
C PHE A 167 -41.43 43.51 -29.66
N ILE A 168 -41.62 44.79 -29.98
CA ILE A 168 -40.86 45.84 -29.31
C ILE A 168 -41.09 45.87 -27.80
N LEU A 169 -42.35 45.96 -27.39
CA LEU A 169 -42.69 46.02 -25.96
C LEU A 169 -42.22 44.77 -25.25
N THR A 170 -42.58 43.61 -25.79
CA THR A 170 -42.38 42.36 -25.09
C THR A 170 -40.90 41.97 -24.99
N VAL A 171 -40.12 42.36 -25.99
CA VAL A 171 -38.68 42.14 -25.91
C VAL A 171 -38.09 43.00 -24.78
N ALA A 172 -38.56 44.23 -24.69
CA ALA A 172 -38.16 45.15 -23.62
C ALA A 172 -38.38 44.55 -22.21
N ILE A 173 -39.61 44.10 -21.95
CA ILE A 173 -39.94 43.43 -20.67
C ILE A 173 -39.00 42.23 -20.47
N LEU A 174 -39.04 41.29 -21.41
CA LEU A 174 -38.16 40.12 -21.41
C LEU A 174 -36.71 40.44 -21.01
N HIS A 175 -36.12 41.39 -21.75
CA HIS A 175 -34.72 41.74 -21.59
C HIS A 175 -34.42 42.24 -20.18
N VAL A 176 -35.27 43.12 -19.67
CA VAL A 176 -35.02 43.71 -18.35
C VAL A 176 -35.10 42.65 -17.25
N VAL A 177 -36.18 41.85 -17.30
CA VAL A 177 -36.47 40.87 -16.26
C VAL A 177 -35.36 39.80 -16.17
N ASN A 178 -34.99 39.22 -17.32
CA ASN A 178 -34.02 38.12 -17.34
C ASN A 178 -32.57 38.55 -17.13
N ASN A 179 -32.33 39.86 -17.15
CA ASN A 179 -30.99 40.37 -16.91
C ASN A 179 -30.83 41.08 -15.58
N LEU A 180 -31.79 40.92 -14.68
CA LEU A 180 -31.59 41.43 -13.31
C LEU A 180 -30.44 40.65 -12.68
N GLU A 181 -29.37 41.36 -12.30
CA GLU A 181 -28.15 40.74 -11.88
C GLU A 181 -27.36 41.72 -11.03
N ILE A 182 -26.81 41.26 -9.90
CA ILE A 182 -25.89 42.05 -9.09
C ILE A 182 -24.56 42.10 -9.82
N PRO A 183 -24.08 43.33 -10.09
CA PRO A 183 -22.74 43.49 -10.65
C PRO A 183 -21.71 43.26 -9.55
N VAL A 184 -20.69 42.50 -9.87
CA VAL A 184 -19.59 42.25 -8.97
C VAL A 184 -18.46 43.18 -9.35
N THR A 185 -18.10 43.19 -10.63
CA THR A 185 -17.05 44.06 -11.15
C THR A 185 -17.52 44.63 -12.47
N ALA A 186 -16.62 45.28 -13.21
CA ALA A 186 -16.96 45.89 -14.50
C ALA A 186 -17.72 44.93 -15.41
N MET A 187 -17.16 43.75 -15.63
CA MET A 187 -17.76 42.83 -16.59
C MET A 187 -18.18 41.50 -15.96
N LYS A 188 -18.67 41.52 -14.74
CA LYS A 188 -19.11 40.27 -14.13
C LYS A 188 -20.25 40.55 -13.23
N SER A 189 -21.35 39.87 -13.46
CA SER A 189 -22.51 39.98 -12.58
C SER A 189 -23.03 38.58 -12.23
N TYR A 190 -23.80 38.47 -11.15
CA TYR A 190 -24.49 37.23 -10.87
C TYR A 190 -25.97 37.42 -11.08
N SER A 191 -26.61 36.41 -11.68
CA SER A 191 -28.04 36.42 -11.90
C SER A 191 -28.80 36.59 -10.62
N LEU A 192 -29.89 37.34 -10.68
CA LEU A 192 -30.76 37.50 -9.53
C LEU A 192 -31.28 36.15 -9.07
N TYR A 193 -31.53 35.26 -10.01
CA TYR A 193 -32.18 33.98 -9.76
C TYR A 193 -31.18 32.85 -9.67
N ALA A 194 -31.63 31.68 -9.21
CA ALA A 194 -30.83 30.47 -9.20
C ALA A 194 -31.66 29.23 -9.49
N GLY A 195 -30.96 28.15 -9.84
CA GLY A 195 -31.59 26.86 -10.01
C GLY A 195 -32.83 26.92 -10.86
N ALA A 196 -33.85 26.19 -10.44
CA ALA A 196 -35.05 26.04 -11.21
C ALA A 196 -35.65 27.39 -11.56
N THR A 197 -35.62 28.33 -10.63
CA THR A 197 -36.22 29.63 -10.87
C THR A 197 -35.45 30.33 -11.97
N ASP A 198 -34.14 30.33 -11.87
CA ASP A 198 -33.34 30.91 -12.92
C ASP A 198 -33.60 30.23 -14.25
N ALA A 199 -33.71 28.91 -14.25
CA ALA A 199 -34.00 28.16 -15.47
C ALA A 199 -35.31 28.65 -16.11
N MET A 200 -36.34 28.83 -15.29
CA MET A 200 -37.59 29.31 -15.81
C MET A 200 -37.54 30.72 -16.30
N VAL A 201 -37.00 31.64 -15.51
CA VAL A 201 -36.83 33.00 -16.01
C VAL A 201 -36.06 33.00 -17.33
N GLN A 202 -35.05 32.15 -17.41
CA GLN A 202 -34.24 32.04 -18.61
C GLN A 202 -35.00 31.62 -19.85
N TRP A 203 -35.84 30.60 -19.72
CA TRP A 203 -36.53 30.07 -20.91
C TRP A 203 -37.85 30.77 -21.20
N TRP A 204 -38.37 31.44 -20.21
CA TRP A 204 -39.42 32.37 -20.47
C TRP A 204 -38.79 33.40 -21.38
N TYR A 205 -37.63 33.88 -20.98
CA TYR A 205 -36.90 34.83 -21.82
C TYR A 205 -36.45 34.17 -23.10
N GLY A 206 -35.86 32.99 -22.98
CA GLY A 206 -35.24 32.33 -24.10
C GLY A 206 -36.20 32.06 -25.24
N HIS A 207 -37.37 31.51 -24.93
CA HIS A 207 -38.30 31.18 -25.98
C HIS A 207 -38.90 32.45 -26.55
N ASN A 208 -39.42 33.30 -25.66
CA ASN A 208 -39.99 34.57 -26.08
C ASN A 208 -39.03 35.53 -26.81
N ALA A 209 -37.73 35.31 -26.66
CA ALA A 209 -36.76 35.93 -27.54
C ALA A 209 -37.07 35.51 -28.97
N VAL A 210 -37.09 34.22 -29.27
CA VAL A 210 -37.43 33.81 -30.65
C VAL A 210 -38.92 33.95 -30.92
N GLY A 211 -39.72 33.93 -29.86
CA GLY A 211 -41.16 34.06 -29.97
C GLY A 211 -41.51 35.42 -30.51
N PHE A 212 -40.82 36.47 -30.04
CA PHE A 212 -41.19 37.82 -30.38
C PHE A 212 -40.16 38.51 -31.25
N PHE A 213 -38.90 38.31 -30.93
CA PHE A 213 -37.84 38.82 -31.75
C PHE A 213 -37.83 38.09 -33.09
N LEU A 214 -37.84 36.76 -33.06
CA LEU A 214 -37.71 35.97 -34.30
C LEU A 214 -39.03 35.49 -34.92
N THR A 215 -40.15 35.60 -34.20
CA THR A 215 -41.45 35.25 -34.80
C THR A 215 -42.27 36.52 -35.00
N ALA A 216 -42.84 37.06 -33.93
CA ALA A 216 -43.65 38.28 -34.00
C ALA A 216 -42.99 39.37 -34.85
N GLY A 217 -41.79 39.77 -34.48
CA GLY A 217 -41.08 40.83 -35.19
C GLY A 217 -40.99 40.54 -36.67
N PHE A 218 -40.80 39.28 -37.02
CA PHE A 218 -40.61 38.92 -38.40
C PHE A 218 -41.92 38.71 -39.13
N LEU A 219 -42.98 38.39 -38.40
CA LEU A 219 -44.29 38.30 -39.01
C LEU A 219 -44.71 39.71 -39.46
N GLY A 220 -44.31 40.71 -38.68
CA GLY A 220 -44.42 42.10 -39.12
C GLY A 220 -43.79 42.36 -40.47
N ILE A 221 -42.56 41.90 -40.65
CA ILE A 221 -41.89 41.89 -41.96
C ILE A 221 -42.75 41.18 -43.02
N MET A 222 -43.14 39.93 -42.75
CA MET A 222 -43.96 39.13 -43.66
C MET A 222 -45.22 39.86 -44.11
N TYR A 223 -45.87 40.54 -43.16
CA TYR A 223 -47.13 41.20 -43.42
C TYR A 223 -46.99 42.42 -44.29
N TYR A 224 -45.83 43.06 -44.27
CA TYR A 224 -45.62 44.12 -45.24
C TYR A 224 -45.15 43.58 -46.58
N PHE A 225 -44.06 42.82 -46.55
CA PHE A 225 -43.39 42.41 -47.77
C PHE A 225 -44.12 41.39 -48.66
N VAL A 226 -44.76 40.37 -48.09
CA VAL A 226 -45.51 39.42 -48.91
C VAL A 226 -46.55 40.16 -49.76
N PRO A 227 -47.44 40.94 -49.14
CA PRO A 227 -48.42 41.61 -49.99
C PRO A 227 -47.78 42.64 -50.91
N LYS A 228 -46.76 43.36 -50.45
CA LYS A 228 -46.21 44.45 -51.25
C LYS A 228 -45.48 43.94 -52.48
N GLN A 229 -44.77 42.82 -52.33
CA GLN A 229 -44.05 42.19 -53.42
C GLN A 229 -45.02 41.46 -54.35
N ALA A 230 -45.98 40.74 -53.76
CA ALA A 230 -46.97 39.99 -54.50
C ALA A 230 -47.99 40.91 -55.17
N GLU A 231 -48.19 42.09 -54.58
CA GLU A 231 -49.21 43.05 -55.00
C GLU A 231 -50.61 42.43 -55.03
N ARG A 232 -50.95 41.75 -53.94
CA ARG A 232 -52.26 41.16 -53.74
C ARG A 232 -52.77 41.66 -52.40
N PRO A 233 -54.07 41.46 -52.12
CA PRO A 233 -54.54 41.74 -50.76
C PRO A 233 -54.29 40.57 -49.79
N VAL A 234 -54.21 40.89 -48.50
CA VAL A 234 -53.98 39.91 -47.44
C VAL A 234 -55.22 39.05 -47.17
N TYR A 235 -55.16 37.80 -47.64
CA TYR A 235 -56.22 36.82 -47.40
C TYR A 235 -56.58 36.84 -45.93
N SER A 236 -57.84 37.16 -45.64
CA SER A 236 -58.37 37.18 -44.27
C SER A 236 -57.79 38.14 -43.27
N TYR A 237 -58.51 39.24 -43.08
CA TYR A 237 -58.27 40.18 -42.02
C TYR A 237 -58.53 39.49 -40.71
N ARG A 238 -59.70 38.89 -40.58
CA ARG A 238 -60.10 38.22 -39.35
C ARG A 238 -59.00 37.30 -38.83
N LEU A 239 -58.43 36.49 -39.72
CA LEU A 239 -57.34 35.59 -39.34
C LEU A 239 -56.21 36.35 -38.66
N SER A 240 -55.87 37.50 -39.22
CA SER A 240 -54.86 38.38 -38.61
C SER A 240 -55.21 38.65 -37.14
N ILE A 241 -56.46 39.00 -36.84
CA ILE A 241 -56.84 39.27 -35.45
C ILE A 241 -56.61 38.05 -34.56
N VAL A 242 -57.34 36.96 -34.83
CA VAL A 242 -57.20 35.74 -34.03
C VAL A 242 -55.73 35.36 -33.93
N HIS A 243 -55.11 35.14 -35.10
CA HIS A 243 -53.73 34.69 -35.19
C HIS A 243 -52.76 35.59 -34.43
N PHE A 244 -53.02 36.90 -34.43
CA PHE A 244 -52.21 37.83 -33.64
C PHE A 244 -52.42 37.73 -32.12
N TRP A 245 -53.64 37.91 -31.64
CA TRP A 245 -53.87 37.87 -30.20
C TRP A 245 -53.54 36.50 -29.58
N ALA A 246 -54.03 35.45 -30.22
CA ALA A 246 -53.75 34.10 -29.77
C ALA A 246 -52.25 33.84 -29.67
N LEU A 247 -51.48 34.26 -30.67
CA LEU A 247 -50.02 34.06 -30.68
C LEU A 247 -49.39 34.85 -29.54
N ILE A 248 -49.73 36.12 -29.47
CA ILE A 248 -49.16 37.06 -28.53
C ILE A 248 -49.36 36.60 -27.09
N THR A 249 -50.42 35.85 -26.82
CA THR A 249 -50.77 35.45 -25.45
C THR A 249 -50.30 34.04 -25.09
N VAL A 250 -50.48 33.11 -26.03
CA VAL A 250 -50.11 31.72 -25.81
C VAL A 250 -48.58 31.55 -25.81
N TYR A 251 -47.88 32.32 -26.62
CA TYR A 251 -46.45 32.10 -26.77
C TYR A 251 -45.66 32.25 -25.44
N ILE A 252 -46.09 33.20 -24.61
CA ILE A 252 -45.36 33.51 -23.39
C ILE A 252 -45.27 32.26 -22.51
N TRP A 253 -46.36 31.50 -22.51
CA TRP A 253 -46.48 30.26 -21.73
C TRP A 253 -45.55 29.12 -22.16
N ALA A 254 -45.02 29.22 -23.38
CA ALA A 254 -44.23 28.13 -23.96
C ALA A 254 -42.85 27.95 -23.32
N GLY A 255 -42.51 28.79 -22.33
CA GLY A 255 -41.21 28.67 -21.64
C GLY A 255 -40.77 27.24 -21.30
N PRO A 256 -41.57 26.56 -20.47
CA PRO A 256 -41.18 25.24 -19.95
C PRO A 256 -40.88 24.13 -20.97
N HIS A 257 -41.18 24.31 -22.26
CA HIS A 257 -40.91 23.21 -23.21
C HIS A 257 -39.42 23.01 -23.39
N HIS A 258 -38.65 24.00 -22.97
CA HIS A 258 -37.22 23.83 -22.87
C HIS A 258 -36.79 22.90 -21.73
N LEU A 259 -37.50 22.97 -20.61
CA LEU A 259 -37.07 22.29 -19.42
C LEU A 259 -37.87 21.03 -19.14
N HIS A 260 -38.16 20.25 -20.17
CA HIS A 260 -38.94 19.01 -20.00
C HIS A 260 -38.12 17.93 -19.36
N TYR A 261 -38.75 17.22 -18.42
CA TYR A 261 -38.05 16.21 -17.61
C TYR A 261 -36.75 16.69 -16.88
N THR A 262 -36.73 17.97 -16.49
CA THR A 262 -35.66 18.53 -15.67
C THR A 262 -36.16 18.77 -14.26
N ALA A 263 -35.37 19.46 -13.45
CA ALA A 263 -35.70 19.75 -12.07
C ALA A 263 -36.80 20.81 -11.91
N LEU A 264 -37.13 21.49 -13.00
CA LEU A 264 -38.33 22.30 -13.02
C LEU A 264 -39.50 21.43 -12.60
N PRO A 265 -40.38 21.92 -11.71
CA PRO A 265 -41.51 21.14 -11.25
C PRO A 265 -42.36 20.68 -12.40
N ASP A 266 -43.00 19.53 -12.21
CA ASP A 266 -43.87 18.93 -13.21
C ASP A 266 -44.98 19.83 -13.74
N TRP A 267 -45.64 20.56 -12.85
CA TRP A 267 -46.76 21.41 -13.25
C TRP A 267 -46.35 22.45 -14.30
N ALA A 268 -45.19 23.06 -14.12
CA ALA A 268 -44.77 24.11 -15.02
C ALA A 268 -44.51 23.48 -16.38
N GLN A 269 -43.74 22.39 -16.39
CA GLN A 269 -43.42 21.64 -17.59
C GLN A 269 -44.67 21.44 -18.44
N SER A 270 -45.72 20.92 -17.82
CA SER A 270 -46.97 20.63 -18.51
C SER A 270 -47.58 21.90 -19.09
N LEU A 271 -47.77 22.91 -18.23
CA LEU A 271 -48.22 24.22 -18.69
C LEU A 271 -47.50 24.66 -19.96
N GLY A 272 -46.23 24.30 -20.06
CA GLY A 272 -45.42 24.64 -21.20
C GLY A 272 -45.81 23.83 -22.41
N MET A 273 -45.95 22.52 -22.22
CA MET A 273 -46.32 21.66 -23.33
C MET A 273 -47.71 22.02 -23.82
N VAL A 274 -48.67 22.07 -22.90
CA VAL A 274 -50.04 22.35 -23.27
C VAL A 274 -50.14 23.61 -24.12
N MET A 275 -49.48 24.68 -23.69
CA MET A 275 -49.55 25.95 -24.42
C MET A 275 -48.72 25.94 -25.69
N SER A 276 -47.61 25.20 -25.68
CA SER A 276 -46.83 25.00 -26.89
C SER A 276 -47.69 24.34 -27.97
N LEU A 277 -48.51 23.36 -27.57
CA LEU A 277 -49.38 22.69 -28.53
C LEU A 277 -50.49 23.62 -29.02
N ILE A 278 -51.14 24.33 -28.08
CA ILE A 278 -52.11 25.35 -28.46
C ILE A 278 -51.51 26.31 -29.49
N LEU A 279 -50.26 26.69 -29.27
CA LEU A 279 -49.55 27.63 -30.11
C LEU A 279 -49.48 27.27 -31.62
N LEU A 280 -49.62 25.98 -31.93
CA LEU A 280 -49.52 25.51 -33.31
C LEU A 280 -50.49 26.28 -34.20
N ALA A 281 -51.75 26.33 -33.76
CA ALA A 281 -52.82 27.09 -34.41
C ALA A 281 -52.42 28.51 -34.79
N PRO A 282 -52.23 29.40 -33.79
CA PRO A 282 -51.92 30.80 -34.08
C PRO A 282 -50.72 30.95 -34.97
N SER A 283 -49.73 30.11 -34.75
CA SER A 283 -48.51 30.16 -35.56
C SER A 283 -48.85 29.98 -37.04
N TRP A 284 -49.62 28.94 -37.34
CA TRP A 284 -49.93 28.60 -38.71
C TRP A 284 -50.83 29.64 -39.35
N GLY A 285 -51.64 30.29 -38.53
CA GLY A 285 -52.47 31.41 -38.99
C GLY A 285 -51.59 32.45 -39.65
N GLY A 286 -50.34 32.48 -39.24
CA GLY A 286 -49.35 33.31 -39.86
C GLY A 286 -49.08 32.86 -41.27
N MET A 287 -48.73 31.60 -41.44
CA MET A 287 -48.34 31.11 -42.75
C MET A 287 -49.52 30.94 -43.66
N ILE A 288 -50.67 30.63 -43.09
CA ILE A 288 -51.90 30.56 -43.88
C ILE A 288 -52.13 31.93 -44.51
N ASN A 289 -52.22 32.94 -43.66
CA ASN A 289 -52.38 34.31 -44.13
C ASN A 289 -51.35 34.78 -45.16
N GLY A 290 -50.14 34.29 -45.04
CA GLY A 290 -49.08 34.70 -45.95
C GLY A 290 -49.21 33.99 -47.28
N MET A 291 -49.46 32.68 -47.24
CA MET A 291 -49.46 31.90 -48.47
C MET A 291 -50.75 32.07 -49.27
N MET A 292 -51.89 32.04 -48.60
CA MET A 292 -53.17 32.16 -49.30
C MET A 292 -53.26 33.54 -49.94
N THR A 293 -52.46 34.49 -49.44
CA THR A 293 -52.30 35.81 -50.06
C THR A 293 -51.78 35.69 -51.49
N LEU A 294 -50.90 34.72 -51.70
CA LEU A 294 -50.32 34.50 -53.02
C LEU A 294 -51.25 33.77 -54.00
N SER A 295 -52.36 33.23 -53.52
CA SER A 295 -53.27 32.46 -54.38
C SER A 295 -53.71 33.26 -55.62
N GLY A 296 -53.63 32.60 -56.77
CA GLY A 296 -53.82 33.25 -58.07
C GLY A 296 -52.50 33.74 -58.66
N ALA A 297 -51.64 34.31 -57.83
CA ALA A 297 -50.37 34.89 -58.28
C ALA A 297 -49.18 33.95 -58.16
N TRP A 298 -49.46 32.64 -58.08
CA TRP A 298 -48.41 31.62 -57.98
C TRP A 298 -47.47 31.61 -59.18
N HIS A 299 -47.96 32.11 -60.32
CA HIS A 299 -47.16 32.23 -61.53
C HIS A 299 -46.01 33.22 -61.33
N LYS A 300 -46.09 34.05 -60.30
CA LYS A 300 -45.04 35.01 -60.04
C LYS A 300 -43.82 34.33 -59.47
N LEU A 301 -44.00 33.12 -58.95
CA LEU A 301 -42.88 32.39 -58.32
C LEU A 301 -41.78 31.98 -59.29
N ARG A 302 -42.13 31.59 -60.50
CA ARG A 302 -41.10 31.31 -61.51
C ARG A 302 -40.50 32.63 -62.03
N SER A 303 -41.30 33.68 -61.99
CA SER A 303 -40.91 35.00 -62.49
C SER A 303 -40.01 35.76 -61.51
N ASP A 304 -40.47 35.87 -60.26
CA ASP A 304 -39.83 36.74 -59.28
C ASP A 304 -39.18 35.97 -58.12
N PRO A 305 -37.84 35.94 -58.09
CA PRO A 305 -37.15 35.21 -57.02
C PRO A 305 -37.27 35.91 -55.65
N ILE A 306 -37.48 37.22 -55.63
CA ILE A 306 -37.71 37.91 -54.34
C ILE A 306 -38.96 37.33 -53.66
N LEU A 307 -40.03 37.14 -54.43
CA LEU A 307 -41.22 36.45 -53.93
C LEU A 307 -40.94 35.01 -53.50
N ARG A 308 -40.18 34.27 -54.30
CA ARG A 308 -39.78 32.91 -53.95
C ARG A 308 -39.28 32.86 -52.52
N PHE A 309 -38.26 33.69 -52.20
CA PHE A 309 -37.74 33.78 -50.84
C PHE A 309 -38.83 33.87 -49.80
N LEU A 310 -39.68 34.88 -49.96
CA LEU A 310 -40.75 35.17 -49.00
C LEU A 310 -41.65 33.96 -48.82
N VAL A 311 -42.03 33.34 -49.93
CA VAL A 311 -42.93 32.20 -49.89
C VAL A 311 -42.23 31.02 -49.23
N VAL A 312 -41.14 30.55 -49.82
CA VAL A 312 -40.38 29.43 -49.23
C VAL A 312 -40.07 29.71 -47.76
N SER A 313 -39.88 30.98 -47.45
CA SER A 313 -39.70 31.44 -46.09
C SER A 313 -40.81 30.93 -45.19
N LEU A 314 -42.06 31.08 -45.66
CA LEU A 314 -43.23 30.64 -44.92
C LEU A 314 -43.31 29.13 -44.81
N ALA A 315 -42.88 28.43 -45.86
CA ALA A 315 -42.82 26.98 -45.83
C ALA A 315 -42.03 26.51 -44.64
N PHE A 316 -40.83 27.04 -44.48
CA PHE A 316 -40.04 26.66 -43.32
C PHE A 316 -40.62 27.15 -42.02
N TYR A 317 -41.16 28.38 -42.02
CA TYR A 317 -41.81 28.91 -40.82
C TYR A 317 -42.87 27.93 -40.35
N GLY A 318 -43.73 27.53 -41.29
CA GLY A 318 -44.79 26.59 -41.01
C GLY A 318 -44.24 25.29 -40.44
N MET A 319 -43.22 24.77 -41.12
CA MET A 319 -42.65 23.52 -40.68
C MET A 319 -42.09 23.65 -39.26
N SER A 320 -41.34 24.70 -38.97
CA SER A 320 -40.73 24.79 -37.67
C SER A 320 -41.71 25.18 -36.56
N THR A 321 -42.85 25.79 -36.91
CA THR A 321 -43.90 26.05 -35.93
C THR A 321 -44.83 24.85 -35.81
N PHE A 322 -44.41 23.73 -36.39
CA PHE A 322 -45.14 22.49 -36.28
C PHE A 322 -44.20 21.58 -35.49
N GLU A 323 -42.94 21.58 -35.91
CA GLU A 323 -41.87 20.79 -35.33
C GLU A 323 -41.71 21.16 -33.86
N GLY A 324 -41.79 22.46 -33.59
CA GLY A 324 -41.68 22.99 -32.25
C GLY A 324 -42.73 22.40 -31.34
N PRO A 325 -44.01 22.62 -31.66
CA PRO A 325 -45.04 22.00 -30.86
C PRO A 325 -44.82 20.50 -30.66
N MET A 326 -44.38 19.78 -31.68
CA MET A 326 -44.15 18.33 -31.53
C MET A 326 -43.08 18.09 -30.49
N MET A 327 -41.95 18.79 -30.60
CA MET A 327 -40.85 18.57 -29.70
C MET A 327 -41.17 19.10 -28.32
N ALA A 328 -42.30 19.77 -28.18
CA ALA A 328 -42.70 20.30 -26.88
C ALA A 328 -43.56 19.28 -26.15
N ILE A 329 -43.92 18.21 -26.84
CA ILE A 329 -44.58 17.07 -26.21
C ILE A 329 -43.52 16.35 -25.40
N LYS A 330 -43.77 16.16 -24.10
CA LYS A 330 -42.78 15.55 -23.20
C LYS A 330 -42.07 14.31 -23.77
N THR A 331 -42.86 13.37 -24.27
CA THR A 331 -42.29 12.12 -24.81
C THR A 331 -41.36 12.32 -25.97
N VAL A 332 -41.67 13.32 -26.80
CA VAL A 332 -40.79 13.67 -27.90
C VAL A 332 -39.53 14.35 -27.36
N ASN A 333 -39.69 15.37 -26.50
CA ASN A 333 -38.56 16.08 -25.92
C ASN A 333 -37.68 15.07 -25.22
N ALA A 334 -38.30 14.00 -24.74
CA ALA A 334 -37.54 12.97 -24.04
C ALA A 334 -36.42 12.41 -24.92
N LEU A 335 -36.62 12.42 -26.23
CA LEU A 335 -35.59 12.03 -27.18
C LEU A 335 -34.84 13.23 -27.71
N SER A 336 -35.56 14.28 -28.05
CA SER A 336 -35.02 15.44 -28.72
C SER A 336 -34.01 16.23 -27.85
N HIS A 337 -34.33 16.42 -26.57
CA HIS A 337 -33.57 17.33 -25.68
C HIS A 337 -32.13 16.93 -25.61
N TYR A 338 -31.25 17.95 -25.64
CA TYR A 338 -29.76 17.82 -25.62
C TYR A 338 -29.10 17.39 -26.92
N THR A 339 -29.89 16.83 -27.84
CA THR A 339 -29.38 16.36 -29.12
C THR A 339 -29.24 17.43 -30.21
N ASP A 340 -28.56 17.07 -31.30
CA ASP A 340 -28.44 17.95 -32.47
C ASP A 340 -29.81 18.23 -33.12
N TRP A 341 -30.85 17.55 -32.66
CA TRP A 341 -32.16 17.81 -33.23
C TRP A 341 -32.58 19.23 -32.91
N THR A 342 -32.26 19.68 -31.70
CA THR A 342 -32.64 21.00 -31.28
C THR A 342 -32.00 21.99 -32.22
N ILE A 343 -30.71 21.78 -32.51
CA ILE A 343 -29.97 22.65 -33.39
C ILE A 343 -30.57 22.69 -34.79
N GLY A 344 -31.04 21.54 -35.26
CA GLY A 344 -31.78 21.46 -36.53
C GLY A 344 -33.06 22.29 -36.54
N HIS A 345 -33.95 22.06 -35.55
CA HIS A 345 -35.11 22.90 -35.34
C HIS A 345 -34.65 24.34 -35.40
N VAL A 346 -33.65 24.69 -34.62
CA VAL A 346 -33.16 26.07 -34.64
C VAL A 346 -32.89 26.56 -36.07
N HIS A 347 -32.10 25.82 -36.82
CA HIS A 347 -31.67 26.40 -38.04
C HIS A 347 -32.70 26.37 -39.11
N ALA A 348 -33.64 25.40 -39.03
CA ALA A 348 -34.82 25.39 -39.93
C ALA A 348 -35.53 26.72 -39.79
N GLY A 349 -36.02 27.02 -38.59
CA GLY A 349 -36.52 28.34 -38.28
C GLY A 349 -35.54 29.45 -38.63
N ALA A 350 -34.24 29.26 -38.37
CA ALA A 350 -33.29 30.37 -38.46
C ALA A 350 -32.88 30.70 -39.90
N LEU A 351 -32.49 29.66 -40.65
CA LEU A 351 -32.09 29.83 -42.05
C LEU A 351 -33.32 29.93 -42.92
N GLY A 352 -34.19 28.93 -42.77
CA GLY A 352 -35.43 28.82 -43.54
C GLY A 352 -36.46 29.92 -43.34
N TRP A 353 -36.67 30.37 -42.11
CA TRP A 353 -37.69 31.38 -41.88
C TRP A 353 -37.12 32.78 -41.72
N VAL A 354 -36.45 33.05 -40.59
CA VAL A 354 -35.86 34.36 -40.29
C VAL A 354 -35.01 34.85 -41.46
N ALA A 355 -33.96 34.10 -41.83
CA ALA A 355 -33.02 34.52 -42.89
C ALA A 355 -33.71 34.75 -44.21
N MET A 356 -34.47 33.76 -44.68
CA MET A 356 -35.15 33.86 -45.96
C MET A 356 -36.09 35.04 -46.01
N VAL A 357 -36.92 35.22 -44.97
CA VAL A 357 -37.88 36.30 -45.02
C VAL A 357 -37.15 37.64 -45.06
N SER A 358 -36.10 37.80 -44.26
CA SER A 358 -35.38 39.08 -44.21
C SER A 358 -34.55 39.33 -45.46
N ILE A 359 -33.91 38.29 -45.98
CA ILE A 359 -33.29 38.35 -47.31
C ILE A 359 -34.30 38.98 -48.29
N GLY A 360 -35.43 38.32 -48.47
CA GLY A 360 -36.45 38.75 -49.39
C GLY A 360 -36.77 40.21 -49.13
N ALA A 361 -37.04 40.55 -47.88
CA ALA A 361 -37.44 41.90 -47.52
C ALA A 361 -36.36 42.91 -47.92
N LEU A 362 -35.10 42.56 -47.68
CA LEU A 362 -34.02 43.46 -48.06
C LEU A 362 -33.93 43.63 -49.59
N TYR A 363 -33.85 42.51 -50.30
CA TYR A 363 -33.91 42.53 -51.76
C TYR A 363 -35.04 43.43 -52.29
N HIS A 364 -36.19 43.47 -51.61
CA HIS A 364 -37.27 44.36 -51.99
C HIS A 364 -36.90 45.80 -51.69
N LEU A 365 -36.47 46.03 -50.46
CA LEU A 365 -36.36 47.40 -49.98
C LEU A 365 -35.07 48.09 -50.36
N VAL A 366 -33.95 47.35 -50.35
CA VAL A 366 -32.63 47.94 -50.64
C VAL A 366 -32.61 48.86 -51.87
N PRO A 367 -33.13 48.39 -53.04
CA PRO A 367 -33.18 49.29 -54.19
C PRO A 367 -34.00 50.53 -53.87
N LYS A 368 -35.26 50.34 -53.43
CA LYS A 368 -36.14 51.44 -53.08
C LYS A 368 -35.42 52.50 -52.27
N VAL A 369 -34.81 52.07 -51.18
CA VAL A 369 -34.15 52.95 -50.23
C VAL A 369 -32.91 53.63 -50.80
N PHE A 370 -32.28 53.01 -51.80
CA PHE A 370 -31.13 53.64 -52.47
C PHE A 370 -31.52 54.41 -53.75
N GLY A 371 -32.77 54.87 -53.80
CA GLY A 371 -33.27 55.56 -54.98
C GLY A 371 -32.87 54.80 -56.23
N ARG A 372 -33.43 53.59 -56.37
CA ARG A 372 -33.11 52.70 -57.48
C ARG A 372 -34.30 51.76 -57.68
N GLU A 373 -34.66 51.51 -58.93
CA GLU A 373 -35.89 50.79 -59.29
C GLU A 373 -35.89 49.30 -59.00
N GLN A 374 -34.72 48.67 -59.02
CA GLN A 374 -34.59 47.26 -58.62
C GLN A 374 -33.16 46.86 -58.27
N MET A 375 -32.96 45.62 -57.85
CA MET A 375 -31.62 45.13 -57.55
C MET A 375 -30.77 45.11 -58.81
N HIS A 376 -29.46 44.95 -58.65
CA HIS A 376 -28.53 45.00 -59.79
C HIS A 376 -28.76 43.86 -60.76
N SER A 377 -28.89 42.67 -60.21
CA SER A 377 -29.09 41.46 -60.99
C SER A 377 -30.17 40.62 -60.35
N ILE A 378 -31.26 40.36 -61.09
CA ILE A 378 -32.30 39.49 -60.60
C ILE A 378 -31.86 38.02 -60.63
N GLY A 379 -31.05 37.67 -61.62
CA GLY A 379 -30.47 36.33 -61.70
C GLY A 379 -29.73 35.93 -60.44
N LEU A 380 -28.98 36.87 -59.85
CA LEU A 380 -28.26 36.59 -58.60
C LEU A 380 -29.19 36.47 -57.37
N ILE A 381 -30.42 36.93 -57.50
CA ILE A 381 -31.41 36.79 -56.45
C ILE A 381 -31.87 35.35 -56.53
N ASN A 382 -31.96 34.84 -57.75
CA ASN A 382 -32.38 33.46 -57.95
C ASN A 382 -31.31 32.47 -57.55
N THR A 383 -30.06 32.74 -57.95
CA THR A 383 -28.97 31.84 -57.59
C THR A 383 -28.79 31.89 -56.07
N HIS A 384 -28.99 33.05 -55.47
CA HIS A 384 -28.95 33.13 -54.01
C HIS A 384 -29.99 32.19 -53.43
N PHE A 385 -31.21 32.29 -53.96
CA PHE A 385 -32.33 31.48 -53.51
C PHE A 385 -31.99 30.00 -53.48
N TRP A 386 -31.36 29.50 -54.53
CA TRP A 386 -31.11 28.07 -54.57
C TRP A 386 -30.04 27.65 -53.57
N LEU A 387 -28.98 28.45 -53.48
CA LEU A 387 -27.93 28.20 -52.48
C LEU A 387 -28.55 28.20 -51.11
N ALA A 388 -29.41 29.17 -50.85
CA ALA A 388 -30.02 29.31 -49.54
C ALA A 388 -30.93 28.15 -49.17
N THR A 389 -31.68 27.65 -50.16
CA THR A 389 -32.55 26.50 -49.98
C THR A 389 -31.76 25.20 -49.84
N ILE A 390 -30.96 24.84 -50.85
CA ILE A 390 -30.09 23.67 -50.75
C ILE A 390 -29.37 23.66 -49.38
N GLY A 391 -28.68 24.76 -49.10
CA GLY A 391 -28.08 24.99 -47.78
C GLY A 391 -28.96 24.66 -46.59
N THR A 392 -30.13 25.29 -46.51
CA THR A 392 -31.05 25.05 -45.40
C THR A 392 -31.44 23.58 -45.28
N VAL A 393 -31.88 22.99 -46.39
CA VAL A 393 -32.26 21.59 -46.42
C VAL A 393 -31.13 20.65 -45.95
N LEU A 394 -29.93 20.79 -46.49
CA LEU A 394 -28.81 19.99 -46.01
C LEU A 394 -28.64 20.05 -44.49
N TYR A 395 -28.66 21.26 -43.95
CA TYR A 395 -28.44 21.52 -42.55
C TYR A 395 -29.49 20.77 -41.71
N ILE A 396 -30.75 20.99 -42.05
CA ILE A 396 -31.88 20.34 -41.42
C ILE A 396 -31.68 18.85 -41.45
N ALA A 397 -31.49 18.30 -42.64
CA ALA A 397 -31.34 16.87 -42.85
C ALA A 397 -30.25 16.28 -41.96
N SER A 398 -29.09 16.91 -41.95
CA SER A 398 -27.96 16.37 -41.20
C SER A 398 -28.25 16.42 -39.71
N MET A 399 -28.94 17.45 -39.27
CA MET A 399 -29.29 17.53 -37.85
C MET A 399 -30.36 16.52 -37.40
N TRP A 400 -31.35 16.25 -38.25
CA TRP A 400 -32.28 15.17 -37.92
C TRP A 400 -31.54 13.85 -37.78
N VAL A 401 -30.74 13.50 -38.78
CA VAL A 401 -29.95 12.27 -38.73
C VAL A 401 -29.18 12.25 -37.41
N ASN A 402 -28.35 13.25 -37.17
CA ASN A 402 -27.57 13.33 -35.95
C ASN A 402 -28.40 13.24 -34.70
N GLY A 403 -29.43 14.09 -34.60
CA GLY A 403 -30.30 14.14 -33.43
C GLY A 403 -31.01 12.83 -33.09
N ILE A 404 -31.56 12.15 -34.10
CA ILE A 404 -32.20 10.88 -33.86
C ILE A 404 -31.12 9.93 -33.42
N ALA A 405 -29.98 9.94 -34.11
CA ALA A 405 -28.88 9.02 -33.79
C ALA A 405 -28.48 9.17 -32.32
N GLN A 406 -28.31 10.42 -31.90
CA GLN A 406 -27.92 10.73 -30.54
C GLN A 406 -28.98 10.29 -29.54
N GLY A 407 -30.18 10.83 -29.69
CA GLY A 407 -31.28 10.47 -28.82
C GLY A 407 -31.43 8.98 -28.63
N LEU A 408 -31.50 8.28 -29.75
CA LEU A 408 -31.57 6.85 -29.79
C LEU A 408 -30.37 6.23 -29.08
N MET A 409 -29.16 6.57 -29.50
CA MET A 409 -27.95 5.93 -28.96
C MET A 409 -27.75 6.11 -27.46
N TRP A 410 -28.10 7.29 -26.97
CA TRP A 410 -27.91 7.58 -25.57
C TRP A 410 -28.75 6.68 -24.69
N ARG A 411 -30.00 6.41 -25.10
CA ARG A 411 -30.95 5.67 -24.25
C ARG A 411 -31.05 4.19 -24.58
N ALA A 412 -30.43 3.81 -25.68
CA ALA A 412 -30.35 2.42 -26.11
C ALA A 412 -29.80 1.51 -25.03
N ILE A 413 -30.66 0.61 -24.62
CA ILE A 413 -30.44 -0.43 -23.63
C ILE A 413 -30.32 -1.75 -24.37
N ASN A 414 -29.50 -2.65 -23.88
CA ASN A 414 -29.46 -4.01 -24.42
C ASN A 414 -30.54 -4.92 -23.87
N ASP A 415 -30.52 -6.17 -24.31
CA ASP A 415 -31.47 -7.18 -23.83
C ASP A 415 -31.26 -7.51 -22.34
N ASP A 416 -30.04 -7.28 -21.84
CA ASP A 416 -29.72 -7.50 -20.43
C ASP A 416 -29.72 -6.21 -19.62
N GLY A 417 -30.38 -5.19 -20.14
CA GLY A 417 -30.52 -3.94 -19.39
C GLY A 417 -29.36 -2.95 -19.42
N THR A 418 -28.18 -3.37 -19.85
CA THR A 418 -27.01 -2.48 -19.88
C THR A 418 -27.09 -1.49 -21.04
N LEU A 419 -26.47 -0.33 -20.89
CA LEU A 419 -26.45 0.69 -21.92
C LEU A 419 -25.63 0.22 -23.13
N THR A 420 -26.23 0.36 -24.32
CA THR A 420 -25.68 -0.19 -25.56
C THR A 420 -24.49 0.57 -26.06
N TYR A 421 -24.50 1.89 -25.89
CA TYR A 421 -23.46 2.72 -26.47
C TYR A 421 -22.78 3.60 -25.49
N SER A 422 -21.46 3.69 -25.64
CA SER A 422 -20.70 4.71 -24.94
C SER A 422 -21.05 6.10 -25.49
N PHE A 423 -20.85 7.14 -24.70
CA PHE A 423 -21.14 8.49 -25.20
C PHE A 423 -20.23 8.82 -26.38
N VAL A 424 -19.02 8.28 -26.37
CA VAL A 424 -18.06 8.57 -27.43
C VAL A 424 -18.51 7.94 -28.73
N GLU A 425 -19.18 6.79 -28.65
CA GLU A 425 -19.73 6.14 -29.84
C GLU A 425 -20.75 7.01 -30.50
N SER A 426 -21.61 7.63 -29.70
CA SER A 426 -22.59 8.58 -30.21
C SER A 426 -21.89 9.81 -30.82
N LEU A 427 -20.83 10.29 -30.17
CA LEU A 427 -20.02 11.42 -30.69
C LEU A 427 -19.49 11.07 -32.07
N GLU A 428 -18.95 9.86 -32.19
CA GLU A 428 -18.35 9.44 -33.41
C GLU A 428 -19.40 9.35 -34.46
N ALA A 429 -20.56 8.81 -34.10
CA ALA A 429 -21.65 8.63 -35.07
C ALA A 429 -21.98 9.96 -35.68
N SER A 430 -21.79 11.01 -34.90
CA SER A 430 -22.21 12.35 -35.35
C SER A 430 -21.25 13.03 -36.33
N HIS A 431 -20.06 12.48 -36.53
CA HIS A 431 -19.09 13.21 -37.32
C HIS A 431 -19.56 13.53 -38.74
N PRO A 432 -20.05 12.51 -39.47
CA PRO A 432 -20.56 12.78 -40.82
C PRO A 432 -21.58 13.89 -40.80
N GLY A 433 -22.53 13.83 -39.86
CA GLY A 433 -23.49 14.90 -39.71
C GLY A 433 -22.87 16.28 -39.52
N PHE A 434 -21.83 16.35 -38.67
CA PHE A 434 -21.16 17.60 -38.39
C PHE A 434 -20.56 18.20 -39.66
N VAL A 435 -20.14 17.33 -40.58
CA VAL A 435 -19.48 17.76 -41.81
C VAL A 435 -20.52 18.18 -42.84
N VAL A 436 -21.56 17.39 -43.01
CA VAL A 436 -22.63 17.80 -43.92
C VAL A 436 -23.16 19.14 -43.46
N ARG A 437 -23.38 19.32 -42.14
CA ARG A 437 -23.95 20.57 -41.67
C ARG A 437 -23.00 21.69 -42.01
N MET A 438 -21.70 21.43 -41.88
CA MET A 438 -20.72 22.46 -42.14
C MET A 438 -20.80 22.86 -43.60
N ILE A 439 -21.01 21.89 -44.48
CA ILE A 439 -21.16 22.18 -45.91
C ILE A 439 -22.50 22.88 -46.14
N GLY A 440 -23.53 22.41 -45.45
CA GLY A 440 -24.86 22.99 -45.64
C GLY A 440 -24.85 24.48 -45.33
N GLY A 441 -24.34 24.82 -44.16
CA GLY A 441 -24.13 26.20 -43.77
C GLY A 441 -23.21 26.96 -44.71
N ALA A 442 -22.11 26.32 -45.11
CA ALA A 442 -21.18 26.94 -46.04
C ALA A 442 -21.92 27.40 -47.29
N ILE A 443 -22.76 26.51 -47.84
CA ILE A 443 -23.50 26.82 -49.08
C ILE A 443 -24.42 27.99 -48.81
N PHE A 444 -25.09 27.99 -47.67
CA PHE A 444 -25.99 29.07 -47.28
C PHE A 444 -25.21 30.36 -47.23
N PHE A 445 -24.09 30.32 -46.51
CA PHE A 445 -23.14 31.42 -46.41
C PHE A 445 -22.69 31.96 -47.77
N ALA A 446 -22.39 31.06 -48.70
CA ALA A 446 -22.00 31.49 -50.04
C ALA A 446 -23.08 32.39 -50.64
N GLY A 447 -24.33 31.99 -50.48
CA GLY A 447 -25.44 32.79 -50.98
C GLY A 447 -25.44 34.19 -50.41
N MET A 448 -25.06 34.32 -49.14
CA MET A 448 -24.97 35.62 -48.48
C MET A 448 -23.90 36.48 -49.11
N LEU A 449 -22.79 35.86 -49.52
CA LEU A 449 -21.77 36.57 -50.29
C LEU A 449 -22.34 37.03 -51.64
N VAL A 450 -23.08 36.15 -52.31
CA VAL A 450 -23.74 36.52 -53.56
C VAL A 450 -24.64 37.72 -53.33
N MET A 451 -25.34 37.74 -52.21
CA MET A 451 -26.18 38.90 -51.83
C MET A 451 -25.33 40.16 -51.64
N ALA A 452 -24.26 40.03 -50.86
CA ALA A 452 -23.33 41.13 -50.63
C ALA A 452 -22.87 41.74 -51.96
N TYR A 453 -22.42 40.87 -52.86
CA TYR A 453 -21.94 41.33 -54.14
C TYR A 453 -23.05 42.06 -54.86
N ASN A 454 -24.22 41.45 -54.90
CA ASN A 454 -25.37 42.03 -55.57
C ASN A 454 -25.68 43.39 -54.96
N THR A 455 -25.87 43.44 -53.64
CA THR A 455 -26.22 44.69 -52.95
C THR A 455 -25.23 45.77 -53.27
N TRP A 456 -23.94 45.44 -53.14
CA TRP A 456 -22.89 46.39 -53.39
C TRP A 456 -22.96 46.98 -54.80
N ARG A 457 -23.16 46.10 -55.79
CA ARG A 457 -23.24 46.52 -57.19
C ARG A 457 -24.40 47.47 -57.38
N THR A 458 -25.50 47.22 -56.69
CA THR A 458 -26.65 48.11 -56.81
C THR A 458 -26.44 49.42 -56.05
N VAL A 459 -25.64 49.39 -54.98
CA VAL A 459 -25.36 50.59 -54.19
C VAL A 459 -24.46 51.60 -54.92
N GLN A 460 -23.58 51.13 -55.79
CA GLN A 460 -22.83 52.03 -56.66
C GLN A 460 -23.79 52.89 -57.48
N ALA A 461 -24.79 52.25 -58.09
CA ALA A 461 -25.87 52.89 -58.82
C ALA A 461 -25.90 54.42 -58.78
N ALA A 462 -26.71 54.98 -57.89
CA ALA A 462 -26.85 56.46 -57.80
C ALA A 462 -26.27 56.96 -56.46
N LYS A 463 -26.00 58.27 -56.38
CA LYS A 463 -25.36 58.85 -55.19
C LYS A 463 -26.16 59.94 -54.47
N PRO A 464 -26.94 60.75 -55.22
CA PRO A 464 -28.00 61.51 -54.55
C PRO A 464 -29.29 60.69 -54.57
N ALA A 465 -29.26 59.59 -53.80
CA ALA A 465 -30.32 58.58 -53.70
C ALA A 465 -31.72 59.17 -53.45
N GLU A 466 -32.30 58.87 -52.29
CA GLU A 466 -33.52 59.53 -51.81
C GLU A 466 -34.57 59.79 -52.90
N TYR A 467 -35.30 58.75 -53.28
CA TYR A 467 -36.44 58.90 -54.16
C TYR A 467 -37.63 58.24 -53.48
N ASP A 468 -38.33 59.03 -52.66
CA ASP A 468 -39.57 58.57 -52.02
C ASP A 468 -40.28 59.65 -51.19
N ALA A 469 -41.35 60.22 -51.75
CA ALA A 469 -42.09 61.27 -51.06
C ALA A 469 -43.45 60.80 -50.50
N ALA A 470 -44.54 61.10 -51.20
CA ALA A 470 -45.92 60.87 -50.73
C ALA A 470 -46.11 59.47 -50.14
N LYS B 6 -62.67 48.13 -31.46
CA LYS B 6 -61.85 47.61 -32.58
C LYS B 6 -60.36 47.70 -32.25
N LEU B 7 -60.01 48.58 -31.31
CA LEU B 7 -58.62 48.78 -30.77
C LEU B 7 -57.42 48.95 -31.75
N GLU B 8 -57.69 49.10 -33.04
CA GLU B 8 -56.64 49.24 -34.05
C GLU B 8 -56.56 50.66 -34.60
N LYS B 9 -57.37 51.54 -34.02
CA LYS B 9 -57.28 52.97 -34.26
C LYS B 9 -56.83 53.65 -32.97
N ASN B 10 -56.75 52.84 -31.91
CA ASN B 10 -56.36 53.29 -30.57
C ASN B 10 -54.94 52.85 -30.28
N VAL B 11 -54.00 53.78 -30.27
CA VAL B 11 -52.55 53.45 -30.16
C VAL B 11 -52.15 52.96 -28.77
N GLY B 12 -52.72 53.62 -27.74
CA GLY B 12 -52.45 53.28 -26.35
C GLY B 12 -53.26 52.10 -25.87
N LEU B 13 -54.51 52.01 -26.34
CA LEU B 13 -55.37 50.88 -26.01
C LEU B 13 -54.77 49.56 -26.50
N LEU B 14 -54.29 49.55 -27.76
CA LEU B 14 -53.54 48.42 -28.30
C LEU B 14 -52.29 48.17 -27.45
N THR B 15 -51.53 49.22 -27.17
CA THR B 15 -50.32 49.10 -26.36
C THR B 15 -50.63 48.44 -25.01
N LEU B 16 -51.66 48.93 -24.32
CA LEU B 16 -52.03 48.43 -23.01
C LEU B 16 -52.44 46.96 -23.06
N PHE B 17 -53.37 46.63 -23.95
CA PHE B 17 -53.82 45.24 -24.06
C PHE B 17 -52.70 44.26 -24.48
N MET B 18 -51.71 44.77 -25.21
CA MET B 18 -50.53 43.99 -25.55
C MET B 18 -49.73 43.68 -24.30
N ILE B 19 -49.34 44.73 -23.56
CA ILE B 19 -48.56 44.59 -22.32
C ILE B 19 -49.35 43.75 -21.31
N LEU B 20 -50.67 43.79 -21.42
CA LEU B 20 -51.50 42.96 -20.58
C LEU B 20 -51.44 41.51 -21.04
N ALA B 21 -51.69 41.28 -22.33
CA ALA B 21 -51.84 39.93 -22.89
C ALA B 21 -50.58 39.14 -22.71
N VAL B 22 -49.47 39.87 -22.81
CA VAL B 22 -48.15 39.29 -22.92
C VAL B 22 -47.62 38.93 -21.53
N SER B 23 -48.24 39.50 -20.49
CA SER B 23 -47.79 39.35 -19.09
C SER B 23 -48.26 38.11 -18.38
N ILE B 24 -49.48 37.70 -18.69
CA ILE B 24 -50.12 36.55 -18.05
C ILE B 24 -49.21 35.29 -17.85
N GLY B 25 -48.61 34.79 -18.92
CA GLY B 25 -47.72 33.63 -18.81
C GLY B 25 -46.51 33.81 -17.90
N GLY B 26 -45.89 34.99 -17.97
CA GLY B 26 -44.80 35.35 -17.07
C GLY B 26 -45.26 35.34 -15.61
N LEU B 27 -46.38 36.00 -15.33
CA LEU B 27 -46.89 36.06 -13.97
C LEU B 27 -47.30 34.69 -13.41
N THR B 28 -47.73 33.80 -14.29
CA THR B 28 -48.30 32.53 -13.87
C THR B 28 -47.26 31.42 -13.76
N GLN B 29 -46.11 31.60 -14.40
CA GLN B 29 -45.09 30.57 -14.40
C GLN B 29 -43.92 30.90 -13.50
N ILE B 30 -43.42 32.13 -13.59
CA ILE B 30 -42.25 32.55 -12.83
C ILE B 30 -42.64 32.87 -11.38
N VAL B 31 -43.68 33.68 -11.19
CA VAL B 31 -43.95 34.23 -9.87
C VAL B 31 -44.13 33.14 -8.81
N PRO B 32 -44.98 32.14 -9.10
CA PRO B 32 -45.25 31.16 -8.04
C PRO B 32 -44.04 30.34 -7.64
N LEU B 33 -43.01 30.30 -8.49
CA LEU B 33 -41.80 29.53 -8.22
C LEU B 33 -40.94 30.24 -7.20
N PHE B 34 -41.09 31.55 -7.08
CA PHE B 34 -40.37 32.31 -6.05
C PHE B 34 -40.77 31.79 -4.69
N PHE B 35 -42.00 31.31 -4.62
CA PHE B 35 -42.61 30.94 -3.36
C PHE B 35 -42.76 29.41 -3.19
N GLN B 36 -42.47 28.64 -4.23
CA GLN B 36 -42.54 27.19 -4.12
C GLN B 36 -41.38 26.71 -3.26
N ASP B 37 -41.65 25.80 -2.32
CA ASP B 37 -40.58 25.32 -1.45
C ASP B 37 -39.58 24.39 -2.16
N SER B 38 -40.08 23.40 -2.91
CA SER B 38 -39.23 22.37 -3.51
C SER B 38 -38.09 22.90 -4.41
N VAL B 39 -38.28 24.08 -5.00
CA VAL B 39 -37.26 24.63 -5.91
C VAL B 39 -36.40 25.73 -5.26
N ASN B 40 -36.51 25.87 -3.94
CA ASN B 40 -35.68 26.82 -3.21
C ASN B 40 -34.92 26.21 -2.07
N GLU B 41 -35.40 25.07 -1.55
CA GLU B 41 -34.73 24.30 -0.51
C GLU B 41 -33.46 23.66 -1.06
N PRO B 42 -32.31 23.93 -0.44
CA PRO B 42 -31.07 23.25 -0.79
C PRO B 42 -31.15 21.80 -0.40
N VAL B 43 -30.38 20.95 -1.07
CA VAL B 43 -30.45 19.54 -0.76
C VAL B 43 -29.74 19.32 0.57
N GLU B 44 -30.28 18.40 1.36
CA GLU B 44 -29.83 18.15 2.74
C GLU B 44 -28.61 18.95 3.23
N GLY B 45 -27.42 18.35 3.20
CA GLY B 45 -26.30 18.95 3.89
C GLY B 45 -25.55 19.98 3.08
N MET B 46 -25.97 20.16 1.83
CA MET B 46 -25.27 21.00 0.85
C MET B 46 -24.84 22.36 1.36
N LYS B 47 -23.56 22.64 1.13
CA LYS B 47 -22.94 23.94 1.39
C LYS B 47 -22.85 24.77 0.10
N PRO B 48 -22.58 26.08 0.22
CA PRO B 48 -22.26 26.93 -0.94
C PRO B 48 -20.94 26.52 -1.54
N TYR B 49 -20.65 26.95 -2.78
CA TYR B 49 -19.34 26.58 -3.40
C TYR B 49 -18.21 27.23 -2.64
N THR B 50 -17.12 26.52 -2.44
CA THR B 50 -15.94 27.11 -1.80
C THR B 50 -15.28 28.17 -2.70
N ALA B 51 -14.51 29.07 -2.09
CA ALA B 51 -13.85 30.13 -2.82
C ALA B 51 -13.26 29.60 -4.12
N LEU B 52 -12.54 28.48 -4.03
CA LEU B 52 -11.88 27.93 -5.18
C LEU B 52 -12.91 27.37 -6.14
N GLN B 53 -13.91 26.68 -5.60
CA GLN B 53 -14.93 26.06 -6.47
C GLN B 53 -15.67 27.15 -7.23
N LEU B 54 -16.00 28.20 -6.51
CA LEU B 54 -16.75 29.33 -7.02
C LEU B 54 -15.92 30.03 -8.08
N GLU B 55 -14.63 30.10 -7.84
CA GLU B 55 -13.76 30.76 -8.79
C GLU B 55 -13.69 29.88 -10.06
N GLY B 56 -13.69 28.57 -9.89
CA GLY B 56 -13.65 27.67 -11.02
C GLY B 56 -14.99 27.58 -11.78
N ARG B 57 -16.07 27.77 -11.04
CA ARG B 57 -17.36 27.78 -11.69
C ARG B 57 -17.40 28.97 -12.62
N ASP B 58 -16.87 30.10 -12.17
CA ASP B 58 -16.82 31.24 -13.04
C ASP B 58 -15.84 31.01 -14.20
N LEU B 59 -14.87 30.12 -14.03
CA LEU B 59 -14.00 29.77 -15.16
C LEU B 59 -14.73 28.94 -16.18
N TYR B 60 -15.49 27.96 -15.68
CA TYR B 60 -16.39 27.14 -16.50
C TYR B 60 -17.34 28.01 -17.32
N ILE B 61 -17.80 29.09 -16.70
CA ILE B 61 -18.72 30.02 -17.33
C ILE B 61 -17.97 30.79 -18.41
N ARG B 62 -16.73 31.21 -18.16
CA ARG B 62 -16.09 32.11 -19.11
C ARG B 62 -15.67 31.32 -20.31
N GLU B 63 -15.34 30.06 -20.11
CA GLU B 63 -14.83 29.23 -21.23
C GLU B 63 -15.93 28.72 -22.18
N GLY B 64 -17.18 28.83 -21.75
CA GLY B 64 -18.30 28.41 -22.54
C GLY B 64 -18.58 26.92 -22.45
N CYS B 65 -18.07 26.27 -21.42
CA CYS B 65 -18.26 24.84 -21.22
C CYS B 65 -19.72 24.43 -21.37
N VAL B 66 -20.61 25.25 -20.82
CA VAL B 66 -22.08 25.04 -20.90
C VAL B 66 -22.57 24.76 -22.32
N GLY B 67 -21.92 25.39 -23.28
CA GLY B 67 -22.29 25.21 -24.68
C GLY B 67 -22.13 23.80 -25.21
N CYS B 68 -21.43 22.95 -24.48
CA CYS B 68 -21.28 21.56 -24.89
C CYS B 68 -21.73 20.57 -23.81
N HIS B 69 -21.93 21.08 -22.58
CA HIS B 69 -22.13 20.22 -21.43
C HIS B 69 -23.35 20.62 -20.57
N SER B 70 -24.33 19.72 -20.50
CA SER B 70 -25.45 19.84 -19.59
C SER B 70 -25.08 19.48 -18.15
N GLN B 71 -25.77 20.09 -17.18
CA GLN B 71 -25.66 19.66 -15.78
C GLN B 71 -27.06 19.40 -15.24
N MET B 72 -27.71 18.41 -15.83
CA MET B 72 -29.12 18.18 -15.55
C MET B 72 -29.50 16.80 -16.00
N ILE B 73 -29.53 15.87 -15.05
CA ILE B 73 -29.84 14.49 -15.37
C ILE B 73 -31.34 14.29 -15.31
N ARG B 74 -31.90 13.87 -16.44
CA ARG B 74 -33.34 13.67 -16.58
C ARG B 74 -33.71 12.32 -16.01
N PRO B 75 -34.91 12.21 -15.40
CA PRO B 75 -35.31 11.02 -14.66
C PRO B 75 -35.72 9.87 -15.56
N PHE B 76 -34.86 9.47 -16.48
CA PHE B 76 -35.06 8.22 -17.23
C PHE B 76 -34.09 7.18 -16.76
N ARG B 77 -34.46 5.90 -16.87
CA ARG B 77 -33.53 4.82 -16.49
C ARG B 77 -32.15 4.91 -17.17
N ALA B 78 -32.15 5.11 -18.48
CA ALA B 78 -30.88 5.16 -19.20
C ALA B 78 -30.05 6.34 -18.82
N GLU B 79 -30.68 7.44 -18.41
CA GLU B 79 -29.86 8.61 -18.00
C GLU B 79 -29.27 8.40 -16.62
N THR B 80 -30.12 7.89 -15.74
CA THR B 80 -29.74 7.34 -14.48
C THR B 80 -28.58 6.37 -14.61
N GLU B 81 -28.68 5.36 -15.46
CA GLU B 81 -27.61 4.36 -15.58
C GLU B 81 -26.32 5.02 -16.06
N ARG B 82 -26.46 5.95 -17.01
CA ARG B 82 -25.30 6.54 -17.59
C ARG B 82 -24.59 7.55 -16.69
N TYR B 83 -25.37 8.32 -15.92
CA TYR B 83 -24.81 9.46 -15.19
C TYR B 83 -25.01 9.44 -13.68
N GLY B 84 -26.03 8.76 -13.23
CA GLY B 84 -26.29 8.75 -11.81
C GLY B 84 -27.68 9.23 -11.48
N HIS B 85 -27.86 9.65 -10.24
CA HIS B 85 -29.18 10.05 -9.79
C HIS B 85 -29.67 11.25 -10.56
N TYR B 86 -30.91 11.20 -11.01
CA TYR B 86 -31.46 12.34 -11.73
C TYR B 86 -31.32 13.57 -10.87
N SER B 87 -30.86 14.65 -11.49
CA SER B 87 -30.73 15.97 -10.88
C SER B 87 -31.95 16.41 -10.09
N VAL B 88 -31.73 17.16 -9.02
CA VAL B 88 -32.82 17.56 -8.14
C VAL B 88 -32.87 19.10 -7.98
N ALA B 89 -34.07 19.66 -7.89
CA ALA B 89 -34.20 21.10 -7.84
C ALA B 89 -33.27 21.70 -6.78
N GLY B 90 -33.17 21.04 -5.63
CA GLY B 90 -32.33 21.48 -4.53
C GLY B 90 -30.83 21.58 -4.78
N GLU B 91 -30.35 20.92 -5.83
CA GLU B 91 -28.93 20.88 -6.07
C GLU B 91 -28.42 22.18 -6.66
N SER B 92 -29.29 22.88 -7.38
CA SER B 92 -28.86 24.06 -8.12
C SER B 92 -29.39 25.32 -7.46
N VAL B 93 -29.87 25.16 -6.24
CA VAL B 93 -30.47 26.26 -5.47
C VAL B 93 -29.58 27.49 -5.23
N TYR B 94 -28.25 27.30 -5.22
CA TYR B 94 -27.29 28.40 -5.08
C TYR B 94 -26.56 28.75 -6.40
N ASP B 95 -27.08 28.24 -7.53
CA ASP B 95 -26.47 28.48 -8.84
C ASP B 95 -26.93 29.77 -9.50
N HIS B 96 -26.23 30.86 -9.19
CA HIS B 96 -26.36 32.10 -9.92
C HIS B 96 -25.21 32.21 -10.96
N PRO B 97 -25.53 32.05 -12.25
CA PRO B 97 -26.81 31.63 -12.83
C PRO B 97 -26.80 30.11 -13.03
N PHE B 98 -27.96 29.50 -13.24
CA PHE B 98 -28.03 28.07 -13.40
C PHE B 98 -27.27 27.62 -14.63
N LEU B 99 -26.69 26.42 -14.56
CA LEU B 99 -25.89 25.90 -15.65
C LEU B 99 -26.34 24.49 -16.03
N TRP B 100 -27.66 24.30 -15.98
CA TRP B 100 -28.27 23.09 -16.57
C TRP B 100 -27.92 23.29 -18.03
N GLY B 101 -27.78 22.22 -18.79
CA GLY B 101 -27.50 22.57 -20.19
C GLY B 101 -28.70 22.87 -21.08
N SER B 102 -28.40 23.04 -22.37
CA SER B 102 -29.39 22.73 -23.40
C SER B 102 -28.82 21.83 -24.49
N LYS B 103 -27.51 21.64 -24.47
CA LYS B 103 -26.85 20.71 -25.41
C LYS B 103 -25.89 19.80 -24.73
N ARG B 104 -25.79 18.60 -25.29
CA ARG B 104 -24.77 17.65 -24.92
C ARG B 104 -23.89 17.29 -26.10
N THR B 105 -23.00 18.21 -26.50
CA THR B 105 -21.98 17.87 -27.46
C THR B 105 -21.03 16.87 -26.74
N GLY B 106 -20.69 17.19 -25.50
CA GLY B 106 -20.04 16.22 -24.63
C GLY B 106 -21.01 15.79 -23.55
N PRO B 107 -20.64 14.82 -22.72
CA PRO B 107 -21.55 14.23 -21.76
C PRO B 107 -22.04 15.21 -20.72
N ASP B 108 -23.03 14.77 -19.95
CA ASP B 108 -23.55 15.56 -18.87
C ASP B 108 -22.50 15.60 -17.73
N LEU B 109 -22.37 16.74 -17.06
CA LEU B 109 -21.39 16.85 -15.99
C LEU B 109 -22.04 17.05 -14.62
N ALA B 110 -23.34 16.86 -14.55
CA ALA B 110 -24.03 17.09 -13.31
C ALA B 110 -23.44 16.26 -12.20
N ARG B 111 -22.91 15.08 -12.52
CA ARG B 111 -22.29 14.25 -11.49
C ARG B 111 -20.89 13.75 -11.84
N VAL B 112 -20.05 14.56 -12.52
CA VAL B 112 -18.66 14.19 -12.67
C VAL B 112 -17.95 14.07 -11.31
N GLY B 113 -18.61 14.62 -10.29
CA GLY B 113 -18.53 14.09 -8.93
C GLY B 113 -17.11 13.78 -8.62
N GLY B 114 -16.83 12.54 -8.30
CA GLY B 114 -15.45 12.12 -8.09
C GLY B 114 -15.20 10.94 -9.00
N ARG B 115 -15.80 11.00 -10.18
CA ARG B 115 -15.77 9.88 -11.09
C ARG B 115 -14.41 9.72 -11.72
N TYR B 116 -13.65 10.82 -11.78
CA TYR B 116 -12.31 10.83 -12.37
C TYR B 116 -11.37 11.50 -11.41
N SER B 117 -10.10 11.14 -11.51
CA SER B 117 -9.06 11.72 -10.68
C SER B 117 -8.75 13.15 -11.10
N ASP B 118 -8.22 13.95 -10.17
CA ASP B 118 -7.79 15.29 -10.55
C ASP B 118 -6.79 15.21 -11.71
N ASP B 119 -5.93 14.21 -11.64
CA ASP B 119 -4.89 14.08 -12.61
C ASP B 119 -5.47 13.87 -13.97
N TRP B 120 -6.54 13.07 -14.02
CA TRP B 120 -7.19 12.86 -15.32
C TRP B 120 -7.76 14.17 -15.83
N HIS B 121 -8.42 14.90 -14.94
CA HIS B 121 -9.08 16.13 -15.34
C HIS B 121 -8.09 17.10 -15.92
N ARG B 122 -6.89 17.08 -15.34
CA ARG B 122 -5.87 18.04 -15.75
C ARG B 122 -5.37 17.68 -17.12
N ALA B 123 -5.03 16.42 -17.31
CA ALA B 123 -4.60 15.95 -18.60
C ALA B 123 -5.67 16.26 -19.62
N HIS B 124 -6.91 15.98 -19.27
CA HIS B 124 -7.95 15.99 -20.27
C HIS B 124 -8.32 17.41 -20.71
N LEU B 125 -8.39 18.33 -19.75
CA LEU B 125 -8.60 19.69 -20.10
C LEU B 125 -7.39 20.23 -20.88
N TYR B 126 -6.18 19.78 -20.57
CA TYR B 126 -5.00 20.35 -21.21
C TYR B 126 -5.03 20.00 -22.68
N ASN B 127 -5.53 18.80 -22.98
CA ASN B 127 -5.70 18.34 -24.34
C ASN B 127 -6.63 17.12 -24.45
N PRO B 128 -7.94 17.35 -24.65
CA PRO B 128 -8.80 16.18 -24.50
C PRO B 128 -8.44 15.06 -25.46
N ARG B 129 -7.94 15.42 -26.64
CA ARG B 129 -7.68 14.42 -27.72
C ARG B 129 -6.58 13.49 -27.25
N ASN B 130 -5.72 14.07 -26.45
CA ASN B 130 -4.68 13.32 -25.83
C ASN B 130 -5.11 12.17 -24.88
N VAL B 131 -6.26 12.23 -24.24
CA VAL B 131 -6.68 11.15 -23.39
C VAL B 131 -7.88 10.45 -24.00
N VAL B 132 -8.67 11.20 -24.78
CA VAL B 132 -9.87 10.66 -25.43
C VAL B 132 -9.69 11.02 -26.89
N PRO B 133 -9.02 10.14 -27.63
CA PRO B 133 -8.54 10.50 -28.94
C PRO B 133 -9.60 11.05 -29.86
N GLU B 134 -10.84 10.61 -29.72
CA GLU B 134 -11.87 11.03 -30.67
C GLU B 134 -12.73 12.15 -30.11
N SER B 135 -12.18 12.90 -29.17
CA SER B 135 -12.90 13.99 -28.52
C SER B 135 -13.08 15.16 -29.48
N LYS B 136 -14.13 15.95 -29.29
CA LYS B 136 -14.30 17.12 -30.11
C LYS B 136 -14.15 18.34 -29.25
N MET B 137 -13.88 18.11 -27.98
CA MET B 137 -13.63 19.19 -27.01
C MET B 137 -12.38 19.99 -27.36
N PRO B 138 -12.45 21.31 -27.25
CA PRO B 138 -11.28 22.13 -27.38
C PRO B 138 -10.29 21.83 -26.28
N SER B 139 -9.00 22.03 -26.58
CA SER B 139 -7.94 22.03 -25.58
C SER B 139 -7.98 23.33 -24.80
N TYR B 140 -7.66 23.25 -23.51
CA TYR B 140 -7.76 24.37 -22.57
C TYR B 140 -6.44 24.55 -21.82
N PRO B 141 -5.29 24.54 -22.54
CA PRO B 141 -3.99 24.58 -21.88
C PRO B 141 -3.72 25.86 -21.14
N TRP B 142 -4.34 26.96 -21.53
CA TRP B 142 -4.06 28.22 -20.82
C TRP B 142 -4.47 28.14 -19.37
N LEU B 143 -5.32 27.19 -19.01
CA LEU B 143 -5.80 27.10 -17.62
C LEU B 143 -4.63 26.86 -16.69
N VAL B 144 -3.60 26.21 -17.22
CA VAL B 144 -2.37 25.90 -16.46
C VAL B 144 -1.42 27.08 -16.31
N GLU B 145 -1.36 27.91 -17.34
CA GLU B 145 -0.48 29.06 -17.38
C GLU B 145 -1.02 30.24 -16.56
N ASN B 146 -2.27 30.16 -16.11
CA ASN B 146 -2.89 31.31 -15.44
C ASN B 146 -3.06 31.10 -13.97
N THR B 147 -2.83 32.14 -13.20
CA THR B 147 -2.86 32.03 -11.75
C THR B 147 -3.94 32.94 -11.21
N LEU B 148 -4.77 32.39 -10.34
CA LEU B 148 -5.74 33.22 -9.67
C LEU B 148 -5.04 34.07 -8.62
N ASP B 149 -5.41 35.34 -8.56
CA ASP B 149 -4.88 36.27 -7.56
C ASP B 149 -5.84 36.43 -6.37
N GLY B 150 -7.09 36.02 -6.58
CA GLY B 150 -8.11 36.03 -5.53
C GLY B 150 -8.61 37.43 -5.20
N LYS B 151 -8.30 38.39 -6.08
CA LYS B 151 -8.72 39.76 -5.86
C LYS B 151 -10.22 39.85 -5.59
N ASP B 152 -11.03 39.28 -6.48
CA ASP B 152 -12.48 39.53 -6.46
C ASP B 152 -13.34 38.49 -5.72
N THR B 153 -12.71 37.40 -5.27
CA THR B 153 -13.42 36.30 -4.63
C THR B 153 -14.27 36.81 -3.45
N ALA B 154 -13.64 37.66 -2.62
CA ALA B 154 -14.35 38.36 -1.54
C ALA B 154 -15.66 39.03 -2.03
N LYS B 155 -15.54 39.91 -3.02
CA LYS B 155 -16.72 40.56 -3.59
C LYS B 155 -17.76 39.58 -4.09
N LYS B 156 -17.32 38.56 -4.84
CA LYS B 156 -18.24 37.58 -5.40
C LYS B 156 -19.11 36.92 -4.33
N MET B 157 -18.47 36.47 -3.26
CA MET B 157 -19.21 35.86 -2.16
C MET B 157 -20.18 36.81 -1.48
N SER B 158 -19.71 38.03 -1.20
CA SER B 158 -20.56 39.10 -0.67
C SER B 158 -21.77 39.30 -1.57
N ALA B 159 -21.54 39.45 -2.86
CA ALA B 159 -22.59 39.56 -3.85
C ALA B 159 -23.57 38.39 -3.75
N LEU B 160 -23.03 37.17 -3.71
CA LEU B 160 -23.86 35.95 -3.67
C LEU B 160 -24.63 35.79 -2.35
N ARG B 161 -24.01 36.19 -1.23
CA ARG B 161 -24.70 36.17 0.07
C ARG B 161 -25.92 37.07 0.02
N MET B 162 -25.70 38.27 -0.49
CA MET B 162 -26.75 39.23 -0.77
C MET B 162 -27.85 38.58 -1.59
N LEU B 163 -27.52 37.62 -2.43
CA LEU B 163 -28.52 36.95 -3.24
C LEU B 163 -29.05 35.67 -2.59
N GLY B 164 -28.70 35.43 -1.34
CA GLY B 164 -29.29 34.30 -0.64
C GLY B 164 -28.34 33.22 -0.19
N VAL B 165 -27.19 33.13 -0.84
CA VAL B 165 -26.22 32.07 -0.59
C VAL B 165 -25.52 32.25 0.76
N PRO B 166 -25.70 31.30 1.68
CA PRO B 166 -25.27 31.52 3.05
C PRO B 166 -23.76 31.39 3.27
N TYR B 167 -22.99 32.29 2.66
CA TYR B 167 -21.56 32.38 2.94
C TYR B 167 -21.32 32.93 4.32
N THR B 168 -20.40 32.30 5.05
CA THR B 168 -20.11 32.74 6.42
C THR B 168 -19.14 33.89 6.36
N GLU B 169 -19.06 34.65 7.45
CA GLU B 169 -18.07 35.72 7.53
C GLU B 169 -16.70 35.11 7.43
N GLU B 170 -16.55 33.90 7.99
CA GLU B 170 -15.32 33.11 7.92
C GLU B 170 -14.99 32.84 6.48
N ASP B 171 -16.02 32.51 5.69
CA ASP B 171 -15.87 32.22 4.28
C ASP B 171 -15.31 33.40 3.51
N ILE B 172 -15.94 34.58 3.67
CA ILE B 172 -15.52 35.80 2.96
C ILE B 172 -14.14 36.26 3.38
N ALA B 173 -13.93 36.45 4.69
CA ALA B 173 -12.58 36.67 5.23
C ALA B 173 -11.71 35.55 4.69
N GLY B 174 -10.64 35.88 4.01
CA GLY B 174 -9.70 34.87 3.55
C GLY B 174 -10.27 33.87 2.55
N ALA B 175 -11.26 34.31 1.77
CA ALA B 175 -11.58 33.64 0.53
C ALA B 175 -10.46 33.98 -0.45
N ARG B 176 -9.82 35.13 -0.27
CA ARG B 176 -8.68 35.51 -1.09
C ARG B 176 -7.54 34.50 -0.97
N ASP B 177 -7.11 34.21 0.24
CA ASP B 177 -5.96 33.31 0.39
C ASP B 177 -6.30 31.83 0.25
N SER B 178 -7.57 31.51 0.04
CA SER B 178 -7.94 30.13 -0.34
C SER B 178 -7.64 29.92 -1.81
N VAL B 179 -7.52 31.04 -2.51
CA VAL B 179 -7.50 31.06 -3.96
C VAL B 179 -6.20 31.59 -4.52
N ASN B 180 -5.62 32.58 -3.85
CA ASN B 180 -4.40 33.22 -4.35
C ASN B 180 -3.31 32.21 -4.66
N GLY B 181 -2.76 32.31 -5.85
CA GLY B 181 -1.64 31.47 -6.23
C GLY B 181 -2.01 30.17 -6.89
N LYS B 182 -3.24 29.74 -6.68
CA LYS B 182 -3.80 28.56 -7.37
C LYS B 182 -3.96 28.83 -8.88
N THR B 183 -3.81 27.80 -9.71
CA THR B 183 -3.92 28.04 -11.14
C THR B 183 -5.35 27.94 -11.57
N GLU B 184 -5.70 28.56 -12.69
CA GLU B 184 -7.04 28.46 -13.17
C GLU B 184 -7.42 26.97 -13.25
N MET B 185 -6.49 26.16 -13.72
CA MET B 185 -6.78 24.73 -13.89
C MET B 185 -7.08 24.09 -12.53
N ASP B 186 -6.40 24.55 -11.49
CA ASP B 186 -6.66 24.07 -10.16
C ASP B 186 -8.11 24.33 -9.87
N ALA B 187 -8.54 25.56 -10.13
CA ALA B 187 -9.91 25.96 -9.83
C ALA B 187 -10.94 25.20 -10.69
N MET B 188 -10.68 25.08 -11.98
CA MET B 188 -11.60 24.34 -12.79
C MET B 188 -11.82 22.91 -12.23
N VAL B 189 -10.73 22.26 -11.81
CA VAL B 189 -10.79 20.89 -11.32
C VAL B 189 -11.55 20.85 -10.01
N ALA B 190 -11.30 21.82 -9.15
CA ALA B 190 -12.00 21.85 -7.89
C ALA B 190 -13.48 21.93 -8.13
N TYR B 191 -13.88 22.78 -9.05
CA TYR B 191 -15.29 22.92 -9.37
C TYR B 191 -15.83 21.57 -9.86
N LEU B 192 -15.24 21.03 -10.92
CA LEU B 192 -15.71 19.76 -11.47
C LEU B 192 -15.83 18.65 -10.39
N GLN B 193 -14.92 18.63 -9.44
CA GLN B 193 -14.96 17.58 -8.47
C GLN B 193 -16.09 17.71 -7.44
N VAL B 194 -16.86 18.80 -7.47
CA VAL B 194 -17.90 18.98 -6.45
C VAL B 194 -19.26 18.70 -7.06
N LEU B 195 -19.32 18.79 -8.39
CA LEU B 195 -20.57 18.61 -9.12
C LEU B 195 -21.31 17.33 -8.72
N GLY B 196 -22.49 17.52 -8.15
CA GLY B 196 -23.39 16.41 -7.82
C GLY B 196 -23.02 15.64 -6.58
N THR B 197 -21.90 16.01 -5.95
CA THR B 197 -21.46 15.32 -4.73
C THR B 197 -22.42 15.57 -3.58
N ALA B 198 -23.01 16.75 -3.55
CA ALA B 198 -23.92 17.15 -2.48
C ALA B 198 -25.06 16.17 -2.25
N LEU B 199 -25.62 15.63 -3.33
CA LEU B 199 -26.74 14.72 -3.20
C LEU B 199 -26.27 13.39 -2.69
N THR B 200 -25.23 12.85 -3.30
CA THR B 200 -24.87 11.46 -3.01
C THR B 200 -24.08 11.23 -1.73
N ASN B 201 -23.99 12.23 -0.85
CA ASN B 201 -23.34 12.02 0.45
C ASN B 201 -24.07 12.62 1.66
N LYS B 202 -25.28 13.12 1.41
CA LYS B 202 -26.18 13.68 2.44
C LYS B 202 -26.61 12.69 3.54
N MET C 1 -46.00 23.98 -2.95
CA MET C 1 -47.05 24.95 -3.33
C MET C 1 -48.08 25.13 -2.25
N SER C 2 -48.33 26.39 -1.86
CA SER C 2 -49.43 26.71 -0.95
C SER C 2 -50.73 26.59 -1.72
N THR C 3 -51.87 26.59 -1.05
CA THR C 3 -53.12 26.51 -1.80
C THR C 3 -53.46 27.80 -2.55
N PHE C 4 -52.89 28.93 -2.13
CA PHE C 4 -53.07 30.18 -2.87
C PHE C 4 -52.43 30.14 -4.24
N TRP C 5 -51.15 29.78 -4.30
CA TRP C 5 -50.47 29.72 -5.57
C TRP C 5 -51.06 28.64 -6.46
N SER C 6 -51.59 27.60 -5.84
CA SER C 6 -52.24 26.52 -6.56
C SER C 6 -53.41 27.05 -7.38
N GLY C 7 -54.35 27.70 -6.72
CA GLY C 7 -55.48 28.34 -7.40
C GLY C 7 -55.01 29.42 -8.37
N TYR C 8 -54.09 30.26 -7.90
CA TYR C 8 -53.50 31.34 -8.70
C TYR C 8 -53.15 30.87 -10.11
N ILE C 9 -52.46 29.73 -10.19
CA ILE C 9 -52.10 29.10 -11.44
C ILE C 9 -53.33 28.63 -12.20
N ALA C 10 -54.08 27.72 -11.60
CA ALA C 10 -55.27 27.14 -12.23
C ALA C 10 -56.19 28.21 -12.83
N LEU C 11 -56.43 29.28 -12.07
CA LEU C 11 -57.32 30.33 -12.49
C LEU C 11 -56.77 31.06 -13.70
N LEU C 12 -55.51 31.49 -13.63
CA LEU C 12 -54.91 32.19 -14.75
C LEU C 12 -54.81 31.30 -16.00
N THR C 13 -54.46 30.03 -15.79
CA THR C 13 -54.37 29.04 -16.89
C THR C 13 -55.71 28.85 -17.57
N LEU C 14 -56.72 28.37 -16.81
CA LEU C 14 -58.07 28.18 -17.32
C LEU C 14 -58.68 29.51 -17.81
N GLY C 15 -58.29 30.60 -17.15
CA GLY C 15 -58.72 31.93 -17.55
C GLY C 15 -58.20 32.30 -18.92
N THR C 16 -56.98 31.88 -19.24
CA THR C 16 -56.42 32.12 -20.56
C THR C 16 -57.11 31.23 -21.58
N ILE C 17 -57.39 29.97 -21.19
CA ILE C 17 -58.07 29.03 -22.09
C ILE C 17 -59.49 29.53 -22.44
N VAL C 18 -60.26 29.87 -21.40
CA VAL C 18 -61.56 30.49 -21.58
C VAL C 18 -61.39 31.71 -22.48
N ALA C 19 -60.38 32.54 -22.20
CA ALA C 19 -60.12 33.73 -23.00
C ALA C 19 -59.93 33.40 -24.48
N LEU C 20 -59.12 32.38 -24.76
CA LEU C 20 -58.83 31.99 -26.14
C LEU C 20 -60.06 31.49 -26.88
N PHE C 21 -60.87 30.69 -26.20
CA PHE C 21 -62.11 30.16 -26.77
C PHE C 21 -62.99 31.32 -27.15
N TRP C 22 -63.09 32.28 -26.25
CA TRP C 22 -63.82 33.49 -26.51
C TRP C 22 -63.24 34.22 -27.73
N LEU C 23 -61.93 34.40 -27.77
CA LEU C 23 -61.27 35.10 -28.87
C LEU C 23 -61.63 34.43 -30.20
N ILE C 24 -61.49 33.11 -30.22
CA ILE C 24 -61.65 32.31 -31.43
C ILE C 24 -63.07 32.39 -31.98
N PHE C 25 -64.05 32.34 -31.09
CA PHE C 25 -65.46 32.39 -31.49
C PHE C 25 -65.91 33.82 -31.77
N ALA C 26 -65.36 34.78 -31.04
CA ALA C 26 -65.74 36.19 -31.14
C ALA C 26 -65.44 36.77 -32.50
N THR C 27 -64.25 36.52 -32.99
CA THR C 27 -63.82 37.04 -34.27
C THR C 27 -64.34 36.21 -35.45
N ARG C 28 -64.90 35.05 -35.15
CA ARG C 28 -65.47 34.14 -36.14
C ARG C 28 -66.95 34.47 -36.40
N LYS C 29 -67.36 35.69 -36.05
CA LYS C 29 -68.78 36.11 -35.95
C LYS C 29 -69.61 36.03 -37.25
N GLY C 30 -69.69 37.13 -38.01
CA GLY C 30 -70.45 37.14 -39.27
C GLY C 30 -69.65 36.59 -40.43
N GLU C 31 -69.23 35.33 -40.30
CA GLU C 31 -68.23 34.71 -41.20
C GLU C 31 -68.84 34.36 -42.53
N SER C 32 -68.06 34.58 -43.59
CA SER C 32 -68.60 34.56 -44.94
C SER C 32 -68.53 33.18 -45.57
N ALA C 33 -68.97 32.15 -44.84
CA ALA C 33 -69.00 30.77 -45.33
C ALA C 33 -67.69 30.31 -45.97
N GLY C 34 -67.34 30.88 -47.12
CA GLY C 34 -66.11 30.53 -47.86
C GLY C 34 -65.28 31.68 -48.35
N THR C 35 -64.47 31.44 -49.38
CA THR C 35 -63.37 32.35 -49.77
C THR C 35 -63.78 33.76 -50.22
N THR C 36 -65.07 33.96 -50.56
CA THR C 36 -65.68 35.29 -50.77
C THR C 36 -64.95 36.28 -51.66
N ASP C 37 -63.99 36.99 -51.04
CA ASP C 37 -63.27 38.15 -51.61
C ASP C 37 -63.90 39.46 -51.18
N GLN C 38 -63.85 40.46 -52.05
CA GLN C 38 -64.05 41.86 -51.67
C GLN C 38 -62.86 42.27 -50.80
N THR C 39 -62.79 43.56 -50.50
CA THR C 39 -61.67 44.06 -49.73
C THR C 39 -62.20 44.57 -48.40
N MET C 40 -61.58 45.63 -47.90
CA MET C 40 -62.08 46.40 -46.79
C MET C 40 -61.76 47.87 -47.06
N GLY C 41 -62.20 48.75 -46.17
CA GLY C 41 -61.87 50.16 -46.31
C GLY C 41 -60.44 50.42 -45.90
N HIS C 42 -59.84 51.48 -46.47
CA HIS C 42 -58.52 51.98 -46.04
C HIS C 42 -57.36 51.07 -46.46
N ALA C 43 -56.35 51.66 -47.10
CA ALA C 43 -55.15 50.93 -47.52
C ALA C 43 -53.92 51.43 -46.79
N PHE C 44 -52.84 50.65 -46.83
CA PHE C 44 -51.61 51.00 -46.14
C PHE C 44 -50.51 50.86 -47.15
N ASP C 45 -49.89 51.98 -47.51
CA ASP C 45 -49.05 52.08 -48.71
C ASP C 45 -49.90 51.62 -49.90
N GLY C 46 -49.76 50.35 -50.27
CA GLY C 46 -50.62 49.72 -51.26
C GLY C 46 -51.43 48.60 -50.64
N ILE C 47 -50.85 47.93 -49.64
CA ILE C 47 -51.44 46.76 -49.01
C ILE C 47 -52.89 46.96 -48.66
N GLU C 48 -53.75 46.09 -49.18
CA GLU C 48 -55.13 46.00 -48.71
C GLU C 48 -55.42 44.58 -48.24
N GLU C 49 -56.61 44.34 -47.67
CA GLU C 49 -56.91 43.02 -47.12
C GLU C 49 -58.35 42.55 -47.29
N TYR C 50 -58.48 41.29 -47.71
CA TYR C 50 -59.75 40.58 -47.82
C TYR C 50 -60.44 40.39 -46.47
N ASP C 51 -61.77 40.53 -46.42
CA ASP C 51 -62.51 40.11 -45.23
C ASP C 51 -62.89 38.63 -45.32
N ASN C 52 -61.88 37.79 -45.49
CA ASN C 52 -62.12 36.36 -45.65
C ASN C 52 -62.30 35.68 -44.32
N PRO C 53 -62.96 34.50 -44.32
CA PRO C 53 -63.21 33.75 -43.10
C PRO C 53 -61.99 32.96 -42.67
N LEU C 54 -61.93 32.68 -41.36
CA LEU C 54 -61.01 31.72 -40.80
C LEU C 54 -61.26 30.38 -41.49
N PRO C 55 -60.20 29.78 -42.05
CA PRO C 55 -60.28 28.45 -42.66
C PRO C 55 -60.89 27.40 -41.71
N ARG C 56 -61.88 26.66 -42.22
CA ARG C 56 -62.62 25.70 -41.40
C ARG C 56 -61.68 24.78 -40.63
N TRP C 57 -60.72 24.18 -41.33
CA TRP C 57 -59.80 23.23 -40.72
C TRP C 57 -58.96 23.89 -39.65
N TRP C 58 -58.51 25.10 -39.90
CA TRP C 58 -57.62 25.81 -38.99
C TRP C 58 -58.38 26.10 -37.71
N PHE C 59 -59.64 26.47 -37.85
CA PHE C 59 -60.51 26.63 -36.72
C PHE C 59 -60.56 25.34 -35.87
N LEU C 60 -60.80 24.20 -36.52
CA LEU C 60 -60.90 22.92 -35.83
C LEU C 60 -59.59 22.54 -35.17
N LEU C 61 -58.49 22.79 -35.88
CA LEU C 61 -57.15 22.53 -35.33
C LEU C 61 -56.92 23.35 -34.07
N PHE C 62 -57.35 24.60 -34.09
CA PHE C 62 -57.29 25.45 -32.92
C PHE C 62 -58.11 24.85 -31.76
N ILE C 63 -59.34 24.43 -32.04
CA ILE C 63 -60.22 23.82 -31.04
C ILE C 63 -59.64 22.48 -30.59
N GLY C 64 -59.03 21.76 -31.52
CA GLY C 64 -58.41 20.47 -31.20
C GLY C 64 -57.41 20.65 -30.08
N THR C 65 -56.40 21.48 -30.34
CA THR C 65 -55.36 21.81 -29.38
C THR C 65 -55.92 22.29 -28.03
N LEU C 66 -56.91 23.18 -28.05
CA LEU C 66 -57.50 23.69 -26.81
C LEU C 66 -58.20 22.58 -26.02
N VAL C 67 -58.98 21.76 -26.70
CA VAL C 67 -59.70 20.63 -26.07
C VAL C 67 -58.68 19.69 -25.45
N PHE C 68 -57.66 19.32 -26.24
CA PHE C 68 -56.59 18.47 -25.76
C PHE C 68 -55.86 19.07 -24.55
N GLY C 69 -55.64 20.39 -24.60
CA GLY C 69 -55.06 21.11 -23.46
C GLY C 69 -55.81 20.85 -22.16
N ILE C 70 -57.14 20.94 -22.20
CA ILE C 70 -57.96 20.62 -21.04
C ILE C 70 -57.80 19.16 -20.69
N LEU C 71 -58.00 18.27 -21.66
CA LEU C 71 -57.88 16.81 -21.49
C LEU C 71 -56.59 16.44 -20.75
N TYR C 72 -55.48 17.06 -21.17
CA TYR C 72 -54.13 16.79 -20.64
C TYR C 72 -54.01 17.36 -19.22
N LEU C 73 -54.50 18.58 -19.01
CA LEU C 73 -54.42 19.25 -17.72
C LEU C 73 -55.29 18.56 -16.67
N VAL C 74 -56.34 17.86 -17.12
CA VAL C 74 -57.15 17.01 -16.25
C VAL C 74 -56.38 15.73 -15.94
N LEU C 75 -55.82 15.09 -16.95
CA LEU C 75 -55.05 13.85 -16.75
C LEU C 75 -53.72 14.02 -15.97
N TYR C 76 -53.12 15.20 -16.04
CA TYR C 76 -51.73 15.39 -15.61
C TYR C 76 -51.56 16.61 -14.74
N PRO C 77 -50.49 16.63 -13.94
CA PRO C 77 -50.25 17.80 -13.12
C PRO C 77 -49.98 18.99 -14.02
N GLY C 78 -50.38 20.17 -13.55
CA GLY C 78 -50.20 21.38 -14.34
C GLY C 78 -51.07 22.47 -13.77
N LEU C 79 -52.36 22.17 -13.62
CA LEU C 79 -53.27 23.15 -13.07
C LEU C 79 -53.00 23.30 -11.57
N GLY C 80 -51.92 23.97 -11.22
CA GLY C 80 -51.56 24.16 -9.82
C GLY C 80 -51.27 22.83 -9.15
N ASN C 81 -51.82 22.65 -7.95
CA ASN C 81 -51.58 21.44 -7.13
C ASN C 81 -52.31 20.20 -7.59
N TRP C 82 -53.06 20.35 -8.69
CA TRP C 82 -53.92 19.32 -9.24
C TRP C 82 -53.15 18.07 -9.69
N LYS C 83 -52.80 17.21 -8.74
CA LYS C 83 -52.22 15.90 -9.06
C LYS C 83 -53.10 15.24 -10.11
N GLY C 84 -52.50 14.50 -11.06
CA GLY C 84 -53.29 13.97 -12.20
C GLY C 84 -54.48 13.05 -11.92
N VAL C 85 -55.36 12.89 -12.90
CA VAL C 85 -56.39 11.85 -12.80
C VAL C 85 -56.06 10.59 -13.62
N LEU C 86 -54.93 10.66 -14.34
CA LEU C 86 -54.37 9.54 -15.11
C LEU C 86 -54.40 8.22 -14.34
N PRO C 87 -55.03 7.21 -14.95
CA PRO C 87 -55.11 5.88 -14.33
C PRO C 87 -53.75 5.20 -14.38
N GLY C 88 -53.55 4.21 -13.50
CA GLY C 88 -52.32 3.45 -13.47
C GLY C 88 -51.28 4.01 -12.52
N TYR C 89 -51.32 5.31 -12.30
CA TYR C 89 -50.43 5.95 -11.34
C TYR C 89 -51.16 6.30 -10.04
N GLU C 90 -50.72 5.65 -8.96
CA GLU C 90 -51.30 5.82 -7.64
C GLU C 90 -50.93 7.17 -7.03
N GLY C 91 -51.94 7.98 -6.75
CA GLY C 91 -51.74 9.29 -6.15
C GLY C 91 -51.41 10.37 -7.16
N GLY C 92 -51.47 10.02 -8.44
CA GLY C 92 -51.22 10.96 -9.53
C GLY C 92 -49.81 10.84 -10.06
N TRP C 93 -49.63 11.28 -11.31
CA TRP C 93 -48.36 11.13 -12.05
C TRP C 93 -47.39 12.28 -11.70
N THR C 94 -46.12 11.95 -11.38
CA THR C 94 -45.00 12.92 -11.39
C THR C 94 -43.83 12.30 -12.16
N GLN C 95 -42.91 13.13 -12.64
CA GLN C 95 -41.76 12.60 -13.40
C GLN C 95 -40.95 11.67 -12.51
N GLU C 96 -40.89 11.99 -11.22
CA GLU C 96 -40.21 11.16 -10.24
C GLU C 96 -40.87 9.77 -10.23
N LYS C 97 -42.18 9.74 -9.93
CA LYS C 97 -42.96 8.48 -9.83
C LYS C 97 -42.83 7.61 -11.08
N GLN C 98 -42.74 8.27 -12.23
CA GLN C 98 -42.55 7.57 -13.49
C GLN C 98 -41.20 6.91 -13.57
N TRP C 99 -40.19 7.58 -13.05
CA TRP C 99 -38.87 7.00 -12.99
C TRP C 99 -38.86 5.85 -12.01
N GLU C 100 -39.43 6.03 -10.81
CA GLU C 100 -39.46 4.99 -9.78
C GLU C 100 -39.94 3.70 -10.41
N ARG C 101 -41.05 3.83 -11.16
CA ARG C 101 -41.71 2.70 -11.81
C ARG C 101 -40.81 2.05 -12.84
N GLU C 102 -40.24 2.88 -13.69
CA GLU C 102 -39.34 2.43 -14.74
C GLU C 102 -38.19 1.59 -14.20
N VAL C 103 -37.49 2.08 -13.18
CA VAL C 103 -36.41 1.31 -12.58
C VAL C 103 -36.97 0.05 -11.93
N ALA C 104 -38.07 0.19 -11.19
CA ALA C 104 -38.67 -0.92 -10.47
C ALA C 104 -38.96 -2.07 -11.42
N GLN C 105 -39.47 -1.75 -12.60
CA GLN C 105 -39.80 -2.76 -13.63
C GLN C 105 -38.57 -3.38 -14.26
N ALA C 106 -37.54 -2.56 -14.44
CA ALA C 106 -36.23 -3.04 -14.86
C ALA C 106 -35.66 -4.06 -13.88
N ASP C 107 -35.90 -3.86 -12.58
CA ASP C 107 -35.36 -4.73 -11.54
C ASP C 107 -36.07 -6.05 -11.53
N GLU C 108 -37.34 -6.05 -11.89
CA GLU C 108 -38.08 -7.29 -11.98
C GLU C 108 -37.64 -8.09 -13.21
N LYS C 109 -37.17 -7.38 -14.22
CA LYS C 109 -36.71 -8.04 -15.44
C LYS C 109 -35.23 -8.43 -15.39
N TYR C 110 -34.37 -7.44 -15.14
CA TYR C 110 -32.94 -7.69 -15.20
C TYR C 110 -32.43 -8.13 -13.84
N GLY C 111 -33.31 -8.16 -12.84
CA GLY C 111 -32.93 -8.58 -11.51
C GLY C 111 -32.41 -10.00 -11.46
N PRO C 112 -33.24 -10.97 -11.87
CA PRO C 112 -32.84 -12.39 -11.87
C PRO C 112 -31.47 -12.59 -12.52
N ILE C 113 -31.20 -11.88 -13.61
CA ILE C 113 -29.93 -12.02 -14.33
C ILE C 113 -28.76 -11.64 -13.43
N PHE C 114 -28.79 -10.42 -12.90
CA PHE C 114 -27.79 -9.95 -11.97
C PHE C 114 -27.67 -10.92 -10.81
N ALA C 115 -28.82 -11.33 -10.27
CA ALA C 115 -28.86 -12.26 -9.17
C ALA C 115 -28.06 -13.52 -9.51
N LYS C 116 -28.25 -14.02 -10.72
CA LYS C 116 -27.61 -15.25 -11.19
C LYS C 116 -26.09 -15.18 -11.14
N TYR C 117 -25.53 -14.06 -11.61
CA TYR C 117 -24.07 -13.89 -11.62
C TYR C 117 -23.53 -13.57 -10.24
N ALA C 118 -24.32 -12.86 -9.45
CA ALA C 118 -23.94 -12.50 -8.09
C ALA C 118 -23.70 -13.74 -7.24
N ALA C 119 -24.42 -14.81 -7.55
CA ALA C 119 -24.26 -16.08 -6.85
C ALA C 119 -22.98 -16.83 -7.24
N MET C 120 -22.43 -16.55 -8.42
CA MET C 120 -21.23 -17.22 -8.86
C MET C 120 -20.01 -16.43 -8.41
N SER C 121 -18.86 -17.11 -8.35
CA SER C 121 -17.57 -16.49 -8.07
C SER C 121 -17.13 -15.70 -9.28
N VAL C 122 -16.16 -14.80 -9.08
CA VAL C 122 -15.73 -13.97 -10.19
C VAL C 122 -15.25 -14.82 -11.34
N GLU C 123 -14.41 -15.82 -11.07
CA GLU C 123 -13.86 -16.65 -12.15
C GLU C 123 -14.92 -17.50 -12.88
N GLU C 124 -15.94 -17.94 -12.14
CA GLU C 124 -17.09 -18.63 -12.75
C GLU C 124 -17.85 -17.71 -13.74
N VAL C 125 -18.06 -16.47 -13.36
CA VAL C 125 -18.73 -15.54 -14.24
C VAL C 125 -17.88 -15.29 -15.48
N ALA C 126 -16.56 -15.36 -15.32
CA ALA C 126 -15.62 -14.96 -16.38
C ALA C 126 -15.61 -15.95 -17.53
N GLN C 127 -15.96 -17.19 -17.24
CA GLN C 127 -15.99 -18.24 -18.24
C GLN C 127 -17.41 -18.42 -18.81
N ASP C 128 -18.31 -17.53 -18.39
CA ASP C 128 -19.67 -17.46 -18.95
C ASP C 128 -19.72 -16.38 -20.04
N PRO C 129 -19.76 -16.79 -21.32
CA PRO C 129 -19.65 -15.88 -22.45
C PRO C 129 -20.65 -14.72 -22.42
N GLN C 130 -21.87 -14.99 -21.93
CA GLN C 130 -22.96 -14.01 -21.85
C GLN C 130 -22.59 -12.88 -20.91
N ALA C 131 -22.16 -13.28 -19.72
CA ALA C 131 -21.72 -12.37 -18.68
C ALA C 131 -20.56 -11.51 -19.15
N VAL C 132 -19.61 -12.11 -19.84
CA VAL C 132 -18.47 -11.36 -20.37
C VAL C 132 -18.96 -10.32 -21.36
N LYS C 133 -19.92 -10.67 -22.21
CA LYS C 133 -20.48 -9.69 -23.15
C LYS C 133 -21.06 -8.47 -22.40
N MET C 134 -21.64 -8.74 -21.23
CA MET C 134 -22.27 -7.72 -20.39
C MET C 134 -21.20 -6.94 -19.68
N GLY C 135 -20.22 -7.66 -19.13
CA GLY C 135 -19.05 -7.02 -18.59
C GLY C 135 -18.42 -6.07 -19.60
N ALA C 136 -18.35 -6.51 -20.85
CA ALA C 136 -17.72 -5.73 -21.88
C ALA C 136 -18.50 -4.45 -22.09
N ARG C 137 -19.82 -4.57 -21.96
CA ARG C 137 -20.72 -3.46 -22.28
C ARG C 137 -20.68 -2.47 -21.12
N LEU C 138 -20.68 -3.02 -19.91
CA LEU C 138 -20.47 -2.20 -18.73
C LEU C 138 -19.15 -1.46 -18.84
N PHE C 139 -18.08 -2.19 -19.18
CA PHE C 139 -16.74 -1.63 -19.30
C PHE C 139 -16.71 -0.45 -20.26
N ALA C 140 -17.39 -0.60 -21.39
CA ALA C 140 -17.33 0.41 -22.41
C ALA C 140 -17.96 1.68 -21.88
N ASN C 141 -18.96 1.52 -21.04
CA ASN C 141 -19.63 2.67 -20.44
C ASN C 141 -18.90 3.35 -19.31
N TYR C 142 -18.28 2.58 -18.43
CA TYR C 142 -17.74 3.21 -17.22
C TYR C 142 -16.23 3.23 -17.08
N CYS C 143 -15.53 2.55 -17.98
CA CYS C 143 -14.10 2.38 -17.80
C CYS C 143 -13.28 2.80 -18.99
N SER C 144 -13.93 2.92 -20.16
CA SER C 144 -13.19 2.96 -21.42
C SER C 144 -12.47 4.27 -21.56
N ILE C 145 -12.98 5.28 -20.86
CA ILE C 145 -12.47 6.60 -21.01
C ILE C 145 -11.09 6.74 -20.38
N CYS C 146 -10.76 5.91 -19.40
CA CYS C 146 -9.44 5.94 -18.75
C CYS C 146 -8.61 4.79 -19.28
N HIS C 147 -9.18 3.60 -19.31
CA HIS C 147 -8.42 2.42 -19.68
C HIS C 147 -8.51 2.09 -21.16
N GLY C 148 -8.98 3.04 -21.96
CA GLY C 148 -9.13 2.84 -23.42
C GLY C 148 -10.31 1.99 -23.77
N SER C 149 -10.82 2.14 -24.99
CA SER C 149 -11.94 1.29 -25.42
C SER C 149 -11.52 -0.15 -25.70
N ASP C 150 -10.22 -0.37 -25.86
CA ASP C 150 -9.68 -1.70 -26.09
C ASP C 150 -9.21 -2.32 -24.79
N ALA C 151 -9.41 -1.58 -23.69
CA ALA C 151 -8.86 -1.91 -22.35
C ALA C 151 -7.33 -1.99 -22.25
N LYS C 152 -6.65 -1.44 -23.26
CA LYS C 152 -5.21 -1.62 -23.36
C LYS C 152 -4.47 -0.41 -22.83
N GLY C 153 -5.21 0.52 -22.24
CA GLY C 153 -4.62 1.66 -21.53
C GLY C 153 -3.86 2.66 -22.39
N SER C 154 -3.20 3.61 -21.73
CA SER C 154 -2.36 4.64 -22.36
C SER C 154 -1.50 5.22 -21.25
N LEU C 155 -0.58 6.14 -21.58
CA LEU C 155 0.32 6.73 -20.57
C LEU C 155 -0.42 7.28 -19.34
N GLY C 156 -0.14 6.72 -18.18
CA GLY C 156 -0.87 7.05 -16.98
C GLY C 156 -1.93 6.02 -16.61
N PHE C 157 -2.26 5.15 -17.55
CA PHE C 157 -3.40 4.25 -17.35
C PHE C 157 -3.10 2.81 -17.74
N PRO C 158 -3.20 1.90 -16.77
CA PRO C 158 -2.86 0.51 -16.92
C PRO C 158 -3.58 -0.14 -18.08
N ASN C 159 -2.89 -1.05 -18.75
CA ASN C 159 -3.47 -1.88 -19.77
C ASN C 159 -4.08 -3.08 -19.03
N LEU C 160 -5.40 -3.23 -19.08
CA LEU C 160 -6.03 -4.29 -18.31
C LEU C 160 -6.08 -5.57 -19.10
N ALA C 161 -5.75 -5.48 -20.39
CA ALA C 161 -5.82 -6.63 -21.29
C ALA C 161 -4.60 -7.58 -21.13
N ASP C 162 -3.43 -7.02 -20.76
CA ASP C 162 -2.21 -7.83 -20.63
C ASP C 162 -2.14 -8.73 -19.38
N GLN C 163 -0.98 -9.34 -19.20
CA GLN C 163 -0.74 -10.26 -18.09
C GLN C 163 0.01 -9.60 -16.92
N ASP C 164 0.22 -8.28 -17.01
CA ASP C 164 0.88 -7.52 -15.94
C ASP C 164 -0.14 -6.80 -15.08
N TRP C 165 -0.09 -7.12 -13.79
CA TRP C 165 -0.98 -6.49 -12.78
C TRP C 165 -0.22 -5.79 -11.69
N ARG C 166 -0.57 -4.56 -11.40
CA ARG C 166 0.17 -3.81 -10.42
C ARG C 166 -0.30 -4.21 -9.05
N TRP C 167 -1.62 -4.35 -8.91
CA TRP C 167 -2.19 -4.73 -7.62
C TRP C 167 -2.55 -6.22 -7.48
N GLY C 168 -2.09 -7.04 -8.41
CA GLY C 168 -2.45 -8.45 -8.40
C GLY C 168 -3.58 -8.71 -9.37
N GLY C 169 -3.59 -9.92 -9.92
CA GLY C 169 -4.48 -10.25 -11.01
C GLY C 169 -5.34 -11.45 -10.74
N ASP C 170 -5.43 -11.84 -9.48
CA ASP C 170 -6.42 -12.84 -9.09
C ASP C 170 -7.73 -12.11 -9.04
N ALA C 171 -8.81 -12.86 -9.13
CA ALA C 171 -10.14 -12.28 -9.17
C ALA C 171 -10.32 -11.31 -8.00
N ALA C 172 -9.98 -11.76 -6.80
CA ALA C 172 -10.26 -11.01 -5.59
C ALA C 172 -9.55 -9.68 -5.59
N SER C 173 -8.30 -9.68 -6.04
CA SER C 173 -7.53 -8.45 -6.18
C SER C 173 -8.19 -7.51 -7.17
N ILE C 174 -8.54 -8.04 -8.34
CA ILE C 174 -9.19 -7.25 -9.41
C ILE C 174 -10.51 -6.64 -8.93
N LYS C 175 -11.37 -7.47 -8.31
CA LYS C 175 -12.61 -6.97 -7.72
C LYS C 175 -12.36 -5.84 -6.73
N THR C 176 -11.37 -6.03 -5.85
CA THR C 176 -11.05 -4.98 -4.89
C THR C 176 -10.62 -3.72 -5.58
N SER C 177 -9.77 -3.85 -6.59
CA SER C 177 -9.34 -2.65 -7.29
C SER C 177 -10.56 -1.86 -7.70
N ILE C 178 -11.52 -2.53 -8.33
CA ILE C 178 -12.68 -1.83 -8.90
C ILE C 178 -13.63 -1.36 -7.82
N LEU C 179 -13.86 -2.23 -6.85
CA LEU C 179 -14.83 -1.98 -5.80
C LEU C 179 -14.38 -0.83 -4.91
N ASN C 180 -13.16 -0.92 -4.38
CA ASN C 180 -12.67 0.06 -3.40
C ASN C 180 -11.77 1.14 -3.95
N GLY C 181 -11.41 1.03 -5.22
CA GLY C 181 -10.45 1.95 -5.81
C GLY C 181 -9.03 1.63 -5.33
N ARG C 182 -8.08 2.41 -5.80
CA ARG C 182 -6.70 2.15 -5.52
C ARG C 182 -5.97 3.47 -5.71
N ILE C 183 -5.14 3.83 -4.74
CA ILE C 183 -4.21 4.94 -4.92
C ILE C 183 -2.81 4.42 -4.64
N ALA C 184 -1.94 4.60 -5.61
CA ALA C 184 -0.55 4.23 -5.47
C ALA C 184 0.25 5.43 -4.98
N ALA C 185 1.33 5.16 -4.27
CA ALA C 185 2.18 6.24 -3.82
C ALA C 185 3.66 5.84 -3.97
N MET C 186 4.25 6.23 -5.11
CA MET C 186 5.67 6.17 -5.39
C MET C 186 6.12 7.48 -4.86
N PRO C 187 6.91 7.48 -3.77
CA PRO C 187 7.35 8.76 -3.26
C PRO C 187 8.43 9.40 -4.13
N ALA C 188 8.67 10.68 -3.92
CA ALA C 188 9.64 11.39 -4.73
C ALA C 188 11.05 11.21 -4.15
N TRP C 189 12.01 10.91 -5.01
CA TRP C 189 13.38 10.74 -4.52
C TRP C 189 14.31 11.86 -4.85
N GLY C 190 13.84 12.81 -5.67
CA GLY C 190 14.64 13.97 -6.05
C GLY C 190 15.52 14.49 -4.94
N GLN C 191 14.89 15.03 -3.91
CA GLN C 191 15.62 15.68 -2.81
C GLN C 191 16.39 14.64 -2.01
N ALA C 192 15.73 13.53 -1.74
CA ALA C 192 16.28 12.50 -0.87
C ALA C 192 17.58 11.93 -1.42
N ILE C 193 17.65 11.81 -2.72
CA ILE C 193 18.59 10.91 -3.38
C ILE C 193 19.57 11.71 -4.25
N GLY C 194 19.25 12.97 -4.52
CA GLY C 194 20.12 13.83 -5.31
C GLY C 194 19.84 13.63 -6.78
N GLU C 195 20.04 14.68 -7.58
CA GLU C 195 19.91 14.60 -9.04
C GLU C 195 20.75 13.52 -9.74
N GLU C 196 22.03 13.47 -9.39
CA GLU C 196 22.87 12.38 -9.88
C GLU C 196 22.36 11.02 -9.43
N GLY C 197 21.86 10.95 -8.20
CA GLY C 197 21.25 9.75 -7.65
C GLY C 197 20.09 9.29 -8.51
N VAL C 198 19.21 10.25 -8.85
CA VAL C 198 18.06 10.02 -9.75
C VAL C 198 18.53 9.45 -11.09
N LYS C 199 19.46 10.16 -11.74
CA LYS C 199 20.00 9.72 -13.02
C LYS C 199 20.56 8.29 -12.95
N ASN C 200 21.21 7.94 -11.85
CA ASN C 200 21.80 6.62 -11.77
C ASN C 200 20.78 5.52 -11.56
N VAL C 201 19.87 5.63 -10.59
CA VAL C 201 18.88 4.55 -10.45
C VAL C 201 18.12 4.40 -11.73
N ALA C 202 17.74 5.53 -12.35
CA ALA C 202 16.96 5.47 -13.57
C ALA C 202 17.70 4.59 -14.56
N ALA C 203 18.97 4.90 -14.82
CA ALA C 203 19.76 4.08 -15.74
C ALA C 203 19.82 2.63 -15.28
N PHE C 204 20.09 2.41 -13.99
CA PHE C 204 20.09 1.05 -13.47
C PHE C 204 18.75 0.30 -13.73
N VAL C 205 17.64 0.92 -13.36
CA VAL C 205 16.33 0.35 -13.60
C VAL C 205 16.16 0.08 -15.08
N ARG C 206 16.49 1.05 -15.93
CA ARG C 206 16.29 0.86 -17.35
C ARG C 206 17.16 -0.25 -17.95
N LYS C 207 18.47 -0.17 -17.74
CA LYS C 207 19.37 -1.17 -18.32
C LYS C 207 19.36 -2.48 -17.57
N ASP C 208 19.71 -2.47 -16.28
CA ASP C 208 19.91 -3.71 -15.55
C ASP C 208 18.65 -4.42 -15.10
N LEU C 209 17.60 -3.69 -14.74
CA LEU C 209 16.39 -4.38 -14.34
C LEU C 209 15.53 -4.67 -15.54
N ALA C 210 15.21 -3.65 -16.32
CA ALA C 210 14.24 -3.78 -17.38
C ALA C 210 14.82 -4.30 -18.69
N GLY C 211 16.14 -4.30 -18.81
CA GLY C 211 16.80 -4.86 -19.98
C GLY C 211 16.59 -4.07 -21.24
N LEU C 212 16.47 -2.75 -21.08
CA LEU C 212 16.40 -1.81 -22.17
C LEU C 212 17.73 -1.15 -22.36
N PRO C 213 18.07 -0.77 -23.60
CA PRO C 213 19.44 -0.24 -23.73
C PRO C 213 19.51 1.25 -23.41
N LEU C 214 20.68 1.73 -23.00
CA LEU C 214 20.83 3.12 -22.62
C LEU C 214 21.11 3.96 -23.85
N PRO C 215 20.64 5.21 -23.87
CA PRO C 215 20.92 6.09 -25.00
C PRO C 215 22.42 6.24 -25.12
N GLU C 216 22.92 6.62 -26.31
CA GLU C 216 24.36 6.57 -26.53
C GLU C 216 25.01 7.64 -25.70
N GLY C 217 26.22 7.32 -25.23
CA GLY C 217 26.96 8.14 -24.26
C GLY C 217 26.09 8.83 -23.21
N THR C 218 25.48 8.06 -22.32
CA THR C 218 24.87 8.66 -21.17
C THR C 218 25.65 8.02 -20.07
N ASP C 219 26.73 8.68 -19.66
CA ASP C 219 27.57 8.12 -18.59
C ASP C 219 26.85 8.20 -17.24
N ALA C 220 26.13 7.15 -16.92
CA ALA C 220 25.54 7.01 -15.63
C ALA C 220 26.42 6.02 -14.89
N ASP C 221 26.40 6.12 -13.57
CA ASP C 221 27.12 5.18 -12.72
C ASP C 221 26.11 4.14 -12.35
N LEU C 222 26.08 3.05 -13.11
CA LEU C 222 25.15 1.97 -12.86
C LEU C 222 25.38 1.27 -11.51
N SER C 223 26.63 1.20 -11.07
CA SER C 223 26.98 0.68 -9.75
C SER C 223 26.30 1.49 -8.69
N ALA C 224 26.32 2.81 -8.86
CA ALA C 224 25.62 3.68 -7.94
C ALA C 224 24.14 3.37 -8.00
N GLY C 225 23.60 3.40 -9.21
CA GLY C 225 22.19 3.06 -9.42
C GLY C 225 21.84 1.79 -8.66
N LYS C 226 22.64 0.75 -8.90
CA LYS C 226 22.44 -0.54 -8.27
C LYS C 226 22.31 -0.42 -6.77
N ASN C 227 23.27 0.28 -6.16
CA ASN C 227 23.25 0.54 -4.74
C ASN C 227 22.06 1.39 -4.32
N VAL C 228 21.78 2.46 -5.07
CA VAL C 228 20.67 3.31 -4.69
C VAL C 228 19.41 2.43 -4.63
N TYR C 229 19.29 1.54 -5.61
CA TYR C 229 18.09 0.75 -5.78
C TYR C 229 17.95 -0.18 -4.61
N ALA C 230 19.04 -0.84 -4.23
CA ALA C 230 19.00 -1.81 -3.14
C ALA C 230 18.70 -1.11 -1.84
N GLN C 231 19.16 0.13 -1.70
CA GLN C 231 18.99 0.87 -0.46
C GLN C 231 17.57 1.34 -0.28
N THR C 232 16.94 1.76 -1.38
CA THR C 232 15.67 2.47 -1.27
C THR C 232 14.54 1.82 -2.02
N CYS C 233 14.71 1.70 -3.32
CA CYS C 233 13.72 1.10 -4.19
C CYS C 233 13.34 -0.31 -3.83
N ALA C 234 14.32 -1.10 -3.43
CA ALA C 234 14.09 -2.52 -3.33
C ALA C 234 12.99 -2.81 -2.33
N VAL C 235 12.83 -1.90 -1.36
CA VAL C 235 11.92 -2.14 -0.26
C VAL C 235 10.52 -2.30 -0.76
N CYS C 236 10.11 -1.51 -1.74
CA CYS C 236 8.78 -1.61 -2.30
C CYS C 236 8.79 -2.45 -3.58
N HIS C 237 9.79 -2.29 -4.43
CA HIS C 237 9.78 -2.96 -5.74
C HIS C 237 10.46 -4.33 -5.74
N GLY C 238 11.00 -4.74 -4.59
CA GLY C 238 11.78 -5.99 -4.47
C GLY C 238 13.10 -5.84 -5.18
N GLN C 239 14.22 -6.26 -4.58
CA GLN C 239 15.51 -6.08 -5.31
C GLN C 239 15.52 -7.16 -6.30
N GLY C 240 15.84 -6.84 -7.54
CA GLY C 240 15.45 -7.71 -8.64
C GLY C 240 14.24 -7.16 -9.40
N GLY C 241 13.42 -6.36 -8.74
CA GLY C 241 12.36 -5.62 -9.40
C GLY C 241 11.17 -6.49 -9.72
N GLU C 242 10.94 -7.51 -8.89
CA GLU C 242 9.77 -8.37 -9.00
C GLU C 242 8.45 -7.67 -8.65
N GLY C 243 8.51 -6.49 -8.06
CA GLY C 243 7.34 -5.69 -7.73
C GLY C 243 6.70 -6.20 -6.47
N MET C 244 5.78 -5.43 -5.89
CA MET C 244 5.00 -5.89 -4.73
C MET C 244 3.53 -5.52 -4.84
N ALA C 245 2.72 -6.54 -5.15
CA ALA C 245 1.32 -6.33 -5.48
C ALA C 245 0.56 -5.78 -4.29
N ALA C 246 1.07 -6.03 -3.08
CA ALA C 246 0.51 -5.46 -1.84
C ALA C 246 0.44 -3.94 -1.90
N LEU C 247 1.47 -3.31 -2.45
CA LEU C 247 1.59 -1.87 -2.46
C LEU C 247 1.23 -1.28 -3.79
N GLY C 248 0.96 -2.13 -4.78
CA GLY C 248 0.78 -1.63 -6.12
C GLY C 248 2.08 -1.13 -6.72
N ALA C 249 3.20 -1.42 -6.06
CA ALA C 249 4.54 -1.29 -6.64
C ALA C 249 4.70 -2.27 -7.84
N PRO C 250 4.83 -1.71 -9.04
CA PRO C 250 4.86 -2.51 -10.26
C PRO C 250 6.21 -3.12 -10.45
N LYS C 251 6.28 -4.22 -11.20
CA LYS C 251 7.58 -4.88 -11.41
C LYS C 251 8.42 -4.01 -12.32
N LEU C 252 9.72 -4.03 -12.08
CA LEU C 252 10.66 -3.15 -12.73
C LEU C 252 11.62 -3.94 -13.57
N ASN C 253 11.51 -5.25 -13.55
CA ASN C 253 12.35 -6.10 -14.38
C ASN C 253 11.74 -6.29 -15.78
N SER C 254 10.71 -5.53 -16.09
CA SER C 254 10.18 -5.53 -17.43
C SER C 254 9.35 -4.26 -17.65
N ALA C 255 9.66 -3.56 -18.74
CA ALA C 255 9.00 -2.30 -18.99
C ALA C 255 7.59 -2.54 -19.46
N ALA C 256 7.27 -3.81 -19.70
CA ALA C 256 6.02 -4.18 -20.36
C ALA C 256 4.81 -3.54 -19.72
N GLY C 257 4.77 -3.54 -18.39
CA GLY C 257 3.58 -3.09 -17.70
C GLY C 257 3.66 -1.71 -17.13
N TRP C 258 4.57 -0.88 -17.64
CA TRP C 258 4.80 0.42 -17.01
C TRP C 258 3.80 1.43 -17.57
N ILE C 259 3.18 2.20 -16.72
CA ILE C 259 2.26 3.19 -17.23
C ILE C 259 2.86 4.58 -17.38
N TYR C 260 4.11 4.81 -16.92
CA TYR C 260 4.69 6.15 -17.07
C TYR C 260 5.82 6.29 -18.10
N GLY C 261 5.85 5.38 -19.07
CA GLY C 261 6.90 5.40 -20.07
C GLY C 261 8.15 4.71 -19.61
N SER C 262 9.08 4.51 -20.52
CA SER C 262 10.21 3.69 -20.17
C SER C 262 11.50 4.34 -20.59
N SER C 263 11.40 5.55 -21.12
CA SER C 263 12.58 6.31 -21.57
C SER C 263 13.33 6.73 -20.34
N LEU C 264 14.65 6.84 -20.46
CA LEU C 264 15.47 7.22 -19.33
C LEU C 264 14.86 8.48 -18.72
N GLY C 265 14.56 9.45 -19.55
CA GLY C 265 14.05 10.70 -19.05
C GLY C 265 12.79 10.52 -18.27
N GLN C 266 11.89 9.68 -18.77
CA GLN C 266 10.64 9.46 -18.04
C GLN C 266 10.86 8.78 -16.69
N LEU C 267 11.75 7.78 -16.66
CA LEU C 267 12.09 7.11 -15.42
C LEU C 267 12.60 8.18 -14.46
N GLN C 268 13.47 9.02 -14.97
CA GLN C 268 14.01 10.04 -14.14
C GLN C 268 12.89 10.87 -13.53
N GLN C 269 11.85 11.15 -14.29
CA GLN C 269 10.80 11.99 -13.75
C GLN C 269 9.95 11.24 -12.71
N THR C 270 9.67 9.97 -13.00
CA THR C 270 8.94 9.17 -12.07
C THR C 270 9.72 9.13 -10.77
N ILE C 271 10.99 8.75 -10.87
CA ILE C 271 11.89 8.65 -9.71
C ILE C 271 12.10 9.98 -8.95
N ARG C 272 12.22 11.07 -9.69
CA ARG C 272 12.54 12.34 -9.10
C ARG C 272 11.34 12.89 -8.35
N HIS C 273 10.15 12.83 -8.95
CA HIS C 273 8.96 13.49 -8.39
C HIS C 273 7.86 12.57 -7.89
N GLY C 274 8.04 11.27 -7.98
CA GLY C 274 7.02 10.34 -7.50
C GLY C 274 5.86 10.16 -8.46
N ARG C 275 4.93 9.28 -8.08
CA ARG C 275 3.72 9.05 -8.85
C ARG C 275 2.62 8.75 -7.88
N ASN C 276 1.40 9.20 -8.20
CA ASN C 276 0.20 8.88 -7.44
C ASN C 276 -1.02 8.42 -8.20
N GLY C 277 -0.90 7.30 -8.87
CA GLY C 277 -2.03 6.75 -9.63
C GLY C 277 -3.30 6.62 -8.83
N GLN C 278 -4.42 6.99 -9.44
CA GLN C 278 -5.68 6.75 -8.80
C GLN C 278 -6.63 6.04 -9.71
N MET C 279 -7.12 4.93 -9.18
CA MET C 279 -8.19 4.20 -9.76
C MET C 279 -9.37 4.47 -8.80
N PRO C 280 -10.34 5.26 -9.27
CA PRO C 280 -11.51 5.67 -8.53
C PRO C 280 -12.37 4.49 -8.13
N ALA C 281 -12.95 4.53 -6.93
CA ALA C 281 -13.74 3.42 -6.43
C ALA C 281 -15.09 3.45 -7.12
N GLN C 282 -15.62 2.26 -7.45
CA GLN C 282 -16.87 2.15 -8.20
C GLN C 282 -18.03 1.67 -7.37
N GLN C 283 -17.75 1.28 -6.15
CA GLN C 283 -18.75 0.81 -5.19
C GLN C 283 -19.96 1.75 -5.11
N GLN C 284 -19.71 3.04 -5.16
CA GLN C 284 -20.73 4.05 -5.05
C GLN C 284 -21.43 4.30 -6.37
N TYR C 285 -20.67 4.47 -7.46
CA TYR C 285 -21.29 4.74 -8.77
C TYR C 285 -22.00 3.52 -9.31
N LEU C 286 -21.44 2.33 -9.16
CA LEU C 286 -21.95 1.21 -9.91
C LEU C 286 -22.64 0.19 -9.07
N GLY C 287 -22.26 0.10 -7.80
CA GLY C 287 -22.88 -0.88 -6.91
C GLY C 287 -22.27 -2.26 -7.06
N ASP C 288 -22.46 -3.12 -6.07
CA ASP C 288 -21.82 -4.44 -6.04
C ASP C 288 -22.03 -5.29 -7.30
N ASP C 289 -23.28 -5.33 -7.78
CA ASP C 289 -23.63 -6.13 -8.97
C ASP C 289 -22.85 -5.80 -10.22
N LYS C 290 -23.01 -4.58 -10.74
CA LYS C 290 -22.19 -4.14 -11.88
C LYS C 290 -20.69 -4.41 -11.68
N VAL C 291 -20.16 -4.02 -10.52
CA VAL C 291 -18.75 -4.23 -10.20
C VAL C 291 -18.33 -5.69 -10.30
N HIS C 292 -19.18 -6.59 -9.84
CA HIS C 292 -18.87 -8.01 -9.88
C HIS C 292 -18.68 -8.43 -11.33
N LEU C 293 -19.64 -8.07 -12.18
CA LEU C 293 -19.54 -8.37 -13.59
C LEU C 293 -18.31 -7.77 -14.22
N LEU C 294 -17.94 -6.56 -13.80
CA LEU C 294 -16.80 -5.85 -14.41
C LEU C 294 -15.50 -6.55 -14.05
N ALA C 295 -15.47 -7.08 -12.82
CA ALA C 295 -14.30 -7.79 -12.37
C ALA C 295 -14.17 -9.05 -13.23
N ALA C 296 -15.30 -9.72 -13.46
CA ALA C 296 -15.29 -10.91 -14.28
C ALA C 296 -14.80 -10.56 -15.67
N TYR C 297 -15.27 -9.45 -16.21
CA TYR C 297 -14.88 -9.02 -17.54
C TYR C 297 -13.37 -8.84 -17.66
N VAL C 298 -12.82 -8.03 -16.76
CA VAL C 298 -11.38 -7.73 -16.74
C VAL C 298 -10.56 -9.00 -16.57
N TYR C 299 -10.98 -9.85 -15.63
CA TYR C 299 -10.37 -11.14 -15.43
C TYR C 299 -10.33 -11.94 -16.72
N SER C 300 -11.45 -11.96 -17.45
CA SER C 300 -11.57 -12.68 -18.71
C SER C 300 -10.51 -12.21 -19.71
N LEU C 301 -10.42 -10.90 -19.94
CA LEU C 301 -9.47 -10.29 -20.86
C LEU C 301 -8.12 -11.00 -21.06
N SER C 302 -7.52 -11.46 -19.96
CA SER C 302 -6.19 -12.08 -19.97
C SER C 302 -6.24 -13.63 -20.01
N GLN C 303 -6.83 -14.16 -21.08
CA GLN C 303 -6.85 -15.61 -21.34
C GLN C 303 -7.58 -16.07 -22.61
N ALA D 8 -68.64 -21.01 15.35
CA ALA D 8 -67.25 -21.21 14.84
C ALA D 8 -66.28 -20.28 15.55
N TYR D 9 -65.22 -20.83 16.14
CA TYR D 9 -64.29 -20.04 16.94
C TYR D 9 -63.77 -18.87 16.13
N SER D 10 -63.62 -17.72 16.78
CA SER D 10 -63.02 -16.54 16.17
C SER D 10 -61.49 -16.71 16.15
N TYR D 11 -60.98 -17.18 15.01
CA TYR D 11 -59.56 -17.47 14.84
C TYR D 11 -58.80 -16.28 14.24
N LYS D 12 -59.52 -15.22 13.90
CA LYS D 12 -58.94 -14.05 13.25
C LYS D 12 -57.83 -13.42 14.08
N VAL D 13 -58.16 -13.10 15.33
CA VAL D 13 -57.24 -12.42 16.23
C VAL D 13 -56.02 -13.30 16.54
N VAL D 14 -56.28 -14.56 16.86
CA VAL D 14 -55.22 -15.54 17.13
C VAL D 14 -54.22 -15.61 15.99
N ARG D 15 -54.71 -15.54 14.76
CA ARG D 15 -53.87 -15.58 13.58
C ARG D 15 -52.89 -14.39 13.55
N GLN D 16 -53.42 -13.19 13.81
CA GLN D 16 -52.62 -11.97 13.86
C GLN D 16 -51.54 -12.05 14.94
N PHE D 17 -51.98 -12.28 16.18
CA PHE D 17 -51.06 -12.40 17.31
C PHE D 17 -50.02 -13.49 17.15
N ALA D 18 -50.39 -14.61 16.54
CA ALA D 18 -49.45 -15.69 16.27
C ALA D 18 -48.30 -15.20 15.39
N ILE D 19 -48.63 -14.67 14.22
CA ILE D 19 -47.63 -14.14 13.28
C ILE D 19 -46.78 -13.09 13.98
N MET D 20 -47.44 -12.14 14.63
CA MET D 20 -46.73 -11.08 15.34
C MET D 20 -45.83 -11.58 16.48
N THR D 21 -46.19 -12.71 17.10
CA THR D 21 -45.32 -13.35 18.09
C THR D 21 -43.98 -13.76 17.47
N VAL D 22 -44.03 -14.38 16.30
CA VAL D 22 -42.79 -14.75 15.62
C VAL D 22 -42.02 -13.50 15.17
N VAL D 23 -42.74 -12.50 14.65
CA VAL D 23 -42.11 -11.27 14.21
C VAL D 23 -41.40 -10.56 15.36
N TRP D 24 -42.10 -10.36 16.47
CA TRP D 24 -41.49 -9.69 17.63
C TRP D 24 -40.39 -10.54 18.27
N GLY D 25 -40.58 -11.85 18.29
CA GLY D 25 -39.52 -12.78 18.70
C GLY D 25 -38.21 -12.45 17.99
N ILE D 26 -38.26 -12.44 16.66
CA ILE D 26 -37.10 -12.06 15.85
C ILE D 26 -36.55 -10.70 16.29
N VAL D 27 -37.36 -9.64 16.18
CA VAL D 27 -36.93 -8.28 16.48
C VAL D 27 -36.36 -8.19 17.89
N GLY D 28 -37.05 -8.78 18.84
CA GLY D 28 -36.67 -8.74 20.25
C GLY D 28 -35.36 -9.44 20.47
N MET D 29 -35.26 -10.68 20.01
CA MET D 29 -34.05 -11.47 20.23
C MET D 29 -32.89 -10.99 19.40
N GLY D 30 -33.19 -10.41 18.25
CA GLY D 30 -32.17 -9.78 17.41
C GLY D 30 -31.49 -8.70 18.22
N LEU D 31 -32.30 -7.77 18.72
CA LEU D 31 -31.84 -6.73 19.64
C LEU D 31 -30.99 -7.29 20.76
N GLY D 32 -31.46 -8.41 21.33
CA GLY D 32 -30.71 -9.12 22.36
C GLY D 32 -29.31 -9.46 21.87
N VAL D 33 -29.22 -10.17 20.76
CA VAL D 33 -27.93 -10.49 20.16
C VAL D 33 -27.09 -9.21 19.99
N PHE D 34 -27.70 -8.18 19.44
CA PHE D 34 -26.99 -6.97 19.14
C PHE D 34 -26.38 -6.35 20.40
N ILE D 35 -27.20 -6.10 21.41
CA ILE D 35 -26.68 -5.51 22.63
C ILE D 35 -25.70 -6.45 23.33
N ALA D 36 -25.87 -7.76 23.16
CA ALA D 36 -24.90 -8.74 23.71
C ALA D 36 -23.55 -8.49 23.06
N ALA D 37 -23.59 -8.19 21.76
CA ALA D 37 -22.40 -7.91 20.98
C ALA D 37 -21.79 -6.58 21.42
N GLN D 38 -22.64 -5.61 21.77
CA GLN D 38 -22.14 -4.32 22.21
C GLN D 38 -21.35 -4.46 23.50
N LEU D 39 -21.73 -5.43 24.33
CA LEU D 39 -21.00 -5.64 25.59
C LEU D 39 -19.64 -6.23 25.34
N ALA D 40 -19.50 -6.94 24.22
CA ALA D 40 -18.23 -7.56 23.84
C ALA D 40 -17.36 -6.55 23.11
N TRP D 41 -17.97 -5.83 22.17
CA TRP D 41 -17.26 -4.95 21.27
C TRP D 41 -17.97 -3.61 21.22
N PRO D 42 -17.58 -2.66 22.12
CA PRO D 42 -18.31 -1.41 22.34
C PRO D 42 -18.45 -0.54 21.11
N PHE D 43 -17.64 -0.75 20.09
CA PHE D 43 -17.72 0.07 18.90
C PHE D 43 -19.10 -0.06 18.27
N LEU D 44 -19.80 -1.15 18.58
CA LEU D 44 -21.10 -1.41 18.00
C LEU D 44 -22.15 -0.47 18.59
N ASN D 45 -21.73 0.32 19.56
CA ASN D 45 -22.54 1.40 20.08
C ASN D 45 -22.73 2.48 19.00
N PHE D 46 -21.68 2.65 18.17
CA PHE D 46 -21.65 3.55 17.02
C PHE D 46 -21.72 5.03 17.34
N ASP D 47 -21.30 5.44 18.53
CA ASP D 47 -21.36 6.84 18.96
C ASP D 47 -22.65 7.56 18.54
N LEU D 48 -23.78 6.84 18.62
CA LEU D 48 -25.10 7.41 18.38
C LEU D 48 -25.97 7.23 19.60
N PRO D 49 -26.71 8.30 19.99
CA PRO D 49 -27.58 8.22 21.15
C PRO D 49 -28.61 7.09 21.05
N TRP D 50 -29.21 6.90 19.87
CA TRP D 50 -30.32 5.96 19.69
C TRP D 50 -29.88 4.52 19.53
N THR D 51 -28.59 4.28 19.40
CA THR D 51 -28.12 2.93 19.17
C THR D 51 -27.16 2.51 20.28
N SER D 52 -26.92 3.40 21.24
CA SER D 52 -26.08 3.05 22.37
C SER D 52 -26.80 2.03 23.28
N PHE D 53 -26.00 1.27 24.01
CA PHE D 53 -26.48 0.19 24.86
C PHE D 53 -27.53 0.59 25.89
N GLY D 54 -27.26 1.69 26.59
CA GLY D 54 -28.12 2.15 27.68
C GLY D 54 -29.57 2.27 27.25
N ARG D 55 -29.77 2.68 25.99
CA ARG D 55 -31.09 2.97 25.44
C ARG D 55 -31.64 1.74 24.80
N LEU D 56 -30.79 0.99 24.14
CA LEU D 56 -31.29 -0.20 23.46
C LEU D 56 -31.70 -1.28 24.43
N ARG D 57 -31.02 -1.37 25.57
CA ARG D 57 -31.32 -2.42 26.55
C ARG D 57 -32.81 -2.58 26.87
N PRO D 58 -33.46 -1.54 27.45
CA PRO D 58 -34.89 -1.65 27.74
C PRO D 58 -35.75 -1.89 26.49
N LEU D 59 -35.25 -1.55 25.29
CA LEU D 59 -35.92 -1.99 24.07
C LEU D 59 -35.88 -3.51 23.96
N HIS D 60 -34.71 -4.15 24.10
CA HIS D 60 -34.64 -5.63 24.12
C HIS D 60 -35.64 -6.16 25.13
N THR D 61 -35.49 -5.66 26.35
CA THR D 61 -36.35 -6.01 27.45
C THR D 61 -37.85 -5.93 27.14
N ASN D 62 -38.33 -4.75 26.74
CA ASN D 62 -39.74 -4.56 26.45
C ASN D 62 -40.20 -5.32 25.22
N ALA D 63 -39.40 -5.29 24.17
CA ALA D 63 -39.68 -6.03 22.94
C ALA D 63 -39.81 -7.51 23.26
N VAL D 64 -38.96 -8.01 24.14
CA VAL D 64 -38.88 -9.43 24.34
C VAL D 64 -39.98 -9.95 25.28
N ILE D 65 -40.33 -9.16 26.29
CA ILE D 65 -41.35 -9.55 27.26
C ILE D 65 -42.73 -9.19 26.76
N PHE D 66 -42.95 -7.89 26.51
CA PHE D 66 -44.30 -7.39 26.22
C PHE D 66 -44.66 -7.59 24.77
N ALA D 67 -43.67 -7.50 23.88
CA ALA D 67 -43.94 -7.74 22.47
C ALA D 67 -43.99 -9.24 22.14
N PHE D 68 -42.89 -9.95 22.37
CA PHE D 68 -42.82 -11.40 22.13
C PHE D 68 -43.71 -12.18 23.11
N GLY D 69 -43.34 -12.16 24.39
CA GLY D 69 -44.13 -12.82 25.44
C GLY D 69 -45.56 -12.37 25.45
N GLY D 70 -45.77 -11.05 25.33
CA GLY D 70 -47.09 -10.47 25.25
C GLY D 70 -47.96 -11.09 24.16
N CYS D 71 -47.47 -11.03 22.92
CA CYS D 71 -48.25 -11.52 21.78
C CYS D 71 -48.47 -13.02 21.88
N ALA D 72 -47.47 -13.73 22.36
CA ALA D 72 -47.59 -15.16 22.63
C ALA D 72 -48.78 -15.43 23.56
N LEU D 73 -48.88 -14.64 24.64
CA LEU D 73 -49.97 -14.75 25.61
C LEU D 73 -51.33 -14.48 25.00
N PHE D 74 -51.43 -13.42 24.19
CA PHE D 74 -52.65 -13.11 23.47
C PHE D 74 -53.03 -14.26 22.55
N ALA D 75 -52.11 -14.63 21.66
CA ALA D 75 -52.33 -15.71 20.70
C ALA D 75 -52.75 -16.98 21.44
N THR D 76 -52.01 -17.31 22.49
CA THR D 76 -52.28 -18.50 23.27
C THR D 76 -53.63 -18.43 24.00
N SER D 77 -53.85 -17.38 24.80
CA SER D 77 -55.08 -17.28 25.60
C SER D 77 -56.34 -17.23 24.74
N TYR D 78 -56.31 -16.44 23.67
CA TYR D 78 -57.46 -16.34 22.75
C TYR D 78 -57.80 -17.67 22.08
N TYR D 79 -56.77 -18.42 21.69
CA TYR D 79 -56.96 -19.78 21.18
C TYR D 79 -57.43 -20.70 22.31
N SER D 80 -56.62 -20.82 23.36
CA SER D 80 -56.92 -21.68 24.51
C SER D 80 -58.29 -21.46 25.14
N VAL D 81 -58.61 -20.21 25.51
CA VAL D 81 -59.86 -19.93 26.20
C VAL D 81 -61.11 -20.32 25.38
N GLN D 82 -61.12 -19.98 24.09
CA GLN D 82 -62.23 -20.30 23.22
C GLN D 82 -62.54 -21.80 23.22
N ARG D 83 -61.50 -22.61 23.00
CA ARG D 83 -61.67 -24.07 22.91
C ARG D 83 -61.89 -24.70 24.28
N THR D 84 -61.11 -24.26 25.26
CA THR D 84 -61.14 -24.82 26.61
C THR D 84 -62.50 -24.67 27.29
N CYS D 85 -63.33 -23.76 26.78
CA CYS D 85 -64.70 -23.65 27.28
C CYS D 85 -65.79 -23.60 26.19
N GLN D 86 -65.35 -23.73 24.93
CA GLN D 86 -66.19 -24.05 23.77
C GLN D 86 -67.21 -23.01 23.32
N THR D 87 -66.76 -21.77 23.18
CA THR D 87 -67.53 -20.69 22.55
C THR D 87 -66.62 -19.70 21.84
N THR D 88 -67.18 -18.92 20.92
CA THR D 88 -66.44 -17.84 20.25
C THR D 88 -66.07 -16.77 21.27
N LEU D 89 -64.89 -16.17 21.09
CA LEU D 89 -64.43 -15.06 21.91
C LEU D 89 -65.50 -14.00 22.10
N PHE D 90 -65.73 -13.63 23.36
CA PHE D 90 -66.66 -12.57 23.71
C PHE D 90 -66.18 -11.25 23.11
N ALA D 91 -67.07 -10.57 22.38
CA ALA D 91 -66.75 -9.35 21.64
C ALA D 91 -65.51 -9.50 20.75
N PRO D 92 -65.68 -10.10 19.55
CA PRO D 92 -64.54 -10.35 18.66
C PRO D 92 -63.88 -9.08 18.15
N LYS D 93 -64.65 -7.98 18.10
CA LYS D 93 -64.12 -6.69 17.70
C LYS D 93 -63.26 -6.06 18.79
N LEU D 94 -63.70 -6.18 20.05
CA LEU D 94 -62.91 -5.68 21.18
C LEU D 94 -61.58 -6.42 21.27
N ALA D 95 -61.58 -7.68 20.82
CA ALA D 95 -60.35 -8.47 20.71
C ALA D 95 -59.46 -7.95 19.58
N ALA D 96 -60.08 -7.55 18.46
CA ALA D 96 -59.34 -6.96 17.35
C ALA D 96 -58.66 -5.66 17.81
N PHE D 97 -59.39 -4.84 18.56
CA PHE D 97 -58.81 -3.67 19.19
C PHE D 97 -57.55 -4.04 19.97
N THR D 98 -57.65 -5.03 20.87
CA THR D 98 -56.51 -5.47 21.68
C THR D 98 -55.33 -5.96 20.86
N PHE D 99 -55.57 -6.29 19.59
CA PHE D 99 -54.43 -6.59 18.72
C PHE D 99 -53.73 -5.30 18.33
N TRP D 100 -54.41 -4.43 17.58
CA TRP D 100 -53.82 -3.19 17.11
C TRP D 100 -53.39 -2.28 18.26
N GLY D 101 -54.19 -2.25 19.32
CA GLY D 101 -53.85 -1.53 20.53
C GLY D 101 -52.47 -1.95 21.04
N TRP D 102 -52.29 -3.26 21.16
CA TRP D 102 -51.02 -3.84 21.60
C TRP D 102 -49.87 -3.58 20.64
N GLN D 103 -50.16 -3.64 19.34
CA GLN D 103 -49.16 -3.38 18.31
C GLN D 103 -48.72 -1.93 18.40
N LEU D 104 -49.69 -1.04 18.59
CA LEU D 104 -49.41 0.38 18.78
C LEU D 104 -48.54 0.62 20.01
N VAL D 105 -48.78 -0.14 21.07
CA VAL D 105 -47.94 -0.07 22.26
C VAL D 105 -46.50 -0.42 21.92
N ILE D 106 -46.31 -1.57 21.27
CA ILE D 106 -44.96 -2.03 20.90
C ILE D 106 -44.26 -1.03 20.00
N LEU D 107 -44.98 -0.53 19.00
CA LEU D 107 -44.46 0.44 18.05
C LEU D 107 -44.06 1.75 18.76
N LEU D 108 -44.87 2.18 19.73
CA LEU D 108 -44.51 3.34 20.55
C LEU D 108 -43.25 3.08 21.37
N ALA D 109 -43.13 1.87 21.92
CA ALA D 109 -41.94 1.45 22.66
C ALA D 109 -40.73 1.57 21.77
N ALA D 110 -40.84 1.02 20.55
CA ALA D 110 -39.73 1.04 19.59
C ALA D 110 -39.26 2.46 19.34
N ILE D 111 -40.19 3.37 19.08
CA ILE D 111 -39.85 4.76 18.83
C ILE D 111 -39.38 5.47 20.12
N SER D 112 -40.15 5.35 21.19
CA SER D 112 -39.92 6.14 22.40
C SER D 112 -38.62 5.81 23.16
N LEU D 113 -38.26 4.53 23.24
CA LEU D 113 -37.10 4.14 24.05
C LEU D 113 -35.71 4.54 23.50
N PRO D 114 -35.45 4.35 22.19
CA PRO D 114 -34.18 4.81 21.67
C PRO D 114 -34.13 6.31 21.62
N LEU D 115 -35.29 6.95 21.51
CA LEU D 115 -35.36 8.39 21.61
C LEU D 115 -35.04 8.96 23.01
N GLY D 116 -35.02 8.09 24.02
CA GLY D 116 -34.64 8.48 25.38
C GLY D 116 -35.75 8.70 26.38
N PHE D 117 -37.00 8.46 25.98
CA PHE D 117 -38.13 8.66 26.89
C PHE D 117 -38.42 7.43 27.73
N THR D 118 -37.75 7.33 28.87
CA THR D 118 -37.89 6.18 29.76
C THR D 118 -38.10 6.62 31.21
N SER D 119 -39.00 5.93 31.92
CA SER D 119 -39.25 6.21 33.33
C SER D 119 -38.10 5.68 34.19
N SER D 120 -37.24 4.88 33.57
CA SER D 120 -36.11 4.18 34.21
C SER D 120 -36.52 2.94 35.02
N LYS D 121 -37.79 2.84 35.41
CA LYS D 121 -38.29 1.70 36.18
C LYS D 121 -38.24 0.43 35.33
N GLU D 122 -37.59 -0.61 35.85
CA GLU D 122 -37.37 -1.82 35.05
C GLU D 122 -38.66 -2.50 34.64
N TYR D 123 -38.80 -2.79 33.36
CA TYR D 123 -39.99 -3.44 32.77
C TYR D 123 -41.23 -2.58 32.90
N ALA D 124 -41.02 -1.30 33.18
CA ALA D 124 -42.12 -0.35 33.31
C ALA D 124 -41.60 0.96 32.74
N GLU D 125 -40.71 0.83 31.78
CA GLU D 125 -39.86 1.91 31.36
C GLU D 125 -40.60 2.95 30.51
N LEU D 126 -41.66 2.52 29.83
CA LEU D 126 -42.40 3.40 28.93
C LEU D 126 -43.07 4.56 29.66
N GLU D 127 -43.09 5.71 29.02
CA GLU D 127 -43.61 6.92 29.68
C GLU D 127 -45.14 7.01 29.80
N TRP D 128 -45.61 7.93 30.63
CA TRP D 128 -47.01 7.94 31.06
C TRP D 128 -48.07 7.82 29.96
N PRO D 129 -47.91 8.52 28.81
CA PRO D 129 -49.01 8.38 27.83
C PRO D 129 -49.16 6.95 27.36
N ILE D 130 -48.04 6.24 27.25
CA ILE D 130 -48.08 4.84 26.87
C ILE D 130 -48.70 3.97 27.98
N ASP D 131 -48.43 4.31 29.24
CA ASP D 131 -49.03 3.58 30.37
C ASP D 131 -50.55 3.70 30.40
N ILE D 132 -51.07 4.87 30.01
CA ILE D 132 -52.50 5.05 29.85
C ILE D 132 -52.99 4.13 28.74
N LEU D 133 -52.30 4.11 27.61
CA LEU D 133 -52.68 3.25 26.49
C LEU D 133 -52.69 1.78 26.88
N ILE D 134 -51.60 1.32 27.48
CA ILE D 134 -51.53 -0.05 27.98
C ILE D 134 -52.76 -0.40 28.83
N THR D 135 -53.05 0.43 29.83
CA THR D 135 -54.19 0.19 30.71
C THR D 135 -55.48 0.00 29.92
N ILE D 136 -55.70 0.87 28.92
CA ILE D 136 -56.89 0.79 28.07
C ILE D 136 -56.93 -0.55 27.34
N VAL D 137 -55.83 -0.91 26.70
CA VAL D 137 -55.74 -2.18 25.98
C VAL D 137 -55.92 -3.37 26.93
N TRP D 138 -55.34 -3.28 28.12
CA TRP D 138 -55.43 -4.35 29.10
C TRP D 138 -56.86 -4.54 29.63
N VAL D 139 -57.51 -3.45 30.00
CA VAL D 139 -58.91 -3.49 30.41
C VAL D 139 -59.75 -4.17 29.32
N ALA D 140 -59.53 -3.76 28.08
CA ALA D 140 -60.22 -4.34 26.92
C ALA D 140 -59.98 -5.84 26.83
N TYR D 141 -58.72 -6.25 26.98
CA TYR D 141 -58.33 -7.65 26.97
C TYR D 141 -58.99 -8.44 28.10
N ALA D 142 -59.02 -7.85 29.30
CA ALA D 142 -59.67 -8.46 30.46
C ALA D 142 -61.14 -8.76 30.19
N VAL D 143 -61.83 -7.77 29.62
CA VAL D 143 -63.23 -7.90 29.22
C VAL D 143 -63.42 -9.02 28.18
N VAL D 144 -62.55 -9.04 27.17
CA VAL D 144 -62.61 -10.10 26.15
C VAL D 144 -62.40 -11.49 26.74
N PHE D 145 -61.41 -11.64 27.61
CA PHE D 145 -61.09 -12.94 28.21
C PHE D 145 -62.16 -13.39 29.19
N PHE D 146 -62.37 -12.61 30.24
CA PHE D 146 -63.34 -12.93 31.28
C PHE D 146 -64.77 -13.04 30.76
N GLY D 147 -65.06 -12.27 29.71
CA GLY D 147 -66.33 -12.36 29.00
C GLY D 147 -66.50 -13.71 28.33
N THR D 148 -65.42 -14.21 27.70
CA THR D 148 -65.46 -15.52 27.05
C THR D 148 -65.70 -16.64 28.06
N LEU D 149 -65.06 -16.51 29.22
CA LEU D 149 -65.33 -17.40 30.34
C LEU D 149 -66.78 -17.30 30.79
N ALA D 150 -67.25 -16.08 31.00
CA ALA D 150 -68.61 -15.82 31.48
C ALA D 150 -69.71 -16.39 30.58
N LYS D 151 -69.38 -16.65 29.31
CA LYS D 151 -70.36 -17.22 28.38
C LYS D 151 -69.91 -18.59 27.81
N ARG D 152 -69.22 -19.36 28.65
CA ARG D 152 -68.78 -20.72 28.31
C ARG D 152 -69.96 -21.71 28.23
N LYS D 153 -69.65 -22.96 27.89
CA LYS D 153 -70.66 -24.01 27.83
C LYS D 153 -70.62 -24.94 29.04
N VAL D 154 -69.43 -25.44 29.37
CA VAL D 154 -69.23 -26.35 30.51
C VAL D 154 -69.44 -25.64 31.85
N LYS D 155 -69.85 -26.40 32.86
CA LYS D 155 -70.01 -25.87 34.22
C LYS D 155 -68.65 -25.49 34.79
N HIS D 156 -67.66 -26.34 34.59
CA HIS D 156 -66.32 -26.13 35.14
C HIS D 156 -65.46 -25.25 34.23
N ILE D 157 -64.54 -24.51 34.85
CA ILE D 157 -63.56 -23.70 34.13
C ILE D 157 -62.22 -24.42 34.25
N TYR D 158 -61.61 -24.73 33.12
CA TYR D 158 -60.34 -25.42 33.11
C TYR D 158 -59.26 -24.67 33.92
N VAL D 159 -58.40 -25.43 34.60
CA VAL D 159 -57.34 -24.87 35.46
C VAL D 159 -56.35 -23.99 34.67
N GLY D 160 -56.25 -24.24 33.36
CA GLY D 160 -55.46 -23.41 32.45
C GLY D 160 -55.89 -21.96 32.50
N ASN D 161 -57.20 -21.76 32.60
CA ASN D 161 -57.77 -20.41 32.65
C ASN D 161 -57.76 -19.75 34.04
N TRP D 162 -57.49 -20.54 35.08
CA TRP D 162 -57.24 -19.99 36.40
C TRP D 162 -55.96 -19.19 36.33
N PHE D 163 -54.95 -19.78 35.69
CA PHE D 163 -53.67 -19.13 35.52
C PHE D 163 -53.79 -17.91 34.61
N PHE D 164 -54.37 -18.07 33.43
CA PHE D 164 -54.60 -16.93 32.55
C PHE D 164 -55.37 -15.84 33.26
N GLY D 165 -56.50 -16.22 33.85
CA GLY D 165 -57.35 -15.30 34.60
C GLY D 165 -56.56 -14.48 35.60
N ALA D 166 -55.82 -15.18 36.45
CA ALA D 166 -54.98 -14.56 37.47
C ALA D 166 -54.01 -13.57 36.84
N PHE D 167 -53.17 -14.09 35.95
CA PHE D 167 -52.24 -13.28 35.18
C PHE D 167 -52.87 -11.97 34.69
N ILE D 168 -54.07 -12.04 34.12
CA ILE D 168 -54.72 -10.85 33.57
C ILE D 168 -55.04 -9.80 34.65
N LEU D 169 -55.75 -10.21 35.69
CA LEU D 169 -56.11 -9.31 36.78
C LEU D 169 -54.88 -8.72 37.47
N THR D 170 -53.99 -9.60 37.91
CA THR D 170 -52.86 -9.19 38.74
C THR D 170 -51.86 -8.30 38.00
N VAL D 171 -51.67 -8.55 36.71
CA VAL D 171 -50.85 -7.67 35.86
C VAL D 171 -51.46 -6.27 35.80
N ALA D 172 -52.79 -6.21 35.66
CA ALA D 172 -53.53 -4.95 35.66
C ALA D 172 -53.30 -4.14 36.93
N ILE D 173 -53.46 -4.77 38.09
CA ILE D 173 -53.18 -4.13 39.37
C ILE D 173 -51.72 -3.66 39.41
N LEU D 174 -50.80 -4.61 39.27
CA LEU D 174 -49.37 -4.34 39.15
C LEU D 174 -49.05 -3.10 38.31
N HIS D 175 -49.54 -3.09 37.08
CA HIS D 175 -49.23 -2.04 36.12
C HIS D 175 -49.69 -0.65 36.58
N VAL D 176 -50.93 -0.57 37.05
CA VAL D 176 -51.47 0.72 37.47
C VAL D 176 -50.70 1.30 38.68
N VAL D 177 -50.55 0.47 39.72
CA VAL D 177 -49.87 0.88 40.95
C VAL D 177 -48.44 1.39 40.71
N ASN D 178 -47.63 0.58 40.03
CA ASN D 178 -46.21 0.92 39.86
C ASN D 178 -45.96 2.07 38.87
N ASN D 179 -47.01 2.46 38.14
CA ASN D 179 -46.89 3.53 37.17
C ASN D 179 -47.64 4.80 37.55
N LEU D 180 -48.03 4.91 38.82
CA LEU D 180 -48.52 6.19 39.34
C LEU D 180 -47.36 7.19 39.33
N GLU D 181 -47.55 8.27 38.58
CA GLU D 181 -46.46 9.20 38.28
C GLU D 181 -47.03 10.57 37.88
N ILE D 182 -46.48 11.64 38.44
CA ILE D 182 -46.88 12.97 38.03
C ILE D 182 -46.27 13.27 36.67
N PRO D 183 -47.12 13.57 35.67
CA PRO D 183 -46.58 13.98 34.39
C PRO D 183 -46.02 15.39 34.49
N VAL D 184 -44.85 15.59 33.92
CA VAL D 184 -44.22 16.92 33.85
C VAL D 184 -44.45 17.51 32.46
N THR D 185 -44.10 16.73 31.43
CA THR D 185 -44.35 17.09 30.03
C THR D 185 -44.93 15.89 29.29
N ALA D 186 -44.99 16.01 27.95
CA ALA D 186 -45.56 14.96 27.11
C ALA D 186 -44.98 13.58 27.43
N MET D 187 -43.65 13.50 27.44
CA MET D 187 -42.99 12.22 27.62
C MET D 187 -42.06 12.17 28.84
N LYS D 188 -42.45 12.84 29.92
CA LYS D 188 -41.65 12.85 31.13
C LYS D 188 -42.52 12.91 32.36
N SER D 189 -42.37 11.92 33.23
CA SER D 189 -43.10 11.87 34.48
C SER D 189 -42.16 11.52 35.62
N TYR D 190 -42.54 11.87 36.84
CA TYR D 190 -41.80 11.42 38.02
C TYR D 190 -42.63 10.42 38.79
N SER D 191 -41.98 9.34 39.22
CA SER D 191 -42.62 8.31 40.03
C SER D 191 -43.26 8.93 41.26
N LEU D 192 -44.40 8.38 41.64
CA LEU D 192 -45.08 8.80 42.85
C LEU D 192 -44.18 8.55 44.07
N TYR D 193 -43.40 7.49 44.00
CA TYR D 193 -42.61 7.01 45.14
C TYR D 193 -41.16 7.42 45.01
N ALA D 194 -40.38 7.25 46.08
CA ALA D 194 -38.95 7.52 46.06
C ALA D 194 -38.19 6.55 46.97
N GLY D 195 -36.88 6.50 46.77
CA GLY D 195 -36.00 5.68 47.58
C GLY D 195 -36.51 4.26 47.83
N ALA D 196 -36.42 3.84 49.09
CA ALA D 196 -36.75 2.47 49.47
C ALA D 196 -38.18 2.10 49.10
N THR D 197 -39.09 3.06 49.24
CA THR D 197 -40.48 2.81 48.93
C THR D 197 -40.64 2.56 47.44
N ASP D 198 -40.05 3.43 46.63
CA ASP D 198 -40.07 3.21 45.19
C ASP D 198 -39.44 1.88 44.83
N ALA D 199 -38.31 1.56 45.46
CA ALA D 199 -37.61 0.30 45.23
C ALA D 199 -38.55 -0.86 45.45
N MET D 200 -39.30 -0.80 46.54
CA MET D 200 -40.22 -1.87 46.86
C MET D 200 -41.38 -1.94 45.88
N VAL D 201 -42.07 -0.83 45.66
CA VAL D 201 -43.15 -0.82 44.68
C VAL D 201 -42.63 -1.38 43.35
N GLN D 202 -41.41 -1.02 43.00
CA GLN D 202 -40.80 -1.47 41.77
C GLN D 202 -40.65 -2.99 41.68
N TRP D 203 -40.12 -3.59 42.74
CA TRP D 203 -39.81 -5.01 42.67
C TRP D 203 -40.96 -5.92 43.06
N TRP D 204 -41.93 -5.33 43.75
CA TRP D 204 -43.22 -5.98 43.88
C TRP D 204 -43.78 -6.07 42.45
N TYR D 205 -43.73 -4.96 41.73
CA TYR D 205 -44.13 -4.95 40.33
C TYR D 205 -43.20 -5.82 39.49
N GLY D 206 -41.91 -5.61 39.67
CA GLY D 206 -40.89 -6.27 38.86
C GLY D 206 -40.93 -7.78 38.90
N HIS D 207 -41.01 -8.35 40.09
CA HIS D 207 -41.03 -9.79 40.18
C HIS D 207 -42.34 -10.32 39.67
N ASN D 208 -43.44 -9.72 40.13
CA ASN D 208 -44.77 -10.16 39.77
C ASN D 208 -45.11 -9.93 38.32
N ALA D 209 -44.31 -9.11 37.64
CA ALA D 209 -44.33 -9.06 36.19
C ALA D 209 -43.93 -10.43 35.63
N VAL D 210 -42.75 -10.94 35.98
CA VAL D 210 -42.38 -12.30 35.56
C VAL D 210 -43.17 -13.38 36.32
N GLY D 211 -43.63 -13.05 37.53
CA GLY D 211 -44.39 -13.98 38.33
C GLY D 211 -45.70 -14.34 37.68
N PHE D 212 -46.35 -13.35 37.07
CA PHE D 212 -47.68 -13.55 36.53
C PHE D 212 -47.70 -13.46 35.02
N PHE D 213 -46.97 -12.50 34.47
CA PHE D 213 -46.85 -12.37 33.03
C PHE D 213 -46.05 -13.53 32.50
N LEU D 214 -44.90 -13.82 33.10
CA LEU D 214 -44.02 -14.85 32.57
C LEU D 214 -44.11 -16.22 33.25
N THR D 215 -44.77 -16.29 34.40
CA THR D 215 -44.98 -17.60 35.01
C THR D 215 -46.46 -18.00 34.89
N ALA D 216 -47.33 -17.38 35.69
CA ALA D 216 -48.77 -17.71 35.69
C ALA D 216 -49.37 -17.75 34.27
N GLY D 217 -49.24 -16.66 33.54
CA GLY D 217 -49.74 -16.56 32.18
C GLY D 217 -49.26 -17.67 31.28
N PHE D 218 -48.01 -18.10 31.47
CA PHE D 218 -47.43 -19.16 30.64
C PHE D 218 -47.73 -20.56 31.12
N LEU D 219 -48.03 -20.71 32.41
CA LEU D 219 -48.48 -21.97 32.96
C LEU D 219 -49.84 -22.27 32.33
N GLY D 220 -50.64 -21.22 32.14
CA GLY D 220 -51.88 -21.31 31.37
C GLY D 220 -51.64 -21.95 30.01
N ILE D 221 -50.61 -21.45 29.32
CA ILE D 221 -50.19 -22.05 28.05
C ILE D 221 -49.86 -23.52 28.26
N MET D 222 -48.98 -23.80 29.22
CA MET D 222 -48.52 -25.15 29.52
C MET D 222 -49.69 -26.10 29.74
N TYR D 223 -50.69 -25.61 30.47
CA TYR D 223 -51.85 -26.41 30.86
C TYR D 223 -52.78 -26.79 29.71
N TYR D 224 -52.83 -25.96 28.67
CA TYR D 224 -53.55 -26.37 27.47
C TYR D 224 -52.67 -27.23 26.56
N PHE D 225 -51.49 -26.72 26.21
CA PHE D 225 -50.69 -27.33 25.15
C PHE D 225 -50.00 -28.67 25.49
N VAL D 226 -49.46 -28.81 26.70
CA VAL D 226 -48.88 -30.11 27.11
C VAL D 226 -49.89 -31.26 26.94
N PRO D 227 -51.07 -31.16 27.57
CA PRO D 227 -52.00 -32.26 27.40
C PRO D 227 -52.55 -32.38 25.98
N LYS D 228 -52.75 -31.26 25.30
CA LYS D 228 -53.35 -31.29 23.94
C LYS D 228 -52.40 -31.90 22.91
N GLN D 229 -51.12 -31.60 23.06
CA GLN D 229 -50.09 -32.14 22.18
C GLN D 229 -49.81 -33.59 22.54
N ALA D 230 -49.63 -33.85 23.83
CA ALA D 230 -49.34 -35.19 24.33
C ALA D 230 -50.55 -36.11 24.20
N GLU D 231 -51.74 -35.53 24.21
CA GLU D 231 -53.02 -36.26 24.20
C GLU D 231 -53.13 -37.25 25.35
N ARG D 232 -52.78 -36.76 26.53
CA ARG D 232 -52.89 -37.50 27.78
C ARG D 232 -53.74 -36.69 28.74
N PRO D 233 -54.19 -37.31 29.85
CA PRO D 233 -54.82 -36.49 30.89
C PRO D 233 -53.81 -35.84 31.84
N VAL D 234 -54.20 -34.72 32.44
CA VAL D 234 -53.36 -33.96 33.38
C VAL D 234 -53.19 -34.69 34.71
N TYR D 235 -52.02 -35.29 34.90
CA TYR D 235 -51.67 -35.93 36.16
C TYR D 235 -52.03 -35.02 37.32
N SER D 236 -52.90 -35.51 38.20
CA SER D 236 -53.33 -34.80 39.42
C SER D 236 -54.03 -33.44 39.23
N TYR D 237 -55.34 -33.49 39.35
CA TYR D 237 -56.16 -32.30 39.43
C TYR D 237 -55.84 -31.57 40.72
N ARG D 238 -55.86 -32.31 41.83
CA ARG D 238 -55.59 -31.75 43.15
C ARG D 238 -54.35 -30.87 43.17
N LEU D 239 -53.26 -31.37 42.56
CA LEU D 239 -52.03 -30.61 42.46
C LEU D 239 -52.28 -29.26 41.83
N SER D 240 -53.08 -29.24 40.76
CA SER D 240 -53.45 -27.98 40.11
C SER D 240 -54.02 -26.98 41.12
N ILE D 241 -54.95 -27.42 41.98
CA ILE D 241 -55.51 -26.51 42.99
C ILE D 241 -54.44 -25.95 43.90
N VAL D 242 -53.77 -26.83 44.66
CA VAL D 242 -52.71 -26.42 45.58
C VAL D 242 -51.72 -25.51 44.86
N HIS D 243 -51.09 -26.08 43.84
CA HIS D 243 -50.06 -25.41 43.04
C HIS D 243 -50.52 -24.05 42.48
N PHE D 244 -51.80 -23.95 42.14
CA PHE D 244 -52.34 -22.67 41.70
C PHE D 244 -52.51 -21.64 42.82
N TRP D 245 -53.27 -21.98 43.86
CA TRP D 245 -53.53 -21.01 44.93
C TRP D 245 -52.28 -20.63 45.70
N ALA D 246 -51.47 -21.64 46.02
CA ALA D 246 -50.19 -21.42 46.70
C ALA D 246 -49.26 -20.48 45.90
N LEU D 247 -49.14 -20.73 44.59
CA LEU D 247 -48.34 -19.88 43.71
C LEU D 247 -48.89 -18.45 43.68
N ILE D 248 -50.19 -18.35 43.43
CA ILE D 248 -50.86 -17.07 43.25
C ILE D 248 -50.71 -16.14 44.45
N THR D 249 -50.55 -16.71 45.64
CA THR D 249 -50.53 -15.95 46.88
C THR D 249 -49.12 -15.69 47.37
N VAL D 250 -48.27 -16.72 47.29
CA VAL D 250 -46.90 -16.64 47.78
C VAL D 250 -46.05 -15.75 46.88
N TYR D 251 -46.31 -15.77 45.58
CA TYR D 251 -45.44 -15.09 44.63
C TYR D 251 -45.41 -13.58 44.84
N ILE D 252 -46.54 -13.01 45.24
CA ILE D 252 -46.62 -11.56 45.46
C ILE D 252 -45.58 -11.08 46.49
N TRP D 253 -45.39 -11.88 47.54
CA TRP D 253 -44.45 -11.60 48.60
C TRP D 253 -42.97 -11.60 48.17
N ALA D 254 -42.67 -12.22 47.04
CA ALA D 254 -41.29 -12.42 46.62
C ALA D 254 -40.56 -11.13 46.18
N GLY D 255 -41.26 -10.01 46.24
CA GLY D 255 -40.68 -8.72 45.87
C GLY D 255 -39.26 -8.48 46.38
N PRO D 256 -39.09 -8.48 47.72
CA PRO D 256 -37.83 -8.11 48.34
C PRO D 256 -36.58 -8.94 48.00
N HIS D 257 -36.72 -10.10 47.35
CA HIS D 257 -35.51 -10.88 47.03
C HIS D 257 -34.59 -10.17 46.02
N HIS D 258 -35.15 -9.15 45.37
CA HIS D 258 -34.36 -8.28 44.51
C HIS D 258 -33.51 -7.34 45.34
N LEU D 259 -34.06 -6.88 46.45
CA LEU D 259 -33.42 -5.82 47.22
C LEU D 259 -32.67 -6.34 48.44
N HIS D 260 -32.00 -7.48 48.30
CA HIS D 260 -31.27 -8.06 49.42
C HIS D 260 -30.00 -7.28 49.74
N TYR D 261 -29.79 -7.05 51.04
CA TYR D 261 -28.67 -6.26 51.54
C TYR D 261 -28.59 -4.85 50.95
N THR D 262 -29.76 -4.26 50.69
CA THR D 262 -29.87 -2.88 50.25
C THR D 262 -30.45 -2.02 51.37
N ALA D 263 -30.82 -0.79 51.02
CA ALA D 263 -31.36 0.15 52.01
C ALA D 263 -32.81 -0.17 52.41
N LEU D 264 -33.44 -1.09 51.67
CA LEU D 264 -34.72 -1.66 52.09
C LEU D 264 -34.56 -2.27 53.48
N PRO D 265 -35.49 -1.96 54.40
CA PRO D 265 -35.39 -2.48 55.77
C PRO D 265 -35.21 -3.99 55.79
N ASP D 266 -34.46 -4.49 56.77
CA ASP D 266 -34.21 -5.93 56.96
C ASP D 266 -35.47 -6.78 56.97
N TRP D 267 -36.50 -6.33 57.69
CA TRP D 267 -37.74 -7.10 57.83
C TRP D 267 -38.39 -7.45 56.50
N ALA D 268 -38.42 -6.48 55.58
CA ALA D 268 -39.02 -6.68 54.28
C ALA D 268 -38.19 -7.71 53.52
N GLN D 269 -36.88 -7.49 53.52
CA GLN D 269 -35.94 -8.38 52.86
C GLN D 269 -36.20 -9.82 53.22
N SER D 270 -36.28 -10.10 54.52
CA SER D 270 -36.56 -11.45 55.01
C SER D 270 -37.90 -11.97 54.50
N LEU D 271 -38.96 -11.21 54.72
CA LEU D 271 -40.27 -11.53 54.17
C LEU D 271 -40.17 -11.99 52.71
N GLY D 272 -39.27 -11.34 51.96
CA GLY D 272 -39.05 -11.69 50.57
C GLY D 272 -38.37 -13.03 50.39
N MET D 273 -37.30 -13.25 51.14
CA MET D 273 -36.59 -14.52 51.12
C MET D 273 -37.49 -15.67 51.57
N VAL D 274 -38.05 -15.55 52.77
CA VAL D 274 -38.91 -16.60 53.32
C VAL D 274 -39.95 -17.06 52.32
N MET D 275 -40.66 -16.12 51.71
CA MET D 275 -41.73 -16.45 50.78
C MET D 275 -41.20 -16.93 49.44
N SER D 276 -40.05 -16.40 49.02
CA SER D 276 -39.38 -16.92 47.82
C SER D 276 -39.05 -18.40 47.97
N LEU D 277 -38.59 -18.80 49.16
CA LEU D 277 -38.28 -20.19 49.45
C LEU D 277 -39.54 -21.03 49.48
N ILE D 278 -40.59 -20.54 50.14
CA ILE D 278 -41.89 -21.24 50.16
C ILE D 278 -42.37 -21.47 48.73
N LEU D 279 -42.14 -20.47 47.89
CA LEU D 279 -42.56 -20.47 46.48
C LEU D 279 -42.03 -21.65 45.66
N LEU D 280 -40.89 -22.22 46.06
CA LEU D 280 -40.29 -23.37 45.40
C LEU D 280 -41.33 -24.45 45.13
N ALA D 281 -42.01 -24.84 46.20
CA ALA D 281 -43.05 -25.88 46.18
C ALA D 281 -44.11 -25.65 45.10
N PRO D 282 -44.94 -24.59 45.23
CA PRO D 282 -46.00 -24.33 44.24
C PRO D 282 -45.46 -24.24 42.82
N SER D 283 -44.28 -23.65 42.65
CA SER D 283 -43.66 -23.53 41.34
C SER D 283 -43.45 -24.90 40.70
N TRP D 284 -42.81 -25.80 41.45
CA TRP D 284 -42.54 -27.16 40.99
C TRP D 284 -43.80 -27.97 40.73
N GLY D 285 -44.83 -27.71 41.53
CA GLY D 285 -46.15 -28.30 41.29
C GLY D 285 -46.59 -28.07 39.86
N GLY D 286 -46.11 -26.97 39.27
CA GLY D 286 -46.33 -26.69 37.86
C GLY D 286 -45.63 -27.70 36.97
N MET D 287 -44.32 -27.85 37.15
CA MET D 287 -43.54 -28.75 36.31
C MET D 287 -43.82 -30.21 36.60
N ILE D 288 -44.16 -30.55 37.84
CA ILE D 288 -44.56 -31.91 38.17
C ILE D 288 -45.81 -32.25 37.36
N ASN D 289 -46.83 -31.41 37.48
CA ASN D 289 -48.09 -31.59 36.77
C ASN D 289 -47.91 -31.67 35.26
N GLY D 290 -46.94 -30.94 34.73
CA GLY D 290 -46.67 -30.95 33.30
C GLY D 290 -45.97 -32.21 32.84
N MET D 291 -44.92 -32.61 33.56
CA MET D 291 -44.08 -33.73 33.15
C MET D 291 -44.73 -35.08 33.41
N MET D 292 -45.29 -35.27 34.61
CA MET D 292 -45.92 -36.52 34.97
C MET D 292 -47.10 -36.80 34.03
N THR D 293 -47.63 -35.73 33.43
CA THR D 293 -48.65 -35.83 32.37
C THR D 293 -48.13 -36.64 31.19
N LEU D 294 -46.84 -36.51 30.91
CA LEU D 294 -46.23 -37.20 29.78
C LEU D 294 -45.90 -38.67 30.08
N SER D 295 -45.99 -39.07 31.35
CA SER D 295 -45.62 -40.45 31.74
C SER D 295 -46.36 -41.49 30.91
N GLY D 296 -45.60 -42.46 30.40
CA GLY D 296 -46.11 -43.44 29.44
C GLY D 296 -45.85 -43.00 28.01
N ALA D 297 -46.09 -41.72 27.72
CA ALA D 297 -45.98 -41.19 26.36
C ALA D 297 -44.61 -40.58 26.06
N TRP D 298 -43.59 -40.97 26.82
CA TRP D 298 -42.23 -40.46 26.62
C TRP D 298 -41.63 -40.84 25.28
N HIS D 299 -42.18 -41.90 24.68
CA HIS D 299 -41.78 -42.33 23.34
C HIS D 299 -42.15 -41.30 22.27
N LYS D 300 -43.04 -40.37 22.63
CA LYS D 300 -43.43 -39.32 21.71
C LYS D 300 -42.34 -38.26 21.55
N LEU D 301 -41.40 -38.24 22.50
CA LEU D 301 -40.32 -37.23 22.47
C LEU D 301 -39.35 -37.38 21.30
N ARG D 302 -39.00 -38.61 20.96
CA ARG D 302 -38.19 -38.85 19.77
C ARG D 302 -39.01 -38.66 18.49
N SER D 303 -40.33 -38.88 18.61
CA SER D 303 -41.26 -38.76 17.49
C SER D 303 -41.64 -37.31 17.18
N ASP D 304 -42.09 -36.59 18.21
CA ASP D 304 -42.66 -35.26 18.04
C ASP D 304 -41.80 -34.14 18.68
N PRO D 305 -41.16 -33.32 17.83
CA PRO D 305 -40.35 -32.22 18.35
C PRO D 305 -41.18 -31.10 19.00
N ILE D 306 -42.44 -30.92 18.60
CA ILE D 306 -43.31 -29.93 19.26
C ILE D 306 -43.45 -30.26 20.73
N LEU D 307 -43.67 -31.54 21.03
CA LEU D 307 -43.70 -32.01 22.41
C LEU D 307 -42.36 -31.81 23.11
N ARG D 308 -41.26 -32.12 22.41
CA ARG D 308 -39.91 -31.89 22.94
C ARG D 308 -39.80 -30.50 23.55
N PHE D 309 -40.13 -29.48 22.76
CA PHE D 309 -40.12 -28.08 23.21
C PHE D 309 -40.83 -27.92 24.53
N LEU D 310 -42.10 -28.31 24.56
CA LEU D 310 -42.94 -28.18 25.74
C LEU D 310 -42.33 -28.85 26.96
N VAL D 311 -41.82 -30.07 26.78
CA VAL D 311 -41.20 -30.83 27.86
C VAL D 311 -39.91 -30.15 28.32
N VAL D 312 -38.92 -30.03 27.43
CA VAL D 312 -37.66 -29.36 27.77
C VAL D 312 -37.93 -27.98 28.38
N SER D 313 -38.99 -27.33 27.90
CA SER D 313 -39.48 -26.07 28.47
C SER D 313 -39.65 -26.15 29.97
N LEU D 314 -40.31 -27.22 30.44
CA LEU D 314 -40.55 -27.46 31.86
C LEU D 314 -39.28 -27.78 32.62
N ALA D 315 -38.33 -28.46 31.96
CA ALA D 315 -37.04 -28.75 32.56
C ALA D 315 -36.36 -27.45 32.98
N PHE D 316 -36.34 -26.47 32.08
CA PHE D 316 -35.80 -25.15 32.40
C PHE D 316 -36.65 -24.39 33.40
N TYR D 317 -37.96 -24.41 33.21
CA TYR D 317 -38.86 -23.80 34.18
C TYR D 317 -38.52 -24.30 35.58
N GLY D 318 -38.47 -25.61 35.73
CA GLY D 318 -38.17 -26.23 37.01
C GLY D 318 -36.83 -25.80 37.56
N MET D 319 -35.83 -25.76 36.68
CA MET D 319 -34.50 -25.34 37.07
C MET D 319 -34.46 -23.89 37.55
N SER D 320 -35.13 -22.99 36.84
CA SER D 320 -35.10 -21.57 37.22
C SER D 320 -36.04 -21.22 38.38
N THR D 321 -37.04 -22.05 38.63
CA THR D 321 -37.88 -21.91 39.84
C THR D 321 -37.29 -22.66 41.04
N PHE D 322 -36.05 -23.08 40.89
CA PHE D 322 -35.25 -23.67 41.96
C PHE D 322 -34.07 -22.73 42.20
N GLU D 323 -33.40 -22.34 41.11
CA GLU D 323 -32.32 -21.35 41.10
C GLU D 323 -32.77 -20.03 41.74
N GLY D 324 -33.99 -19.60 41.41
CA GLY D 324 -34.55 -18.37 41.95
C GLY D 324 -34.67 -18.38 43.46
N PRO D 325 -35.41 -19.35 44.01
CA PRO D 325 -35.43 -19.50 45.45
C PRO D 325 -34.04 -19.51 46.07
N MET D 326 -33.07 -20.19 45.44
CA MET D 326 -31.70 -20.26 45.97
C MET D 326 -31.08 -18.88 46.05
N MET D 327 -31.19 -18.12 44.96
CA MET D 327 -30.62 -16.79 44.89
C MET D 327 -31.38 -15.80 45.77
N ALA D 328 -32.54 -16.20 46.25
CA ALA D 328 -33.35 -15.37 47.12
C ALA D 328 -32.95 -15.55 48.58
N ILE D 329 -32.05 -16.50 48.83
CA ILE D 329 -31.41 -16.67 50.13
C ILE D 329 -30.38 -15.55 50.24
N LYS D 330 -30.46 -14.77 51.30
CA LYS D 330 -29.62 -13.59 51.46
C LYS D 330 -28.14 -13.83 51.18
N THR D 331 -27.57 -14.88 51.79
CA THR D 331 -26.15 -15.20 51.62
C THR D 331 -25.77 -15.52 50.18
N VAL D 332 -26.70 -16.15 49.46
CA VAL D 332 -26.48 -16.41 48.05
C VAL D 332 -26.60 -15.09 47.26
N ASN D 333 -27.68 -14.33 47.49
CA ASN D 333 -27.86 -13.04 46.82
C ASN D 333 -26.67 -12.12 47.09
N ALA D 334 -26.04 -12.32 48.25
CA ALA D 334 -24.83 -11.59 48.63
C ALA D 334 -23.74 -11.69 47.55
N LEU D 335 -23.64 -12.85 46.91
CA LEU D 335 -22.73 -13.04 45.78
C LEU D 335 -23.41 -12.73 44.45
N SER D 336 -24.62 -13.25 44.26
CA SER D 336 -25.33 -13.16 42.99
C SER D 336 -25.67 -11.74 42.56
N HIS D 337 -26.19 -10.93 43.49
CA HIS D 337 -26.69 -9.59 43.17
C HIS D 337 -25.67 -8.76 42.37
N TYR D 338 -26.18 -8.03 41.38
CA TYR D 338 -25.41 -7.16 40.48
C TYR D 338 -24.58 -7.86 39.40
N THR D 339 -24.34 -9.16 39.60
CA THR D 339 -23.50 -9.91 38.66
C THR D 339 -24.26 -10.45 37.45
N ASP D 340 -23.51 -10.98 36.48
CA ASP D 340 -24.10 -11.61 35.28
C ASP D 340 -24.91 -12.86 35.62
N TRP D 341 -24.79 -13.34 36.86
CA TRP D 341 -25.57 -14.50 37.30
C TRP D 341 -27.05 -14.20 37.18
N THR D 342 -27.44 -12.98 37.59
CA THR D 342 -28.81 -12.53 37.48
C THR D 342 -29.29 -12.70 36.05
N ILE D 343 -28.49 -12.19 35.11
CA ILE D 343 -28.81 -12.28 33.70
C ILE D 343 -28.96 -13.73 33.24
N GLY D 344 -28.14 -14.61 33.78
CA GLY D 344 -28.21 -16.04 33.50
C GLY D 344 -29.51 -16.66 33.97
N HIS D 345 -29.88 -16.40 35.22
CA HIS D 345 -31.17 -16.80 35.76
C HIS D 345 -32.24 -16.31 34.82
N VAL D 346 -32.21 -15.02 34.51
CA VAL D 346 -33.20 -14.42 33.61
C VAL D 346 -33.35 -15.25 32.34
N HIS D 347 -32.25 -15.49 31.64
CA HIS D 347 -32.37 -16.10 30.34
C HIS D 347 -32.64 -17.60 30.35
N ALA D 348 -32.23 -18.27 31.43
CA ALA D 348 -32.64 -19.65 31.67
C ALA D 348 -34.16 -19.71 31.64
N GLY D 349 -34.79 -18.97 32.55
CA GLY D 349 -36.24 -18.82 32.52
C GLY D 349 -36.77 -18.22 31.22
N ALA D 350 -36.05 -17.27 30.65
CA ALA D 350 -36.52 -16.56 29.46
C ALA D 350 -36.47 -17.39 28.18
N LEU D 351 -35.29 -17.93 27.88
CA LEU D 351 -35.09 -18.74 26.68
C LEU D 351 -35.64 -20.14 26.89
N GLY D 352 -35.22 -20.73 27.99
CA GLY D 352 -35.54 -22.12 28.32
C GLY D 352 -36.98 -22.37 28.69
N TRP D 353 -37.61 -21.44 29.39
CA TRP D 353 -39.00 -21.64 29.78
C TRP D 353 -39.96 -20.85 28.91
N VAL D 354 -39.98 -19.53 29.05
CA VAL D 354 -40.92 -18.69 28.31
C VAL D 354 -40.86 -18.97 26.82
N ALA D 355 -39.69 -18.78 26.22
CA ALA D 355 -39.53 -18.94 24.77
C ALA D 355 -39.89 -20.34 24.27
N MET D 356 -39.31 -21.36 24.89
CA MET D 356 -39.57 -22.76 24.52
C MET D 356 -41.05 -23.12 24.56
N VAL D 357 -41.70 -22.80 25.66
CA VAL D 357 -43.11 -23.17 25.82
C VAL D 357 -43.98 -22.46 24.79
N SER D 358 -43.72 -21.19 24.52
CA SER D 358 -44.52 -20.45 23.54
C SER D 358 -44.20 -20.86 22.12
N ILE D 359 -42.93 -21.17 21.84
CA ILE D 359 -42.53 -21.79 20.57
C ILE D 359 -43.40 -23.02 20.33
N GLY D 360 -43.29 -24.00 21.22
CA GLY D 360 -44.09 -25.22 21.14
C GLY D 360 -45.55 -24.91 20.89
N ALA D 361 -46.11 -24.02 21.71
CA ALA D 361 -47.52 -23.64 21.62
C ALA D 361 -47.89 -23.12 20.25
N LEU D 362 -47.04 -22.25 19.69
CA LEU D 362 -47.29 -21.71 18.37
C LEU D 362 -47.20 -22.79 17.30
N TYR D 363 -46.11 -23.56 17.31
CA TYR D 363 -45.97 -24.71 16.41
C TYR D 363 -47.21 -25.60 16.40
N HIS D 364 -47.84 -25.78 17.56
CA HIS D 364 -49.08 -26.54 17.66
C HIS D 364 -50.22 -25.77 17.02
N LEU D 365 -50.39 -24.52 17.41
CA LEU D 365 -51.59 -23.78 17.06
C LEU D 365 -51.57 -23.14 15.67
N VAL D 366 -50.40 -22.66 15.24
CA VAL D 366 -50.29 -21.94 13.96
C VAL D 366 -50.93 -22.68 12.78
N PRO D 367 -50.62 -23.99 12.59
CA PRO D 367 -51.31 -24.76 11.55
C PRO D 367 -52.82 -24.74 11.74
N LYS D 368 -53.29 -25.22 12.89
CA LYS D 368 -54.71 -25.21 13.24
C LYS D 368 -55.41 -23.92 12.84
N VAL D 369 -54.86 -22.79 13.29
CA VAL D 369 -55.44 -21.47 13.08
C VAL D 369 -55.42 -21.03 11.60
N PHE D 370 -54.48 -21.56 10.83
CA PHE D 370 -54.39 -21.24 9.40
C PHE D 370 -55.09 -22.29 8.52
N GLY D 371 -56.06 -23.00 9.10
CA GLY D 371 -56.76 -24.07 8.41
C GLY D 371 -55.77 -24.96 7.70
N ARG D 372 -54.94 -25.64 8.50
CA ARG D 372 -53.88 -26.50 7.99
C ARG D 372 -53.56 -27.57 9.04
N GLU D 373 -53.39 -28.81 8.59
CA GLU D 373 -53.27 -29.98 9.48
C GLU D 373 -51.99 -30.05 10.31
N GLN D 374 -50.89 -29.49 9.80
CA GLN D 374 -49.64 -29.39 10.57
C GLN D 374 -48.67 -28.34 10.01
N MET D 375 -47.53 -28.16 10.66
CA MET D 375 -46.50 -27.24 10.17
C MET D 375 -45.95 -27.72 8.83
N HIS D 376 -45.27 -26.84 8.11
CA HIS D 376 -44.75 -27.15 6.78
C HIS D 376 -43.72 -28.28 6.84
N SER D 377 -42.80 -28.19 7.78
CA SER D 377 -41.74 -29.17 7.93
C SER D 377 -41.57 -29.48 9.41
N ILE D 378 -41.74 -30.75 9.76
CA ILE D 378 -41.51 -31.18 11.13
C ILE D 378 -40.01 -31.26 11.44
N GLY D 379 -39.20 -31.59 10.43
CA GLY D 379 -37.74 -31.56 10.55
C GLY D 379 -37.19 -30.24 11.05
N LEU D 380 -37.75 -29.14 10.54
CA LEU D 380 -37.35 -27.80 10.95
C LEU D 380 -37.84 -27.43 12.35
N ILE D 381 -38.80 -28.18 12.87
CA ILE D 381 -39.21 -28.02 14.25
C ILE D 381 -38.15 -28.64 15.14
N ASN D 382 -37.61 -29.77 14.68
CA ASN D 382 -36.54 -30.44 15.39
C ASN D 382 -35.22 -29.69 15.35
N THR D 383 -34.82 -29.23 14.17
CA THR D 383 -33.60 -28.47 14.04
C THR D 383 -33.71 -27.16 14.84
N HIS D 384 -34.90 -26.58 14.88
CA HIS D 384 -35.17 -25.42 15.73
C HIS D 384 -34.87 -25.78 17.17
N PHE D 385 -35.44 -26.90 17.61
CA PHE D 385 -35.29 -27.36 18.97
C PHE D 385 -33.83 -27.44 19.42
N TRP D 386 -32.98 -28.02 18.58
CA TRP D 386 -31.59 -28.19 18.96
C TRP D 386 -30.84 -26.87 19.04
N LEU D 387 -31.06 -26.00 18.06
CA LEU D 387 -30.49 -24.65 18.09
C LEU D 387 -30.93 -23.94 19.38
N ALA D 388 -32.22 -24.01 19.67
CA ALA D 388 -32.79 -23.36 20.84
C ALA D 388 -32.23 -23.90 22.15
N THR D 389 -32.00 -25.21 22.21
CA THR D 389 -31.42 -25.82 23.40
C THR D 389 -29.92 -25.53 23.54
N ILE D 390 -29.13 -25.87 22.52
CA ILE D 390 -27.71 -25.54 22.53
C ILE D 390 -27.52 -24.07 22.91
N GLY D 391 -28.26 -23.19 22.22
CA GLY D 391 -28.25 -21.76 22.50
C GLY D 391 -28.53 -21.39 23.95
N THR D 392 -29.63 -21.92 24.50
CA THR D 392 -30.01 -21.68 25.90
C THR D 392 -28.89 -22.11 26.85
N VAL D 393 -28.41 -23.35 26.69
CA VAL D 393 -27.38 -23.90 27.55
C VAL D 393 -26.09 -23.08 27.53
N LEU D 394 -25.65 -22.69 26.34
CA LEU D 394 -24.46 -21.86 26.22
C LEU D 394 -24.61 -20.56 27.00
N TYR D 395 -25.74 -19.91 26.79
CA TYR D 395 -26.05 -18.65 27.45
C TYR D 395 -25.93 -18.83 28.95
N ILE D 396 -26.68 -19.80 29.48
CA ILE D 396 -26.69 -20.12 30.92
C ILE D 396 -25.28 -20.35 31.44
N ALA D 397 -24.54 -21.23 30.76
CA ALA D 397 -23.18 -21.61 31.14
C ALA D 397 -22.26 -20.40 31.24
N SER D 398 -22.25 -19.56 30.19
CA SER D 398 -21.38 -18.38 30.15
C SER D 398 -21.73 -17.42 31.27
N MET D 399 -23.02 -17.30 31.58
CA MET D 399 -23.46 -16.39 32.61
C MET D 399 -23.10 -16.85 34.01
N TRP D 400 -23.16 -18.16 34.26
CA TRP D 400 -22.71 -18.70 35.54
C TRP D 400 -21.22 -18.45 35.75
N VAL D 401 -20.43 -18.79 34.73
CA VAL D 401 -19.00 -18.52 34.75
C VAL D 401 -18.77 -17.05 35.08
N ASN D 402 -19.32 -16.16 34.26
CA ASN D 402 -19.22 -14.71 34.49
C ASN D 402 -19.69 -14.26 35.87
N GLY D 403 -20.90 -14.64 36.23
CA GLY D 403 -21.50 -14.27 37.51
C GLY D 403 -20.69 -14.68 38.73
N ILE D 404 -20.24 -15.94 38.76
CA ILE D 404 -19.37 -16.42 39.84
C ILE D 404 -18.06 -15.63 39.86
N ALA D 405 -17.45 -15.49 38.68
CA ALA D 405 -16.21 -14.75 38.52
C ALA D 405 -16.35 -13.35 39.09
N GLN D 406 -17.43 -12.68 38.73
CA GLN D 406 -17.70 -11.34 39.20
C GLN D 406 -17.90 -11.30 40.70
N GLY D 407 -18.96 -11.98 41.17
CA GLY D 407 -19.27 -12.05 42.59
C GLY D 407 -18.03 -12.29 43.43
N LEU D 408 -17.31 -13.35 43.06
CA LEU D 408 -16.05 -13.72 43.71
C LEU D 408 -15.02 -12.58 43.65
N MET D 409 -14.71 -12.10 42.45
CA MET D 409 -13.66 -11.09 42.26
C MET D 409 -13.91 -9.77 42.97
N TRP D 410 -15.17 -9.35 43.02
CA TRP D 410 -15.51 -8.08 43.65
C TRP D 410 -15.23 -8.10 45.13
N ARG D 411 -15.53 -9.22 45.79
CA ARG D 411 -15.40 -9.30 47.25
C ARG D 411 -14.07 -9.90 47.72
N ALA D 412 -13.32 -10.46 46.78
CA ALA D 412 -12.02 -11.05 47.05
C ALA D 412 -11.08 -10.12 47.80
N ILE D 413 -10.73 -10.55 49.00
CA ILE D 413 -9.86 -9.84 49.92
C ILE D 413 -8.53 -10.60 49.94
N ASN D 414 -7.42 -9.90 50.11
CA ASN D 414 -6.14 -10.57 50.28
C ASN D 414 -5.88 -10.99 51.72
N ASP D 415 -4.73 -11.60 51.96
CA ASP D 415 -4.33 -12.01 53.30
C ASP D 415 -4.11 -10.81 54.24
N ASP D 416 -3.84 -9.63 53.65
CA ASP D 416 -3.65 -8.39 54.40
C ASP D 416 -4.89 -7.47 54.36
N GLY D 417 -6.03 -8.03 53.97
CA GLY D 417 -7.30 -7.32 54.04
C GLY D 417 -7.65 -6.45 52.86
N THR D 418 -6.67 -6.12 52.02
CA THR D 418 -6.89 -5.28 50.85
C THR D 418 -7.66 -6.02 49.76
N LEU D 419 -8.37 -5.27 48.93
CA LEU D 419 -9.15 -5.85 47.84
C LEU D 419 -8.22 -6.41 46.77
N THR D 420 -8.49 -7.65 46.38
CA THR D 420 -7.63 -8.40 45.47
C THR D 420 -7.70 -7.87 44.05
N TYR D 421 -8.90 -7.52 43.59
CA TYR D 421 -9.08 -7.16 42.20
C TYR D 421 -9.68 -5.80 42.00
N SER D 422 -9.18 -5.08 41.00
CA SER D 422 -9.80 -3.85 40.52
C SER D 422 -11.09 -4.23 39.84
N PHE D 423 -12.01 -3.28 39.74
CA PHE D 423 -13.26 -3.54 39.04
C PHE D 423 -13.03 -3.85 37.56
N VAL D 424 -12.03 -3.20 36.96
CA VAL D 424 -11.73 -3.43 35.56
C VAL D 424 -11.19 -4.84 35.32
N GLU D 425 -10.45 -5.37 36.28
CA GLU D 425 -9.99 -6.77 36.19
C GLU D 425 -11.16 -7.73 36.09
N SER D 426 -12.19 -7.51 36.89
CA SER D 426 -13.42 -8.29 36.81
C SER D 426 -14.10 -8.13 35.44
N LEU D 427 -14.12 -6.89 34.95
CA LEU D 427 -14.67 -6.54 33.63
C LEU D 427 -13.97 -7.34 32.52
N GLU D 428 -12.65 -7.34 32.57
CA GLU D 428 -11.86 -8.04 31.58
C GLU D 428 -12.12 -9.53 31.68
N ALA D 429 -12.12 -10.07 32.91
CA ALA D 429 -12.40 -11.49 33.13
C ALA D 429 -13.68 -11.92 32.41
N SER D 430 -14.63 -10.99 32.32
CA SER D 430 -15.95 -11.30 31.78
C SER D 430 -16.02 -11.36 30.26
N HIS D 431 -14.98 -10.89 29.57
CA HIS D 431 -15.09 -10.75 28.12
C HIS D 431 -15.38 -12.07 27.41
N PRO D 432 -14.64 -13.14 27.75
CA PRO D 432 -14.93 -14.42 27.11
C PRO D 432 -16.39 -14.79 27.30
N GLY D 433 -16.88 -14.65 28.54
CA GLY D 433 -18.28 -14.86 28.85
C GLY D 433 -19.23 -14.07 27.97
N PHE D 434 -18.94 -12.78 27.80
CA PHE D 434 -19.74 -11.90 26.93
C PHE D 434 -19.81 -12.41 25.49
N VAL D 435 -18.71 -13.00 25.02
CA VAL D 435 -18.66 -13.48 23.66
C VAL D 435 -19.41 -14.79 23.50
N VAL D 436 -19.19 -15.71 24.44
CA VAL D 436 -19.92 -16.97 24.44
C VAL D 436 -21.43 -16.71 24.52
N ARG D 437 -21.85 -15.82 25.42
CA ARG D 437 -23.27 -15.48 25.50
C ARG D 437 -23.80 -14.93 24.17
N MET D 438 -23.02 -14.03 23.56
CA MET D 438 -23.41 -13.47 22.27
C MET D 438 -23.61 -14.57 21.22
N ILE D 439 -22.74 -15.58 21.22
CA ILE D 439 -22.88 -16.73 20.34
C ILE D 439 -24.07 -17.58 20.75
N GLY D 440 -24.21 -17.81 22.06
CA GLY D 440 -25.32 -18.60 22.60
C GLY D 440 -26.64 -18.04 22.13
N GLY D 441 -26.83 -16.74 22.34
CA GLY D 441 -28.01 -16.01 21.89
C GLY D 441 -28.18 -16.00 20.38
N ALA D 442 -27.06 -15.83 19.66
CA ALA D 442 -27.08 -15.88 18.19
C ALA D 442 -27.67 -17.21 17.70
N ILE D 443 -27.19 -18.31 18.28
CA ILE D 443 -27.66 -19.64 17.91
C ILE D 443 -29.15 -19.75 18.18
N PHE D 444 -29.58 -19.25 19.34
CA PHE D 444 -30.99 -19.28 19.70
C PHE D 444 -31.79 -18.49 18.67
N PHE D 445 -31.31 -17.28 18.38
CA PHE D 445 -31.88 -16.38 17.38
C PHE D 445 -31.99 -17.02 16.00
N ALA D 446 -30.97 -17.78 15.61
CA ALA D 446 -30.98 -18.50 14.34
C ALA D 446 -32.20 -19.44 14.29
N GLY D 447 -32.44 -20.14 15.39
CA GLY D 447 -33.61 -21.02 15.51
C GLY D 447 -34.91 -20.30 15.25
N MET D 448 -35.02 -19.09 15.78
CA MET D 448 -36.18 -18.24 15.53
C MET D 448 -36.38 -17.93 14.05
N LEU D 449 -35.28 -17.69 13.34
CA LEU D 449 -35.32 -17.49 11.90
C LEU D 449 -35.83 -18.75 11.23
N VAL D 450 -35.32 -19.91 11.66
CA VAL D 450 -35.80 -21.21 11.15
C VAL D 450 -37.31 -21.36 11.38
N MET D 451 -37.78 -20.89 12.54
CA MET D 451 -39.22 -20.85 12.82
C MET D 451 -39.95 -19.93 11.85
N ALA D 452 -39.45 -18.71 11.70
CA ALA D 452 -40.03 -17.73 10.78
C ALA D 452 -40.19 -18.33 9.39
N TYR D 453 -39.13 -18.94 8.88
CA TYR D 453 -39.15 -19.57 7.56
C TYR D 453 -40.21 -20.67 7.51
N ASN D 454 -40.19 -21.53 8.53
CA ASN D 454 -41.16 -22.61 8.65
C ASN D 454 -42.59 -22.05 8.65
N THR D 455 -42.88 -21.15 9.60
CA THR D 455 -44.20 -20.53 9.72
C THR D 455 -44.68 -19.97 8.40
N TRP D 456 -43.83 -19.15 7.77
CA TRP D 456 -44.15 -18.53 6.50
C TRP D 456 -44.51 -19.54 5.41
N ARG D 457 -43.71 -20.60 5.28
CA ARG D 457 -43.95 -21.64 4.29
C ARG D 457 -45.31 -22.27 4.53
N THR D 458 -45.68 -22.45 5.80
CA THR D 458 -46.98 -23.06 6.11
C THR D 458 -48.13 -22.09 5.91
N VAL D 459 -47.87 -20.79 6.04
CA VAL D 459 -48.90 -19.75 5.85
C VAL D 459 -49.31 -19.60 4.37
N GLN D 460 -48.38 -19.83 3.45
CA GLN D 460 -48.71 -19.85 2.03
C GLN D 460 -49.80 -20.86 1.77
N ALA D 461 -49.61 -22.06 2.33
CA ALA D 461 -50.59 -23.16 2.30
C ALA D 461 -51.95 -22.82 1.70
N ALA D 462 -52.93 -22.51 2.55
CA ALA D 462 -54.29 -22.19 2.09
C ALA D 462 -54.63 -20.73 2.33
N LYS D 463 -55.66 -20.23 1.63
CA LYS D 463 -56.02 -18.80 1.73
C LYS D 463 -57.43 -18.50 2.23
N PRO D 464 -58.42 -19.37 1.92
CA PRO D 464 -59.64 -19.33 2.72
C PRO D 464 -59.52 -20.27 3.92
N ALA D 465 -58.63 -19.90 4.84
CA ALA D 465 -58.25 -20.70 6.02
C ALA D 465 -59.43 -21.22 6.83
N GLU D 466 -59.57 -20.72 8.06
CA GLU D 466 -60.76 -20.96 8.89
C GLU D 466 -61.34 -22.37 8.80
N TYR D 467 -60.71 -23.32 9.48
CA TYR D 467 -61.25 -24.66 9.62
C TYR D 467 -61.34 -25.01 11.10
N ASP D 468 -62.45 -24.65 11.74
CA ASP D 468 -62.69 -24.98 13.15
C ASP D 468 -64.06 -24.53 13.64
N ALA D 469 -64.99 -25.48 13.77
CA ALA D 469 -66.34 -25.17 14.24
C ALA D 469 -66.60 -25.64 15.68
N ALA D 470 -67.29 -26.77 15.82
CA ALA D 470 -67.73 -27.29 17.14
C ALA D 470 -66.64 -27.26 18.20
N LYS E 6 -66.43 -25.18 45.73
CA LYS E 6 -65.47 -25.63 44.69
C LYS E 6 -64.92 -24.47 43.87
N LEU E 7 -65.64 -23.34 43.88
CA LEU E 7 -65.26 -22.06 43.22
C LEU E 7 -64.75 -22.07 41.76
N GLU E 8 -64.90 -23.19 41.06
CA GLU E 8 -64.43 -23.30 39.68
C GLU E 8 -65.60 -23.36 38.69
N LYS E 9 -66.81 -23.22 39.22
CA LYS E 9 -68.01 -23.06 38.42
C LYS E 9 -68.56 -21.64 38.66
N ASN E 10 -67.93 -20.96 39.61
CA ASN E 10 -68.30 -19.61 40.01
C ASN E 10 -67.31 -18.62 39.43
N VAL E 11 -67.73 -17.84 38.43
CA VAL E 11 -66.81 -16.95 37.69
C VAL E 11 -66.35 -15.74 38.52
N GLY E 12 -67.29 -15.16 39.24
CA GLY E 12 -67.02 -14.00 40.07
C GLY E 12 -66.37 -14.37 41.40
N LEU E 13 -66.79 -15.49 41.97
CA LEU E 13 -66.23 -16.00 43.22
C LEU E 13 -64.73 -16.29 43.04
N LEU E 14 -64.38 -16.95 41.94
CA LEU E 14 -62.98 -17.16 41.57
C LEU E 14 -62.28 -15.81 41.38
N THR E 15 -62.92 -14.89 40.64
CA THR E 15 -62.38 -13.55 40.41
C THR E 15 -62.07 -12.82 41.71
N LEU E 16 -63.05 -12.81 42.62
CA LEU E 16 -62.91 -12.13 43.91
C LEU E 16 -61.78 -12.71 44.77
N PHE E 17 -61.78 -14.04 44.95
CA PHE E 17 -60.75 -14.70 45.74
C PHE E 17 -59.34 -14.58 45.12
N MET E 18 -59.27 -14.40 43.81
CA MET E 18 -58.01 -14.11 43.15
C MET E 18 -57.52 -12.72 43.51
N ILE E 19 -58.35 -11.70 43.29
CA ILE E 19 -58.01 -10.31 43.62
C ILE E 19 -57.74 -10.17 45.12
N LEU E 20 -58.35 -11.05 45.90
CA LEU E 20 -58.07 -11.08 47.33
C LEU E 20 -56.71 -11.72 47.62
N ALA E 21 -56.50 -12.93 47.11
CA ALA E 21 -55.29 -13.70 47.38
C ALA E 21 -54.04 -12.96 46.96
N VAL E 22 -54.18 -12.22 45.86
CA VAL E 22 -53.07 -11.60 45.16
C VAL E 22 -52.67 -10.28 45.83
N SER E 23 -53.57 -9.73 46.65
CA SER E 23 -53.37 -8.42 47.26
C SER E 23 -52.52 -8.43 48.52
N ILE E 24 -52.66 -9.50 49.29
CA ILE E 24 -52.06 -9.61 50.62
C ILE E 24 -50.58 -9.20 50.68
N GLY E 25 -49.76 -9.76 49.79
CA GLY E 25 -48.33 -9.41 49.74
C GLY E 25 -48.04 -7.94 49.42
N GLY E 26 -48.85 -7.36 48.53
CA GLY E 26 -48.76 -5.93 48.21
C GLY E 26 -49.09 -5.07 49.41
N LEU E 27 -50.22 -5.37 50.08
CA LEU E 27 -50.65 -4.63 51.27
C LEU E 27 -49.68 -4.73 52.45
N THR E 28 -49.01 -5.88 52.56
CA THR E 28 -48.16 -6.16 53.71
C THR E 28 -46.71 -5.65 53.56
N GLN E 29 -46.29 -5.38 52.33
CA GLN E 29 -44.91 -4.99 52.08
C GLN E 29 -44.79 -3.52 51.72
N ILE E 30 -45.67 -3.04 50.85
CA ILE E 30 -45.61 -1.66 50.39
C ILE E 30 -46.21 -0.69 51.39
N VAL E 31 -47.44 -0.97 51.83
CA VAL E 31 -48.21 -0.04 52.68
C VAL E 31 -47.46 0.40 53.94
N PRO E 32 -46.87 -0.53 54.70
CA PRO E 32 -46.21 -0.11 55.94
C PRO E 32 -44.97 0.75 55.71
N LEU E 33 -44.40 0.71 54.52
CA LEU E 33 -43.24 1.52 54.17
C LEU E 33 -43.58 2.99 53.97
N PHE E 34 -44.81 3.27 53.56
CA PHE E 34 -45.28 4.64 53.46
C PHE E 34 -45.14 5.33 54.81
N PHE E 35 -45.31 4.54 55.87
CA PHE E 35 -45.39 5.06 57.21
C PHE E 35 -44.14 4.79 58.05
N GLN E 36 -43.21 3.98 57.53
CA GLN E 36 -41.95 3.75 58.25
C GLN E 36 -41.11 5.01 58.20
N ASP E 37 -40.54 5.38 59.34
CA ASP E 37 -39.75 6.60 59.41
C ASP E 37 -38.40 6.50 58.73
N SER E 38 -37.67 5.42 59.00
CA SER E 38 -36.31 5.24 58.49
C SER E 38 -36.16 5.38 56.97
N VAL E 39 -37.22 5.03 56.22
CA VAL E 39 -37.16 5.07 54.77
C VAL E 39 -37.79 6.33 54.14
N ASN E 40 -38.13 7.31 54.97
CA ASN E 40 -38.68 8.56 54.48
C ASN E 40 -37.92 9.79 54.97
N GLU E 41 -37.20 9.64 56.08
CA GLU E 41 -36.34 10.68 56.63
C GLU E 41 -35.12 10.89 55.74
N PRO E 42 -34.92 12.12 55.23
CA PRO E 42 -33.69 12.42 54.48
C PRO E 42 -32.50 12.36 55.39
N VAL E 43 -31.32 12.11 54.86
CA VAL E 43 -30.14 12.04 55.70
C VAL E 43 -29.74 13.45 56.13
N GLU E 44 -29.25 13.58 57.35
CA GLU E 44 -29.00 14.86 58.04
C GLU E 44 -29.23 16.16 57.22
N GLY E 45 -28.16 16.72 56.68
CA GLY E 45 -28.24 18.05 56.07
C GLY E 45 -28.69 18.06 54.62
N MET E 46 -28.90 16.86 54.06
CA MET E 46 -29.21 16.69 52.63
C MET E 46 -30.27 17.64 52.07
N LYS E 47 -29.89 18.27 50.95
CA LYS E 47 -30.77 19.14 50.17
C LYS E 47 -31.31 18.38 48.97
N PRO E 48 -32.38 18.92 48.33
CA PRO E 48 -32.83 18.42 47.03
C PRO E 48 -31.77 18.63 45.95
N TYR E 49 -31.85 17.90 44.83
CA TYR E 49 -30.89 18.14 43.73
C TYR E 49 -31.05 19.55 43.19
N THR E 50 -29.94 20.21 42.91
CA THR E 50 -29.99 21.54 42.29
C THR E 50 -30.48 21.45 40.85
N ALA E 51 -30.99 22.55 40.34
CA ALA E 51 -31.55 22.62 39.00
C ALA E 51 -30.68 21.86 38.00
N LEU E 52 -29.39 22.14 38.06
CA LEU E 52 -28.44 21.50 37.15
C LEU E 52 -28.27 20.02 37.44
N GLN E 53 -28.17 19.66 38.72
CA GLN E 53 -28.02 18.27 39.12
C GLN E 53 -29.25 17.47 38.71
N LEU E 54 -30.42 18.07 38.95
CA LEU E 54 -31.71 17.48 38.62
C LEU E 54 -31.85 17.28 37.11
N GLU E 55 -31.38 18.26 36.34
CA GLU E 55 -31.39 18.14 34.89
C GLU E 55 -30.44 17.03 34.41
N GLY E 56 -29.30 16.92 35.09
CA GLY E 56 -28.31 15.90 34.80
C GLY E 56 -28.78 14.51 35.21
N ARG E 57 -29.52 14.43 36.31
CA ARG E 57 -30.03 13.15 36.75
C ARG E 57 -31.01 12.63 35.72
N ASP E 58 -31.80 13.54 35.14
CA ASP E 58 -32.71 13.16 34.08
C ASP E 58 -31.94 12.78 32.80
N LEU E 59 -30.72 13.29 32.65
CA LEU E 59 -29.86 12.86 31.55
C LEU E 59 -29.34 11.44 31.78
N TYR E 60 -28.89 11.19 33.00
CA TYR E 60 -28.48 9.86 33.44
C TYR E 60 -29.61 8.85 33.23
N ILE E 61 -30.84 9.33 33.41
CA ILE E 61 -32.03 8.49 33.19
C ILE E 61 -32.22 8.18 31.70
N ARG E 62 -32.09 9.21 30.85
CA ARG E 62 -32.44 9.07 29.44
C ARG E 62 -31.41 8.22 28.74
N GLU E 63 -30.18 8.28 29.21
CA GLU E 63 -29.08 7.58 28.56
C GLU E 63 -29.02 6.10 28.92
N GLY E 64 -29.72 5.73 29.99
CA GLY E 64 -29.82 4.34 30.40
C GLY E 64 -28.65 3.92 31.26
N CYS E 65 -27.94 4.90 31.81
CA CYS E 65 -26.79 4.64 32.68
C CYS E 65 -27.07 3.55 33.73
N VAL E 66 -28.27 3.60 34.29
CA VAL E 66 -28.73 2.65 35.31
C VAL E 66 -28.58 1.18 34.90
N GLY E 67 -28.76 0.90 33.61
CA GLY E 67 -28.60 -0.45 33.10
C GLY E 67 -27.21 -1.08 33.24
N CYS E 68 -26.22 -0.26 33.57
CA CYS E 68 -24.87 -0.79 33.80
C CYS E 68 -24.37 -0.44 35.19
N HIS E 69 -25.02 0.54 35.85
CA HIS E 69 -24.49 1.14 37.07
C HIS E 69 -25.48 1.18 38.23
N SER E 70 -25.11 0.52 39.34
CA SER E 70 -25.88 0.57 40.57
C SER E 70 -25.59 1.81 41.37
N GLN E 71 -26.56 2.23 42.18
CA GLN E 71 -26.36 3.30 43.17
C GLN E 71 -26.86 2.84 44.52
N MET E 72 -26.18 1.82 45.04
CA MET E 72 -26.62 1.15 46.23
C MET E 72 -25.48 0.28 46.71
N ILE E 73 -24.78 0.78 47.72
CA ILE E 73 -23.67 0.05 48.31
C ILE E 73 -24.20 -0.84 49.44
N ARG E 74 -23.93 -2.13 49.30
CA ARG E 74 -24.41 -3.12 50.23
C ARG E 74 -23.49 -3.17 51.44
N PRO E 75 -24.06 -3.45 52.63
CA PRO E 75 -23.28 -3.40 53.87
C PRO E 75 -22.35 -4.61 54.05
N PHE E 76 -21.45 -4.83 53.10
CA PHE E 76 -20.37 -5.79 53.29
C PHE E 76 -19.07 -5.03 53.38
N ARG E 77 -18.09 -5.60 54.09
CA ARG E 77 -16.78 -4.97 54.20
C ARG E 77 -16.19 -4.68 52.82
N ALA E 78 -16.18 -5.68 51.94
CA ALA E 78 -15.54 -5.53 50.64
C ALA E 78 -16.21 -4.46 49.77
N GLU E 79 -17.52 -4.28 49.92
CA GLU E 79 -18.20 -3.23 49.15
C GLU E 79 -17.92 -1.88 49.80
N THR E 80 -17.92 -1.87 51.12
CA THR E 80 -17.48 -0.74 51.89
C THR E 80 -16.07 -0.28 51.50
N GLU E 81 -15.12 -1.21 51.43
CA GLU E 81 -13.75 -0.85 51.07
C GLU E 81 -13.66 -0.33 49.63
N ARG E 82 -14.43 -0.94 48.75
CA ARG E 82 -14.35 -0.56 47.35
C ARG E 82 -15.03 0.76 47.03
N TYR E 83 -16.17 1.04 47.68
CA TYR E 83 -16.98 2.19 47.28
C TYR E 83 -17.20 3.24 48.36
N GLY E 84 -17.13 2.84 49.62
CA GLY E 84 -17.41 3.76 50.71
C GLY E 84 -18.53 3.26 51.61
N HIS E 85 -19.12 4.19 52.34
CA HIS E 85 -20.13 3.83 53.31
C HIS E 85 -21.31 3.20 52.62
N TYR E 86 -21.79 2.08 53.15
CA TYR E 86 -22.97 1.46 52.57
C TYR E 86 -24.10 2.49 52.46
N SER E 87 -24.83 2.44 51.35
CA SER E 87 -25.95 3.32 51.09
C SER E 87 -26.99 3.28 52.19
N VAL E 88 -27.66 4.41 52.42
CA VAL E 88 -28.63 4.53 53.49
C VAL E 88 -29.99 4.96 52.96
N ALA E 89 -31.08 4.40 53.53
CA ALA E 89 -32.43 4.68 53.07
C ALA E 89 -32.67 6.19 52.86
N GLY E 90 -32.11 6.99 53.75
CA GLY E 90 -32.28 8.44 53.70
C GLY E 90 -31.66 9.15 52.51
N GLU E 91 -30.70 8.51 51.86
CA GLU E 91 -29.97 9.15 50.77
C GLU E 91 -30.79 9.27 49.50
N SER E 92 -31.69 8.31 49.30
CA SER E 92 -32.50 8.25 48.08
C SER E 92 -33.95 8.70 48.33
N VAL E 93 -34.16 9.34 49.47
CA VAL E 93 -35.49 9.82 49.87
C VAL E 93 -36.19 10.76 48.89
N TYR E 94 -35.41 11.53 48.13
CA TYR E 94 -35.93 12.44 47.09
C TYR E 94 -35.70 11.93 45.66
N ASP E 95 -35.44 10.63 45.52
CA ASP E 95 -35.21 10.03 44.20
C ASP E 95 -36.50 9.53 43.55
N HIS E 96 -37.15 10.42 42.80
CA HIS E 96 -38.25 10.04 41.92
C HIS E 96 -37.72 9.95 40.48
N PRO E 97 -37.59 8.72 39.95
CA PRO E 97 -37.72 7.41 40.60
C PRO E 97 -36.35 6.93 41.10
N PHE E 98 -36.34 5.95 42.00
CA PHE E 98 -35.07 5.49 42.56
C PHE E 98 -34.14 4.90 41.49
N LEU E 99 -32.84 5.06 41.68
CA LEU E 99 -31.87 4.56 40.70
C LEU E 99 -30.80 3.72 41.37
N TRP E 100 -31.21 2.97 42.39
CA TRP E 100 -30.39 1.88 42.88
C TRP E 100 -30.30 0.98 41.68
N GLY E 101 -29.21 0.25 41.54
CA GLY E 101 -29.11 -0.59 40.35
C GLY E 101 -29.85 -1.91 40.45
N SER E 102 -29.65 -2.73 39.41
CA SER E 102 -29.79 -4.17 39.54
C SER E 102 -28.65 -4.90 38.86
N LYS E 103 -27.87 -4.16 38.07
CA LYS E 103 -26.64 -4.68 37.52
C LYS E 103 -25.47 -3.75 37.71
N ARG E 104 -24.29 -4.36 37.76
CA ARG E 104 -23.03 -3.64 37.74
C ARG E 104 -22.18 -4.10 36.58
N THR E 105 -22.52 -3.67 35.36
CA THR E 105 -21.63 -3.91 34.23
C THR E 105 -20.43 -2.98 34.45
N GLY E 106 -20.71 -1.74 34.85
CA GLY E 106 -19.71 -0.81 35.35
C GLY E 106 -19.85 -0.73 36.86
N PRO E 107 -18.93 -0.02 37.56
CA PRO E 107 -18.94 -0.01 39.02
C PRO E 107 -20.10 0.76 39.59
N ASP E 108 -20.32 0.60 40.90
CA ASP E 108 -21.36 1.33 41.59
C ASP E 108 -21.01 2.82 41.61
N LEU E 109 -22.04 3.66 41.48
CA LEU E 109 -21.84 5.11 41.43
C LEU E 109 -22.45 5.84 42.62
N ALA E 110 -22.87 5.09 43.62
CA ALA E 110 -23.55 5.67 44.77
C ALA E 110 -22.69 6.71 45.44
N ARG E 111 -21.37 6.54 45.38
CA ARG E 111 -20.46 7.53 45.94
C ARG E 111 -19.31 7.93 45.03
N VAL E 112 -19.56 8.11 43.74
CA VAL E 112 -18.57 8.74 42.87
C VAL E 112 -18.31 10.17 43.31
N GLY E 113 -19.19 10.68 44.18
CA GLY E 113 -18.91 11.80 45.10
C GLY E 113 -18.04 12.86 44.50
N GLY E 114 -16.86 13.07 45.08
CA GLY E 114 -15.84 13.89 44.45
C GLY E 114 -14.60 13.05 44.21
N ARG E 115 -14.78 11.76 43.95
CA ARG E 115 -13.66 10.83 43.81
C ARG E 115 -12.83 11.13 42.57
N TYR E 116 -13.47 11.72 41.56
CA TYR E 116 -12.78 12.09 40.33
C TYR E 116 -13.07 13.53 39.98
N SER E 117 -12.12 14.16 39.30
CA SER E 117 -12.25 15.52 38.83
C SER E 117 -13.32 15.65 37.74
N ASP E 118 -13.96 16.81 37.65
CA ASP E 118 -14.84 17.11 36.52
C ASP E 118 -14.16 16.82 35.22
N ASP E 119 -12.88 17.20 35.13
CA ASP E 119 -12.12 17.00 33.91
C ASP E 119 -12.07 15.54 33.53
N TRP E 120 -11.86 14.69 34.52
CA TRP E 120 -11.80 13.27 34.27
C TRP E 120 -13.16 12.81 33.76
N HIS E 121 -14.23 13.23 34.43
CA HIS E 121 -15.57 12.79 34.08
C HIS E 121 -15.94 13.16 32.67
N ARG E 122 -15.46 14.32 32.24
CA ARG E 122 -15.73 14.82 30.91
C ARG E 122 -15.03 13.96 29.89
N ALA E 123 -13.75 13.68 30.17
CA ALA E 123 -12.93 12.90 29.29
C ALA E 123 -13.56 11.55 29.15
N HIS E 124 -14.04 11.06 30.29
CA HIS E 124 -14.38 9.66 30.38
C HIS E 124 -15.72 9.40 29.71
N LEU E 125 -16.67 10.31 29.94
CA LEU E 125 -17.95 10.25 29.26
C LEU E 125 -17.82 10.47 27.77
N TYR E 126 -16.91 11.34 27.34
CA TYR E 126 -16.71 11.59 25.91
C TYR E 126 -16.27 10.34 25.18
N ASN E 127 -15.45 9.52 25.86
CA ASN E 127 -14.94 8.28 25.28
C ASN E 127 -14.23 7.47 26.36
N PRO E 128 -14.97 6.59 27.05
CA PRO E 128 -14.36 5.93 28.21
C PRO E 128 -13.08 5.18 27.85
N ARG E 129 -13.05 4.56 26.65
CA ARG E 129 -11.91 3.73 26.20
C ARG E 129 -10.66 4.57 26.18
N ASN E 130 -10.90 5.85 26.00
CA ASN E 130 -9.86 6.83 25.93
C ASN E 130 -9.14 7.08 27.25
N VAL E 131 -9.76 6.75 28.37
CA VAL E 131 -9.12 6.95 29.68
C VAL E 131 -8.96 5.61 30.38
N VAL E 132 -9.89 4.70 30.08
CA VAL E 132 -9.87 3.38 30.67
C VAL E 132 -9.96 2.46 29.47
N PRO E 133 -8.79 2.15 28.87
CA PRO E 133 -8.71 1.44 27.60
C PRO E 133 -9.61 0.20 27.47
N GLU E 134 -9.84 -0.52 28.55
CA GLU E 134 -10.56 -1.78 28.46
C GLU E 134 -12.01 -1.64 28.92
N SER E 135 -12.53 -0.42 28.89
CA SER E 135 -13.90 -0.15 29.29
C SER E 135 -14.87 -0.70 28.29
N LYS E 136 -16.07 -1.08 28.75
CA LYS E 136 -17.12 -1.53 27.83
C LYS E 136 -18.27 -0.51 27.73
N MET E 137 -18.13 0.57 28.50
CA MET E 137 -19.06 1.68 28.51
C MET E 137 -19.09 2.35 27.14
N PRO E 138 -20.30 2.70 26.67
CA PRO E 138 -20.48 3.48 25.48
C PRO E 138 -19.87 4.87 25.59
N SER E 139 -19.43 5.40 24.46
CA SER E 139 -19.05 6.79 24.37
C SER E 139 -20.29 7.66 24.31
N TYR E 140 -20.25 8.79 25.03
CA TYR E 140 -21.38 9.70 25.12
C TYR E 140 -20.99 11.11 24.66
N PRO E 141 -20.39 11.23 23.46
CA PRO E 141 -19.88 12.51 23.02
C PRO E 141 -20.95 13.56 22.72
N TRP E 142 -22.17 13.12 22.42
CA TRP E 142 -23.21 14.09 22.15
C TRP E 142 -23.49 14.99 23.35
N LEU E 143 -23.17 14.52 24.54
CA LEU E 143 -23.43 15.29 25.75
C LEU E 143 -22.78 16.67 25.69
N VAL E 144 -21.69 16.76 24.95
CA VAL E 144 -20.96 18.01 24.80
C VAL E 144 -21.55 18.94 23.74
N GLU E 145 -22.15 18.34 22.72
CA GLU E 145 -22.71 19.11 21.61
C GLU E 145 -24.10 19.64 21.95
N ASN E 146 -24.65 19.21 23.07
CA ASN E 146 -26.01 19.59 23.43
C ASN E 146 -26.09 20.61 24.55
N THR E 147 -26.98 21.57 24.39
CA THR E 147 -27.12 22.64 25.36
C THR E 147 -28.48 22.57 26.04
N LEU E 148 -28.48 22.65 27.36
CA LEU E 148 -29.73 22.77 28.08
C LEU E 148 -30.29 24.17 27.92
N ASP E 149 -31.58 24.26 27.62
CA ASP E 149 -32.24 25.57 27.50
C ASP E 149 -32.95 25.94 28.80
N GLY E 150 -33.13 24.95 29.69
CA GLY E 150 -33.77 25.16 30.98
C GLY E 150 -35.28 25.43 30.93
N LYS E 151 -35.89 25.10 29.80
CA LYS E 151 -37.32 25.30 29.60
C LYS E 151 -38.14 24.62 30.71
N ASP E 152 -37.87 23.34 30.95
CA ASP E 152 -38.74 22.54 31.79
C ASP E 152 -38.29 22.38 33.24
N THR E 153 -37.10 22.89 33.57
CA THR E 153 -36.57 22.76 34.93
C THR E 153 -37.56 23.28 35.97
N ALA E 154 -38.14 24.44 35.70
CA ALA E 154 -39.17 25.02 36.57
C ALA E 154 -40.29 24.02 36.85
N LYS E 155 -40.89 23.47 35.79
CA LYS E 155 -41.96 22.48 35.92
C LYS E 155 -41.56 21.25 36.73
N LYS E 156 -40.37 20.72 36.42
CA LYS E 156 -39.86 19.50 37.07
C LYS E 156 -39.79 19.66 38.58
N MET E 157 -39.25 20.78 39.04
CA MET E 157 -39.16 21.06 40.46
C MET E 157 -40.54 21.25 41.10
N SER E 158 -41.41 21.98 40.42
CA SER E 158 -42.79 22.14 40.84
C SER E 158 -43.42 20.77 41.01
N ALA E 159 -43.23 19.92 40.00
CA ALA E 159 -43.73 18.55 40.04
C ALA E 159 -43.19 17.78 41.23
N LEU E 160 -41.87 17.87 41.44
CA LEU E 160 -41.21 17.15 42.53
C LEU E 160 -41.57 17.68 43.93
N ARG E 161 -41.76 19.00 44.05
CA ARG E 161 -42.21 19.59 45.32
C ARG E 161 -43.56 19.02 45.68
N MET E 162 -44.45 19.01 44.69
CA MET E 162 -45.76 18.39 44.81
C MET E 162 -45.61 16.95 45.32
N LEU E 163 -44.51 16.28 44.97
CA LEU E 163 -44.25 14.91 45.42
C LEU E 163 -43.49 14.83 46.73
N GLY E 164 -43.26 15.96 47.38
CA GLY E 164 -42.65 15.97 48.70
C GLY E 164 -41.29 16.63 48.81
N VAL E 165 -40.59 16.78 47.68
CA VAL E 165 -39.24 17.33 47.66
C VAL E 165 -39.26 18.84 47.96
N PRO E 166 -38.58 19.26 49.05
CA PRO E 166 -38.73 20.63 49.55
C PRO E 166 -37.92 21.66 48.75
N TYR E 167 -38.31 21.86 47.49
CA TYR E 167 -37.74 22.92 46.67
C TYR E 167 -38.27 24.26 47.15
N THR E 168 -37.38 25.23 47.27
CA THR E 168 -37.80 26.55 47.71
C THR E 168 -38.39 27.33 46.54
N GLU E 169 -39.16 28.36 46.83
CA GLU E 169 -39.65 29.26 45.79
C GLU E 169 -38.44 29.85 45.07
N GLU E 170 -37.39 30.13 45.85
CA GLU E 170 -36.12 30.66 45.35
C GLU E 170 -35.54 29.70 44.35
N ASP E 171 -35.63 28.40 44.67
CA ASP E 171 -35.13 27.34 43.80
C ASP E 171 -35.84 27.33 42.45
N ILE E 172 -37.18 27.33 42.46
CA ILE E 172 -38.00 27.27 41.24
C ILE E 172 -37.81 28.52 40.38
N ALA E 173 -38.06 29.69 40.95
CA ALA E 173 -37.69 30.96 40.34
C ALA E 173 -36.22 30.87 39.94
N GLY E 174 -35.94 31.08 38.67
CA GLY E 174 -34.57 31.04 38.18
C GLY E 174 -33.86 29.70 38.36
N ALA E 175 -34.62 28.60 38.29
CA ALA E 175 -34.03 27.30 38.05
C ALA E 175 -33.67 27.26 36.57
N ARG E 176 -34.42 28.00 35.76
CA ARG E 176 -34.12 28.12 34.34
C ARG E 176 -32.71 28.66 34.10
N ASP E 177 -32.39 29.81 34.68
CA ASP E 177 -31.08 30.45 34.44
C ASP E 177 -29.90 29.85 35.22
N SER E 178 -30.17 28.87 36.08
CA SER E 178 -29.10 28.07 36.67
C SER E 178 -28.62 27.05 35.66
N VAL E 179 -29.46 26.80 34.66
CA VAL E 179 -29.31 25.69 33.73
C VAL E 179 -29.09 26.14 32.29
N ASN E 180 -29.80 27.19 31.87
CA ASN E 180 -29.74 27.66 30.49
C ASN E 180 -28.31 27.90 30.02
N GLY E 181 -27.98 27.36 28.85
CA GLY E 181 -26.66 27.56 28.25
C GLY E 181 -25.60 26.57 28.66
N LYS E 182 -25.84 25.85 29.75
CA LYS E 182 -24.99 24.75 30.18
C LYS E 182 -25.13 23.56 29.21
N THR E 183 -24.06 22.79 29.04
CA THR E 183 -24.12 21.64 28.15
C THR E 183 -24.66 20.43 28.90
N GLU E 184 -25.21 19.46 28.15
CA GLU E 184 -25.71 18.25 28.79
C GLU E 184 -24.62 17.62 29.61
N MET E 185 -23.41 17.59 29.05
CA MET E 185 -22.26 17.06 29.74
C MET E 185 -22.01 17.79 31.07
N ASP E 186 -22.16 19.12 31.07
CA ASP E 186 -22.04 19.91 32.31
C ASP E 186 -22.99 19.37 33.35
N ALA E 187 -24.23 19.15 32.94
CA ALA E 187 -25.26 18.68 33.85
C ALA E 187 -24.97 17.26 34.33
N MET E 188 -24.56 16.38 33.41
CA MET E 188 -24.24 15.02 33.79
C MET E 188 -23.14 14.99 34.85
N VAL E 189 -22.11 15.79 34.65
CA VAL E 189 -21.00 15.88 35.58
C VAL E 189 -21.46 16.43 36.92
N ALA E 190 -22.30 17.44 36.88
CA ALA E 190 -22.81 18.03 38.12
C ALA E 190 -23.55 16.97 38.91
N TYR E 191 -24.38 16.19 38.23
CA TYR E 191 -25.12 15.14 38.88
C TYR E 191 -24.16 14.13 39.53
N LEU E 192 -23.28 13.56 38.72
CA LEU E 192 -22.31 12.59 39.23
C LEU E 192 -21.54 13.11 40.45
N GLN E 193 -21.24 14.40 40.48
CA GLN E 193 -20.42 14.94 41.55
C GLN E 193 -21.15 15.10 42.89
N VAL E 194 -22.47 14.90 42.89
CA VAL E 194 -23.21 15.07 44.12
C VAL E 194 -23.51 13.72 44.75
N LEU E 195 -23.38 12.66 43.96
CA LEU E 195 -23.74 11.32 44.40
C LEU E 195 -23.02 10.89 45.68
N GLY E 196 -23.80 10.68 46.75
CA GLY E 196 -23.28 10.17 47.99
C GLY E 196 -22.57 11.20 48.85
N THR E 197 -22.45 12.42 48.35
CA THR E 197 -21.80 13.48 49.12
C THR E 197 -22.61 13.86 50.33
N ALA E 198 -23.93 13.77 50.21
CA ALA E 198 -24.85 14.14 51.29
C ALA E 198 -24.56 13.44 52.63
N LEU E 199 -24.20 12.16 52.59
CA LEU E 199 -23.93 11.40 53.81
C LEU E 199 -22.57 11.78 54.40
N THR E 200 -21.53 11.77 53.57
CA THR E 200 -20.17 11.92 54.08
C THR E 200 -19.74 13.34 54.45
N ASN E 201 -20.68 14.29 54.53
CA ASN E 201 -20.36 15.66 55.00
C ASN E 201 -21.37 16.27 55.98
N LYS E 202 -22.33 15.45 56.42
CA LYS E 202 -23.38 15.84 57.37
C LYS E 202 -22.85 16.26 58.75
N MET F 1 -40.75 1.74 62.63
CA MET F 1 -42.04 1.01 62.66
C MET F 1 -42.79 1.27 63.95
N SER F 2 -44.05 1.69 63.82
CA SER F 2 -44.94 1.77 64.98
C SER F 2 -45.33 0.35 65.39
N THR F 3 -45.93 0.19 66.56
CA THR F 3 -46.33 -1.16 66.98
C THR F 3 -47.54 -1.69 66.19
N PHE F 4 -48.31 -0.79 65.58
CA PHE F 4 -49.44 -1.19 64.73
C PHE F 4 -48.96 -1.91 63.47
N TRP F 5 -48.06 -1.25 62.74
CA TRP F 5 -47.52 -1.83 61.52
C TRP F 5 -46.73 -3.08 61.79
N SER F 6 -46.11 -3.14 62.97
CA SER F 6 -45.37 -4.31 63.41
C SER F 6 -46.27 -5.54 63.45
N GLY F 7 -47.37 -5.46 64.20
CA GLY F 7 -48.37 -6.52 64.27
C GLY F 7 -49.03 -6.77 62.93
N TYR F 8 -49.39 -5.69 62.24
CA TYR F 8 -49.98 -5.72 60.90
C TYR F 8 -49.24 -6.69 59.97
N ILE F 9 -47.92 -6.57 59.95
CA ILE F 9 -47.05 -7.47 59.18
C ILE F 9 -47.09 -8.89 59.71
N ALA F 10 -46.71 -9.08 60.97
CA ALA F 10 -46.67 -10.40 61.62
C ALA F 10 -47.97 -11.19 61.43
N LEU F 11 -49.10 -10.52 61.63
CA LEU F 11 -50.40 -11.15 61.50
C LEU F 11 -50.67 -11.62 60.08
N LEU F 12 -50.49 -10.74 59.11
CA LEU F 12 -50.69 -11.09 57.71
C LEU F 12 -49.69 -12.14 57.21
N THR F 13 -48.44 -12.06 57.67
CA THR F 13 -47.41 -13.04 57.32
C THR F 13 -47.75 -14.42 57.87
N LEU F 14 -47.89 -14.51 59.19
CA LEU F 14 -48.28 -15.75 59.84
C LEU F 14 -49.66 -16.21 59.37
N GLY F 15 -50.52 -15.25 59.03
CA GLY F 15 -51.85 -15.54 58.49
C GLY F 15 -51.81 -16.22 57.15
N THR F 16 -50.81 -15.85 56.35
CA THR F 16 -50.60 -16.48 55.06
C THR F 16 -50.03 -17.88 55.23
N ILE F 17 -49.08 -18.02 56.17
CA ILE F 17 -48.47 -19.32 56.48
C ILE F 17 -49.51 -20.31 57.01
N VAL F 18 -50.28 -19.89 58.01
CA VAL F 18 -51.40 -20.67 58.51
C VAL F 18 -52.33 -21.03 57.35
N ALA F 19 -52.62 -20.05 56.50
CA ALA F 19 -53.46 -20.23 55.32
C ALA F 19 -52.92 -21.33 54.40
N LEU F 20 -51.62 -21.27 54.12
CA LEU F 20 -50.95 -22.25 53.26
C LEU F 20 -50.98 -23.67 53.83
N PHE F 21 -50.66 -23.79 55.12
CA PHE F 21 -50.72 -25.08 55.80
C PHE F 21 -52.12 -25.66 55.65
N TRP F 22 -53.12 -24.81 55.85
CA TRP F 22 -54.50 -25.20 55.67
C TRP F 22 -54.77 -25.66 54.23
N LEU F 23 -54.33 -24.87 53.26
CA LEU F 23 -54.53 -25.19 51.85
C LEU F 23 -53.90 -26.53 51.49
N ILE F 24 -52.68 -26.76 51.99
CA ILE F 24 -51.91 -27.96 51.67
C ILE F 24 -52.56 -29.23 52.23
N PHE F 25 -53.07 -29.13 53.47
CA PHE F 25 -53.72 -30.26 54.13
C PHE F 25 -55.15 -30.47 53.65
N ALA F 26 -55.84 -29.37 53.34
CA ALA F 26 -57.25 -29.40 52.95
C ALA F 26 -57.47 -30.16 51.64
N THR F 27 -56.63 -29.88 50.66
CA THR F 27 -56.75 -30.49 49.33
C THR F 27 -56.12 -31.89 49.29
N ARG F 28 -55.37 -32.24 50.34
CA ARG F 28 -54.73 -33.54 50.48
C ARG F 28 -55.67 -34.55 51.16
N LYS F 29 -56.97 -34.26 51.14
CA LYS F 29 -58.00 -34.96 51.94
C LYS F 29 -58.15 -36.48 51.74
N GLY F 30 -59.07 -36.89 50.86
CA GLY F 30 -59.28 -38.31 50.57
C GLY F 30 -58.29 -38.84 49.54
N GLU F 31 -57.00 -38.70 49.86
CA GLU F 31 -55.90 -38.97 48.93
C GLU F 31 -55.74 -40.46 48.64
N SER F 32 -55.47 -40.78 47.38
CA SER F 32 -55.54 -42.15 46.88
C SER F 32 -54.23 -42.93 47.01
N ALA F 33 -53.59 -42.85 48.18
CA ALA F 33 -52.30 -43.52 48.47
C ALA F 33 -51.23 -43.33 47.39
N GLY F 34 -51.44 -43.95 46.22
CA GLY F 34 -50.49 -43.89 45.10
C GLY F 34 -51.08 -43.45 43.76
N THR F 35 -50.37 -43.76 42.68
CA THR F 35 -50.63 -43.18 41.35
C THR F 35 -52.01 -43.47 40.72
N THR F 36 -52.72 -44.45 41.30
CA THR F 36 -54.15 -44.71 41.03
C THR F 36 -54.59 -44.75 39.57
N ASP F 37 -54.84 -43.56 39.02
CA ASP F 37 -55.48 -43.34 37.72
C ASP F 37 -56.99 -43.10 37.84
N GLN F 38 -57.76 -43.57 36.85
CA GLN F 38 -59.12 -43.09 36.61
C GLN F 38 -59.05 -41.63 36.17
N THR F 39 -60.18 -41.07 35.77
CA THR F 39 -60.22 -39.70 35.32
C THR F 39 -61.05 -38.87 36.29
N MET F 40 -61.75 -37.89 35.75
CA MET F 40 -62.79 -37.17 36.45
C MET F 40 -63.92 -36.90 35.46
N GLY F 41 -64.99 -36.29 35.93
CA GLY F 41 -66.08 -35.89 35.06
C GLY F 41 -65.69 -34.68 34.25
N HIS F 42 -66.30 -34.53 33.08
CA HIS F 42 -66.21 -33.31 32.26
C HIS F 42 -64.83 -33.12 31.62
N ALA F 43 -64.83 -32.86 30.31
CA ALA F 43 -63.59 -32.64 29.56
C ALA F 43 -63.57 -31.23 28.99
N PHE F 44 -62.37 -30.78 28.59
CA PHE F 44 -62.18 -29.44 28.04
C PHE F 44 -61.44 -29.58 26.73
N ASP F 45 -62.14 -29.29 25.62
CA ASP F 45 -61.69 -29.68 24.29
C ASP F 45 -61.52 -31.20 24.28
N GLY F 46 -60.29 -31.66 24.49
CA GLY F 46 -60.00 -33.07 24.68
C GLY F 46 -59.46 -33.32 26.07
N ILE F 47 -58.73 -32.34 26.61
CA ILE F 47 -58.06 -32.43 27.89
C ILE F 47 -58.95 -32.99 29.01
N GLU F 48 -58.48 -34.07 29.62
CA GLU F 48 -59.08 -34.57 30.86
C GLU F 48 -58.00 -34.64 31.94
N GLU F 49 -58.37 -35.01 33.16
CA GLU F 49 -57.40 -35.03 34.26
C GLU F 49 -57.62 -36.11 35.33
N TYR F 50 -56.51 -36.77 35.68
CA TYR F 50 -56.46 -37.77 36.73
C TYR F 50 -56.77 -37.16 38.10
N ASP F 51 -57.48 -37.91 38.95
CA ASP F 51 -57.61 -37.51 40.35
C ASP F 51 -56.47 -38.12 41.16
N ASN F 52 -55.24 -37.85 40.73
CA ASN F 52 -54.08 -38.40 41.39
C ASN F 52 -53.73 -37.63 42.65
N PRO F 53 -52.99 -38.28 43.57
CA PRO F 53 -52.58 -37.64 44.81
C PRO F 53 -51.39 -36.71 44.62
N LEU F 54 -51.26 -35.76 45.55
CA LEU F 54 -50.06 -34.97 45.71
C LEU F 54 -48.89 -35.92 45.98
N PRO F 55 -47.82 -35.85 45.15
CA PRO F 55 -46.63 -36.67 45.40
C PRO F 55 -46.10 -36.52 46.83
N ARG F 56 -45.82 -37.65 47.48
CA ARG F 56 -45.37 -37.67 48.87
C ARG F 56 -44.21 -36.70 49.13
N TRP F 57 -43.16 -36.79 48.31
CA TRP F 57 -41.97 -35.95 48.46
C TRP F 57 -42.30 -34.47 48.31
N TRP F 58 -43.12 -34.14 47.31
CA TRP F 58 -43.48 -32.76 47.01
C TRP F 58 -44.23 -32.14 48.17
N PHE F 59 -45.08 -32.94 48.79
CA PHE F 59 -45.77 -32.55 50.01
C PHE F 59 -44.77 -32.20 51.12
N LEU F 60 -43.78 -33.08 51.32
CA LEU F 60 -42.76 -32.89 52.36
C LEU F 60 -41.89 -31.68 52.09
N LEU F 61 -41.56 -31.48 50.82
CA LEU F 61 -40.80 -30.32 50.38
C LEU F 61 -41.56 -29.04 50.67
N PHE F 62 -42.88 -29.06 50.44
CA PHE F 62 -43.75 -27.95 50.77
C PHE F 62 -43.71 -27.66 52.27
N ILE F 63 -43.87 -28.70 53.07
CA ILE F 63 -43.81 -28.58 54.54
C ILE F 63 -42.42 -28.15 55.00
N GLY F 64 -41.39 -28.67 54.34
CA GLY F 64 -40.01 -28.31 54.64
C GLY F 64 -39.83 -26.81 54.59
N THR F 65 -40.13 -26.24 53.43
CA THR F 65 -40.03 -24.80 53.20
C THR F 65 -40.85 -23.97 54.20
N LEU F 66 -42.07 -24.42 54.49
CA LEU F 66 -42.94 -23.73 55.45
C LEU F 66 -42.40 -23.76 56.87
N VAL F 67 -41.94 -24.93 57.30
CA VAL F 67 -41.33 -25.10 58.64
C VAL F 67 -40.09 -24.19 58.74
N PHE F 68 -39.22 -24.28 57.75
CA PHE F 68 -38.03 -23.43 57.67
C PHE F 68 -38.37 -21.93 57.70
N GLY F 69 -39.43 -21.56 56.96
CA GLY F 69 -39.95 -20.19 56.98
C GLY F 69 -40.22 -19.68 58.39
N ILE F 70 -40.89 -20.49 59.21
CA ILE F 70 -41.09 -20.16 60.62
C ILE F 70 -39.76 -20.10 61.37
N LEU F 71 -38.96 -21.16 61.24
CA LEU F 71 -37.63 -21.26 61.86
C LEU F 71 -36.79 -19.98 61.63
N TYR F 72 -36.77 -19.51 60.39
CA TYR F 72 -36.02 -18.33 59.96
C TYR F 72 -36.63 -17.02 60.50
N LEU F 73 -37.95 -16.90 60.41
CA LEU F 73 -38.67 -15.72 60.93
C LEU F 73 -38.57 -15.58 62.45
N VAL F 74 -38.38 -16.70 63.14
CA VAL F 74 -38.09 -16.70 64.58
C VAL F 74 -36.65 -16.24 64.80
N LEU F 75 -35.71 -16.85 64.08
CA LEU F 75 -34.29 -16.49 64.19
C LEU F 75 -33.93 -15.09 63.71
N TYR F 76 -34.68 -14.57 62.75
CA TYR F 76 -34.31 -13.33 62.07
C TYR F 76 -35.42 -12.27 62.05
N PRO F 77 -35.04 -11.00 61.84
CA PRO F 77 -36.05 -9.95 61.69
C PRO F 77 -36.86 -10.23 60.45
N GLY F 78 -38.12 -9.83 60.48
CA GLY F 78 -39.03 -10.11 59.39
C GLY F 78 -40.45 -9.96 59.85
N LEU F 79 -40.82 -10.72 60.88
CA LEU F 79 -42.15 -10.65 61.44
C LEU F 79 -42.35 -9.32 62.16
N GLY F 80 -42.50 -8.25 61.39
CA GLY F 80 -42.63 -6.91 61.95
C GLY F 80 -41.38 -6.45 62.68
N ASN F 81 -41.58 -5.93 63.90
CA ASN F 81 -40.50 -5.40 64.75
C ASN F 81 -39.73 -6.45 65.50
N TRP F 82 -40.10 -7.71 65.27
CA TRP F 82 -39.52 -8.87 65.92
C TRP F 82 -38.02 -9.03 65.63
N LYS F 83 -37.19 -8.28 66.36
CA LYS F 83 -35.73 -8.44 66.31
C LYS F 83 -35.40 -9.92 66.53
N GLY F 84 -34.42 -10.46 65.81
CA GLY F 84 -34.12 -11.89 65.83
C GLY F 84 -33.86 -12.56 67.18
N VAL F 85 -34.00 -13.88 67.23
CA VAL F 85 -33.58 -14.65 68.41
C VAL F 85 -32.23 -15.35 68.18
N LEU F 86 -31.71 -15.20 66.96
CA LEU F 86 -30.38 -15.72 66.60
C LEU F 86 -29.32 -15.42 67.66
N PRO F 87 -28.62 -16.47 68.13
CA PRO F 87 -27.55 -16.31 69.11
C PRO F 87 -26.31 -15.67 68.49
N GLY F 88 -25.46 -15.10 69.34
CA GLY F 88 -24.23 -14.47 68.86
C GLY F 88 -24.35 -12.99 68.53
N TYR F 89 -25.55 -12.57 68.12
CA TYR F 89 -25.82 -11.17 67.84
C TYR F 89 -26.61 -10.50 68.98
N GLU F 90 -25.96 -9.54 69.63
CA GLU F 90 -26.55 -8.86 70.79
C GLU F 90 -27.64 -7.88 70.36
N GLY F 91 -28.84 -8.09 70.88
CA GLY F 91 -29.99 -7.24 70.57
C GLY F 91 -30.67 -7.59 69.27
N GLY F 92 -30.26 -8.70 68.66
CA GLY F 92 -30.85 -9.16 67.41
C GLY F 92 -30.02 -8.81 66.18
N TRP F 93 -30.18 -9.62 65.15
CA TRP F 93 -29.40 -9.50 63.93
C TRP F 93 -29.93 -8.39 63.06
N THR F 94 -28.98 -7.59 62.60
CA THR F 94 -29.22 -6.64 61.53
C THR F 94 -28.06 -6.69 60.55
N GLN F 95 -28.33 -6.34 59.30
CA GLN F 95 -27.28 -6.29 58.29
C GLN F 95 -26.19 -5.29 58.70
N GLU F 96 -26.60 -4.25 59.41
CA GLU F 96 -25.67 -3.28 60.00
C GLU F 96 -24.71 -3.98 60.94
N LYS F 97 -25.26 -4.59 61.99
CA LYS F 97 -24.46 -5.24 63.03
C LYS F 97 -23.50 -6.27 62.43
N GLN F 98 -23.95 -6.97 61.40
CA GLN F 98 -23.13 -7.97 60.73
C GLN F 98 -21.92 -7.33 60.09
N TRP F 99 -22.13 -6.16 59.49
CA TRP F 99 -21.06 -5.39 58.88
C TRP F 99 -20.09 -4.90 59.95
N GLU F 100 -20.61 -4.24 60.99
CA GLU F 100 -19.77 -3.79 62.10
C GLU F 100 -18.81 -4.86 62.55
N ARG F 101 -19.33 -6.07 62.76
CA ARG F 101 -18.53 -7.23 63.18
C ARG F 101 -17.48 -7.58 62.14
N GLU F 102 -17.89 -7.63 60.88
CA GLU F 102 -17.02 -8.02 59.79
C GLU F 102 -15.79 -7.11 59.72
N VAL F 103 -16.02 -5.80 59.77
CA VAL F 103 -14.91 -4.84 59.75
C VAL F 103 -14.10 -4.98 61.02
N ALA F 104 -14.78 -5.05 62.17
CA ALA F 104 -14.12 -5.19 63.46
C ALA F 104 -13.11 -6.34 63.48
N GLN F 105 -13.51 -7.48 62.91
CA GLN F 105 -12.65 -8.66 62.85
C GLN F 105 -11.50 -8.49 61.86
N ALA F 106 -11.78 -7.77 60.77
CA ALA F 106 -10.74 -7.42 59.80
C ALA F 106 -9.68 -6.52 60.43
N ASP F 107 -10.09 -5.66 61.36
CA ASP F 107 -9.17 -4.76 62.04
C ASP F 107 -8.27 -5.47 63.05
N GLU F 108 -8.78 -6.55 63.64
CA GLU F 108 -7.97 -7.37 64.53
C GLU F 108 -6.95 -8.17 63.76
N LYS F 109 -7.27 -8.49 62.51
CA LYS F 109 -6.38 -9.28 61.68
C LYS F 109 -5.39 -8.40 60.89
N TYR F 110 -5.92 -7.49 60.09
CA TYR F 110 -5.10 -6.68 59.20
C TYR F 110 -4.59 -5.43 59.92
N GLY F 111 -5.08 -5.20 61.13
CA GLY F 111 -4.67 -4.07 61.95
C GLY F 111 -3.17 -4.02 62.19
N PRO F 112 -2.61 -5.05 62.87
CA PRO F 112 -1.16 -5.14 63.10
C PRO F 112 -0.33 -4.82 61.87
N ILE F 113 -0.74 -5.33 60.71
CA ILE F 113 -0.01 -5.11 59.44
C ILE F 113 0.07 -3.63 59.10
N PHE F 114 -1.09 -2.97 59.01
CA PHE F 114 -1.18 -1.53 58.80
C PHE F 114 -0.38 -0.77 59.84
N ALA F 115 -0.54 -1.16 61.10
CA ALA F 115 0.20 -0.57 62.21
C ALA F 115 1.71 -0.65 61.96
N LYS F 116 2.17 -1.79 61.47
CA LYS F 116 3.59 -2.03 61.20
C LYS F 116 4.18 -1.01 60.22
N TYR F 117 3.48 -0.78 59.12
CA TYR F 117 3.95 0.16 58.11
C TYR F 117 3.75 1.61 58.50
N ALA F 118 2.68 1.88 59.27
CA ALA F 118 2.42 3.22 59.79
C ALA F 118 3.56 3.72 60.67
N ALA F 119 4.26 2.79 61.33
CA ALA F 119 5.39 3.13 62.19
C ALA F 119 6.66 3.46 61.41
N MET F 120 6.75 2.99 60.16
CA MET F 120 7.92 3.27 59.32
C MET F 120 7.72 4.55 58.52
N SER F 121 8.83 5.16 58.11
CA SER F 121 8.80 6.29 57.19
C SER F 121 8.36 5.82 55.80
N VAL F 122 7.95 6.75 54.95
CA VAL F 122 7.50 6.39 53.60
C VAL F 122 8.60 5.61 52.84
N GLU F 123 9.84 6.13 52.84
CA GLU F 123 10.93 5.47 52.11
C GLU F 123 11.28 4.09 52.66
N GLU F 124 11.14 3.92 53.97
CA GLU F 124 11.33 2.61 54.61
C GLU F 124 10.30 1.58 54.15
N VAL F 125 9.05 2.01 54.03
CA VAL F 125 7.99 1.14 53.53
C VAL F 125 8.25 0.79 52.07
N ALA F 126 8.85 1.73 51.33
CA ALA F 126 9.03 1.61 49.89
C ALA F 126 10.04 0.53 49.52
N GLN F 127 10.99 0.28 50.40
CA GLN F 127 11.99 -0.75 50.16
C GLN F 127 11.58 -2.09 50.78
N ASP F 128 10.36 -2.15 51.30
CA ASP F 128 9.76 -3.39 51.80
C ASP F 128 8.89 -3.97 50.69
N PRO F 129 9.35 -5.07 50.05
CA PRO F 129 8.67 -5.68 48.89
C PRO F 129 7.20 -6.04 49.13
N GLN F 130 6.88 -6.51 50.33
CA GLN F 130 5.51 -6.87 50.72
C GLN F 130 4.58 -5.68 50.65
N ALA F 131 4.99 -4.62 51.32
CA ALA F 131 4.26 -3.36 51.35
C ALA F 131 4.02 -2.80 49.95
N VAL F 132 5.04 -2.87 49.11
CA VAL F 132 4.93 -2.39 47.73
C VAL F 132 3.87 -3.19 46.99
N LYS F 133 3.86 -4.50 47.19
CA LYS F 133 2.83 -5.36 46.58
C LYS F 133 1.43 -4.91 47.01
N MET F 134 1.31 -4.50 48.27
CA MET F 134 0.06 -3.98 48.84
C MET F 134 -0.27 -2.61 48.26
N GLY F 135 0.74 -1.73 48.25
CA GLY F 135 0.61 -0.43 47.60
C GLY F 135 0.15 -0.57 46.17
N ALA F 136 0.71 -1.55 45.46
CA ALA F 136 0.37 -1.83 44.07
C ALA F 136 -1.09 -2.20 43.94
N ARG F 137 -1.56 -2.99 44.90
CA ARG F 137 -2.92 -3.50 44.91
C ARG F 137 -3.87 -2.36 45.26
N LEU F 138 -3.50 -1.56 46.26
CA LEU F 138 -4.25 -0.36 46.59
C LEU F 138 -4.34 0.55 45.37
N PHE F 139 -3.20 0.78 44.73
CA PHE F 139 -3.13 1.63 43.54
C PHE F 139 -4.08 1.19 42.44
N ALA F 140 -4.11 -0.11 42.17
CA ALA F 140 -4.93 -0.65 41.09
C ALA F 140 -6.40 -0.37 41.38
N ASN F 141 -6.75 -0.32 42.67
CA ASN F 141 -8.12 -0.07 43.05
C ASN F 141 -8.55 1.39 43.01
N TYR F 142 -7.71 2.29 43.49
CA TYR F 142 -8.17 3.66 43.69
C TYR F 142 -7.56 4.69 42.76
N CYS F 143 -6.52 4.31 42.03
CA CYS F 143 -5.72 5.28 41.29
C CYS F 143 -5.59 4.97 39.82
N SER F 144 -5.80 3.71 39.46
CA SER F 144 -5.50 3.25 38.11
C SER F 144 -6.40 3.88 37.06
N ILE F 145 -7.59 4.30 37.49
CA ILE F 145 -8.56 4.84 36.57
C ILE F 145 -8.14 6.20 35.98
N CYS F 146 -7.36 6.97 36.75
CA CYS F 146 -6.81 8.24 36.28
C CYS F 146 -5.39 8.09 35.79
N HIS F 147 -4.54 7.49 36.62
CA HIS F 147 -3.10 7.43 36.34
C HIS F 147 -2.69 6.21 35.52
N GLY F 148 -3.67 5.50 34.96
CA GLY F 148 -3.40 4.29 34.17
C GLY F 148 -3.17 3.08 35.06
N SER F 149 -3.45 1.88 34.55
CA SER F 149 -3.15 0.67 35.33
C SER F 149 -1.63 0.38 35.41
N ASP F 150 -0.87 1.02 34.53
CA ASP F 150 0.60 0.93 34.53
C ASP F 150 1.26 2.07 35.32
N ALA F 151 0.42 2.95 35.89
CA ALA F 151 0.84 4.19 36.56
C ALA F 151 1.57 5.18 35.66
N LYS F 152 1.48 4.96 34.35
CA LYS F 152 2.24 5.75 33.38
C LYS F 152 1.43 6.88 32.75
N GLY F 153 0.22 7.08 33.28
CA GLY F 153 -0.63 8.23 32.92
C GLY F 153 -1.11 8.27 31.49
N SER F 154 -1.72 9.39 31.14
CA SER F 154 -2.24 9.68 29.80
C SER F 154 -2.47 11.19 29.72
N LEU F 155 -2.88 11.68 28.55
CA LEU F 155 -3.14 13.11 28.37
C LEU F 155 -4.07 13.71 29.45
N GLY F 156 -3.53 14.59 30.28
CA GLY F 156 -4.28 15.16 31.39
C GLY F 156 -3.84 14.58 32.71
N PHE F 157 -3.14 13.44 32.64
CA PHE F 157 -2.84 12.65 33.82
C PHE F 157 -1.38 12.22 33.93
N PRO F 158 -0.72 12.68 35.01
CA PRO F 158 0.70 12.48 35.21
C PRO F 158 1.06 11.03 35.18
N ASN F 159 2.21 10.77 34.58
CA ASN F 159 2.85 9.49 34.65
C ASN F 159 3.59 9.42 36.00
N LEU F 160 3.15 8.53 36.89
CA LEU F 160 3.75 8.45 38.23
C LEU F 160 5.00 7.55 38.25
N ALA F 161 5.19 6.80 37.16
CA ALA F 161 6.29 5.85 37.06
C ALA F 161 7.62 6.51 36.73
N ASP F 162 7.59 7.62 35.99
CA ASP F 162 8.83 8.30 35.58
C ASP F 162 9.54 9.08 36.68
N GLN F 163 10.56 9.83 36.28
CA GLN F 163 11.39 10.61 37.20
C GLN F 163 10.99 12.10 37.23
N ASP F 164 9.91 12.44 36.53
CA ASP F 164 9.41 13.82 36.49
C ASP F 164 8.24 14.02 37.44
N TRP F 165 8.41 14.94 38.38
CA TRP F 165 7.38 15.28 39.36
C TRP F 165 7.03 16.74 39.28
N ARG F 166 5.74 17.02 39.25
CA ARG F 166 5.28 18.39 39.14
C ARG F 166 5.30 19.05 40.50
N TRP F 167 4.89 18.29 41.53
CA TRP F 167 4.82 18.79 42.91
C TRP F 167 5.97 18.33 43.80
N GLY F 168 6.99 17.74 43.21
CA GLY F 168 8.12 17.24 43.97
C GLY F 168 7.99 15.74 44.16
N GLY F 169 9.14 15.07 44.25
CA GLY F 169 9.21 13.61 44.24
C GLY F 169 9.86 12.99 45.45
N ASP F 170 10.06 13.80 46.49
CA ASP F 170 10.44 13.25 47.78
C ASP F 170 9.21 12.61 48.40
N ALA F 171 9.42 11.70 49.33
CA ALA F 171 8.34 11.01 50.00
C ALA F 171 7.27 11.99 50.50
N ALA F 172 7.70 12.99 51.28
CA ALA F 172 6.78 13.93 51.92
C ALA F 172 5.89 14.68 50.93
N SER F 173 6.49 15.10 49.81
CA SER F 173 5.72 15.75 48.74
C SER F 173 4.70 14.79 48.14
N ILE F 174 5.13 13.58 47.83
CA ILE F 174 4.26 12.54 47.28
C ILE F 174 3.09 12.23 48.22
N LYS F 175 3.39 11.98 49.49
CA LYS F 175 2.32 11.72 50.46
C LYS F 175 1.34 12.88 50.54
N THR F 176 1.83 14.12 50.56
CA THR F 176 0.95 15.29 50.57
C THR F 176 0.04 15.30 49.34
N SER F 177 0.62 15.06 48.17
CA SER F 177 -0.16 15.04 46.93
C SER F 177 -1.37 14.13 47.14
N ILE F 178 -1.12 12.95 47.69
CA ILE F 178 -2.16 11.95 47.83
C ILE F 178 -3.09 12.28 48.97
N LEU F 179 -2.52 12.67 50.10
CA LEU F 179 -3.27 12.92 51.31
C LEU F 179 -4.20 14.12 51.17
N ASN F 180 -3.65 15.25 50.72
CA ASN F 180 -4.38 16.52 50.65
C ASN F 180 -4.93 16.90 49.30
N GLY F 181 -4.56 16.14 48.27
CA GLY F 181 -4.92 16.49 46.91
C GLY F 181 -4.07 17.61 46.40
N ARG F 182 -4.30 18.01 45.15
CA ARG F 182 -3.50 19.02 44.51
C ARG F 182 -4.36 19.67 43.45
N ILE F 183 -4.39 21.00 43.41
CA ILE F 183 -4.99 21.72 42.28
C ILE F 183 -3.94 22.65 41.72
N ALA F 184 -3.66 22.49 40.44
CA ALA F 184 -2.74 23.38 39.76
C ALA F 184 -3.51 24.53 39.15
N ALA F 185 -2.82 25.66 38.96
CA ALA F 185 -3.43 26.82 38.31
C ALA F 185 -2.44 27.52 37.38
N MET F 186 -2.38 27.03 36.14
CA MET F 186 -1.77 27.73 35.02
C MET F 186 -2.82 28.73 34.62
N PRO F 187 -2.56 30.02 34.82
CA PRO F 187 -3.59 30.95 34.36
C PRO F 187 -3.67 31.00 32.83
N ALA F 188 -4.69 31.68 32.32
CA ALA F 188 -4.86 31.85 30.89
C ALA F 188 -4.15 33.11 30.40
N TRP F 189 -3.36 33.00 29.35
CA TRP F 189 -2.68 34.17 28.87
C TRP F 189 -3.28 34.76 27.61
N GLY F 190 -4.24 34.06 27.01
CA GLY F 190 -4.91 34.53 25.78
C GLY F 190 -5.10 36.04 25.71
N GLN F 191 -5.95 36.55 26.60
CA GLN F 191 -6.27 37.96 26.62
C GLN F 191 -5.11 38.82 27.07
N ALA F 192 -4.41 38.38 28.11
CA ALA F 192 -3.32 39.15 28.69
C ALA F 192 -2.18 39.39 27.70
N ILE F 193 -1.92 38.41 26.86
CA ILE F 193 -0.67 38.32 26.16
C ILE F 193 -0.89 38.53 24.65
N GLY F 194 -2.13 38.39 24.20
CA GLY F 194 -2.45 38.50 22.77
C GLY F 194 -2.21 37.20 22.03
N GLU F 195 -2.98 36.98 20.98
CA GLU F 195 -2.87 35.77 20.17
C GLU F 195 -1.47 35.52 19.57
N GLU F 196 -0.86 36.58 19.02
CA GLU F 196 0.52 36.50 18.54
C GLU F 196 1.47 36.19 19.68
N GLY F 197 1.18 36.77 20.84
CA GLY F 197 1.96 36.52 22.04
C GLY F 197 1.95 35.07 22.44
N VAL F 198 0.75 34.46 22.38
CA VAL F 198 0.57 33.03 22.65
C VAL F 198 1.41 32.19 21.68
N LYS F 199 1.21 32.44 20.38
CA LYS F 199 1.94 31.74 19.35
C LYS F 199 3.46 31.81 19.56
N ASN F 200 3.95 32.96 20.02
CA ASN F 200 5.37 33.14 20.23
C ASN F 200 5.92 32.39 21.43
N VAL F 201 5.37 32.62 22.63
CA VAL F 201 5.83 31.82 23.77
C VAL F 201 5.73 30.34 23.48
N ALA F 202 4.64 29.92 22.86
CA ALA F 202 4.49 28.52 22.57
C ALA F 202 5.69 27.99 21.78
N ALA F 203 6.02 28.65 20.68
CA ALA F 203 7.17 28.29 19.86
C ALA F 203 8.47 28.35 20.68
N PHE F 204 8.63 29.42 21.46
CA PHE F 204 9.79 29.56 22.32
C PHE F 204 9.93 28.40 23.31
N VAL F 205 8.84 28.05 23.98
CA VAL F 205 8.82 26.96 24.92
C VAL F 205 9.11 25.67 24.18
N ARG F 206 8.48 25.48 23.03
CA ARG F 206 8.69 24.24 22.28
C ARG F 206 10.12 24.09 21.78
N LYS F 207 10.59 25.08 21.04
CA LYS F 207 11.92 24.99 20.49
C LYS F 207 12.99 25.18 21.55
N ASP F 208 13.06 26.39 22.10
CA ASP F 208 14.19 26.83 22.92
C ASP F 208 14.26 26.23 24.33
N LEU F 209 13.12 26.03 24.97
CA LEU F 209 13.15 25.40 26.26
C LEU F 209 13.10 23.90 26.15
N ALA F 210 12.17 23.35 25.38
CA ALA F 210 11.97 21.89 25.35
C ALA F 210 12.79 21.14 24.30
N GLY F 211 13.45 21.90 23.42
CA GLY F 211 14.35 21.35 22.41
C GLY F 211 13.66 20.45 21.39
N LEU F 212 12.43 20.80 21.07
CA LEU F 212 11.62 20.10 20.09
C LEU F 212 11.58 20.98 18.86
N PRO F 213 11.56 20.37 17.64
CA PRO F 213 11.69 21.26 16.47
C PRO F 213 10.35 21.97 16.08
N LEU F 214 10.43 23.19 15.47
CA LEU F 214 9.24 23.95 14.97
C LEU F 214 8.79 23.47 13.57
N PRO F 215 7.47 23.43 13.32
CA PRO F 215 6.92 22.91 12.05
C PRO F 215 7.26 23.87 10.95
N GLU F 216 7.65 23.35 9.78
CA GLU F 216 8.28 24.18 8.76
C GLU F 216 7.44 25.44 8.48
N GLY F 217 8.12 26.58 8.37
CA GLY F 217 7.46 27.88 8.20
C GLY F 217 6.33 28.21 9.17
N THR F 218 6.65 28.51 10.42
CA THR F 218 5.69 29.08 11.36
C THR F 218 6.33 30.32 11.94
N ASP F 219 6.20 31.45 11.25
CA ASP F 219 6.93 32.68 11.64
C ASP F 219 6.39 33.31 12.93
N ALA F 220 6.74 32.68 14.04
CA ALA F 220 6.53 33.23 15.34
C ALA F 220 7.77 34.04 15.66
N ASP F 221 7.58 35.19 16.31
CA ASP F 221 8.70 36.00 16.77
C ASP F 221 9.31 35.38 18.05
N LEU F 222 10.37 34.59 17.88
CA LEU F 222 11.00 33.87 18.98
C LEU F 222 11.67 34.75 20.02
N SER F 223 12.10 35.96 19.61
CA SER F 223 12.65 36.94 20.55
C SER F 223 11.57 37.50 21.44
N ALA F 224 10.41 37.79 20.84
CA ALA F 224 9.24 38.23 21.58
C ALA F 224 8.85 37.15 22.60
N GLY F 225 8.71 35.92 22.11
CA GLY F 225 8.43 34.76 22.96
C GLY F 225 9.42 34.65 24.10
N LYS F 226 10.71 34.57 23.77
CA LYS F 226 11.73 34.57 24.81
C LYS F 226 11.45 35.66 25.83
N ASN F 227 11.16 36.86 25.34
CA ASN F 227 10.81 37.98 26.20
C ASN F 227 9.49 37.78 26.92
N VAL F 228 8.46 37.34 26.21
CA VAL F 228 7.18 37.05 26.86
C VAL F 228 7.41 36.07 28.00
N TYR F 229 8.17 35.01 27.74
CA TYR F 229 8.43 34.00 28.74
C TYR F 229 9.10 34.63 29.96
N ALA F 230 10.18 35.38 29.73
CA ALA F 230 10.92 35.95 30.83
C ALA F 230 10.04 36.91 31.63
N GLN F 231 9.14 37.60 30.94
CA GLN F 231 8.26 38.60 31.56
C GLN F 231 7.19 37.94 32.43
N THR F 232 6.67 36.82 31.98
CA THR F 232 5.46 36.26 32.59
C THR F 232 5.60 34.85 33.12
N CYS F 233 6.00 33.94 32.24
CA CYS F 233 6.09 32.53 32.55
C CYS F 233 7.17 32.19 33.55
N ALA F 234 8.28 32.93 33.49
CA ALA F 234 9.45 32.59 34.25
C ALA F 234 9.16 32.63 35.72
N VAL F 235 8.19 33.45 36.11
CA VAL F 235 7.85 33.66 37.53
C VAL F 235 7.44 32.37 38.22
N CYS F 236 6.63 31.57 37.55
CA CYS F 236 6.26 30.25 38.05
C CYS F 236 7.18 29.13 37.52
N HIS F 237 7.48 29.15 36.22
CA HIS F 237 8.24 28.03 35.60
C HIS F 237 9.75 28.14 35.70
N GLY F 238 10.25 29.26 36.24
CA GLY F 238 11.70 29.58 36.28
C GLY F 238 12.17 29.93 34.88
N GLN F 239 12.97 30.98 34.71
CA GLN F 239 13.46 31.27 33.34
C GLN F 239 14.55 30.27 33.06
N GLY F 240 14.45 29.59 31.93
CA GLY F 240 15.19 28.35 31.71
C GLY F 240 14.27 27.16 31.80
N GLY F 241 13.12 27.34 32.46
CA GLY F 241 12.08 26.32 32.54
C GLY F 241 12.35 25.17 33.48
N GLU F 242 13.04 25.44 34.59
CA GLU F 242 13.39 24.40 35.56
C GLU F 242 12.19 23.98 36.39
N GLY F 243 11.09 24.73 36.26
CA GLY F 243 9.85 24.44 36.96
C GLY F 243 9.91 24.81 38.42
N MET F 244 8.75 24.85 39.07
CA MET F 244 8.69 25.12 40.50
C MET F 244 7.75 24.19 41.23
N ALA F 245 8.34 23.24 41.94
CA ALA F 245 7.58 22.20 42.66
C ALA F 245 6.63 22.76 43.72
N ALA F 246 6.97 23.94 44.25
CA ALA F 246 6.12 24.65 45.19
C ALA F 246 4.71 24.88 44.61
N LEU F 247 4.65 25.24 43.33
CA LEU F 247 3.40 25.63 42.69
C LEU F 247 2.84 24.54 41.81
N GLY F 248 3.57 23.44 41.69
CA GLY F 248 3.22 22.40 40.72
C GLY F 248 3.38 22.87 39.28
N ALA F 249 4.08 23.99 39.09
CA ALA F 249 4.53 24.41 37.78
C ALA F 249 5.58 23.42 37.30
N PRO F 250 5.27 22.67 36.23
CA PRO F 250 6.15 21.64 35.73
C PRO F 250 7.32 22.26 34.97
N LYS F 251 8.42 21.53 34.88
CA LYS F 251 9.55 22.02 34.12
C LYS F 251 9.21 22.04 32.64
N LEU F 252 9.75 23.03 31.96
CA LEU F 252 9.43 23.30 30.59
C LEU F 252 10.64 23.11 29.70
N ASN F 253 11.76 22.73 30.30
CA ASN F 253 12.96 22.47 29.52
C ASN F 253 13.02 21.03 29.01
N SER F 254 11.92 20.30 29.15
CA SER F 254 11.81 18.95 28.65
C SER F 254 10.35 18.57 28.57
N ALA F 255 9.94 18.13 27.39
CA ALA F 255 8.54 17.76 27.19
C ALA F 255 8.16 16.49 27.94
N ALA F 256 9.19 15.79 28.43
CA ALA F 256 9.07 14.43 28.97
C ALA F 256 7.96 14.31 29.96
N GLY F 257 7.80 15.32 30.81
CA GLY F 257 6.86 15.25 31.92
C GLY F 257 5.54 15.94 31.67
N TRP F 258 5.29 16.34 30.43
CA TRP F 258 4.14 17.19 30.16
C TRP F 258 2.86 16.37 30.07
N ILE F 259 1.80 16.83 30.71
CA ILE F 259 0.56 16.10 30.64
C ILE F 259 -0.42 16.64 29.60
N TYR F 260 -0.14 17.81 29.04
CA TYR F 260 -1.08 18.39 28.07
C TYR F 260 -0.64 18.37 26.60
N GLY F 261 0.31 17.49 26.28
CA GLY F 261 0.82 17.39 24.92
C GLY F 261 1.91 18.38 24.67
N SER F 262 2.64 18.20 23.60
CA SER F 262 3.84 18.98 23.38
C SER F 262 3.83 19.62 22.02
N SER F 263 2.77 19.38 21.25
CA SER F 263 2.65 19.92 19.90
C SER F 263 2.48 21.40 20.04
N LEU F 264 3.00 22.15 19.09
CA LEU F 264 2.85 23.60 19.14
C LEU F 264 1.39 23.97 19.46
N GLY F 265 0.46 23.40 18.70
CA GLY F 265 -0.96 23.63 18.87
C GLY F 265 -1.41 23.43 20.30
N GLN F 266 -0.97 22.32 20.89
CA GLN F 266 -1.34 22.02 22.27
C GLN F 266 -0.75 23.00 23.26
N LEU F 267 0.50 23.40 23.05
CA LEU F 267 1.13 24.37 23.91
C LEU F 267 0.34 25.68 23.82
N GLN F 268 -0.08 26.02 22.60
CA GLN F 268 -0.86 27.22 22.40
C GLN F 268 -2.15 27.20 23.20
N GLN F 269 -2.81 26.04 23.22
CA GLN F 269 -4.03 25.90 23.99
C GLN F 269 -3.80 25.98 25.51
N THR F 270 -2.78 25.31 26.00
CA THR F 270 -2.42 25.44 27.39
C THR F 270 -2.19 26.90 27.74
N ILE F 271 -1.27 27.55 27.03
CA ILE F 271 -0.90 28.95 27.26
C ILE F 271 -2.11 29.89 27.11
N ARG F 272 -2.94 29.62 26.11
CA ARG F 272 -4.03 30.52 25.77
C ARG F 272 -5.11 30.50 26.83
N HIS F 273 -5.53 29.30 27.23
CA HIS F 273 -6.66 29.16 28.14
C HIS F 273 -6.35 28.61 29.53
N GLY F 274 -5.09 28.42 29.85
CA GLY F 274 -4.71 27.94 31.18
C GLY F 274 -4.99 26.45 31.37
N ARG F 275 -4.62 25.94 32.55
CA ARG F 275 -4.89 24.55 32.96
C ARG F 275 -5.17 24.50 34.44
N ASN F 276 -6.05 23.58 34.81
CA ASN F 276 -6.44 23.38 36.22
C ASN F 276 -6.51 21.94 36.66
N GLY F 277 -5.37 21.26 36.57
CA GLY F 277 -5.28 19.86 36.98
C GLY F 277 -5.68 19.63 38.41
N GLN F 278 -6.42 18.54 38.64
CA GLN F 278 -6.86 18.20 39.98
C GLN F 278 -6.51 16.78 40.31
N MET F 279 -5.75 16.64 41.37
CA MET F 279 -5.53 15.36 42.00
C MET F 279 -6.36 15.35 43.28
N PRO F 280 -7.44 14.57 43.31
CA PRO F 280 -8.40 14.57 44.41
C PRO F 280 -7.74 14.09 45.69
N ALA F 281 -8.14 14.67 46.83
CA ALA F 281 -7.56 14.28 48.11
C ALA F 281 -8.10 12.93 48.51
N GLN F 282 -7.23 12.09 49.08
CA GLN F 282 -7.59 10.73 49.43
C GLN F 282 -7.82 10.53 50.93
N GLN F 283 -7.42 11.53 51.70
CA GLN F 283 -7.56 11.58 53.16
C GLN F 283 -8.92 11.08 53.64
N GLN F 284 -9.95 11.47 52.90
CA GLN F 284 -11.33 11.15 53.22
C GLN F 284 -11.75 9.78 52.74
N TYR F 285 -11.38 9.43 51.51
CA TYR F 285 -11.81 8.16 50.97
C TYR F 285 -11.00 7.00 51.50
N LEU F 286 -9.71 7.22 51.72
CA LEU F 286 -8.82 6.09 52.02
C LEU F 286 -8.27 6.06 53.43
N GLY F 287 -8.17 7.24 54.07
CA GLY F 287 -7.63 7.32 55.42
C GLY F 287 -6.12 7.27 55.42
N ASP F 288 -5.53 7.70 56.53
CA ASP F 288 -4.07 7.83 56.65
C ASP F 288 -3.30 6.57 56.28
N ASP F 289 -3.75 5.43 56.79
CA ASP F 289 -3.06 4.15 56.58
C ASP F 289 -2.87 3.77 55.13
N LYS F 290 -3.99 3.59 54.41
CA LYS F 290 -3.95 3.29 52.99
C LYS F 290 -3.08 4.29 52.23
N VAL F 291 -3.28 5.59 52.51
CA VAL F 291 -2.57 6.67 51.83
C VAL F 291 -1.07 6.54 52.01
N HIS F 292 -0.65 6.19 53.24
CA HIS F 292 0.76 6.01 53.56
C HIS F 292 1.40 4.95 52.69
N LEU F 293 0.73 3.79 52.61
CA LEU F 293 1.15 2.70 51.74
C LEU F 293 1.20 3.08 50.26
N LEU F 294 0.24 3.90 49.83
CA LEU F 294 0.16 4.32 48.46
C LEU F 294 1.30 5.25 48.12
N ALA F 295 1.66 6.12 49.07
CA ALA F 295 2.79 7.02 48.89
C ALA F 295 4.07 6.20 48.74
N ALA F 296 4.23 5.20 49.60
CA ALA F 296 5.32 4.26 49.51
C ALA F 296 5.38 3.61 48.14
N TYR F 297 4.23 3.11 47.66
CA TYR F 297 4.16 2.48 46.35
C TYR F 297 4.63 3.38 45.21
N VAL F 298 4.07 4.59 45.15
CA VAL F 298 4.40 5.56 44.12
C VAL F 298 5.89 5.91 44.17
N TYR F 299 6.38 6.15 45.39
CA TYR F 299 7.78 6.39 45.61
C TYR F 299 8.66 5.27 45.05
N SER F 300 8.26 4.02 45.29
CA SER F 300 8.99 2.86 44.81
C SER F 300 9.13 2.85 43.29
N LEU F 301 8.02 3.09 42.59
CA LEU F 301 7.95 3.11 41.12
C LEU F 301 9.17 3.66 40.38
N SER F 302 9.75 4.72 40.92
CA SER F 302 10.85 5.41 40.28
C SER F 302 12.23 5.02 40.86
N GLN F 303 12.58 3.74 40.69
CA GLN F 303 13.82 3.12 41.16
C GLN F 303 13.53 1.63 41.37
N SER G 6 77.51 43.28 29.07
CA SER G 6 76.07 42.90 29.23
C SER G 6 75.83 41.77 30.23
N THR G 7 76.41 41.87 31.42
CA THR G 7 76.17 40.86 32.45
C THR G 7 74.98 41.15 33.39
N ALA G 8 73.80 40.78 32.90
CA ALA G 8 72.60 40.60 33.72
C ALA G 8 71.58 39.83 32.91
N TYR G 9 71.11 38.69 33.42
CA TYR G 9 70.19 37.84 32.66
C TYR G 9 68.96 38.64 32.19
N SER G 10 68.52 38.38 30.97
CA SER G 10 67.30 38.97 30.45
C SER G 10 66.13 38.24 31.07
N TYR G 11 65.58 38.81 32.14
CA TYR G 11 64.44 38.21 32.87
C TYR G 11 63.09 38.73 32.39
N LYS G 12 63.11 39.67 31.45
CA LYS G 12 61.89 40.30 30.97
C LYS G 12 60.92 39.29 30.38
N VAL G 13 61.42 38.49 29.44
CA VAL G 13 60.59 37.54 28.70
C VAL G 13 60.08 36.46 29.65
N VAL G 14 60.97 35.94 30.50
CA VAL G 14 60.61 34.93 31.50
C VAL G 14 59.44 35.39 32.36
N ARG G 15 59.47 36.65 32.76
CA ARG G 15 58.43 37.23 33.58
C ARG G 15 57.09 37.15 32.86
N GLN G 16 57.05 37.58 31.61
CA GLN G 16 55.82 37.54 30.79
C GLN G 16 55.27 36.12 30.68
N PHE G 17 56.09 35.21 30.15
CA PHE G 17 55.71 33.81 30.00
C PHE G 17 55.30 33.13 31.29
N ALA G 18 55.94 33.49 32.40
CA ALA G 18 55.55 32.96 33.71
C ALA G 18 54.09 33.32 34.02
N ILE G 19 53.78 34.62 34.01
CA ILE G 19 52.44 35.08 34.34
C ILE G 19 51.46 34.43 33.41
N MET G 20 51.77 34.48 32.12
CA MET G 20 50.89 33.89 31.13
C MET G 20 50.73 32.37 31.28
N THR G 21 51.74 31.67 31.80
CA THR G 21 51.58 30.24 32.12
C THR G 21 50.47 30.02 33.14
N VAL G 22 50.42 30.84 34.19
CA VAL G 22 49.35 30.73 35.20
C VAL G 22 48.02 31.13 34.59
N VAL G 23 48.01 32.19 33.78
CA VAL G 23 46.76 32.65 33.17
C VAL G 23 46.18 31.57 32.27
N TRP G 24 47.01 31.02 31.38
CA TRP G 24 46.54 29.98 30.45
C TRP G 24 46.19 28.68 31.16
N GLY G 25 46.95 28.37 32.19
CA GLY G 25 46.59 27.26 33.06
C GLY G 25 45.15 27.34 33.54
N ILE G 26 44.79 28.48 34.14
CA ILE G 26 43.43 28.73 34.56
C ILE G 26 42.46 28.56 33.37
N VAL G 27 42.65 29.33 32.31
CA VAL G 27 41.76 29.32 31.16
C VAL G 27 41.63 27.91 30.62
N GLY G 28 42.76 27.23 30.50
CA GLY G 28 42.82 25.90 29.90
C GLY G 28 42.13 24.88 30.76
N MET G 29 42.42 24.92 32.05
CA MET G 29 41.86 23.93 32.95
C MET G 29 40.41 24.23 33.25
N GLY G 30 40.07 25.51 33.22
CA GLY G 30 38.68 25.92 33.35
C GLY G 30 37.87 25.23 32.28
N LEU G 31 38.25 25.48 31.03
CA LEU G 31 37.64 24.81 29.89
C LEU G 31 37.53 23.33 30.11
N GLY G 32 38.60 22.74 30.60
CA GLY G 32 38.62 21.33 30.92
C GLY G 32 37.46 20.97 31.82
N VAL G 33 37.37 21.66 32.96
CA VAL G 33 36.28 21.45 33.91
C VAL G 33 34.96 21.58 33.19
N PHE G 34 34.86 22.60 32.35
CA PHE G 34 33.59 22.91 31.74
C PHE G 34 33.13 21.79 30.83
N ILE G 35 33.97 21.41 29.87
CA ILE G 35 33.64 20.30 28.98
C ILE G 35 33.44 18.99 29.75
N ALA G 36 34.16 18.84 30.86
CA ALA G 36 33.95 17.67 31.72
C ALA G 36 32.48 17.65 32.17
N ALA G 37 32.01 18.84 32.55
CA ALA G 37 30.65 19.01 33.01
C ALA G 37 29.66 18.76 31.88
N GLN G 38 29.99 19.19 30.67
CA GLN G 38 29.10 18.98 29.55
C GLN G 38 28.88 17.48 29.32
N LEU G 39 29.91 16.67 29.58
CA LEU G 39 29.79 15.24 29.37
C LEU G 39 28.86 14.62 30.40
N ALA G 40 28.79 15.25 31.58
CA ALA G 40 27.88 14.82 32.65
C ALA G 40 26.49 15.32 32.40
N TRP G 41 26.39 16.59 32.00
CA TRP G 41 25.12 17.30 31.93
C TRP G 41 25.06 18.08 30.62
N PRO G 42 24.55 17.43 29.56
CA PRO G 42 24.61 17.98 28.20
C PRO G 42 23.99 19.33 28.05
N PHE G 43 23.15 19.75 29.00
CA PHE G 43 22.48 21.00 28.83
C PHE G 43 23.49 22.12 28.78
N LEU G 44 24.66 21.89 29.39
CA LEU G 44 25.69 22.90 29.45
C LEU G 44 26.32 23.17 28.10
N ASN G 45 25.92 22.41 27.08
CA ASN G 45 26.24 22.71 25.68
C ASN G 45 25.55 24.00 25.19
N PHE G 46 24.39 24.31 25.80
CA PHE G 46 23.62 25.53 25.57
C PHE G 46 23.07 25.75 24.15
N ASP G 47 22.93 24.68 23.37
CA ASP G 47 22.42 24.78 22.01
C ASP G 47 23.03 25.90 21.18
N LEU G 48 24.33 26.15 21.39
CA LEU G 48 25.09 27.12 20.63
C LEU G 48 26.26 26.42 19.98
N PRO G 49 26.53 26.77 18.70
CA PRO G 49 27.64 26.21 17.97
C PRO G 49 29.00 26.45 18.64
N TRP G 50 29.22 27.63 19.20
CA TRP G 50 30.53 27.99 19.76
C TRP G 50 30.77 27.47 21.15
N THR G 51 29.75 26.97 21.81
CA THR G 51 29.94 26.48 23.17
C THR G 51 29.66 25.00 23.29
N SER G 52 29.34 24.35 22.16
CA SER G 52 29.13 22.91 22.15
C SER G 52 30.46 22.15 22.35
N PHE G 53 30.36 20.95 22.91
CA PHE G 53 31.51 20.14 23.28
C PHE G 53 32.47 19.90 22.10
N GLY G 54 31.95 19.51 20.95
CA GLY G 54 32.80 19.14 19.83
C GLY G 54 33.82 20.19 19.43
N ARG G 55 33.44 21.45 19.64
CA ARG G 55 34.26 22.60 19.27
C ARG G 55 35.07 23.00 20.45
N LEU G 56 34.48 22.97 21.64
CA LEU G 56 35.27 23.36 22.80
C LEU G 56 36.43 22.41 23.06
N ARG G 57 36.25 21.14 22.80
CA ARG G 57 37.22 20.13 23.20
C ARG G 57 38.65 20.52 22.79
N PRO G 58 38.91 20.63 21.47
CA PRO G 58 40.23 21.02 20.98
C PRO G 58 40.68 22.38 21.53
N LEU G 59 39.74 23.24 21.93
CA LEU G 59 40.13 24.44 22.66
C LEU G 59 40.78 24.06 24.01
N HIS G 60 40.13 23.20 24.82
CA HIS G 60 40.77 22.70 26.06
C HIS G 60 42.17 22.16 25.73
N THR G 61 42.16 21.22 24.79
CA THR G 61 43.36 20.59 24.29
C THR G 61 44.48 21.59 23.96
N ASN G 62 44.24 22.49 22.99
CA ASN G 62 45.25 23.44 22.57
C ASN G 62 45.62 24.42 23.66
N ALA G 63 44.61 24.93 24.36
CA ALA G 63 44.85 25.83 25.48
C ALA G 63 45.75 25.18 26.50
N VAL G 64 45.49 23.90 26.76
CA VAL G 64 46.15 23.29 27.86
C VAL G 64 47.58 22.85 27.51
N ILE G 65 47.79 22.42 26.27
CA ILE G 65 49.12 21.96 25.84
C ILE G 65 49.95 23.14 25.34
N PHE G 66 49.50 23.79 24.29
CA PHE G 66 50.30 24.82 23.64
C PHE G 66 50.28 26.12 24.42
N ALA G 67 49.16 26.43 25.05
CA ALA G 67 49.09 27.64 25.85
C ALA G 67 49.73 27.49 27.23
N PHE G 68 49.18 26.58 28.03
CA PHE G 68 49.74 26.31 29.36
C PHE G 68 51.10 25.67 29.27
N GLY G 69 51.17 24.44 28.76
CA GLY G 69 52.44 23.72 28.56
C GLY G 69 53.45 24.53 27.78
N GLY G 70 52.99 25.12 26.70
CA GLY G 70 53.83 25.96 25.87
C GLY G 70 54.48 27.10 26.62
N CYS G 71 53.70 27.90 27.33
CA CYS G 71 54.25 29.07 28.01
C CYS G 71 55.17 28.66 29.14
N ALA G 72 54.79 27.57 29.82
CA ALA G 72 55.63 26.95 30.84
C ALA G 72 57.01 26.64 30.25
N LEU G 73 57.04 26.03 29.05
CA LEU G 73 58.28 25.68 28.39
C LEU G 73 59.14 26.89 28.06
N PHE G 74 58.50 27.93 27.52
CA PHE G 74 59.18 29.18 27.24
C PHE G 74 59.76 29.77 28.52
N ALA G 75 58.89 29.96 29.53
CA ALA G 75 59.31 30.54 30.79
C ALA G 75 60.45 29.73 31.37
N THR G 76 60.28 28.41 31.35
CA THR G 76 61.27 27.53 31.91
C THR G 76 62.58 27.58 31.12
N SER G 77 62.52 27.34 29.80
CA SER G 77 63.74 27.25 28.99
C SER G 77 64.51 28.55 29.00
N TYR G 78 63.80 29.68 28.87
CA TYR G 78 64.45 31.01 28.86
C TYR G 78 65.13 31.34 30.18
N TYR G 79 64.50 30.97 31.28
CA TYR G 79 65.17 31.05 32.59
C TYR G 79 66.34 30.05 32.67
N SER G 80 66.03 28.74 32.56
CA SER G 80 67.00 27.65 32.64
C SER G 80 68.22 27.83 31.73
N VAL G 81 68.02 28.04 30.44
CA VAL G 81 69.15 28.13 29.50
C VAL G 81 70.10 29.26 29.87
N GLN G 82 69.57 30.43 30.20
CA GLN G 82 70.41 31.57 30.54
C GLN G 82 71.36 31.26 31.68
N ARG G 83 70.80 30.73 32.76
CA ARG G 83 71.57 30.42 33.96
C ARG G 83 72.45 29.18 33.78
N THR G 84 71.87 28.13 33.21
CA THR G 84 72.56 26.86 33.01
C THR G 84 73.85 26.97 32.14
N CYS G 85 73.98 28.06 31.39
CA CYS G 85 75.22 28.31 30.67
C CYS G 85 75.76 29.74 30.81
N GLN G 86 75.09 30.54 31.64
CA GLN G 86 75.63 31.79 32.21
C GLN G 86 75.87 32.94 31.25
N THR G 87 74.86 33.24 30.43
CA THR G 87 74.84 34.45 29.59
C THR G 87 73.41 34.92 29.38
N THR G 88 73.26 36.19 28.99
CA THR G 88 71.96 36.73 28.61
C THR G 88 71.46 36.05 27.34
N LEU G 89 70.13 35.85 27.27
CA LEU G 89 69.47 35.28 26.10
C LEU G 89 69.97 35.94 24.83
N PHE G 90 70.33 35.11 23.86
CA PHE G 90 70.71 35.58 22.54
C PHE G 90 69.51 36.24 21.89
N ALA G 91 69.73 37.47 21.40
CA ALA G 91 68.68 38.31 20.81
C ALA G 91 67.46 38.44 21.71
N PRO G 92 67.53 39.33 22.71
CA PRO G 92 66.45 39.47 23.69
C PRO G 92 65.17 40.01 23.05
N LYS G 93 65.31 40.72 21.94
CA LYS G 93 64.15 41.22 21.22
C LYS G 93 63.48 40.10 20.43
N LEU G 94 64.26 39.20 19.85
CA LEU G 94 63.69 38.07 19.11
C LEU G 94 62.92 37.16 20.07
N ALA G 95 63.36 37.14 21.33
CA ALA G 95 62.65 36.43 22.39
C ALA G 95 61.32 37.12 22.74
N ALA G 96 61.34 38.46 22.77
CA ALA G 96 60.12 39.21 23.02
C ALA G 96 59.09 38.91 21.92
N PHE G 97 59.56 38.90 20.67
CA PHE G 97 58.69 38.48 19.57
C PHE G 97 58.06 37.13 19.92
N THR G 98 58.88 36.15 20.28
CA THR G 98 58.37 34.80 20.60
C THR G 98 57.36 34.81 21.74
N PHE G 99 57.33 35.86 22.53
CA PHE G 99 56.26 35.97 23.49
C PHE G 99 54.94 36.34 22.80
N TRP G 100 54.91 37.55 22.24
CA TRP G 100 53.69 38.06 21.64
C TRP G 100 53.25 37.18 20.48
N GLY G 101 54.24 36.68 19.73
CA GLY G 101 53.99 35.73 18.65
C GLY G 101 53.18 34.55 19.17
N TRP G 102 53.65 33.96 20.26
CA TRP G 102 52.99 32.84 20.88
C TRP G 102 51.62 33.19 21.45
N GLN G 103 51.50 34.39 22.01
CA GLN G 103 50.24 34.87 22.58
C GLN G 103 49.23 35.05 21.49
N LEU G 104 49.68 35.62 20.38
CA LEU G 104 48.86 35.76 19.18
C LEU G 104 48.37 34.42 18.68
N VAL G 105 49.24 33.41 18.71
CA VAL G 105 48.86 32.05 18.35
C VAL G 105 47.73 31.58 19.24
N ILE G 106 47.88 31.72 20.55
CA ILE G 106 46.85 31.23 21.48
C ILE G 106 45.53 31.99 21.28
N LEU G 107 45.64 33.30 21.09
CA LEU G 107 44.48 34.11 20.91
C LEU G 107 43.76 33.72 19.63
N LEU G 108 44.53 33.37 18.60
CA LEU G 108 43.95 32.91 17.35
C LEU G 108 43.24 31.59 17.53
N ALA G 109 43.84 30.72 18.32
CA ALA G 109 43.24 29.43 18.66
C ALA G 109 41.91 29.67 19.34
N ALA G 110 41.90 30.60 20.29
CA ALA G 110 40.70 30.86 21.09
C ALA G 110 39.55 31.29 20.18
N ILE G 111 39.85 32.19 19.25
CA ILE G 111 38.83 32.68 18.35
C ILE G 111 38.51 31.64 17.30
N SER G 112 39.53 31.02 16.71
CA SER G 112 39.31 30.16 15.54
C SER G 112 38.59 28.85 15.85
N LEU G 113 38.87 28.24 16.99
CA LEU G 113 38.34 26.88 17.24
C LEU G 113 36.86 26.82 17.57
N PRO G 114 36.35 27.74 18.41
CA PRO G 114 34.91 27.73 18.64
C PRO G 114 34.15 28.22 17.42
N LEU G 115 34.79 29.03 16.58
CA LEU G 115 34.24 29.41 15.29
C LEU G 115 34.14 28.25 14.27
N GLY G 116 34.80 27.13 14.57
CA GLY G 116 34.67 25.93 13.73
C GLY G 116 35.78 25.71 12.71
N PHE G 117 36.77 26.59 12.69
CA PHE G 117 37.93 26.39 11.81
C PHE G 117 39.01 25.43 12.36
N THR G 118 38.84 24.15 12.08
CA THR G 118 39.77 23.14 12.57
C THR G 118 40.18 22.19 11.45
N SER G 119 41.42 21.75 11.45
CA SER G 119 41.87 20.74 10.49
C SER G 119 41.40 19.35 10.87
N SER G 120 40.84 19.21 12.08
CA SER G 120 40.43 17.94 12.70
C SER G 120 41.57 17.07 13.22
N LYS G 121 42.78 17.32 12.74
CA LYS G 121 43.95 16.56 13.20
C LYS G 121 44.23 16.85 14.68
N GLU G 122 44.30 15.80 15.49
CA GLU G 122 44.47 16.00 16.92
C GLU G 122 45.79 16.73 17.27
N TYR G 123 45.66 17.81 18.07
CA TYR G 123 46.77 18.62 18.56
C TYR G 123 47.46 19.31 17.41
N ALA G 124 46.76 19.39 16.29
CA ALA G 124 47.28 20.08 15.13
C ALA G 124 46.08 20.72 14.44
N GLU G 125 45.07 21.00 15.25
CA GLU G 125 43.75 21.35 14.79
C GLU G 125 43.68 22.72 14.15
N LEU G 126 44.58 23.62 14.50
CA LEU G 126 44.56 24.99 13.96
C LEU G 126 44.79 25.05 12.45
N GLU G 127 44.09 25.96 11.78
CA GLU G 127 44.16 26.02 10.33
C GLU G 127 45.44 26.66 9.76
N TRP G 128 45.65 26.46 8.47
CA TRP G 128 46.94 26.75 7.84
C TRP G 128 47.55 28.11 8.13
N PRO G 129 46.76 29.21 8.13
CA PRO G 129 47.46 30.49 8.38
C PRO G 129 48.10 30.52 9.76
N ILE G 130 47.46 29.86 10.72
CA ILE G 130 48.01 29.75 12.07
C ILE G 130 49.24 28.84 12.08
N ASP G 131 49.22 27.75 11.30
CA ASP G 131 50.40 26.88 11.19
C ASP G 131 51.60 27.61 10.61
N ILE G 132 51.39 28.52 9.66
CA ILE G 132 52.47 29.36 9.18
C ILE G 132 53.01 30.23 10.33
N LEU G 133 52.10 30.85 11.09
CA LEU G 133 52.50 31.71 12.20
C LEU G 133 53.32 30.94 13.25
N ILE G 134 52.80 29.78 13.67
CA ILE G 134 53.52 28.91 14.60
C ILE G 134 54.96 28.65 14.11
N THR G 135 55.11 28.23 12.86
CA THR G 135 56.42 27.95 12.31
C THR G 135 57.33 29.14 12.46
N ILE G 136 56.82 30.34 12.20
CA ILE G 136 57.62 31.56 12.28
C ILE G 136 58.07 31.77 13.74
N VAL G 137 57.11 31.71 14.66
CA VAL G 137 57.42 31.86 16.09
C VAL G 137 58.40 30.79 16.58
N TRP G 138 58.21 29.55 16.14
CA TRP G 138 59.10 28.46 16.52
C TRP G 138 60.53 28.63 16.00
N VAL G 139 60.67 28.95 14.71
CA VAL G 139 62.00 29.21 14.14
C VAL G 139 62.68 30.29 14.96
N ALA G 140 61.93 31.34 15.30
CA ALA G 140 62.46 32.45 16.09
C ALA G 140 62.95 31.98 17.46
N TYR G 141 62.12 31.16 18.11
CA TYR G 141 62.44 30.53 19.39
C TYR G 141 63.67 29.65 19.31
N ALA G 142 63.74 28.81 18.27
CA ALA G 142 64.93 27.97 18.01
C ALA G 142 66.21 28.81 17.98
N VAL G 143 66.17 29.90 17.20
CA VAL G 143 67.29 30.83 17.09
C VAL G 143 67.64 31.42 18.45
N VAL G 144 66.62 31.84 19.21
CA VAL G 144 66.85 32.42 20.53
C VAL G 144 67.51 31.42 21.47
N PHE G 145 67.01 30.18 21.46
CA PHE G 145 67.52 29.17 22.37
C PHE G 145 68.90 28.70 21.98
N PHE G 146 69.02 28.15 20.77
CA PHE G 146 70.31 27.62 20.30
C PHE G 146 71.38 28.69 20.20
N GLY G 147 70.96 29.94 19.96
CA GLY G 147 71.87 31.07 19.98
C GLY G 147 72.45 31.29 21.37
N THR G 148 71.60 31.18 22.40
CA THR G 148 72.05 31.35 23.78
C THR G 148 73.07 30.28 24.15
N LEU G 149 72.79 29.04 23.73
CA LEU G 149 73.75 27.95 23.85
C LEU G 149 75.05 28.27 23.13
N ALA G 150 74.93 28.67 21.87
CA ALA G 150 76.08 28.98 21.02
C ALA G 150 77.01 30.06 21.60
N LYS G 151 76.48 30.88 22.51
CA LYS G 151 77.29 31.93 23.14
C LYS G 151 77.40 31.78 24.67
N ARG G 152 77.44 30.53 25.13
CA ARG G 152 77.59 30.20 26.55
C ARG G 152 78.98 30.50 27.05
N LYS G 153 79.20 30.26 28.35
CA LYS G 153 80.51 30.46 28.94
C LYS G 153 81.26 29.14 29.15
N VAL G 154 80.60 28.17 29.76
CA VAL G 154 81.19 26.85 30.04
C VAL G 154 81.43 26.04 28.77
N LYS G 155 82.42 25.15 28.82
CA LYS G 155 82.70 24.26 27.69
C LYS G 155 81.56 23.27 27.48
N HIS G 156 81.07 22.71 28.59
CA HIS G 156 80.01 21.72 28.54
C HIS G 156 78.61 22.35 28.46
N ILE G 157 77.68 21.63 27.85
CA ILE G 157 76.28 22.03 27.82
C ILE G 157 75.51 21.10 28.76
N TYR G 158 74.83 21.68 29.74
CA TYR G 158 74.06 20.88 30.68
C TYR G 158 73.03 19.95 30.00
N VAL G 159 72.89 18.74 30.54
CA VAL G 159 71.98 17.73 29.97
C VAL G 159 70.51 18.20 29.91
N GLY G 160 70.17 19.18 30.75
CA GLY G 160 68.85 19.81 30.75
C GLY G 160 68.59 20.41 29.39
N ASN G 161 69.62 21.00 28.81
CA ASN G 161 69.50 21.64 27.51
C ASN G 161 69.58 20.68 26.33
N TRP G 162 70.04 19.45 26.57
CA TRP G 162 69.93 18.39 25.56
C TRP G 162 68.45 18.09 25.31
N PHE G 163 67.70 18.00 26.39
CA PHE G 163 66.27 17.77 26.30
C PHE G 163 65.54 18.96 25.68
N PHE G 164 65.79 20.16 26.19
CA PHE G 164 65.19 21.34 25.58
C PHE G 164 65.56 21.41 24.12
N GLY G 165 66.86 21.34 23.84
CA GLY G 165 67.35 21.38 22.47
C GLY G 165 66.57 20.43 21.56
N ALA G 166 66.51 19.17 21.97
CA ALA G 166 65.83 18.13 21.20
C ALA G 166 64.39 18.50 20.95
N PHE G 167 63.68 18.76 22.04
CA PHE G 167 62.29 19.18 21.99
C PHE G 167 62.06 20.29 20.96
N ILE G 168 62.93 21.29 20.93
CA ILE G 168 62.78 22.40 19.99
C ILE G 168 62.92 21.99 18.51
N LEU G 169 63.99 21.27 18.17
CA LEU G 169 64.18 20.83 16.80
C LEU G 169 63.08 19.89 16.37
N THR G 170 62.87 18.85 17.15
CA THR G 170 61.98 17.77 16.74
C THR G 170 60.51 18.20 16.65
N VAL G 171 60.10 19.11 17.53
CA VAL G 171 58.74 19.70 17.45
C VAL G 171 58.57 20.47 16.15
N ALA G 172 59.60 21.21 15.76
CA ALA G 172 59.65 21.94 14.49
C ALA G 172 59.46 21.01 13.29
N ILE G 173 60.23 19.93 13.24
CA ILE G 173 60.08 18.93 12.17
C ILE G 173 58.63 18.40 12.20
N LEU G 174 58.25 17.83 13.34
CA LEU G 174 56.90 17.33 13.58
C LEU G 174 55.80 18.25 13.05
N HIS G 175 55.87 19.52 13.44
CA HIS G 175 54.85 20.48 13.10
C HIS G 175 54.73 20.73 11.60
N VAL G 176 55.86 20.93 10.94
CA VAL G 176 55.83 21.21 9.51
C VAL G 176 55.27 20.04 8.72
N VAL G 177 55.84 18.85 8.94
CA VAL G 177 55.44 17.64 8.21
C VAL G 177 53.94 17.35 8.34
N ASN G 178 53.43 17.32 9.56
CA ASN G 178 52.04 16.92 9.79
C ASN G 178 51.03 17.98 9.40
N ASN G 179 51.52 19.18 9.08
CA ASN G 179 50.65 20.25 8.67
C ASN G 179 50.79 20.66 7.22
N LEU G 180 51.45 19.82 6.42
CA LEU G 180 51.41 19.99 4.97
C LEU G 180 49.98 19.78 4.46
N GLU G 181 49.42 20.82 3.86
CA GLU G 181 48.01 20.85 3.55
C GLU G 181 47.76 21.87 2.45
N ILE G 182 46.95 21.49 1.45
CA ILE G 182 46.51 22.43 0.42
C ILE G 182 45.46 23.36 1.01
N PRO G 183 45.71 24.68 0.94
CA PRO G 183 44.72 25.62 1.40
C PRO G 183 43.64 25.69 0.35
N VAL G 184 42.40 25.71 0.78
CA VAL G 184 41.26 25.88 -0.12
C VAL G 184 40.76 27.32 0.00
N THR G 185 40.53 27.78 1.23
CA THR G 185 40.19 29.17 1.50
C THR G 185 41.02 29.69 2.68
N ALA G 186 40.66 30.87 3.17
CA ALA G 186 41.40 31.49 4.26
C ALA G 186 41.61 30.52 5.42
N MET G 187 40.53 29.91 5.90
CA MET G 187 40.63 29.08 7.08
C MET G 187 40.24 27.63 6.80
N LYS G 188 40.56 27.11 5.63
CA LYS G 188 40.23 25.73 5.30
C LYS G 188 41.28 25.13 4.41
N SER G 189 41.85 24.01 4.83
CA SER G 189 42.84 23.31 4.04
C SER G 189 42.52 21.83 4.06
N TYR G 190 43.06 21.07 3.12
CA TYR G 190 42.96 19.63 3.21
C TYR G 190 44.35 19.06 3.45
N SER G 191 44.41 18.05 4.31
CA SER G 191 45.66 17.34 4.60
C SER G 191 46.30 16.79 3.34
N LEU G 192 47.62 16.86 3.28
CA LEU G 192 48.34 16.28 2.16
C LEU G 192 48.10 14.78 2.07
N TYR G 193 47.84 14.14 3.21
CA TYR G 193 47.75 12.68 3.29
C TYR G 193 46.31 12.26 3.46
N ALA G 194 46.07 10.96 3.33
CA ALA G 194 44.74 10.39 3.57
C ALA G 194 44.82 8.99 4.17
N GLY G 195 43.69 8.54 4.69
CA GLY G 195 43.56 7.19 5.19
C GLY G 195 44.71 6.79 6.08
N ALA G 196 45.16 5.54 5.92
CA ALA G 196 46.16 4.98 6.81
C ALA G 196 47.41 5.85 6.87
N THR G 197 47.80 6.44 5.75
CA THR G 197 49.00 7.25 5.70
C THR G 197 48.80 8.49 6.54
N ASP G 198 47.66 9.15 6.36
CA ASP G 198 47.38 10.30 7.17
C ASP G 198 47.39 9.91 8.63
N ALA G 199 46.79 8.76 8.95
CA ALA G 199 46.69 8.29 10.33
C ALA G 199 48.08 8.17 10.90
N MET G 200 49.00 7.65 10.11
CA MET G 200 50.34 7.44 10.59
C MET G 200 51.08 8.74 10.77
N VAL G 201 51.04 9.60 9.75
CA VAL G 201 51.68 10.91 9.88
C VAL G 201 51.13 11.61 11.11
N GLN G 202 49.84 11.42 11.38
CA GLN G 202 49.18 12.06 12.49
C GLN G 202 49.74 11.60 13.85
N TRP G 203 49.88 10.30 14.03
CA TRP G 203 50.25 9.79 15.34
C TRP G 203 51.72 9.67 15.55
N TRP G 204 52.46 9.76 14.44
CA TRP G 204 53.87 10.03 14.52
C TRP G 204 53.98 11.43 15.10
N TYR G 205 53.21 12.35 14.55
CA TYR G 205 53.14 13.71 15.07
C TYR G 205 52.51 13.70 16.43
N GLY G 206 51.37 13.03 16.56
CA GLY G 206 50.61 13.04 17.79
C GLY G 206 51.40 12.60 19.03
N HIS G 207 52.09 11.47 18.91
CA HIS G 207 52.74 10.95 20.07
C HIS G 207 53.94 11.82 20.38
N ASN G 208 54.72 12.10 19.34
CA ASN G 208 55.94 12.90 19.48
C ASN G 208 55.68 14.35 19.85
N ALA G 209 54.43 14.79 19.74
CA ALA G 209 54.04 16.03 20.36
C ALA G 209 54.18 15.87 21.87
N VAL G 210 53.55 14.86 22.46
CA VAL G 210 53.70 14.64 23.91
C VAL G 210 55.06 14.04 24.22
N GLY G 211 55.64 13.34 23.26
CA GLY G 211 56.94 12.74 23.48
C GLY G 211 58.01 13.78 23.67
N PHE G 212 57.93 14.87 22.90
CA PHE G 212 58.98 15.89 22.92
C PHE G 212 58.53 17.16 23.56
N PHE G 213 57.30 17.58 23.27
CA PHE G 213 56.71 18.77 23.86
C PHE G 213 56.42 18.51 25.33
N LEU G 214 55.74 17.39 25.62
CA LEU G 214 55.35 17.11 27.00
C LEU G 214 56.27 16.17 27.78
N THR G 215 57.21 15.50 27.11
CA THR G 215 58.16 14.67 27.83
C THR G 215 59.54 15.32 27.77
N ALA G 216 60.19 15.26 26.61
CA ALA G 216 61.53 15.82 26.45
C ALA G 216 61.63 17.24 26.99
N GLY G 217 60.83 18.13 26.45
CA GLY G 217 60.84 19.51 26.88
C GLY G 217 60.70 19.68 28.38
N PHE G 218 59.87 18.84 29.00
CA PHE G 218 59.63 18.93 30.42
C PHE G 218 60.68 18.25 31.29
N LEU G 219 61.39 17.28 30.71
CA LEU G 219 62.49 16.65 31.43
C LEU G 219 63.57 17.71 31.57
N GLY G 220 63.72 18.54 30.53
CA GLY G 220 64.57 19.72 30.60
C GLY G 220 64.28 20.55 31.85
N ILE G 221 63.01 20.84 32.06
CA ILE G 221 62.54 21.50 33.27
C ILE G 221 62.99 20.73 34.50
N MET G 222 62.69 19.42 34.50
CA MET G 222 63.01 18.55 35.64
C MET G 222 64.49 18.61 35.99
N TYR G 223 65.33 18.62 34.95
CA TYR G 223 66.77 18.58 35.10
C TYR G 223 67.36 19.86 35.68
N TYR G 224 66.71 20.99 35.48
CA TYR G 224 67.18 22.19 36.14
C TYR G 224 66.57 22.29 37.53
N PHE G 225 65.25 22.21 37.62
CA PHE G 225 64.58 22.53 38.88
C PHE G 225 64.73 21.52 40.02
N VAL G 226 64.70 20.22 39.73
CA VAL G 226 64.90 19.22 40.79
C VAL G 226 66.22 19.47 41.53
N PRO G 227 67.35 19.53 40.79
CA PRO G 227 68.60 19.76 41.51
C PRO G 227 68.69 21.15 42.15
N LYS G 228 68.16 22.16 41.47
CA LYS G 228 68.30 23.53 41.94
C LYS G 228 67.47 23.76 43.21
N GLN G 229 66.30 23.15 43.26
CA GLN G 229 65.43 23.26 44.42
C GLN G 229 65.97 22.39 45.55
N ALA G 230 66.31 21.14 45.20
CA ALA G 230 66.83 20.17 46.17
C ALA G 230 68.23 20.55 46.67
N GLU G 231 68.98 21.25 45.82
CA GLU G 231 70.37 21.63 46.08
C GLU G 231 71.25 20.41 46.31
N ARG G 232 71.07 19.43 45.44
CA ARG G 232 71.87 18.22 45.45
C ARG G 232 72.49 18.05 44.06
N PRO G 233 73.45 17.13 43.91
CA PRO G 233 73.90 16.83 42.56
C PRO G 233 73.03 15.76 41.89
N VAL G 234 73.03 15.78 40.55
CA VAL G 234 72.23 14.85 39.75
C VAL G 234 72.82 13.44 39.79
N TYR G 235 72.16 12.56 40.54
CA TYR G 235 72.55 11.15 40.59
C TYR G 235 72.76 10.64 39.19
N SER G 236 73.96 10.14 38.92
CA SER G 236 74.32 9.55 37.61
C SER G 236 74.23 10.43 36.35
N TYR G 237 75.38 10.94 35.95
CA TYR G 237 75.57 11.58 34.66
C TYR G 237 75.37 10.58 33.55
N ARG G 238 76.10 9.47 33.61
CA ARG G 238 75.98 8.39 32.63
C ARG G 238 74.52 8.09 32.27
N LEU G 239 73.67 7.96 33.29
CA LEU G 239 72.25 7.69 33.08
C LEU G 239 71.63 8.75 32.18
N SER G 240 71.97 10.02 32.43
CA SER G 240 71.52 11.12 31.59
C SER G 240 71.83 10.84 30.12
N ILE G 241 73.07 10.44 29.81
CA ILE G 241 73.42 10.09 28.42
C ILE G 241 72.49 9.02 27.84
N VAL G 242 72.57 7.80 28.39
CA VAL G 242 71.74 6.68 27.93
C VAL G 242 70.29 7.13 27.82
N HIS G 243 69.75 7.54 28.95
CA HIS G 243 68.34 7.91 29.07
C HIS G 243 67.94 9.00 28.07
N PHE G 244 68.87 9.90 27.75
CA PHE G 244 68.60 10.90 26.74
C PHE G 244 68.57 10.36 25.29
N TRP G 245 69.67 9.77 24.85
CA TRP G 245 69.75 9.27 23.48
C TRP G 245 68.76 8.17 23.19
N ALA G 246 68.62 7.25 24.13
CA ALA G 246 67.67 6.15 23.99
C ALA G 246 66.26 6.70 23.87
N LEU G 247 65.89 7.65 24.73
CA LEU G 247 64.55 8.27 24.68
C LEU G 247 64.31 9.00 23.36
N ILE G 248 65.26 9.85 23.00
CA ILE G 248 65.20 10.67 21.80
C ILE G 248 64.98 9.88 20.51
N THR G 249 65.48 8.65 20.48
CA THR G 249 65.50 7.82 19.26
C THR G 249 64.33 6.85 19.24
N VAL G 250 64.09 6.21 20.38
CA VAL G 250 63.04 5.21 20.49
C VAL G 250 61.65 5.82 20.42
N TYR G 251 61.49 7.03 20.95
CA TYR G 251 60.16 7.63 21.09
C TYR G 251 59.48 7.89 19.75
N ILE G 252 60.27 8.28 18.75
CA ILE G 252 59.73 8.58 17.43
C ILE G 252 58.96 7.38 16.86
N TRP G 253 59.47 6.19 17.13
CA TRP G 253 58.87 4.95 16.67
C TRP G 253 57.50 4.64 17.29
N ALA G 254 57.20 5.25 18.43
CA ALA G 254 56.03 4.86 19.18
C ALA G 254 54.72 5.27 18.53
N GLY G 255 54.79 5.89 17.35
CA GLY G 255 53.58 6.37 16.65
C GLY G 255 52.42 5.37 16.60
N PRO G 256 52.67 4.17 16.04
CA PRO G 256 51.63 3.19 15.81
C PRO G 256 50.88 2.66 17.03
N HIS G 257 51.32 2.93 18.26
CA HIS G 257 50.58 2.37 19.41
C HIS G 257 49.21 3.03 19.54
N HIS G 258 49.04 4.14 18.84
CA HIS G 258 47.74 4.76 18.73
C HIS G 258 46.80 3.96 17.83
N LEU G 259 47.38 3.42 16.77
CA LEU G 259 46.58 2.82 15.73
C LEU G 259 46.51 1.30 15.83
N HIS G 260 46.43 0.76 17.05
CA HIS G 260 46.44 -0.70 17.20
C HIS G 260 45.13 -1.30 16.76
N TYR G 261 45.23 -2.43 16.05
CA TYR G 261 44.05 -3.11 15.48
C TYR G 261 43.17 -2.19 14.63
N THR G 262 43.81 -1.27 13.91
CA THR G 262 43.14 -0.43 12.93
C THR G 262 43.56 -0.84 11.52
N ALA G 263 43.21 -0.02 10.53
CA ALA G 263 43.51 -0.33 9.12
C ALA G 263 44.97 -0.06 8.78
N LEU G 264 45.68 0.57 9.72
CA LEU G 264 47.13 0.64 9.63
C LEU G 264 47.69 -0.79 9.51
N PRO G 265 48.60 -1.03 8.56
CA PRO G 265 49.15 -2.37 8.37
C PRO G 265 49.73 -2.96 9.65
N ASP G 266 49.67 -4.27 9.75
CA ASP G 266 50.16 -4.98 10.92
C ASP G 266 51.61 -4.67 11.26
N TRP G 267 52.47 -4.59 10.24
CA TRP G 267 53.90 -4.36 10.48
C TRP G 267 54.19 -3.06 11.22
N ALA G 268 53.48 -1.99 10.84
CA ALA G 268 53.65 -0.68 11.46
C ALA G 268 53.22 -0.76 12.92
N GLN G 269 52.04 -1.34 13.14
CA GLN G 269 51.47 -1.52 14.48
C GLN G 269 52.47 -2.14 15.46
N SER G 270 53.07 -3.25 15.03
CA SER G 270 54.06 -3.98 15.82
C SER G 270 55.29 -3.10 16.12
N LEU G 271 55.89 -2.58 15.06
CA LEU G 271 56.97 -1.62 15.22
C LEU G 271 56.66 -0.58 16.29
N GLY G 272 55.40 -0.16 16.36
CA GLY G 272 54.97 0.78 17.38
C GLY G 272 54.97 0.20 18.78
N MET G 273 54.38 -0.98 18.93
CA MET G 273 54.36 -1.67 20.22
C MET G 273 55.77 -1.96 20.69
N VAL G 274 56.54 -2.66 19.85
CA VAL G 274 57.90 -3.07 20.21
C VAL G 274 58.71 -1.90 20.75
N MET G 275 58.69 -0.78 20.03
CA MET G 275 59.45 0.39 20.44
C MET G 275 58.82 1.11 21.61
N SER G 276 57.50 1.06 21.72
CA SER G 276 56.82 1.60 22.92
C SER G 276 57.29 0.87 24.18
N LEU G 277 57.39 -0.45 24.10
CA LEU G 277 57.90 -1.22 25.22
C LEU G 277 59.37 -0.93 25.52
N ILE G 278 60.20 -0.85 24.48
CA ILE G 278 61.60 -0.48 24.65
C ILE G 278 61.71 0.84 25.39
N LEU G 279 60.80 1.75 25.04
CA LEU G 279 60.75 3.11 25.58
C LEU G 279 60.63 3.21 27.12
N LEU G 280 60.03 2.20 27.73
CA LEU G 280 59.87 2.12 29.19
C LEU G 280 61.17 2.47 29.87
N ALA G 281 62.22 1.75 29.49
CA ALA G 281 63.55 1.92 30.02
C ALA G 281 64.02 3.39 30.06
N PRO G 282 64.30 3.99 28.88
CA PRO G 282 64.78 5.37 28.83
C PRO G 282 63.88 6.33 29.59
N SER G 283 62.56 6.14 29.48
CA SER G 283 61.60 6.96 30.20
C SER G 283 61.89 6.96 31.70
N TRP G 284 61.99 5.76 32.27
CA TRP G 284 62.22 5.62 33.69
C TRP G 284 63.59 6.18 34.13
N GLY G 285 64.58 6.09 33.24
CA GLY G 285 65.89 6.70 33.47
C GLY G 285 65.73 8.17 33.82
N GLY G 286 64.66 8.76 33.30
CA GLY G 286 64.30 10.10 33.65
C GLY G 286 63.93 10.20 35.11
N MET G 287 62.98 9.37 35.56
CA MET G 287 62.48 9.49 36.92
C MET G 287 63.47 8.93 37.92
N ILE G 288 64.26 7.94 37.52
CA ILE G 288 65.32 7.45 38.39
C ILE G 288 66.29 8.59 38.68
N ASN G 289 66.80 9.20 37.62
CA ASN G 289 67.70 10.32 37.74
C ASN G 289 67.16 11.47 38.57
N GLY G 290 65.85 11.66 38.52
CA GLY G 290 65.23 12.74 39.26
C GLY G 290 65.10 12.40 40.74
N MET G 291 64.59 11.21 41.03
CA MET G 291 64.29 10.86 42.39
C MET G 291 65.52 10.54 43.19
N MET G 292 66.43 9.74 42.61
CA MET G 292 67.65 9.34 43.31
C MET G 292 68.49 10.56 43.62
N THR G 293 68.28 11.64 42.86
CA THR G 293 68.87 12.95 43.15
C THR G 293 68.46 13.46 44.54
N LEU G 294 67.24 13.16 44.94
CA LEU G 294 66.73 13.59 46.22
C LEU G 294 67.23 12.75 47.39
N SER G 295 67.85 11.61 47.13
CA SER G 295 68.29 10.70 48.19
C SER G 295 69.14 11.41 49.24
N GLY G 296 68.81 11.18 50.51
CA GLY G 296 69.40 11.91 51.62
C GLY G 296 68.55 13.10 51.99
N ALA G 297 68.09 13.85 50.98
CA ALA G 297 67.34 15.10 51.18
C ALA G 297 65.81 14.91 51.22
N TRP G 298 65.37 13.69 51.49
CA TRP G 298 63.95 13.38 51.58
C TRP G 298 63.24 14.14 52.72
N HIS G 299 64.01 14.52 53.74
CA HIS G 299 63.48 15.34 54.83
C HIS G 299 62.99 16.71 54.33
N LYS G 300 63.42 17.11 53.13
CA LYS G 300 63.02 18.39 52.61
C LYS G 300 61.58 18.34 52.14
N LEU G 301 61.05 17.13 51.96
CA LEU G 301 59.69 16.97 51.43
C LEU G 301 58.62 17.47 52.41
N ARG G 302 58.80 17.21 53.70
CA ARG G 302 57.86 17.75 54.67
C ARG G 302 58.09 19.25 54.84
N SER G 303 59.32 19.68 54.60
CA SER G 303 59.71 21.07 54.76
C SER G 303 59.24 21.94 53.57
N ASP G 304 59.59 21.52 52.36
CA ASP G 304 59.41 22.34 51.17
C ASP G 304 58.38 21.77 50.19
N PRO G 305 57.22 22.43 50.09
CA PRO G 305 56.20 21.97 49.19
C PRO G 305 56.54 22.15 47.70
N ILE G 306 57.42 23.10 47.38
CA ILE G 306 57.86 23.26 45.97
C ILE G 306 58.58 21.99 45.52
N LEU G 307 59.44 21.46 46.38
CA LEU G 307 60.07 20.17 46.12
C LEU G 307 59.05 19.05 46.01
N ARG G 308 58.08 19.02 46.93
CA ARG G 308 57.00 18.03 46.88
C ARG G 308 56.43 17.91 45.46
N PHE G 309 56.01 19.04 44.88
CA PHE G 309 55.46 19.08 43.52
C PHE G 309 56.39 18.35 42.58
N LEU G 310 57.65 18.78 42.53
CA LEU G 310 58.64 18.22 41.61
C LEU G 310 58.79 16.72 41.78
N VAL G 311 58.89 16.28 43.01
CA VAL G 311 59.02 14.85 43.31
C VAL G 311 57.76 14.08 42.92
N VAL G 312 56.62 14.43 43.50
CA VAL G 312 55.36 13.76 43.18
C VAL G 312 55.13 13.80 41.68
N SER G 313 55.60 14.88 41.05
CA SER G 313 55.56 15.00 39.60
C SER G 313 56.18 13.80 38.91
N LEU G 314 57.38 13.44 39.33
CA LEU G 314 58.09 12.27 38.80
C LEU G 314 57.37 10.95 39.09
N ALA G 315 56.73 10.84 40.26
CA ALA G 315 55.96 9.66 40.60
C ALA G 315 54.91 9.43 39.51
N PHE G 316 54.17 10.47 39.15
CA PHE G 316 53.21 10.34 38.08
C PHE G 316 53.85 10.13 36.71
N TYR G 317 54.93 10.85 36.44
CA TYR G 317 55.63 10.66 35.18
C TYR G 317 55.95 9.19 35.03
N GLY G 318 56.57 8.64 36.08
CA GLY G 318 56.99 7.25 36.08
C GLY G 318 55.82 6.33 35.85
N MET G 319 54.71 6.65 36.49
CA MET G 319 53.53 5.81 36.40
C MET G 319 53.02 5.81 34.99
N SER G 320 52.95 6.98 34.37
CA SER G 320 52.35 7.08 33.05
C SER G 320 53.31 6.60 31.96
N THR G 321 54.62 6.62 32.23
CA THR G 321 55.59 6.06 31.28
C THR G 321 55.79 4.57 31.53
N PHE G 322 54.85 3.99 32.27
CA PHE G 322 54.80 2.55 32.50
C PHE G 322 53.46 2.11 31.96
N GLU G 323 52.42 2.83 32.35
CA GLU G 323 51.05 2.68 31.84
C GLU G 323 51.02 2.74 30.33
N GLY G 324 51.76 3.69 29.75
CA GLY G 324 51.80 3.87 28.30
C GLY G 324 52.34 2.65 27.60
N PRO G 325 53.55 2.24 27.94
CA PRO G 325 54.05 1.02 27.38
C PRO G 325 53.05 -0.15 27.51
N MET G 326 52.38 -0.26 28.65
CA MET G 326 51.42 -1.36 28.84
C MET G 326 50.29 -1.29 27.84
N MET G 327 49.72 -0.11 27.66
CA MET G 327 48.59 0.09 26.78
C MET G 327 49.02 0.04 25.34
N ALA G 328 50.33 0.06 25.11
CA ALA G 328 50.87 -0.06 23.76
C ALA G 328 51.04 -1.52 23.35
N ILE G 329 50.81 -2.44 24.28
CA ILE G 329 50.72 -3.86 23.99
C ILE G 329 49.38 -4.09 23.30
N LYS G 330 49.40 -4.75 22.15
CA LYS G 330 48.19 -4.87 21.34
C LYS G 330 47.01 -5.38 22.14
N THR G 331 47.20 -6.47 22.88
CA THR G 331 46.11 -7.08 23.66
C THR G 331 45.54 -6.17 24.73
N VAL G 332 46.37 -5.30 25.27
CA VAL G 332 45.87 -4.30 26.21
C VAL G 332 45.14 -3.17 25.46
N ASN G 333 45.75 -2.62 24.40
CA ASN G 333 45.09 -1.58 23.62
C ASN G 333 43.76 -2.09 23.11
N ALA G 334 43.67 -3.41 22.90
CA ALA G 334 42.44 -4.04 22.43
C ALA G 334 41.26 -3.68 23.34
N LEU G 335 41.54 -3.51 24.64
CA LEU G 335 40.53 -3.09 25.60
C LEU G 335 40.59 -1.58 25.81
N SER G 336 41.79 -1.05 25.95
CA SER G 336 41.97 0.35 26.27
C SER G 336 41.43 1.30 25.16
N HIS G 337 41.71 0.98 23.89
CA HIS G 337 41.45 1.90 22.77
C HIS G 337 40.00 2.38 22.74
N TYR G 338 39.83 3.66 22.42
CA TYR G 338 38.52 4.37 22.37
C TYR G 338 37.89 4.69 23.72
N THR G 339 38.37 4.02 24.78
CA THR G 339 37.73 4.16 26.08
C THR G 339 38.25 5.36 26.89
N ASP G 340 37.56 5.66 27.99
CA ASP G 340 37.96 6.73 28.88
C ASP G 340 39.31 6.40 29.52
N TRP G 341 39.77 5.16 29.34
CA TRP G 341 41.08 4.81 29.89
C TRP G 341 42.15 5.70 29.25
N THR G 342 42.08 5.90 27.95
CA THR G 342 42.99 6.77 27.25
C THR G 342 43.05 8.15 27.91
N ILE G 343 41.87 8.70 28.20
CA ILE G 343 41.74 10.00 28.84
C ILE G 343 42.38 10.03 30.22
N GLY G 344 42.22 8.94 30.95
CA GLY G 344 42.91 8.77 32.23
C GLY G 344 44.43 8.79 32.10
N HIS G 345 44.97 7.98 31.19
CA HIS G 345 46.39 7.97 30.90
C HIS G 345 46.78 9.40 30.62
N VAL G 346 46.04 10.04 29.74
CA VAL G 346 46.35 11.41 29.35
C VAL G 346 46.50 12.30 30.57
N HIS G 347 45.51 12.30 31.46
CA HIS G 347 45.51 13.28 32.53
C HIS G 347 46.44 12.93 33.65
N ALA G 348 46.72 11.63 33.84
CA ALA G 348 47.78 11.18 34.77
C ALA G 348 49.06 11.90 34.38
N GLY G 349 49.55 11.62 33.17
CA GLY G 349 50.67 12.36 32.61
C GLY G 349 50.45 13.87 32.60
N ALA G 350 49.24 14.31 32.27
CA ALA G 350 48.94 15.73 32.04
C ALA G 350 48.90 16.55 33.35
N LEU G 351 48.11 16.08 34.32
CA LEU G 351 47.96 16.75 35.61
C LEU G 351 49.11 16.37 36.53
N GLY G 352 49.37 15.07 36.59
CA GLY G 352 50.38 14.53 37.51
C GLY G 352 51.83 14.84 37.14
N TRP G 353 52.14 14.80 35.84
CA TRP G 353 53.51 15.05 35.40
C TRP G 353 53.69 16.45 34.88
N VAL G 354 53.14 16.74 33.70
CA VAL G 354 53.30 18.07 33.09
C VAL G 354 52.96 19.22 34.07
N ALA G 355 51.73 19.23 34.56
CA ALA G 355 51.25 20.35 35.36
C ALA G 355 52.03 20.49 36.66
N MET G 356 52.20 19.39 37.39
CA MET G 356 52.95 19.38 38.66
C MET G 356 54.38 19.89 38.51
N VAL G 357 55.11 19.36 37.53
CA VAL G 357 56.48 19.76 37.32
C VAL G 357 56.55 21.24 36.99
N SER G 358 55.67 21.72 36.12
CA SER G 358 55.74 23.12 35.74
C SER G 358 55.28 24.06 36.86
N ILE G 359 54.26 23.63 37.60
CA ILE G 359 53.84 24.31 38.82
C ILE G 359 55.06 24.52 39.71
N GLY G 360 55.65 23.42 40.15
CA GLY G 360 56.86 23.49 40.95
C GLY G 360 57.87 24.47 40.38
N ALA G 361 58.17 24.31 39.08
CA ALA G 361 59.15 25.15 38.40
C ALA G 361 58.82 26.62 38.50
N LEU G 362 57.55 26.97 38.25
CA LEU G 362 57.12 28.37 38.38
C LEU G 362 57.26 28.87 39.81
N TYR G 363 56.70 28.13 40.76
CA TYR G 363 56.85 28.45 42.16
C TYR G 363 58.30 28.74 42.53
N HIS G 364 59.23 28.02 41.93
CA HIS G 364 60.66 28.27 42.16
C HIS G 364 61.08 29.58 41.52
N LEU G 365 60.75 29.75 40.25
CA LEU G 365 61.33 30.80 39.45
C LEU G 365 60.59 32.12 39.59
N VAL G 366 59.27 32.09 39.74
CA VAL G 366 58.47 33.34 39.75
C VAL G 366 59.04 34.38 40.72
N PRO G 367 59.31 34.00 41.98
CA PRO G 367 59.93 34.96 42.89
C PRO G 367 61.26 35.50 42.34
N LYS G 368 62.23 34.61 42.12
CA LYS G 368 63.50 34.96 41.51
C LYS G 368 63.35 36.02 40.42
N VAL G 369 62.49 35.73 39.44
CA VAL G 369 62.31 36.56 38.25
C VAL G 369 61.68 37.92 38.57
N PHE G 370 60.91 37.98 39.65
CA PHE G 370 60.30 39.23 40.10
C PHE G 370 61.12 39.96 41.18
N GLY G 371 62.42 39.68 41.21
CA GLY G 371 63.31 40.26 42.21
C GLY G 371 62.68 40.13 43.58
N ARG G 372 62.57 38.89 44.04
CA ARG G 372 61.91 38.57 45.30
C ARG G 372 62.44 37.21 45.79
N GLU G 373 62.70 37.12 47.08
CA GLU G 373 63.41 35.95 47.65
C GLU G 373 62.58 34.66 47.70
N GLN G 374 61.26 34.77 47.81
CA GLN G 374 60.40 33.59 47.75
C GLN G 374 58.93 33.92 47.41
N MET G 375 58.09 32.89 47.29
CA MET G 375 56.68 33.12 47.05
C MET G 375 56.04 33.86 48.23
N HIS G 376 54.83 34.37 48.03
CA HIS G 376 54.16 35.15 49.06
C HIS G 376 53.84 34.30 50.27
N SER G 377 53.27 33.13 50.02
CA SER G 377 52.89 32.24 51.09
C SER G 377 53.30 30.83 50.74
N ILE G 378 54.15 30.22 51.56
CA ILE G 378 54.55 28.84 51.34
C ILE G 378 53.42 27.88 51.71
N GLY G 379 52.62 28.25 52.71
CA GLY G 379 51.43 27.48 53.07
C GLY G 379 50.53 27.22 51.87
N LEU G 380 50.36 28.24 51.03
CA LEU G 380 49.51 28.12 49.84
C LEU G 380 50.16 27.29 48.74
N ILE G 381 51.45 27.05 48.86
CA ILE G 381 52.13 26.13 47.94
C ILE G 381 51.79 24.72 48.37
N ASN G 382 51.70 24.51 49.69
CA ASN G 382 51.31 23.22 50.22
C ASN G 382 49.85 22.88 50.00
N THR G 383 48.95 23.82 50.28
CA THR G 383 47.53 23.58 50.07
C THR G 383 47.22 23.39 48.58
N HIS G 384 47.97 24.10 47.72
CA HIS G 384 47.91 23.85 46.28
C HIS G 384 48.27 22.41 45.99
N PHE G 385 49.39 21.97 46.55
CA PHE G 385 49.88 20.62 46.34
C PHE G 385 48.82 19.54 46.64
N TRP G 386 48.12 19.68 47.76
CA TRP G 386 47.14 18.68 48.14
C TRP G 386 45.95 18.69 47.22
N LEU G 387 45.46 19.87 46.89
CA LEU G 387 44.36 20.01 45.92
C LEU G 387 44.77 19.35 44.61
N ALA G 388 45.99 19.61 44.18
CA ALA G 388 46.50 19.11 42.91
C ALA G 388 46.65 17.60 42.92
N THR G 389 47.08 17.06 44.04
CA THR G 389 47.22 15.61 44.15
C THR G 389 45.87 14.91 44.28
N ILE G 390 45.07 15.26 45.28
CA ILE G 390 43.70 14.73 45.40
C ILE G 390 42.99 14.80 44.04
N GLY G 391 43.01 15.98 43.44
CA GLY G 391 42.44 16.19 42.11
C GLY G 391 42.93 15.22 41.06
N THR G 392 44.25 15.08 40.96
CA THR G 392 44.84 14.18 39.98
C THR G 392 44.38 12.74 40.21
N VAL G 393 44.50 12.27 41.44
CA VAL G 393 44.14 10.90 41.80
C VAL G 393 42.65 10.62 41.50
N LEU G 394 41.76 11.52 41.89
CA LEU G 394 40.33 11.31 41.60
C LEU G 394 40.09 11.13 40.12
N TYR G 395 40.66 12.03 39.32
CA TYR G 395 40.58 11.99 37.87
C TYR G 395 41.03 10.63 37.35
N ILE G 396 42.27 10.26 37.67
CA ILE G 396 42.80 8.96 37.29
C ILE G 396 41.84 7.82 37.65
N ALA G 397 41.42 7.79 38.92
CA ALA G 397 40.59 6.71 39.45
C ALA G 397 39.31 6.57 38.66
N SER G 398 38.61 7.68 38.47
CA SER G 398 37.34 7.67 37.78
C SER G 398 37.50 7.19 36.34
N MET G 399 38.61 7.55 35.70
CA MET G 399 38.85 7.17 34.31
C MET G 399 39.19 5.70 34.15
N TRP G 400 39.93 5.13 35.10
CA TRP G 400 40.15 3.70 35.08
C TRP G 400 38.83 2.96 35.22
N VAL G 401 38.04 3.35 36.21
CA VAL G 401 36.73 2.74 36.40
C VAL G 401 35.97 2.79 35.07
N ASN G 402 35.75 4.00 34.56
CA ASN G 402 35.06 4.18 33.30
C ASN G 402 35.67 3.40 32.16
N GLY G 403 36.98 3.50 32.02
CA GLY G 403 37.69 2.85 30.93
C GLY G 403 37.55 1.34 30.92
N ILE G 404 37.74 0.72 32.08
CA ILE G 404 37.53 -0.71 32.18
C ILE G 404 36.08 -1.03 31.90
N ALA G 405 35.17 -0.27 32.52
CA ALA G 405 33.74 -0.49 32.35
C ALA G 405 33.37 -0.50 30.88
N GLN G 406 33.87 0.50 30.16
CA GLN G 406 33.61 0.62 28.73
C GLN G 406 34.21 -0.53 27.93
N GLY G 407 35.52 -0.66 27.98
CA GLY G 407 36.21 -1.74 27.27
C GLY G 407 35.53 -3.07 27.46
N LEU G 408 35.28 -3.40 28.73
CA LEU G 408 34.61 -4.62 29.12
C LEU G 408 33.22 -4.68 28.51
N MET G 409 32.38 -3.69 28.80
CA MET G 409 30.99 -3.71 28.34
C MET G 409 30.78 -3.77 26.84
N TRP G 410 31.64 -3.10 26.08
CA TRP G 410 31.55 -3.10 24.63
C TRP G 410 31.73 -4.49 24.04
N ARG G 411 32.70 -5.24 24.57
CA ARG G 411 33.06 -6.53 23.98
C ARG G 411 32.38 -7.72 24.63
N ALA G 412 31.69 -7.44 25.72
CA ALA G 412 30.96 -8.45 26.48
C ALA G 412 29.95 -9.23 25.66
N ILE G 413 30.20 -10.53 25.58
CA ILE G 413 29.44 -11.49 24.80
C ILE G 413 28.70 -12.33 25.83
N ASN G 414 27.50 -12.77 25.49
CA ASN G 414 26.81 -13.70 26.36
C ASN G 414 27.20 -15.14 26.10
N ASP G 415 26.55 -16.06 26.80
CA ASP G 415 26.80 -17.48 26.63
C ASP G 415 26.34 -17.99 25.26
N ASP G 416 25.40 -17.29 24.63
CA ASP G 416 24.89 -17.60 23.29
C ASP G 416 25.50 -16.71 22.21
N GLY G 417 26.60 -16.06 22.52
CA GLY G 417 27.35 -15.35 21.52
C GLY G 417 26.90 -13.93 21.26
N THR G 418 25.68 -13.58 21.68
CA THR G 418 25.14 -12.23 21.45
C THR G 418 25.82 -11.17 22.34
N LEU G 419 25.81 -9.92 21.88
CA LEU G 419 26.40 -8.81 22.63
C LEU G 419 25.60 -8.51 23.90
N THR G 420 26.29 -8.44 25.03
CA THR G 420 25.64 -8.32 26.33
C THR G 420 25.05 -6.95 26.56
N TYR G 421 25.73 -5.91 26.09
CA TYR G 421 25.31 -4.57 26.41
C TYR G 421 25.12 -3.68 25.21
N SER G 422 24.09 -2.87 25.22
CA SER G 422 23.91 -1.82 24.25
C SER G 422 24.97 -0.76 24.49
N PHE G 423 25.24 0.05 23.49
CA PHE G 423 26.23 1.11 23.67
C PHE G 423 25.76 2.15 24.68
N VAL G 424 24.46 2.37 24.72
CA VAL G 424 23.89 3.35 25.64
C VAL G 424 24.04 2.87 27.07
N GLU G 425 23.93 1.56 27.29
CA GLU G 425 24.15 1.01 28.63
C GLU G 425 25.54 1.32 29.14
N SER G 426 26.53 1.22 28.25
CA SER G 426 27.90 1.57 28.59
C SER G 426 28.01 3.07 28.90
N LEU G 427 27.34 3.88 28.08
CA LEU G 427 27.25 5.33 28.26
C LEU G 427 26.74 5.66 29.67
N GLU G 428 25.64 5.03 30.04
CA GLU G 428 24.98 5.28 31.30
C GLU G 428 25.90 4.86 32.42
N ALA G 429 26.46 3.65 32.33
CA ALA G 429 27.45 3.18 33.31
C ALA G 429 28.52 4.24 33.60
N SER G 430 28.89 5.02 32.59
CA SER G 430 29.95 6.03 32.70
C SER G 430 29.59 7.33 33.42
N HIS G 431 28.31 7.56 33.70
CA HIS G 431 27.92 8.85 34.23
C HIS G 431 28.54 9.18 35.59
N PRO G 432 28.53 8.20 36.53
CA PRO G 432 29.19 8.48 37.80
C PRO G 432 30.65 8.86 37.53
N GLY G 433 31.33 8.09 36.68
CA GLY G 433 32.70 8.43 36.28
C GLY G 433 32.87 9.87 35.81
N PHE G 434 31.99 10.28 34.90
CA PHE G 434 32.03 11.63 34.34
C PHE G 434 31.88 12.67 35.39
N VAL G 435 31.15 12.37 36.46
CA VAL G 435 30.91 13.35 37.52
C VAL G 435 32.08 13.43 38.46
N VAL G 436 32.60 12.27 38.85
CA VAL G 436 33.78 12.24 39.71
C VAL G 436 34.93 12.92 39.00
N ARG G 437 35.12 12.64 37.70
CA ARG G 437 36.20 13.31 36.97
C ARG G 437 36.01 14.82 36.95
N MET G 438 34.77 15.26 36.73
CA MET G 438 34.47 16.69 36.76
C MET G 438 34.87 17.31 38.11
N ILE G 439 34.59 16.60 39.20
CA ILE G 439 34.96 17.06 40.52
C ILE G 439 36.47 17.01 40.69
N GLY G 440 37.08 15.94 40.16
CA GLY G 440 38.51 15.72 40.31
C GLY G 440 39.23 16.90 39.71
N GLY G 441 38.83 17.21 38.48
CA GLY G 441 39.39 18.33 37.74
C GLY G 441 39.09 19.66 38.39
N ALA G 442 37.86 19.80 38.91
CA ALA G 442 37.47 21.01 39.62
C ALA G 442 38.42 21.29 40.77
N ILE G 443 38.74 20.26 41.54
CA ILE G 443 39.62 20.38 42.70
C ILE G 443 41.00 20.81 42.23
N PHE G 444 41.49 20.18 41.16
CA PHE G 444 42.77 20.54 40.57
C PHE G 444 42.78 22.01 40.15
N PHE G 445 41.74 22.40 39.40
CA PHE G 445 41.50 23.77 38.96
C PHE G 445 41.48 24.76 40.12
N ALA G 446 40.88 24.36 41.25
CA ALA G 446 40.82 25.22 42.42
C ALA G 446 42.24 25.53 42.84
N GLY G 447 43.11 24.53 42.81
CA GLY G 447 44.52 24.70 43.16
C GLY G 447 45.19 25.76 42.30
N MET G 448 44.89 25.72 41.02
CA MET G 448 45.40 26.70 40.08
C MET G 448 44.98 28.12 40.45
N LEU G 449 43.76 28.27 40.92
CA LEU G 449 43.30 29.56 41.43
C LEU G 449 44.13 29.97 42.65
N VAL G 450 44.36 29.03 43.56
CA VAL G 450 45.19 29.28 44.75
C VAL G 450 46.57 29.73 44.29
N MET G 451 47.09 29.11 43.22
CA MET G 451 48.36 29.53 42.62
C MET G 451 48.27 30.96 42.08
N ALA G 452 47.23 31.24 41.30
CA ALA G 452 47.01 32.59 40.77
C ALA G 452 47.03 33.64 41.88
N TYR G 453 46.30 33.37 42.96
CA TYR G 453 46.23 34.29 44.08
C TYR G 453 47.61 34.49 44.68
N ASN G 454 48.29 33.38 44.92
CA ASN G 454 49.61 33.39 45.48
C ASN G 454 50.54 34.21 44.60
N THR G 455 50.68 33.82 43.33
CA THR G 455 51.53 34.53 42.37
C THR G 455 51.25 36.01 42.38
N TRP G 456 49.99 36.39 42.22
CA TRP G 456 49.61 37.79 42.21
C TRP G 456 50.07 38.55 43.47
N ARG G 457 49.85 37.94 44.63
CA ARG G 457 50.24 38.56 45.89
C ARG G 457 51.72 38.81 45.90
N THR G 458 52.48 37.87 45.34
CA THR G 458 53.92 38.01 45.34
C THR G 458 54.40 39.03 44.29
N VAL G 459 53.62 39.18 43.22
CA VAL G 459 53.98 40.13 42.16
C VAL G 459 53.81 41.60 42.58
N GLN G 460 52.87 41.87 43.48
CA GLN G 460 52.74 43.20 44.08
C GLN G 460 54.04 43.61 44.74
N ALA G 461 54.60 42.69 45.53
CA ALA G 461 55.92 42.82 46.12
C ALA G 461 56.73 44.05 45.72
N ALA G 462 57.66 43.90 44.77
CA ALA G 462 58.54 45.00 44.34
C ALA G 462 58.22 45.41 42.91
N LYS G 463 58.63 46.61 42.50
CA LYS G 463 58.30 47.13 41.16
C LYS G 463 59.49 47.46 40.25
N PRO G 464 60.64 47.89 40.82
CA PRO G 464 61.88 47.80 40.05
C PRO G 464 62.56 46.46 40.33
N ALA G 465 61.91 45.39 39.85
CA ALA G 465 62.28 43.98 40.06
C ALA G 465 63.75 43.67 39.77
N GLU G 466 64.00 42.87 38.74
CA GLU G 466 65.35 42.65 38.20
C GLU G 466 66.47 42.56 39.26
N TYR G 467 66.57 41.41 39.91
CA TYR G 467 67.69 41.14 40.79
C TYR G 467 68.31 39.83 40.36
N ASP G 468 69.24 39.92 39.42
CA ASP G 468 70.01 38.76 38.96
C ASP G 468 71.12 39.10 37.94
N ALA G 469 72.37 39.13 38.41
CA ALA G 469 73.50 39.45 37.54
C ALA G 469 74.38 38.24 37.18
N ALA G 470 75.53 38.08 37.85
CA ALA G 470 76.53 37.02 37.56
C ALA G 470 75.91 35.64 37.35
N LYS H 6 82.70 13.34 22.76
CA LYS H 6 81.80 13.62 23.92
C LYS H 6 80.56 14.40 23.51
N LEU H 7 80.63 15.06 22.34
CA LEU H 7 79.52 15.83 21.69
C LEU H 7 78.66 16.81 22.54
N GLU H 8 79.10 17.11 23.77
CA GLU H 8 78.35 18.01 24.66
C GLU H 8 79.06 19.35 24.83
N LYS H 9 80.16 19.51 24.11
CA LYS H 9 80.85 20.78 23.99
C LYS H 9 80.71 21.28 22.54
N ASN H 10 80.15 20.40 21.71
CA ASN H 10 79.95 20.66 20.28
C ASN H 10 78.46 20.98 20.04
N VAL H 11 78.16 22.24 19.75
CA VAL H 11 76.76 22.69 19.64
C VAL H 11 76.07 22.16 18.40
N GLY H 12 76.80 22.17 17.28
CA GLY H 12 76.29 21.72 15.99
C GLY H 12 76.31 20.21 15.85
N LEU H 13 77.37 19.59 16.38
CA LEU H 13 77.51 18.13 16.38
C LEU H 13 76.35 17.48 17.14
N LEU H 14 76.03 18.03 18.31
CA LEU H 14 74.85 17.63 19.07
C LEU H 14 73.59 17.85 18.23
N THR H 15 73.45 19.05 17.65
CA THR H 15 72.30 19.41 16.83
C THR H 15 72.11 18.42 15.69
N LEU H 16 73.19 18.11 14.97
CA LEU H 16 73.15 17.19 13.85
C LEU H 16 72.72 15.76 14.25
N PHE H 17 73.39 15.22 15.27
CA PHE H 17 73.07 13.87 15.75
C PHE H 17 71.67 13.75 16.35
N MET H 18 71.14 14.86 16.85
CA MET H 18 69.74 14.91 17.29
C MET H 18 68.79 14.82 16.10
N ILE H 19 68.94 15.72 15.12
CA ILE H 19 68.10 15.70 13.89
C ILE H 19 68.27 14.37 13.16
N LEU H 20 69.43 13.75 13.34
CA LEU H 20 69.66 12.42 12.79
C LEU H 20 68.90 11.34 13.57
N ALA H 21 69.15 11.28 14.88
CA ALA H 21 68.56 10.27 15.76
C ALA H 21 67.03 10.29 15.73
N VAL H 22 66.49 11.49 15.59
CA VAL H 22 65.07 11.74 15.71
C VAL H 22 64.33 11.40 14.40
N SER H 23 65.08 11.26 13.32
CA SER H 23 64.49 11.09 12.00
C SER H 23 64.15 9.65 11.66
N ILE H 24 65.00 8.75 12.13
CA ILE H 24 64.93 7.33 11.77
C ILE H 24 63.53 6.71 11.83
N GLY H 25 62.83 6.88 12.96
CA GLY H 25 61.46 6.37 13.13
C GLY H 25 60.46 6.94 12.12
N GLY H 26 60.59 8.23 11.84
CA GLY H 26 59.76 8.89 10.84
C GLY H 26 60.00 8.29 9.46
N LEU H 27 61.26 8.19 9.08
CA LEU H 27 61.61 7.66 7.77
C LEU H 27 61.18 6.21 7.61
N THR H 28 61.18 5.45 8.70
CA THR H 28 60.97 4.01 8.63
C THR H 28 59.50 3.60 8.69
N GLN H 29 58.64 4.49 9.19
CA GLN H 29 57.24 4.17 9.38
C GLN H 29 56.34 4.88 8.38
N ILE H 30 56.64 6.15 8.11
CA ILE H 30 55.80 6.93 7.22
C ILE H 30 56.15 6.67 5.76
N VAL H 31 57.43 6.80 5.43
CA VAL H 31 57.87 6.75 4.03
C VAL H 31 57.38 5.50 3.29
N PRO H 32 57.55 4.30 3.89
CA PRO H 32 57.18 3.11 3.14
C PRO H 32 55.70 2.97 2.88
N LEU H 33 54.89 3.70 3.63
CA LEU H 33 53.44 3.67 3.47
C LEU H 33 53.00 4.44 2.25
N PHE H 34 53.77 5.43 1.85
CA PHE H 34 53.49 6.17 0.63
C PHE H 34 53.45 5.20 -0.54
N PHE H 35 54.25 4.15 -0.43
CA PHE H 35 54.47 3.24 -1.53
C PHE H 35 53.79 1.88 -1.33
N GLN H 36 53.24 1.62 -0.14
CA GLN H 36 52.54 0.36 0.09
C GLN H 36 51.26 0.36 -0.71
N ASP H 37 50.94 -0.75 -1.37
CA ASP H 37 49.73 -0.77 -2.17
C ASP H 37 48.47 -0.83 -1.34
N SER H 38 48.47 -1.70 -0.33
CA SER H 38 47.28 -1.95 0.46
C SER H 38 46.64 -0.70 1.09
N VAL H 39 47.47 0.29 1.44
CA VAL H 39 46.96 1.50 2.09
C VAL H 39 46.73 2.68 1.15
N ASN H 40 46.83 2.43 -0.15
CA ASN H 40 46.56 3.47 -1.14
C ASN H 40 45.50 3.11 -2.18
N GLU H 41 45.29 1.80 -2.35
CA GLU H 41 44.24 1.25 -3.23
C GLU H 41 42.87 1.49 -2.61
N PRO H 42 41.97 2.18 -3.36
CA PRO H 42 40.60 2.37 -2.90
C PRO H 42 39.89 1.04 -2.92
N VAL H 43 38.85 0.90 -2.12
CA VAL H 43 38.16 -0.36 -2.10
C VAL H 43 37.30 -0.47 -3.37
N GLU H 44 37.22 -1.69 -3.90
CA GLU H 44 36.63 -2.00 -5.22
C GLU H 44 35.98 -0.82 -5.96
N GLY H 45 34.67 -0.70 -5.85
CA GLY H 45 33.96 0.24 -6.72
C GLY H 45 33.92 1.67 -6.21
N MET H 46 34.53 1.89 -5.05
CA MET H 46 34.43 3.16 -4.32
C MET H 46 34.71 4.40 -5.16
N LYS H 47 33.78 5.34 -5.08
CA LYS H 47 33.89 6.66 -5.68
C LYS H 47 34.33 7.70 -4.63
N PRO H 48 34.75 8.90 -5.08
CA PRO H 48 35.03 10.05 -4.21
C PRO H 48 33.75 10.55 -3.59
N TYR H 49 33.81 11.34 -2.51
CA TYR H 49 32.55 11.81 -1.90
C TYR H 49 31.90 12.79 -2.86
N THR H 50 30.57 12.73 -2.95
CA THR H 50 29.82 13.65 -3.79
C THR H 50 29.84 15.06 -3.23
N ALA H 51 29.63 16.06 -4.09
CA ALA H 51 29.67 17.45 -3.63
C ALA H 51 28.96 17.62 -2.28
N LEU H 52 27.77 17.05 -2.18
CA LEU H 52 27.00 17.19 -0.97
C LEU H 52 27.63 16.45 0.22
N GLN H 53 28.07 15.22 -0.03
CA GLN H 53 28.66 14.39 1.00
C GLN H 53 29.93 15.09 1.51
N LEU H 54 30.76 15.56 0.57
CA LEU H 54 32.02 16.27 0.82
C LEU H 54 31.79 17.55 1.63
N GLU H 55 30.72 18.26 1.31
CA GLU H 55 30.36 19.46 2.03
C GLU H 55 29.95 19.08 3.45
N GLY H 56 29.29 17.93 3.57
CA GLY H 56 28.81 17.43 4.86
C GLY H 56 29.93 16.88 5.71
N ARG H 57 30.92 16.28 5.05
CA ARG H 57 32.05 15.75 5.77
C ARG H 57 32.76 16.92 6.37
N ASP H 58 32.84 18.03 5.64
CA ASP H 58 33.45 19.22 6.22
C ASP H 58 32.60 19.79 7.36
N LEU H 59 31.32 19.44 7.39
CA LEU H 59 30.50 19.92 8.47
C LEU H 59 30.75 19.08 9.69
N TYR H 60 30.84 17.77 9.48
CA TYR H 60 31.27 16.82 10.51
C TYR H 60 32.61 17.21 11.13
N ILE H 61 33.46 17.78 10.30
CA ILE H 61 34.78 18.23 10.74
C ILE H 61 34.63 19.46 11.63
N ARG H 62 33.79 20.43 11.20
CA ARG H 62 33.79 21.72 11.85
C ARG H 62 33.12 21.59 13.18
N GLU H 63 32.17 20.65 13.26
CA GLU H 63 31.39 20.47 14.48
C GLU H 63 32.13 19.71 15.62
N GLY H 64 33.19 19.01 15.24
CA GLY H 64 34.00 18.26 16.15
C GLY H 64 33.46 16.89 16.45
N CYS H 65 32.64 16.38 15.54
CA CYS H 65 32.00 15.09 15.72
C CYS H 65 33.04 14.03 16.05
N VAL H 66 34.18 14.13 15.38
CA VAL H 66 35.32 13.21 15.60
C VAL H 66 35.73 13.04 17.07
N GLY H 67 35.66 14.12 17.83
CA GLY H 67 35.97 14.07 19.25
C GLY H 67 35.13 13.13 20.10
N CYS H 68 34.00 12.66 19.57
CA CYS H 68 33.20 11.69 20.29
C CYS H 68 33.01 10.40 19.47
N HIS H 69 33.33 10.43 18.19
CA HIS H 69 32.94 9.34 17.31
C HIS H 69 34.09 8.83 16.46
N SER H 70 34.40 7.55 16.61
CA SER H 70 35.39 6.87 15.78
C SER H 70 34.82 6.48 14.43
N GLN H 71 35.67 6.37 13.40
CA GLN H 71 35.27 5.75 12.16
C GLN H 71 36.28 4.69 11.76
N MET H 72 36.34 3.65 12.57
CA MET H 72 37.39 2.66 12.40
C MET H 72 37.00 1.45 13.23
N ILE H 73 36.50 0.43 12.53
CA ILE H 73 36.07 -0.78 13.19
C ILE H 73 37.23 -1.74 13.27
N ARG H 74 37.60 -2.12 14.49
CA ARG H 74 38.71 -3.02 14.78
C ARG H 74 38.29 -4.46 14.56
N PRO H 75 39.23 -5.30 14.08
CA PRO H 75 38.90 -6.64 13.68
C PRO H 75 38.74 -7.60 14.86
N PHE H 76 37.81 -7.29 15.76
CA PHE H 76 37.39 -8.23 16.79
C PHE H 76 35.98 -8.67 16.51
N ARG H 77 35.64 -9.88 16.94
CA ARG H 77 34.28 -10.36 16.74
C ARG H 77 33.26 -9.39 17.32
N ALA H 78 33.44 -9.00 18.57
CA ALA H 78 32.47 -8.13 19.24
C ALA H 78 32.30 -6.77 18.56
N GLU H 79 33.35 -6.26 17.92
CA GLU H 79 33.20 -5.00 17.21
C GLU H 79 32.50 -5.22 15.90
N THR H 80 32.92 -6.30 15.22
CA THR H 80 32.24 -6.84 14.07
C THR H 80 30.75 -7.03 14.32
N GLU H 81 30.38 -7.70 15.41
CA GLU H 81 28.96 -7.90 15.66
C GLU H 81 28.24 -6.59 15.90
N ARG H 82 28.87 -5.66 16.59
CA ARG H 82 28.18 -4.44 16.94
C ARG H 82 28.07 -3.51 15.75
N TYR H 83 29.07 -3.48 14.87
CA TYR H 83 29.14 -2.38 13.92
C TYR H 83 29.20 -2.80 12.48
N GLY H 84 29.69 -4.00 12.23
CA GLY H 84 29.81 -4.46 10.84
C GLY H 84 31.22 -4.92 10.50
N HIS H 85 31.51 -4.95 9.21
CA HIS H 85 32.80 -5.44 8.79
C HIS H 85 33.88 -4.52 9.31
N TYR H 86 34.94 -5.07 9.87
CA TYR H 86 36.06 -4.25 10.31
C TYR H 86 36.52 -3.34 9.16
N SER H 87 36.82 -2.09 9.51
CA SER H 87 37.31 -1.08 8.57
C SER H 87 38.51 -1.55 7.77
N VAL H 88 38.60 -1.08 6.54
CA VAL H 88 39.68 -1.49 5.68
C VAL H 88 40.48 -0.28 5.20
N ALA H 89 41.80 -0.45 5.08
CA ALA H 89 42.67 0.62 4.60
C ALA H 89 42.08 1.35 3.37
N GLY H 90 41.51 0.58 2.45
CA GLY H 90 41.01 1.10 1.19
C GLY H 90 39.83 2.02 1.31
N GLU H 91 39.11 1.96 2.42
CA GLU H 91 37.89 2.77 2.61
C GLU H 91 38.18 4.23 2.88
N SER H 92 39.33 4.53 3.48
CA SER H 92 39.67 5.91 3.88
C SER H 92 40.69 6.52 2.95
N VAL H 93 40.93 5.84 1.84
CA VAL H 93 41.94 6.24 0.88
C VAL H 93 41.81 7.66 0.34
N TYR H 94 40.59 8.21 0.31
CA TYR H 94 40.36 9.58 -0.17
C TYR H 94 40.03 10.53 0.98
N ASP H 95 40.35 10.13 2.21
CA ASP H 95 40.02 10.93 3.37
C ASP H 95 41.10 11.93 3.75
N HIS H 96 41.02 13.11 3.16
CA HIS H 96 41.87 14.22 3.58
C HIS H 96 41.03 15.15 4.47
N PRO H 97 41.32 15.17 5.79
CA PRO H 97 42.22 14.30 6.52
C PRO H 97 41.43 13.11 7.08
N PHE H 98 42.11 12.03 7.45
CA PHE H 98 41.44 10.85 7.96
C PHE H 98 40.67 11.18 9.26
N LEU H 99 39.50 10.53 9.41
CA LEU H 99 38.65 10.74 10.58
C LEU H 99 38.34 9.43 11.31
N TRP H 100 39.34 8.55 11.38
CA TRP H 100 39.27 7.40 12.27
C TRP H 100 39.18 8.11 13.59
N GLY H 101 38.57 7.52 14.58
CA GLY H 101 38.63 8.28 15.83
C GLY H 101 39.86 8.03 16.69
N SER H 102 39.75 8.53 17.93
CA SER H 102 40.56 8.03 19.03
C SER H 102 39.71 7.87 20.29
N LYS H 103 38.49 8.43 20.26
CA LYS H 103 37.50 8.21 21.32
C LYS H 103 36.13 7.82 20.79
N ARG H 104 35.46 7.02 21.60
CA ARG H 104 34.08 6.66 21.39
C ARG H 104 33.23 7.12 22.58
N THR H 105 33.00 8.43 22.70
CA THR H 105 32.05 8.88 23.66
C THR H 105 30.67 8.45 23.18
N GLY H 106 30.45 8.54 21.87
CA GLY H 106 29.32 7.89 21.19
C GLY H 106 29.84 6.72 20.36
N PRO H 107 28.94 5.97 19.71
CA PRO H 107 29.37 4.76 18.99
C PRO H 107 30.18 5.07 17.74
N ASP H 108 30.79 4.02 17.19
CA ASP H 108 31.56 4.13 15.97
C ASP H 108 30.62 4.40 14.79
N LEU H 109 31.02 5.29 13.89
CA LEU H 109 30.18 5.68 12.76
C LEU H 109 30.71 5.18 11.42
N ALA H 110 31.71 4.30 11.46
CA ALA H 110 32.34 3.84 10.23
C ALA H 110 31.33 3.19 9.31
N ARG H 111 30.28 2.59 9.87
CA ARG H 111 29.25 2.00 9.04
C ARG H 111 27.83 2.38 9.38
N VAL H 112 27.59 3.61 9.85
CA VAL H 112 26.21 4.10 9.97
C VAL H 112 25.46 3.99 8.63
N GLY H 113 26.25 3.81 7.56
CA GLY H 113 25.78 3.23 6.31
C GLY H 113 24.38 3.70 6.00
N GLY H 114 23.44 2.77 5.90
CA GLY H 114 22.03 3.14 5.78
C GLY H 114 21.28 2.49 6.93
N ARG H 115 21.90 2.47 8.11
CA ARG H 115 21.38 1.71 9.23
C ARG H 115 20.18 2.43 9.81
N TYR H 116 20.14 3.73 9.61
CA TYR H 116 19.04 4.56 10.08
C TYR H 116 18.53 5.42 8.95
N SER H 117 17.26 5.77 9.01
CA SER H 117 16.61 6.63 8.03
C SER H 117 17.12 8.07 8.11
N ASP H 118 17.03 8.79 6.99
CA ASP H 118 17.42 10.20 7.04
C ASP H 118 16.59 10.90 8.10
N ASP H 119 15.31 10.53 8.18
CA ASP H 119 14.41 11.17 9.14
C ASP H 119 14.95 11.03 10.55
N TRP H 120 15.42 9.83 10.87
CA TRP H 120 15.93 9.59 12.22
C TRP H 120 17.12 10.49 12.40
N HIS H 121 18.02 10.50 11.42
CA HIS H 121 19.25 11.28 11.54
C HIS H 121 18.97 12.75 11.77
N ARG H 122 17.86 13.24 11.21
CA ARG H 122 17.54 14.65 11.33
C ARG H 122 17.06 14.92 12.71
N ALA H 123 16.18 14.05 13.17
CA ALA H 123 15.60 14.19 14.49
C ALA H 123 16.70 14.11 15.52
N HIS H 124 17.63 13.21 15.28
CA HIS H 124 18.61 12.91 16.29
C HIS H 124 19.69 14.01 16.42
N LEU H 125 20.16 14.47 15.26
CA LEU H 125 21.03 15.61 15.23
C LEU H 125 20.33 16.85 15.81
N TYR H 126 19.03 17.02 15.55
CA TYR H 126 18.35 18.23 16.01
C TYR H 126 18.34 18.31 17.53
N ASN H 127 18.21 17.14 18.16
CA ASN H 127 18.20 17.01 19.60
C ASN H 127 18.31 15.55 20.03
N PRO H 128 19.55 15.05 20.20
CA PRO H 128 19.68 13.61 20.40
C PRO H 128 18.86 13.08 21.58
N ARG H 129 18.73 13.86 22.65
CA ARG H 129 18.01 13.45 23.89
C ARG H 129 16.57 13.16 23.55
N ASN H 130 16.11 13.84 22.52
CA ASN H 130 14.78 13.69 22.01
C ASN H 130 14.44 12.32 21.40
N VAL H 131 15.43 11.60 20.91
CA VAL H 131 15.21 10.28 20.33
C VAL H 131 15.90 9.23 21.19
N VAL H 132 17.01 9.60 21.83
CA VAL H 132 17.79 8.71 22.69
C VAL H 132 17.95 9.45 24.01
N PRO H 133 16.95 9.30 24.91
CA PRO H 133 16.81 10.11 26.10
C PRO H 133 18.04 10.25 26.93
N GLU H 134 18.92 9.25 26.89
CA GLU H 134 20.09 9.26 27.80
C GLU H 134 21.38 9.61 27.07
N SER H 135 21.23 10.22 25.89
CA SER H 135 22.35 10.62 25.08
C SER H 135 23.16 11.74 25.72
N LYS H 136 24.45 11.80 25.44
CA LYS H 136 25.27 12.90 25.97
C LYS H 136 25.71 13.83 24.85
N MET H 137 25.33 13.45 23.63
CA MET H 137 25.62 14.20 22.43
C MET H 137 24.97 15.55 22.52
N PRO H 138 25.69 16.60 22.08
CA PRO H 138 25.13 17.92 21.94
C PRO H 138 24.04 17.97 20.88
N SER H 139 23.06 18.85 21.08
CA SER H 139 22.11 19.17 20.05
C SER H 139 22.73 20.00 18.98
N TYR H 140 22.37 19.74 17.73
CA TYR H 140 22.91 20.47 16.56
C TYR H 140 21.81 21.11 15.72
N PRO H 141 20.90 21.90 16.34
CA PRO H 141 19.76 22.46 15.62
C PRO H 141 20.13 23.48 14.55
N TRP H 142 21.24 24.17 14.72
CA TRP H 142 21.59 25.15 13.71
C TRP H 142 21.78 24.53 12.34
N LEU H 143 22.07 23.24 12.29
CA LEU H 143 22.29 22.60 11.01
C LEU H 143 21.09 22.78 10.07
N VAL H 144 19.92 22.96 10.68
CA VAL H 144 18.66 23.07 9.95
C VAL H 144 18.45 24.50 9.48
N GLU H 145 18.95 25.45 10.27
CA GLU H 145 18.76 26.86 9.96
C GLU H 145 19.78 27.37 8.95
N ASN H 146 20.77 26.55 8.63
CA ASN H 146 21.83 26.99 7.73
C ASN H 146 21.78 26.39 6.35
N THR H 147 22.07 27.22 5.35
CA THR H 147 21.93 26.81 3.97
C THR H 147 23.27 26.85 3.30
N LEU H 148 23.62 25.77 2.63
CA LEU H 148 24.82 25.78 1.83
C LEU H 148 24.61 26.59 0.55
N ASP H 149 25.58 27.43 0.24
CA ASP H 149 25.54 28.23 -0.98
C ASP H 149 26.37 27.59 -2.10
N GLY H 150 27.18 26.60 -1.75
CA GLY H 150 28.02 25.87 -2.68
C GLY H 150 29.13 26.70 -3.31
N LYS H 151 29.45 27.84 -2.70
CA LYS H 151 30.51 28.72 -3.20
C LYS H 151 31.84 27.98 -3.40
N ASP H 152 32.26 27.25 -2.37
CA ASP H 152 33.62 26.71 -2.36
C ASP H 152 33.73 25.26 -2.78
N THR H 153 32.60 24.58 -2.96
CA THR H 153 32.61 23.16 -3.33
C THR H 153 33.51 22.89 -4.52
N ALA H 154 33.37 23.71 -5.58
CA ALA H 154 34.22 23.65 -6.76
C ALA H 154 35.72 23.65 -6.38
N LYS H 155 36.16 24.66 -5.63
CA LYS H 155 37.55 24.72 -5.17
C LYS H 155 37.99 23.48 -4.39
N LYS H 156 37.19 23.06 -3.41
CA LYS H 156 37.51 21.92 -2.57
C LYS H 156 37.84 20.69 -3.41
N MET H 157 36.98 20.39 -4.38
CA MET H 157 37.18 19.23 -5.27
C MET H 157 38.41 19.36 -6.13
N SER H 158 38.63 20.56 -6.67
CA SER H 158 39.84 20.86 -7.42
C SER H 158 41.05 20.58 -6.55
N ALA H 159 40.99 21.09 -5.32
CA ALA H 159 42.03 20.89 -4.33
C ALA H 159 42.29 19.41 -4.09
N LEU H 160 41.20 18.66 -3.81
CA LEU H 160 41.29 17.23 -3.52
C LEU H 160 41.75 16.41 -4.72
N ARG H 161 41.32 16.78 -5.93
CA ARG H 161 41.79 16.10 -7.13
C ARG H 161 43.30 16.24 -7.23
N MET H 162 43.77 17.47 -7.01
CA MET H 162 45.18 17.78 -6.94
C MET H 162 45.89 16.86 -5.92
N LEU H 163 45.17 16.46 -4.89
CA LEU H 163 45.72 15.55 -3.90
C LEU H 163 45.50 14.06 -4.22
N GLY H 164 44.99 13.76 -5.41
CA GLY H 164 44.84 12.37 -5.83
C GLY H 164 43.43 11.87 -6.03
N VAL H 165 42.46 12.53 -5.41
CA VAL H 165 41.05 12.11 -5.49
C VAL H 165 40.45 12.33 -6.89
N PRO H 166 40.03 11.25 -7.57
CA PRO H 166 39.69 11.30 -8.99
C PRO H 166 38.31 11.92 -9.25
N TYR H 167 38.17 13.20 -8.92
CA TYR H 167 36.95 13.94 -9.25
C TYR H 167 36.94 14.18 -10.74
N THR H 168 35.78 13.96 -11.35
CA THR H 168 35.66 14.19 -12.79
C THR H 168 35.45 15.67 -13.08
N GLU H 169 35.74 16.09 -14.31
CA GLU H 169 35.41 17.44 -14.72
C GLU H 169 33.90 17.67 -14.53
N GLU H 170 33.12 16.63 -14.84
CA GLU H 170 31.66 16.64 -14.66
C GLU H 170 31.35 16.92 -13.22
N ASP H 171 32.11 16.30 -12.32
CA ASP H 171 31.95 16.48 -10.87
C ASP H 171 32.14 17.94 -10.44
N ILE H 172 33.25 18.54 -10.86
CA ILE H 172 33.58 19.92 -10.46
C ILE H 172 32.60 20.95 -11.04
N ALA H 173 32.44 20.92 -12.37
CA ALA H 173 31.36 21.65 -13.03
C ALA H 173 30.06 21.28 -12.34
N GLY H 174 29.35 22.29 -11.87
CA GLY H 174 28.10 22.04 -11.17
C GLY H 174 28.19 21.17 -9.91
N ALA H 175 29.33 21.22 -9.23
CA ALA H 175 29.33 20.77 -7.84
C ALA H 175 28.58 21.84 -7.02
N ARG H 176 28.59 23.08 -7.52
CA ARG H 176 27.88 24.18 -6.86
C ARG H 176 26.38 23.90 -6.77
N ASP H 177 25.76 23.58 -7.91
CA ASP H 177 24.31 23.42 -7.94
C ASP H 177 23.83 22.06 -7.47
N SER H 178 24.77 21.18 -7.09
CA SER H 178 24.41 19.94 -6.38
C SER H 178 24.16 20.27 -4.91
N VAL H 179 24.70 21.41 -4.50
CA VAL H 179 24.81 21.75 -3.11
C VAL H 179 24.01 22.99 -2.78
N ASN H 180 24.00 23.97 -3.67
CA ASN H 180 23.34 25.24 -3.38
C ASN H 180 21.89 25.07 -2.92
N GLY H 181 21.52 25.76 -1.84
CA GLY H 181 20.16 25.72 -1.35
C GLY H 181 19.85 24.57 -0.41
N LYS H 182 20.70 23.55 -0.40
CA LYS H 182 20.62 22.47 0.57
C LYS H 182 20.97 22.98 1.98
N THR H 183 20.38 22.37 3.01
CA THR H 183 20.69 22.78 4.37
C THR H 183 21.90 22.03 4.91
N GLU H 184 22.56 22.61 5.92
CA GLU H 184 23.74 21.96 6.44
C GLU H 184 23.32 20.59 6.89
N MET H 185 22.15 20.52 7.51
CA MET H 185 21.64 19.28 8.02
C MET H 185 21.50 18.25 6.87
N ASP H 186 21.05 18.74 5.72
CA ASP H 186 20.92 17.91 4.54
C ASP H 186 22.25 17.30 4.23
N ALA H 187 23.29 18.15 4.21
CA ALA H 187 24.66 17.71 3.90
C ALA H 187 25.18 16.73 4.93
N MET H 188 25.01 17.04 6.22
CA MET H 188 25.45 16.16 7.26
C MET H 188 24.86 14.77 7.09
N VAL H 189 23.55 14.73 6.82
CA VAL H 189 22.86 13.46 6.65
C VAL H 189 23.39 12.71 5.45
N ALA H 190 23.69 13.42 4.37
CA ALA H 190 24.16 12.77 3.14
C ALA H 190 25.50 12.13 3.42
N TYR H 191 26.35 12.83 4.17
CA TYR H 191 27.64 12.32 4.54
C TYR H 191 27.46 11.05 5.37
N LEU H 192 26.70 11.15 6.47
CA LEU H 192 26.48 9.99 7.35
C LEU H 192 25.97 8.76 6.58
N GLN H 193 25.20 8.96 5.52
CA GLN H 193 24.55 7.87 4.87
C GLN H 193 25.46 7.13 3.92
N VAL H 194 26.68 7.66 3.72
CA VAL H 194 27.59 7.03 2.77
C VAL H 194 28.68 6.28 3.49
N LEU H 195 28.84 6.56 4.78
CA LEU H 195 29.87 5.93 5.60
C LEU H 195 29.81 4.41 5.60
N GLY H 196 30.85 3.84 5.04
CA GLY H 196 31.03 2.39 5.04
C GLY H 196 30.22 1.65 4.00
N THR H 197 29.44 2.39 3.22
CA THR H 197 28.61 1.77 2.20
C THR H 197 29.48 1.20 1.09
N ALA H 198 30.60 1.87 0.82
CA ALA H 198 31.50 1.49 -0.26
C ALA H 198 31.94 0.03 -0.21
N LEU H 199 32.26 -0.47 0.97
CA LEU H 199 32.71 -1.85 1.11
C LEU H 199 31.56 -2.83 0.94
N THR H 200 30.45 -2.61 1.63
CA THR H 200 29.39 -3.61 1.66
C THR H 200 28.48 -3.66 0.43
N ASN H 201 28.88 -3.04 -0.66
CA ASN H 201 28.11 -3.17 -1.92
C ASN H 201 28.94 -3.35 -3.20
N LYS H 202 30.25 -3.52 -3.00
CA LYS H 202 31.25 -3.70 -4.08
C LYS H 202 31.02 -4.98 -4.92
N MET I 1 53.66 -4.32 -0.14
CA MET I 1 55.08 -3.96 0.11
C MET I 1 55.98 -4.59 -0.91
N SER I 2 56.80 -3.78 -1.57
CA SER I 2 57.84 -4.31 -2.47
C SER I 2 58.95 -4.91 -1.60
N THR I 3 59.88 -5.66 -2.20
CA THR I 3 60.96 -6.24 -1.41
C THR I 3 61.98 -5.19 -0.93
N PHE I 4 62.03 -4.04 -1.62
CA PHE I 4 62.92 -2.95 -1.22
C PHE I 4 62.47 -2.32 0.10
N TRP I 5 61.21 -1.93 0.15
CA TRP I 5 60.68 -1.34 1.37
C TRP I 5 60.70 -2.33 2.52
N SER I 6 60.56 -3.61 2.18
CA SER I 6 60.58 -4.68 3.17
C SER I 6 61.90 -4.67 3.90
N GLY I 7 63.00 -4.76 3.16
CA GLY I 7 64.35 -4.68 3.73
C GLY I 7 64.64 -3.34 4.37
N TYR I 8 64.22 -2.26 3.69
CA TYR I 8 64.35 -0.89 4.17
C TYR I 8 63.90 -0.76 5.64
N ILE I 9 62.73 -1.31 5.93
CA ILE I 9 62.21 -1.36 7.30
C ILE I 9 63.07 -2.21 8.22
N ALA I 10 63.18 -3.51 7.92
CA ALA I 10 63.93 -4.44 8.74
C ALA I 10 65.32 -3.92 9.10
N LEU I 11 66.02 -3.37 8.10
CA LEU I 11 67.37 -2.87 8.29
C LEU I 11 67.39 -1.70 9.26
N LEU I 12 66.57 -0.70 9.02
CA LEU I 12 66.49 0.45 9.91
C LEU I 12 66.02 0.06 11.32
N THR I 13 65.02 -0.83 11.40
CA THR I 13 64.53 -1.35 12.69
C THR I 13 65.64 -2.06 13.47
N LEU I 14 66.18 -3.13 12.86
CA LEU I 14 67.27 -3.87 13.49
C LEU I 14 68.52 -3.00 13.70
N GLY I 15 68.69 -2.01 12.82
CA GLY I 15 69.78 -1.05 12.91
C GLY I 15 69.64 -0.15 14.11
N THR I 16 68.39 0.16 14.48
CA THR I 16 68.12 0.95 15.67
C THR I 16 68.32 0.09 16.91
N ILE I 17 67.87 -1.16 16.86
CA ILE I 17 68.05 -2.08 17.98
C ILE I 17 69.55 -2.35 18.27
N VAL I 18 70.30 -2.69 17.22
CA VAL I 18 71.74 -2.84 17.32
C VAL I 18 72.33 -1.54 17.90
N ALA I 19 71.89 -0.40 17.37
CA ALA I 19 72.35 0.90 17.85
C ALA I 19 72.13 1.07 19.35
N LEU I 20 70.95 0.68 19.83
CA LEU I 20 70.57 0.83 21.24
C LEU I 20 71.41 -0.04 22.16
N PHE I 21 71.58 -1.29 21.75
CA PHE I 21 72.43 -2.22 22.47
C PHE I 21 73.82 -1.63 22.60
N TRP I 22 74.32 -1.07 21.50
CA TRP I 22 75.62 -0.41 21.49
C TRP I 22 75.64 0.78 22.46
N LEU I 23 74.60 1.60 22.42
CA LEU I 23 74.48 2.77 23.28
C LEU I 23 74.51 2.35 24.75
N ILE I 24 73.71 1.33 25.06
CA ILE I 24 73.52 0.86 26.43
C ILE I 24 74.82 0.31 27.03
N PHE I 25 75.57 -0.46 26.23
CA PHE I 25 76.84 -1.05 26.67
C PHE I 25 77.99 -0.04 26.64
N ALA I 26 77.99 0.84 25.65
CA ALA I 26 79.06 1.83 25.47
C ALA I 26 79.21 2.79 26.64
N THR I 27 78.10 3.31 27.12
CA THR I 27 78.08 4.26 28.21
C THR I 27 78.19 3.58 29.58
N ARG I 28 78.03 2.26 29.59
CA ARG I 28 78.13 1.44 30.80
C ARG I 28 79.59 1.00 31.05
N LYS I 29 80.53 1.72 30.43
CA LYS I 29 81.95 1.31 30.33
C LYS I 29 82.69 1.12 31.66
N GLY I 30 83.38 2.15 32.13
CA GLY I 30 84.14 2.07 33.39
C GLY I 30 83.26 2.29 34.59
N GLU I 31 82.22 1.47 34.72
CA GLU I 31 81.15 1.65 35.70
C GLU I 31 81.61 1.35 37.12
N SER I 32 81.18 2.18 38.06
CA SER I 32 81.71 2.18 39.41
C SER I 32 81.00 1.24 40.38
N ALA I 33 80.79 -0.02 39.96
CA ALA I 33 80.13 -1.06 40.78
C ALA I 33 78.82 -0.60 41.45
N GLY I 34 78.93 0.27 42.45
CA GLY I 34 77.79 0.78 43.21
C GLY I 34 77.71 2.30 43.29
N THR I 35 76.95 2.79 44.27
CA THR I 35 76.50 4.19 44.33
C THR I 35 77.60 5.25 44.44
N THR I 36 78.81 4.81 44.77
CA THR I 36 80.04 5.63 44.68
C THR I 36 79.99 7.04 45.28
N ASP I 37 79.52 7.98 44.47
CA ASP I 37 79.58 9.42 44.73
C ASP I 37 80.79 10.06 44.05
N GLN I 38 81.32 11.12 44.64
CA GLN I 38 82.17 12.09 43.94
C GLN I 38 81.29 12.84 42.95
N THR I 39 81.85 13.85 42.30
CA THR I 39 81.07 14.67 41.38
C THR I 39 81.68 14.53 40.01
N MET I 40 81.66 15.61 39.26
CA MET I 40 82.42 15.75 38.04
C MET I 40 82.97 17.17 37.96
N GLY I 41 83.71 17.46 36.89
CA GLY I 41 84.21 18.80 36.69
C GLY I 41 83.09 19.66 36.16
N HIS I 42 83.18 20.96 36.42
CA HIS I 42 82.28 21.98 35.83
C HIS I 42 80.86 21.93 36.41
N ALA I 43 80.34 23.10 36.81
CA ALA I 43 78.97 23.23 37.32
C ALA I 43 78.12 24.13 36.42
N PHE I 44 76.81 24.04 36.58
CA PHE I 44 75.87 24.83 35.76
C PHE I 44 74.92 25.53 36.71
N ASP I 45 75.04 26.85 36.77
CA ASP I 45 74.47 27.65 37.86
C ASP I 45 75.03 27.09 39.18
N GLY I 46 74.25 26.23 39.83
CA GLY I 46 74.74 25.48 40.98
C GLY I 46 74.83 24.00 40.66
N ILE I 47 73.92 23.53 39.82
CA ILE I 47 73.78 22.10 39.51
C ILE I 47 75.11 21.42 39.23
N GLU I 48 75.38 20.37 39.97
CA GLU I 48 76.47 19.45 39.62
C GLU I 48 75.92 18.03 39.51
N GLU I 49 76.75 17.07 39.09
CA GLU I 49 76.27 15.71 38.87
C GLU I 49 77.26 14.61 39.20
N TYR I 50 76.76 13.60 39.92
CA TYR I 50 77.49 12.39 40.27
C TYR I 50 77.88 11.55 39.07
N ASP I 51 79.07 10.96 39.06
CA ASP I 51 79.41 9.98 38.03
C ASP I 51 78.96 8.58 38.46
N ASN I 52 77.68 8.48 38.80
CA ASN I 52 77.15 7.22 39.30
C ASN I 52 76.87 6.23 38.18
N PRO I 53 76.86 4.93 38.50
CA PRO I 53 76.58 3.90 37.52
C PRO I 53 75.08 3.78 37.20
N LEU I 54 74.80 3.27 36.01
CA LEU I 54 73.46 2.82 35.63
C LEU I 54 73.02 1.77 36.64
N PRO I 55 71.86 1.97 37.27
CA PRO I 55 71.31 0.98 38.19
C PRO I 55 71.22 -0.41 37.54
N ARG I 56 71.72 -1.42 38.25
CA ARG I 56 71.75 -2.80 37.74
C ARG I 56 70.39 -3.24 37.15
N TRP I 57 69.33 -3.10 37.94
CA TRP I 57 67.98 -3.52 37.52
C TRP I 57 67.53 -2.78 36.28
N TRP I 58 67.78 -1.47 36.23
CA TRP I 58 67.35 -0.64 35.10
C TRP I 58 68.04 -1.08 33.81
N PHE I 59 69.32 -1.44 33.95
CA PHE I 59 70.05 -2.00 32.84
C PHE I 59 69.37 -3.28 32.32
N LEU I 60 69.04 -4.18 33.23
CA LEU I 60 68.39 -5.45 32.90
C LEU I 60 67.03 -5.25 32.29
N LEU I 61 66.28 -4.30 32.83
CA LEU I 61 64.98 -3.93 32.30
C LEU I 61 65.13 -3.42 30.87
N PHE I 62 66.18 -2.64 30.64
CA PHE I 62 66.48 -2.16 29.29
C PHE I 62 66.74 -3.33 28.34
N ILE I 63 67.60 -4.25 28.77
CA ILE I 63 67.91 -5.46 28.01
C ILE I 63 66.67 -6.36 27.83
N GLY I 64 65.85 -6.43 28.88
CA GLY I 64 64.62 -7.21 28.87
C GLY I 64 63.77 -6.81 27.70
N THR I 65 63.42 -5.52 27.66
CA THR I 65 62.59 -4.95 26.59
C THR I 65 63.19 -5.14 25.20
N LEU I 66 64.50 -4.92 25.06
CA LEU I 66 65.19 -5.11 23.79
C LEU I 66 65.16 -6.56 23.31
N VAL I 67 65.47 -7.50 24.21
CA VAL I 67 65.42 -8.94 23.90
C VAL I 67 64.01 -9.34 23.48
N PHE I 68 63.02 -8.97 24.28
CA PHE I 68 61.61 -9.17 23.94
C PHE I 68 61.23 -8.57 22.57
N GLY I 69 61.69 -7.34 22.31
CA GLY I 69 61.52 -6.69 21.01
C GLY I 69 61.92 -7.59 19.84
N ILE I 70 63.09 -8.22 19.95
CA ILE I 70 63.51 -9.19 18.95
C ILE I 70 62.57 -10.41 18.94
N LEU I 71 62.37 -11.01 20.11
CA LEU I 71 61.49 -12.17 20.28
C LEU I 71 60.14 -11.98 19.57
N TYR I 72 59.54 -10.81 19.77
CA TYR I 72 58.24 -10.44 19.20
C TYR I 72 58.31 -10.21 17.69
N LEU I 73 59.34 -9.49 17.24
CA LEU I 73 59.54 -9.22 15.82
C LEU I 73 59.84 -10.49 15.01
N VAL I 74 60.39 -11.49 15.68
CA VAL I 74 60.55 -12.81 15.08
C VAL I 74 59.19 -13.50 15.03
N LEU I 75 58.47 -13.52 16.16
CA LEU I 75 57.17 -14.18 16.22
C LEU I 75 56.10 -13.54 15.36
N TYR I 76 56.19 -12.21 15.16
CA TYR I 76 55.09 -11.42 14.57
C TYR I 76 55.53 -10.55 13.39
N PRO I 77 54.56 -10.17 12.53
CA PRO I 77 54.90 -9.29 11.42
C PRO I 77 55.35 -7.99 12.01
N GLY I 78 56.27 -7.32 11.33
CA GLY I 78 56.80 -6.06 11.81
C GLY I 78 58.03 -5.72 11.04
N LEU I 79 58.99 -6.64 11.06
CA LEU I 79 60.24 -6.48 10.34
C LEU I 79 60.02 -6.59 8.84
N GLY I 80 59.43 -5.55 8.25
CA GLY I 80 59.09 -5.55 6.84
C GLY I 80 58.03 -6.59 6.50
N ASN I 81 58.33 -7.35 5.44
CA ASN I 81 57.40 -8.38 4.90
C ASN I 81 57.46 -9.68 5.67
N TRP I 82 58.29 -9.71 6.70
CA TRP I 82 58.51 -10.88 7.52
C TRP I 82 57.25 -11.40 8.22
N LYS I 83 56.40 -12.12 7.49
CA LYS I 83 55.25 -12.81 8.10
C LYS I 83 55.74 -13.57 9.33
N GLY I 84 54.93 -13.62 10.39
CA GLY I 84 55.37 -14.22 11.67
C GLY I 84 55.90 -15.67 11.67
N VAL I 85 56.62 -16.04 12.71
CA VAL I 85 56.98 -17.45 12.91
C VAL I 85 56.11 -18.10 14.00
N LEU I 86 55.23 -17.29 14.59
CA LEU I 86 54.25 -17.76 15.58
C LEU I 86 53.53 -19.03 15.14
N PRO I 87 53.57 -20.07 15.99
CA PRO I 87 52.90 -21.34 15.73
C PRO I 87 51.39 -21.18 15.85
N GLY I 88 50.65 -22.11 15.25
CA GLY I 88 49.19 -22.08 15.33
C GLY I 88 48.55 -21.29 14.21
N TYR I 89 49.24 -20.27 13.71
CA TYR I 89 48.73 -19.48 12.58
C TYR I 89 49.40 -19.86 11.27
N GLU I 90 48.62 -20.44 10.36
CA GLU I 90 49.11 -20.92 9.06
C GLU I 90 49.45 -19.75 8.13
N GLY I 91 50.70 -19.67 7.71
CA GLY I 91 51.18 -18.64 6.81
C GLY I 91 51.55 -17.35 7.51
N GLY I 92 51.56 -17.38 8.84
CA GLY I 92 51.88 -16.22 9.64
C GLY I 92 50.65 -15.48 10.17
N TRP I 93 50.86 -14.76 11.27
CA TRP I 93 49.79 -14.07 11.96
C TRP I 93 49.50 -12.75 11.31
N THR I 94 48.21 -12.49 11.20
CA THR I 94 47.69 -11.18 10.85
C THR I 94 46.45 -10.91 11.68
N GLN I 95 46.15 -9.64 11.89
CA GLN I 95 44.96 -9.30 12.64
C GLN I 95 43.71 -9.84 11.95
N GLU I 96 43.77 -9.92 10.62
CA GLU I 96 42.70 -10.51 9.82
C GLU I 96 42.51 -11.97 10.23
N LYS I 97 43.57 -12.76 10.06
CA LYS I 97 43.52 -14.19 10.33
C LYS I 97 43.02 -14.45 11.75
N GLN I 98 43.41 -13.60 12.70
CA GLN I 98 42.99 -13.77 14.08
C GLN I 98 41.49 -13.63 14.20
N TRP I 99 40.96 -12.67 13.46
CA TRP I 99 39.53 -12.42 13.44
C TRP I 99 38.80 -13.59 12.81
N GLU I 100 39.24 -14.02 11.63
CA GLU I 100 38.66 -15.17 10.95
C GLU I 100 38.45 -16.32 11.90
N ARG I 101 39.52 -16.63 12.65
CA ARG I 101 39.52 -17.71 13.64
C ARG I 101 38.50 -17.46 14.74
N GLU I 102 38.53 -16.25 15.29
CA GLU I 102 37.63 -15.88 16.38
C GLU I 102 36.17 -16.10 16.00
N VAL I 103 35.76 -15.61 14.83
CA VAL I 103 34.39 -15.81 14.36
C VAL I 103 34.18 -17.31 14.12
N ALA I 104 35.13 -17.94 13.44
CA ALA I 104 35.00 -19.35 13.11
C ALA I 104 34.67 -20.19 14.34
N GLN I 105 35.37 -19.90 15.45
CA GLN I 105 35.18 -20.65 16.69
C GLN I 105 33.85 -20.31 17.34
N ALA I 106 33.43 -19.06 17.20
CA ALA I 106 32.12 -18.64 17.68
C ALA I 106 31.01 -19.39 16.95
N ASP I 107 31.23 -19.70 15.68
CA ASP I 107 30.22 -20.38 14.87
C ASP I 107 30.12 -21.85 15.23
N GLU I 108 31.22 -22.44 15.69
CA GLU I 108 31.16 -23.81 16.15
C GLU I 108 30.44 -23.88 17.50
N LYS I 109 30.50 -22.79 18.26
CA LYS I 109 29.87 -22.78 19.57
C LYS I 109 28.43 -22.32 19.52
N TYR I 110 28.23 -21.12 19.00
CA TYR I 110 26.90 -20.53 19.00
C TYR I 110 26.09 -20.98 17.78
N GLY I 111 26.75 -21.70 16.88
CA GLY I 111 26.13 -22.20 15.66
C GLY I 111 24.92 -23.07 15.93
N PRO I 112 25.14 -24.21 16.63
CA PRO I 112 24.03 -25.11 16.99
C PRO I 112 22.84 -24.38 17.58
N ILE I 113 23.08 -23.40 18.46
CA ILE I 113 22.00 -22.64 19.09
C ILE I 113 21.13 -21.94 18.03
N PHE I 114 21.77 -21.12 17.20
CA PHE I 114 21.11 -20.46 16.09
C PHE I 114 20.40 -21.45 15.17
N ALA I 115 21.09 -22.54 14.86
CA ALA I 115 20.52 -23.62 14.06
C ALA I 115 19.20 -24.10 14.67
N LYS I 116 19.20 -24.27 15.99
CA LYS I 116 18.04 -24.80 16.72
C LYS I 116 16.79 -23.97 16.52
N TYR I 117 16.93 -22.66 16.66
CA TYR I 117 15.82 -21.74 16.51
C TYR I 117 15.44 -21.54 15.05
N ALA I 118 16.45 -21.59 14.17
CA ALA I 118 16.22 -21.45 12.75
C ALA I 118 15.29 -22.56 12.24
N ALA I 119 15.33 -23.71 12.90
CA ALA I 119 14.48 -24.83 12.54
C ALA I 119 13.02 -24.67 13.02
N MET I 120 12.80 -23.85 14.04
CA MET I 120 11.44 -23.63 14.53
C MET I 120 10.79 -22.44 13.81
N SER I 121 9.45 -22.41 13.83
CA SER I 121 8.69 -21.28 13.30
C SER I 121 8.86 -20.08 14.22
N VAL I 122 8.48 -18.90 13.75
CA VAL I 122 8.64 -17.69 14.56
C VAL I 122 7.86 -17.81 15.86
N GLU I 123 6.60 -18.24 15.80
CA GLU I 123 5.77 -18.35 17.02
C GLU I 123 6.27 -19.42 18.01
N GLU I 124 6.85 -20.50 17.50
CA GLU I 124 7.50 -21.51 18.33
C GLU I 124 8.70 -20.97 19.09
N VAL I 125 9.49 -20.12 18.44
CA VAL I 125 10.65 -19.50 19.07
C VAL I 125 10.18 -18.52 20.14
N ALA I 126 9.02 -17.93 19.90
CA ALA I 126 8.50 -16.87 20.74
C ALA I 126 8.04 -17.37 22.09
N GLN I 127 7.62 -18.62 22.16
CA GLN I 127 7.21 -19.19 23.42
C GLN I 127 8.36 -19.94 24.11
N ASP I 128 9.56 -19.80 23.55
CA ASP I 128 10.77 -20.34 24.17
C ASP I 128 11.46 -19.21 24.94
N PRO I 129 11.38 -19.24 26.27
CA PRO I 129 11.87 -18.17 27.13
C PRO I 129 13.34 -17.77 26.88
N GLN I 130 14.20 -18.76 26.64
CA GLN I 130 15.62 -18.55 26.35
C GLN I 130 15.83 -17.69 25.12
N ALA I 131 15.19 -18.11 24.04
CA ALA I 131 15.21 -17.42 22.78
C ALA I 131 14.74 -15.98 22.92
N VAL I 132 13.67 -15.77 23.68
CA VAL I 132 13.15 -14.43 23.87
C VAL I 132 14.17 -13.58 24.59
N LYS I 133 14.86 -14.15 25.58
CA LYS I 133 15.93 -13.43 26.28
C LYS I 133 17.01 -12.98 25.29
N MET I 134 17.32 -13.85 24.33
CA MET I 134 18.28 -13.57 23.28
C MET I 134 17.73 -12.50 22.34
N GLY I 135 16.48 -12.68 21.92
CA GLY I 135 15.80 -11.70 21.11
C GLY I 135 15.83 -10.34 21.76
N ALA I 136 15.60 -10.32 23.07
CA ALA I 136 15.59 -9.09 23.85
C ALA I 136 16.94 -8.41 23.80
N ARG I 137 18.00 -9.23 23.88
CA ARG I 137 19.37 -8.74 23.89
C ARG I 137 19.71 -8.20 22.49
N LEU I 138 19.29 -8.93 21.45
CA LEU I 138 19.51 -8.53 20.08
C LEU I 138 18.83 -7.21 19.89
N PHE I 139 17.59 -7.13 20.37
CA PHE I 139 16.78 -5.92 20.26
C PHE I 139 17.43 -4.70 20.87
N ALA I 140 18.00 -4.88 22.04
CA ALA I 140 18.61 -3.77 22.75
C ALA I 140 19.78 -3.23 21.94
N ASN I 141 20.47 -4.11 21.25
CA ASN I 141 21.59 -3.71 20.44
C ASN I 141 21.23 -3.04 19.14
N TYR I 142 20.23 -3.58 18.42
CA TYR I 142 20.03 -3.09 17.08
C TYR I 142 18.76 -2.26 16.82
N CYS I 143 17.88 -2.21 17.81
CA CYS I 143 16.54 -1.69 17.57
C CYS I 143 16.14 -0.62 18.55
N SER I 144 16.79 -0.62 19.70
CA SER I 144 16.34 0.23 20.81
C SER I 144 16.51 1.71 20.48
N ILE I 145 17.39 2.01 19.54
CA ILE I 145 17.72 3.38 19.31
C ILE I 145 16.61 4.10 18.59
N CYS I 146 15.80 3.35 17.83
CA CYS I 146 14.61 3.92 17.18
C CYS I 146 13.35 3.57 17.95
N HIS I 147 13.17 2.30 18.30
CA HIS I 147 11.92 1.84 18.90
C HIS I 147 11.91 1.93 20.44
N GLY I 148 12.86 2.65 21.02
CA GLY I 148 12.94 2.77 22.49
C GLY I 148 13.58 1.55 23.11
N SER I 149 14.22 1.72 24.26
CA SER I 149 14.80 0.55 24.96
C SER I 149 13.71 -0.31 25.58
N ASP I 150 12.50 0.26 25.72
CA ASP I 150 11.32 -0.46 26.20
C ASP I 150 10.46 -1.02 25.06
N ALA I 151 10.93 -0.83 23.83
CA ALA I 151 10.20 -1.21 22.61
C ALA I 151 8.84 -0.52 22.47
N LYS I 152 8.64 0.56 23.22
CA LYS I 152 7.36 1.24 23.24
C LYS I 152 7.34 2.50 22.36
N GLY I 153 8.40 2.66 21.58
CA GLY I 153 8.53 3.75 20.60
C GLY I 153 8.49 5.18 21.13
N SER I 154 8.43 6.12 20.20
CA SER I 154 8.25 7.56 20.47
C SER I 154 7.66 8.20 19.21
N LEU I 155 7.55 9.52 19.17
CA LEU I 155 7.01 10.23 17.99
C LEU I 155 7.81 9.98 16.71
N GLY I 156 7.20 9.32 15.73
CA GLY I 156 7.91 8.90 14.55
C GLY I 156 8.15 7.40 14.54
N PHE I 157 8.06 6.79 15.72
CA PHE I 157 8.55 5.42 15.89
C PHE I 157 7.59 4.51 16.60
N PRO I 158 7.13 3.47 15.89
CA PRO I 158 6.09 2.60 16.35
C PRO I 158 6.45 2.00 17.70
N ASN I 159 5.43 1.88 18.53
CA ASN I 159 5.51 1.11 19.75
C ASN I 159 5.31 -0.35 19.36
N LEU I 160 6.35 -1.18 19.56
CA LEU I 160 6.28 -2.58 19.14
C LEU I 160 5.65 -3.44 20.21
N ALA I 161 5.53 -2.88 21.42
CA ALA I 161 5.02 -3.61 22.60
C ALA I 161 3.51 -3.75 22.61
N ASP I 162 2.80 -2.78 22.03
CA ASP I 162 1.32 -2.82 22.01
C ASP I 162 0.67 -3.85 21.07
N GLN I 163 -0.65 -3.75 20.92
CA GLN I 163 -1.40 -4.65 20.07
C GLN I 163 -1.74 -4.02 18.71
N ASP I 164 -1.20 -2.83 18.45
CA ASP I 164 -1.44 -2.12 17.18
C ASP I 164 -0.26 -2.27 16.26
N TRP I 165 -0.54 -2.86 15.10
CA TRP I 165 0.42 -3.07 14.03
C TRP I 165 -0.01 -2.34 12.76
N ARG I 166 0.92 -1.62 12.16
CA ARG I 166 0.65 -0.92 10.95
C ARG I 166 0.72 -1.86 9.77
N TRP I 167 1.76 -2.70 9.76
CA TRP I 167 1.98 -3.69 8.68
C TRP I 167 1.45 -5.11 8.93
N GLY I 168 0.70 -5.33 10.02
CA GLY I 168 0.22 -6.67 10.37
C GLY I 168 1.11 -7.25 11.45
N GLY I 169 0.51 -8.07 12.32
CA GLY I 169 1.16 -8.49 13.54
C GLY I 169 1.27 -9.99 13.68
N ASP I 170 1.00 -10.70 12.59
CA ASP I 170 1.30 -12.12 12.54
C ASP I 170 2.80 -12.25 12.41
N ALA I 171 3.30 -13.43 12.75
CA ALA I 171 4.74 -13.68 12.70
C ALA I 171 5.33 -13.29 11.36
N ALA I 172 4.72 -13.80 10.28
CA ALA I 172 5.24 -13.60 8.93
C ALA I 172 5.35 -12.14 8.52
N SER I 173 4.34 -11.34 8.88
CA SER I 173 4.37 -9.90 8.63
C SER I 173 5.48 -9.24 9.39
N ILE I 174 5.62 -9.62 10.67
CA ILE I 174 6.65 -9.05 11.55
C ILE I 174 8.05 -9.36 11.05
N LYS I 175 8.28 -10.63 10.69
CA LYS I 175 9.56 -11.01 10.13
C LYS I 175 9.87 -10.21 8.89
N THR I 176 8.87 -10.05 8.00
CA THR I 176 9.08 -9.31 6.77
C THR I 176 9.47 -7.89 7.06
N SER I 177 8.75 -7.25 7.97
CA SER I 177 9.05 -5.87 8.31
C SER I 177 10.53 -5.79 8.66
N ILE I 178 11.05 -6.77 9.39
CA ILE I 178 12.42 -6.71 9.91
C ILE I 178 13.40 -7.06 8.82
N LEU I 179 13.06 -8.12 8.12
CA LEU I 179 13.95 -8.72 7.15
C LEU I 179 14.12 -7.79 5.95
N ASN I 180 13.00 -7.32 5.37
CA ASN I 180 13.01 -6.50 4.13
C ASN I 180 12.84 -5.01 4.33
N GLY I 181 12.62 -4.59 5.56
CA GLY I 181 12.36 -3.19 5.84
C GLY I 181 10.98 -2.80 5.39
N ARG I 182 10.60 -1.55 5.63
CA ARG I 182 9.30 -1.09 5.24
C ARG I 182 9.42 0.39 4.93
N ILE I 183 8.78 0.87 3.88
CA ILE I 183 8.62 2.32 3.71
C ILE I 183 7.15 2.60 3.54
N ALA I 184 6.63 3.49 4.35
CA ALA I 184 5.22 3.89 4.20
C ALA I 184 5.12 5.12 3.32
N ALA I 185 3.97 5.28 2.69
CA ALA I 185 3.77 6.46 1.89
C ALA I 185 2.34 7.00 2.02
N MET I 186 2.13 7.85 3.02
CA MET I 186 0.97 8.73 3.10
C MET I 186 1.33 9.83 2.14
N PRO I 187 0.55 10.00 1.06
CA PRO I 187 0.84 11.12 0.20
C PRO I 187 0.32 12.43 0.81
N ALA I 188 0.75 13.56 0.23
CA ALA I 188 0.38 14.87 0.77
C ALA I 188 -0.94 15.34 0.18
N TRP I 189 -1.85 15.82 1.02
CA TRP I 189 -3.13 16.29 0.48
C TRP I 189 -3.30 17.79 0.48
N GLY I 190 -2.34 18.50 1.07
CA GLY I 190 -2.34 19.96 1.06
C GLY I 190 -2.92 20.55 -0.20
N GLN I 191 -2.17 20.39 -1.31
CA GLN I 191 -2.53 21.00 -2.59
C GLN I 191 -3.78 20.38 -3.17
N ALA I 192 -3.86 19.05 -3.09
CA ALA I 192 -4.97 18.32 -3.71
C ALA I 192 -6.31 18.72 -3.11
N ILE I 193 -6.33 18.88 -1.80
CA ILE I 193 -7.54 18.88 -1.00
C ILE I 193 -7.88 20.27 -0.47
N GLY I 194 -6.94 21.22 -0.55
CA GLY I 194 -7.15 22.56 -0.06
C GLY I 194 -6.95 22.63 1.44
N GLU I 195 -6.48 23.79 1.92
CA GLU I 195 -6.24 24.01 3.34
C GLU I 195 -7.49 23.81 4.23
N GLU I 196 -8.62 24.30 3.78
CA GLU I 196 -9.85 24.05 4.49
C GLU I 196 -10.18 22.58 4.47
N GLY I 197 -9.86 21.92 3.37
CA GLY I 197 -10.09 20.49 3.24
C GLY I 197 -9.26 19.74 4.25
N VAL I 198 -8.01 20.18 4.42
CA VAL I 198 -7.10 19.54 5.38
C VAL I 198 -7.69 19.65 6.77
N LYS I 199 -8.03 20.89 7.17
CA LYS I 199 -8.58 21.17 8.49
C LYS I 199 -9.84 20.34 8.77
N ASN I 200 -10.69 20.15 7.76
CA ASN I 200 -11.89 19.33 7.93
C ASN I 200 -11.61 17.82 8.11
N VAL I 201 -10.86 17.18 7.21
CA VAL I 201 -10.60 15.76 7.44
C VAL I 201 -9.90 15.55 8.75
N ALA I 202 -8.98 16.43 9.09
CA ALA I 202 -8.26 16.29 10.33
C ALA I 202 -9.23 16.23 11.52
N ALA I 203 -10.10 17.23 11.64
CA ALA I 203 -11.18 17.21 12.62
C ALA I 203 -12.06 15.96 12.51
N PHE I 204 -12.51 15.62 11.30
CA PHE I 204 -13.26 14.38 11.13
C PHE I 204 -12.51 13.15 11.64
N VAL I 205 -11.25 13.02 11.30
CA VAL I 205 -10.46 11.89 11.74
C VAL I 205 -10.38 11.93 13.24
N ARG I 206 -10.11 13.10 13.80
CA ARG I 206 -9.89 13.18 15.24
C ARG I 206 -11.14 12.90 16.03
N LYS I 207 -12.22 13.61 15.72
CA LYS I 207 -13.46 13.40 16.44
C LYS I 207 -14.15 12.11 16.04
N ASP I 208 -14.60 12.02 14.79
CA ASP I 208 -15.50 10.95 14.40
C ASP I 208 -14.85 9.59 14.27
N LEU I 209 -13.63 9.53 13.77
CA LEU I 209 -12.98 8.24 13.66
C LEU I 209 -12.29 7.86 14.95
N ALA I 210 -11.44 8.73 15.49
CA ALA I 210 -10.60 8.36 16.62
C ALA I 210 -11.25 8.60 17.96
N GLY I 211 -12.42 9.23 17.95
CA GLY I 211 -13.18 9.48 19.19
C GLY I 211 -12.48 10.36 20.19
N LEU I 212 -11.66 11.29 19.70
CA LEU I 212 -11.01 12.30 20.52
C LEU I 212 -11.74 13.62 20.41
N PRO I 213 -11.81 14.40 21.50
CA PRO I 213 -12.65 15.58 21.39
C PRO I 213 -11.91 16.75 20.74
N LEU I 214 -12.71 17.68 20.23
CA LEU I 214 -12.14 18.81 19.57
C LEU I 214 -11.91 19.94 20.58
N PRO I 215 -10.82 20.71 20.42
CA PRO I 215 -10.51 21.83 21.30
C PRO I 215 -11.60 22.87 21.18
N GLU I 216 -11.99 23.48 22.30
CA GLU I 216 -13.23 24.27 22.36
C GLU I 216 -13.23 25.32 21.27
N GLY I 217 -14.37 25.45 20.60
CA GLY I 217 -14.55 26.34 19.44
C GLY I 217 -13.51 26.22 18.32
N THR I 218 -13.55 25.13 17.57
CA THR I 218 -12.77 25.03 16.34
C THR I 218 -13.75 24.64 15.26
N ASP I 219 -14.40 25.64 14.65
CA ASP I 219 -15.48 25.36 13.68
C ASP I 219 -14.97 24.79 12.36
N ALA I 220 -14.61 23.52 12.41
CA ALA I 220 -14.31 22.78 11.22
C ALA I 220 -15.63 22.18 10.75
N ASP I 221 -15.83 22.08 9.45
CA ASP I 221 -17.00 21.42 8.89
C ASP I 221 -16.77 19.92 8.92
N LEU I 222 -17.33 19.27 9.93
CA LEU I 222 -17.15 17.83 10.13
C LEU I 222 -17.83 16.96 9.07
N SER I 223 -18.90 17.47 8.45
CA SER I 223 -19.56 16.76 7.36
C SER I 223 -18.67 16.73 6.12
N ALA I 224 -18.08 17.88 5.80
CA ALA I 224 -17.12 18.01 4.74
C ALA I 224 -15.96 17.05 4.98
N GLY I 225 -15.39 17.10 6.19
CA GLY I 225 -14.34 16.14 6.59
C GLY I 225 -14.74 14.71 6.26
N LYS I 226 -15.97 14.33 6.61
CA LYS I 226 -16.47 13.00 6.36
C LYS I 226 -16.44 12.65 4.87
N ASN I 227 -16.87 13.59 4.04
CA ASN I 227 -16.89 13.39 2.62
C ASN I 227 -15.49 13.34 2.04
N VAL I 228 -14.61 14.24 2.50
CA VAL I 228 -13.22 14.23 2.04
C VAL I 228 -12.64 12.87 2.34
N TYR I 229 -12.87 12.39 3.55
CA TYR I 229 -12.35 11.11 3.97
C TYR I 229 -12.83 9.99 3.09
N ALA I 230 -14.12 9.93 2.81
CA ALA I 230 -14.67 8.84 2.01
C ALA I 230 -14.15 8.90 0.61
N GLN I 231 -13.92 10.11 0.11
CA GLN I 231 -13.47 10.31 -1.25
C GLN I 231 -12.04 9.90 -1.44
N THR I 232 -11.19 10.15 -0.45
CA THR I 232 -9.74 10.03 -0.66
C THR I 232 -9.07 9.09 0.32
N CYS I 233 -9.26 9.35 1.60
CA CYS I 233 -8.60 8.60 2.66
C CYS I 233 -9.04 7.17 2.77
N ALA I 234 -10.31 6.92 2.45
CA ALA I 234 -10.87 5.62 2.76
C ALA I 234 -10.21 4.53 1.91
N VAL I 235 -9.68 4.92 0.76
CA VAL I 235 -9.09 4.01 -0.20
C VAL I 235 -7.94 3.25 0.42
N CYS I 236 -7.11 3.94 1.19
CA CYS I 236 -6.01 3.29 1.92
C CYS I 236 -6.42 2.95 3.35
N HIS I 237 -7.07 3.86 4.07
CA HIS I 237 -7.32 3.65 5.52
C HIS I 237 -8.61 2.89 5.83
N GLY I 238 -9.40 2.60 4.78
CA GLY I 238 -10.75 2.00 4.89
C GLY I 238 -11.74 3.01 5.42
N GLN I 239 -12.96 3.08 4.90
CA GLN I 239 -13.88 4.10 5.47
C GLN I 239 -14.36 3.49 6.71
N GLY I 240 -14.30 4.24 7.79
CA GLY I 240 -14.40 3.65 9.11
C GLY I 240 -13.04 3.60 9.79
N GLY I 241 -11.98 3.67 8.98
CA GLY I 241 -10.61 3.83 9.48
C GLY I 241 -10.03 2.57 10.09
N GLU I 242 -10.41 1.42 9.56
CA GLU I 242 -9.95 0.12 10.06
C GLU I 242 -8.50 -0.12 9.67
N GLY I 243 -7.95 0.73 8.81
CA GLY I 243 -6.57 0.61 8.34
C GLY I 243 -6.40 -0.48 7.29
N MET I 244 -5.26 -0.45 6.59
CA MET I 244 -4.92 -1.51 5.66
C MET I 244 -3.49 -1.98 5.84
N ALA I 245 -3.34 -3.15 6.46
CA ALA I 245 -2.03 -3.71 6.76
C ALA I 245 -1.20 -3.95 5.50
N ALA I 246 -1.86 -4.19 4.36
CA ALA I 246 -1.17 -4.34 3.08
C ALA I 246 -0.29 -3.16 2.75
N LEU I 247 -0.78 -1.96 3.02
CA LEU I 247 -0.09 -0.74 2.66
C LEU I 247 0.58 -0.09 3.84
N GLY I 248 0.47 -0.70 5.03
CA GLY I 248 0.94 -0.03 6.24
C GLY I 248 0.18 1.25 6.55
N ALA I 249 -0.99 1.43 5.96
CA ALA I 249 -1.95 2.44 6.39
C ALA I 249 -2.49 2.05 7.74
N PRO I 250 -2.16 2.83 8.76
CA PRO I 250 -2.56 2.52 10.10
C PRO I 250 -4.06 2.77 10.32
N LYS I 251 -4.66 2.11 11.32
CA LYS I 251 -6.06 2.32 11.57
C LYS I 251 -6.21 3.70 12.17
N LEU I 252 -7.32 4.34 11.83
CA LEU I 252 -7.58 5.72 12.19
C LEU I 252 -8.71 5.83 13.19
N ASN I 253 -9.30 4.69 13.52
CA ASN I 253 -10.43 4.68 14.42
C ASN I 253 -9.95 4.60 15.85
N SER I 254 -8.65 4.78 16.03
CA SER I 254 -8.09 4.84 17.37
C SER I 254 -6.72 5.47 17.31
N ALA I 255 -6.54 6.51 18.10
CA ALA I 255 -5.27 7.21 18.13
C ALA I 255 -4.17 6.35 18.75
N ALA I 256 -4.58 5.26 19.41
CA ALA I 256 -3.68 4.42 20.22
C ALA I 256 -2.38 4.09 19.54
N GLY I 257 -2.44 3.77 18.24
CA GLY I 257 -1.28 3.31 17.51
C GLY I 257 -0.62 4.34 16.63
N TRP I 258 -0.96 5.61 16.83
CA TRP I 258 -0.44 6.64 15.93
C TRP I 258 0.99 7.04 16.29
N ILE I 259 1.87 7.12 15.32
CA ILE I 259 3.21 7.57 15.60
C ILE I 259 3.44 9.05 15.28
N TYR I 260 2.48 9.76 14.71
CA TYR I 260 2.73 11.19 14.43
C TYR I 260 1.89 12.17 15.26
N GLY I 261 1.42 11.72 16.41
CA GLY I 261 0.68 12.62 17.27
C GLY I 261 -0.78 12.57 16.93
N SER I 262 -1.61 13.14 17.77
CA SER I 262 -3.02 12.94 17.58
C SER I 262 -3.72 14.28 17.74
N SER I 263 -2.93 15.33 17.96
CA SER I 263 -3.49 16.67 18.14
C SER I 263 -3.98 17.10 16.79
N LEU I 264 -5.05 17.90 16.76
CA LEU I 264 -5.64 18.36 15.49
C LEU I 264 -4.51 18.90 14.58
N GLY I 265 -3.67 19.77 15.14
CA GLY I 265 -2.57 20.39 14.42
C GLY I 265 -1.64 19.39 13.79
N GLN I 266 -1.29 18.34 14.54
CA GLN I 266 -0.42 17.29 14.03
C GLN I 266 -1.10 16.49 12.92
N LEU I 267 -2.39 16.20 13.09
CA LEU I 267 -3.14 15.49 12.05
C LEU I 267 -3.07 16.34 10.83
N GLN I 268 -3.33 17.63 11.00
CA GLN I 268 -3.27 18.54 9.88
C GLN I 268 -1.94 18.41 9.16
N GLN I 269 -0.85 18.26 9.91
CA GLN I 269 0.45 18.28 9.28
C GLN I 269 0.67 16.98 8.53
N THR I 270 0.28 15.88 9.15
CA THR I 270 0.36 14.61 8.48
C THR I 270 -0.42 14.69 7.16
N ILE I 271 -1.72 15.01 7.25
CA ILE I 271 -2.61 15.09 6.09
C ILE I 271 -2.11 16.06 5.03
N ARG I 272 -1.61 17.21 5.46
CA ARG I 272 -1.21 18.29 4.55
C ARG I 272 0.04 17.95 3.79
N HIS I 273 1.07 17.43 4.50
CA HIS I 273 2.38 17.14 3.89
C HIS I 273 2.76 15.68 3.72
N GLY I 274 1.89 14.76 4.09
CA GLY I 274 2.22 13.35 3.95
C GLY I 274 3.21 12.82 4.99
N ARG I 275 3.49 11.52 4.92
CA ARG I 275 4.42 10.86 5.79
C ARG I 275 5.15 9.78 5.01
N ASN I 276 6.43 9.59 5.34
CA ASN I 276 7.24 8.51 4.76
C ASN I 276 8.12 7.74 5.73
N GLY I 277 7.48 7.10 6.70
CA GLY I 277 8.16 6.25 7.66
C GLY I 277 9.04 5.18 7.02
N GLN I 278 10.23 5.01 7.58
CA GLN I 278 11.12 3.98 7.13
C GLN I 278 11.60 3.12 8.24
N MET I 279 11.39 1.84 8.03
CA MET I 279 11.93 0.82 8.88
C MET I 279 12.98 0.14 8.02
N PRO I 280 14.27 0.35 8.37
CA PRO I 280 15.39 -0.10 7.57
C PRO I 280 15.48 -1.59 7.55
N ALA I 281 15.85 -2.19 6.43
CA ALA I 281 15.92 -3.64 6.33
C ALA I 281 17.15 -4.16 7.07
N GLN I 282 16.98 -5.28 7.74
CA GLN I 282 18.04 -5.84 8.58
C GLN I 282 18.73 -7.04 7.94
N GLN I 283 18.14 -7.57 6.88
CA GLN I 283 18.68 -8.67 6.12
C GLN I 283 20.18 -8.57 5.94
N GLN I 284 20.65 -7.36 5.67
CA GLN I 284 22.03 -7.10 5.33
C GLN I 284 22.88 -6.95 6.56
N TYR I 285 22.39 -6.22 7.56
CA TYR I 285 23.18 -5.94 8.76
C TYR I 285 23.20 -7.10 9.72
N LEU I 286 22.11 -7.83 9.82
CA LEU I 286 21.98 -8.85 10.86
C LEU I 286 21.94 -10.25 10.32
N GLY I 287 21.44 -10.43 9.11
CA GLY I 287 21.34 -11.79 8.53
C GLY I 287 20.12 -12.53 9.02
N ASP I 288 19.72 -13.56 8.28
CA ASP I 288 18.49 -14.32 8.55
C ASP I 288 18.35 -14.76 10.00
N ASP I 289 19.40 -15.34 10.56
CA ASP I 289 19.39 -15.92 11.91
C ASP I 289 19.01 -14.93 13.00
N LYS I 290 19.82 -13.90 13.18
CA LYS I 290 19.48 -12.82 14.11
C LYS I 290 18.05 -12.31 13.88
N VAL I 291 17.71 -12.07 12.61
CA VAL I 291 16.41 -11.49 12.24
C VAL I 291 15.26 -12.36 12.69
N HIS I 292 15.43 -13.66 12.51
CA HIS I 292 14.42 -14.63 12.91
C HIS I 292 14.14 -14.51 14.41
N LEU I 293 15.21 -14.49 15.21
CA LEU I 293 15.12 -14.34 16.67
C LEU I 293 14.46 -13.03 17.05
N LEU I 294 14.75 -11.97 16.31
CA LEU I 294 14.20 -10.66 16.59
C LEU I 294 12.71 -10.65 16.33
N ALA I 295 12.30 -11.32 15.26
CA ALA I 295 10.90 -11.38 14.92
C ALA I 295 10.17 -12.15 16.01
N ALA I 296 10.78 -13.22 16.50
CA ALA I 296 10.24 -13.96 17.64
C ALA I 296 10.09 -13.03 18.85
N TYR I 297 11.14 -12.29 19.18
CA TYR I 297 11.10 -11.40 20.32
C TYR I 297 9.94 -10.42 20.23
N VAL I 298 9.84 -9.72 19.11
CA VAL I 298 8.81 -8.70 18.92
C VAL I 298 7.43 -9.34 19.03
N TYR I 299 7.27 -10.49 18.39
CA TYR I 299 6.04 -11.23 18.47
C TYR I 299 5.67 -11.53 19.93
N SER I 300 6.67 -11.94 20.71
CA SER I 300 6.45 -12.26 22.11
C SER I 300 5.88 -11.06 22.85
N LEU I 301 6.48 -9.89 22.64
CA LEU I 301 6.11 -8.64 23.31
C LEU I 301 4.62 -8.42 23.59
N SER I 302 3.80 -8.78 22.62
CA SER I 302 2.36 -8.58 22.71
C SER I 302 1.58 -9.83 23.18
N GLN I 303 1.83 -10.24 24.44
CA GLN I 303 1.22 -11.42 25.07
C GLN I 303 2.19 -11.91 26.15
N SER J 6 46.98 -60.27 -4.27
CA SER J 6 46.92 -59.39 -5.48
C SER J 6 45.83 -59.86 -6.49
N THR J 7 45.61 -61.19 -6.58
CA THR J 7 44.53 -61.79 -7.41
C THR J 7 43.14 -61.30 -6.94
N ALA J 8 43.19 -60.36 -5.99
CA ALA J 8 42.05 -59.63 -5.46
C ALA J 8 41.68 -58.55 -6.47
N TYR J 9 40.39 -58.44 -6.80
CA TYR J 9 39.94 -57.48 -7.81
C TYR J 9 40.39 -56.07 -7.47
N SER J 10 40.82 -55.33 -8.49
CA SER J 10 41.15 -53.91 -8.33
C SER J 10 39.85 -53.08 -8.25
N TYR J 11 39.41 -52.80 -7.02
CA TYR J 11 38.16 -52.09 -6.77
C TYR J 11 38.37 -50.57 -6.63
N LYS J 12 39.63 -50.15 -6.67
CA LYS J 12 39.99 -48.75 -6.46
C LYS J 12 39.30 -47.83 -7.46
N VAL J 13 39.48 -48.14 -8.74
CA VAL J 13 38.97 -47.32 -9.82
C VAL J 13 37.44 -47.31 -9.79
N VAL J 14 36.85 -48.49 -9.62
CA VAL J 14 35.39 -48.63 -9.56
C VAL J 14 34.81 -47.74 -8.48
N ARG J 15 35.50 -47.67 -7.36
CA ARG J 15 35.07 -46.85 -6.24
C ARG J 15 34.99 -45.37 -6.64
N GLN J 16 36.06 -44.88 -7.28
CA GLN J 16 36.12 -43.49 -7.75
C GLN J 16 34.99 -43.19 -8.71
N PHE J 17 34.91 -43.95 -9.81
CA PHE J 17 33.88 -43.78 -10.82
C PHE J 17 32.46 -43.92 -10.31
N ALA J 18 32.25 -44.79 -9.34
CA ALA J 18 30.94 -44.93 -8.70
C ALA J 18 30.50 -43.63 -8.03
N ILE J 19 31.32 -43.12 -7.11
CA ILE J 19 31.06 -41.85 -6.45
C ILE J 19 30.84 -40.74 -7.47
N MET J 20 31.76 -40.63 -8.42
CA MET J 20 31.68 -39.61 -9.45
C MET J 20 30.44 -39.75 -10.33
N THR J 21 29.94 -40.97 -10.52
CA THR J 21 28.67 -41.17 -11.22
C THR J 21 27.52 -40.47 -10.49
N VAL J 22 27.47 -40.60 -9.18
CA VAL J 22 26.42 -39.94 -8.41
C VAL J 22 26.62 -38.43 -8.45
N VAL J 23 27.87 -38.00 -8.29
CA VAL J 23 28.19 -36.57 -8.32
C VAL J 23 27.75 -35.94 -9.65
N TRP J 24 28.19 -36.53 -10.76
CA TRP J 24 27.83 -35.98 -12.07
C TRP J 24 26.35 -36.12 -12.39
N GLY J 25 25.74 -37.22 -11.94
CA GLY J 25 24.29 -37.35 -11.98
C GLY J 25 23.61 -36.09 -11.43
N ILE J 26 23.96 -35.73 -10.19
CA ILE J 26 23.44 -34.53 -9.56
C ILE J 26 23.69 -33.28 -10.43
N VAL J 27 24.96 -32.98 -10.70
CA VAL J 27 25.33 -31.81 -11.50
C VAL J 27 24.63 -31.78 -12.86
N GLY J 28 24.63 -32.92 -13.54
CA GLY J 28 24.02 -33.06 -14.86
C GLY J 28 22.53 -32.82 -14.85
N MET J 29 21.83 -33.57 -14.00
CA MET J 29 20.39 -33.43 -13.89
C MET J 29 19.96 -32.09 -13.28
N GLY J 30 20.79 -31.53 -12.41
CA GLY J 30 20.55 -30.22 -11.83
C GLY J 30 20.45 -29.21 -12.95
N LEU J 31 21.50 -29.16 -13.76
CA LEU J 31 21.53 -28.35 -14.97
C LEU J 31 20.28 -28.57 -15.82
N GLY J 32 19.91 -29.83 -15.97
CA GLY J 32 18.70 -30.22 -16.68
C GLY J 32 17.53 -29.45 -16.10
N VAL J 33 17.31 -29.58 -14.80
CA VAL J 33 16.22 -28.87 -14.14
C VAL J 33 16.32 -27.40 -14.44
N PHE J 34 17.53 -26.87 -14.32
CA PHE J 34 17.73 -25.44 -14.46
C PHE J 34 17.31 -24.94 -15.86
N ILE J 35 17.87 -25.55 -16.89
CA ILE J 35 17.54 -25.11 -18.22
C ILE J 35 16.06 -25.34 -18.53
N ALA J 36 15.47 -26.36 -17.88
CA ALA J 36 14.06 -26.66 -18.07
C ALA J 36 13.26 -25.48 -17.56
N ALA J 37 13.72 -24.94 -16.44
CA ALA J 37 13.10 -23.79 -15.80
C ALA J 37 13.31 -22.54 -16.67
N GLN J 38 14.47 -22.46 -17.32
CA GLN J 38 14.75 -21.33 -18.22
C GLN J 38 13.74 -21.28 -19.35
N LEU J 39 13.37 -22.46 -19.87
CA LEU J 39 12.38 -22.51 -20.93
C LEU J 39 11.02 -22.00 -20.47
N ALA J 40 10.74 -22.15 -19.16
CA ALA J 40 9.47 -21.75 -18.56
C ALA J 40 9.53 -20.29 -18.27
N TRP J 41 10.63 -19.88 -17.67
CA TRP J 41 10.75 -18.54 -17.15
C TRP J 41 12.09 -17.94 -17.57
N PRO J 42 12.11 -17.23 -18.71
CA PRO J 42 13.36 -16.84 -19.38
C PRO J 42 14.26 -15.96 -18.54
N PHE J 43 13.72 -15.39 -17.46
CA PHE J 43 14.53 -14.51 -16.62
C PHE J 43 15.68 -15.25 -15.96
N LEU J 44 15.53 -16.54 -15.81
CA LEU J 44 16.56 -17.37 -15.23
C LEU J 44 17.79 -17.49 -16.14
N ASN J 45 17.70 -16.88 -17.34
CA ASN J 45 18.84 -16.77 -18.24
C ASN J 45 19.84 -15.77 -17.68
N PHE J 46 19.31 -14.80 -16.93
CA PHE J 46 20.08 -13.82 -16.15
C PHE J 46 20.91 -12.87 -16.97
N ASP J 47 20.56 -12.66 -18.22
CA ASP J 47 21.34 -11.74 -19.09
C ASP J 47 22.89 -11.87 -18.97
N LEU J 48 23.35 -13.09 -18.81
CA LEU J 48 24.77 -13.41 -18.81
C LEU J 48 25.05 -14.44 -19.89
N PRO J 49 26.16 -14.26 -20.59
CA PRO J 49 26.53 -15.17 -21.64
C PRO J 49 26.75 -16.60 -21.16
N TRP J 50 27.27 -16.76 -19.95
CA TRP J 50 27.65 -18.09 -19.47
C TRP J 50 26.51 -18.84 -18.85
N THR J 51 25.40 -18.16 -18.62
CA THR J 51 24.28 -18.80 -17.94
C THR J 51 23.04 -18.83 -18.82
N SER J 52 23.16 -18.29 -20.02
CA SER J 52 22.07 -18.36 -21.00
C SER J 52 21.88 -19.80 -21.52
N PHE J 53 20.66 -20.10 -21.93
CA PHE J 53 20.21 -21.43 -22.33
C PHE J 53 21.04 -22.05 -23.43
N GLY J 54 21.32 -21.26 -24.47
CA GLY J 54 22.04 -21.73 -25.64
C GLY J 54 23.37 -22.40 -25.30
N ARG J 55 24.03 -21.86 -24.30
CA ARG J 55 25.32 -22.35 -23.87
C ARG J 55 25.18 -23.42 -22.81
N LEU J 56 24.21 -23.29 -21.91
CA LEU J 56 24.05 -24.29 -20.86
C LEU J 56 23.53 -25.60 -21.40
N ARG J 57 22.69 -25.56 -22.43
CA ARG J 57 22.09 -26.78 -22.97
C ARG J 57 23.11 -27.90 -23.21
N PRO J 58 24.10 -27.68 -24.08
CA PRO J 58 25.08 -28.75 -24.33
C PRO J 58 25.89 -29.12 -23.09
N LEU J 59 25.94 -28.24 -22.09
CA LEU J 59 26.49 -28.63 -20.78
C LEU J 59 25.62 -29.71 -20.12
N HIS J 60 24.32 -29.48 -19.98
CA HIS J 60 23.40 -30.53 -19.51
C HIS J 60 23.64 -31.81 -20.31
N THR J 61 23.58 -31.67 -21.63
CA THR J 61 23.80 -32.77 -22.54
C THR J 61 25.10 -33.55 -22.25
N ASN J 62 26.24 -32.86 -22.28
CA ASN J 62 27.51 -33.54 -22.10
C ASN J 62 27.70 -34.05 -20.69
N ALA J 63 27.33 -33.22 -19.71
CA ALA J 63 27.37 -33.62 -18.30
C ALA J 63 26.55 -34.89 -18.10
N VAL J 64 25.38 -34.93 -18.73
CA VAL J 64 24.46 -36.00 -18.44
C VAL J 64 24.83 -37.30 -19.14
N ILE J 65 25.34 -37.19 -20.38
CA ILE J 65 25.73 -38.37 -21.14
C ILE J 65 27.14 -38.86 -20.84
N PHE J 66 28.11 -38.00 -21.09
CA PHE J 66 29.51 -38.39 -20.95
C PHE J 66 30.00 -38.35 -19.50
N ALA J 67 29.47 -37.43 -18.71
CA ALA J 67 29.83 -37.40 -17.30
C ALA J 67 29.07 -38.45 -16.49
N PHE J 68 27.75 -38.35 -16.45
CA PHE J 68 26.92 -39.30 -15.70
C PHE J 68 26.96 -40.68 -16.34
N GLY J 69 26.40 -40.79 -17.55
CA GLY J 69 26.41 -42.04 -18.30
C GLY J 69 27.81 -42.62 -18.45
N GLY J 70 28.75 -41.75 -18.79
CA GLY J 70 30.16 -42.13 -18.92
C GLY J 70 30.72 -42.82 -17.69
N CYS J 71 30.65 -42.15 -16.55
CA CYS J 71 31.22 -42.67 -15.31
C CYS J 71 30.51 -43.92 -14.89
N ALA J 72 29.20 -43.95 -15.09
CA ALA J 72 28.40 -45.14 -14.84
C ALA J 72 28.96 -46.32 -15.63
N LEU J 73 29.28 -46.08 -16.90
CA LEU J 73 29.84 -47.13 -17.76
C LEU J 73 31.21 -47.61 -17.30
N PHE J 74 32.07 -46.67 -16.92
CA PHE J 74 33.38 -47.01 -16.36
C PHE J 74 33.24 -47.82 -15.09
N ALA J 75 32.49 -47.29 -14.12
CA ALA J 75 32.24 -47.96 -12.85
C ALA J 75 31.66 -49.35 -13.09
N THR J 76 30.68 -49.41 -13.97
CA THR J 76 30.02 -50.68 -14.29
C THR J 76 30.95 -51.67 -15.00
N SER J 77 31.56 -51.25 -16.11
CA SER J 77 32.41 -52.16 -16.88
C SER J 77 33.60 -52.67 -16.07
N TYR J 78 34.28 -51.77 -15.37
CA TYR J 78 35.44 -52.15 -14.56
C TYR J 78 35.10 -53.16 -13.45
N TYR J 79 33.95 -52.98 -12.82
CA TYR J 79 33.42 -53.94 -11.87
C TYR J 79 33.02 -55.21 -12.61
N SER J 80 32.08 -55.08 -13.56
CA SER J 80 31.55 -56.22 -14.32
C SER J 80 32.62 -57.07 -15.00
N VAL J 81 33.50 -56.45 -15.78
CA VAL J 81 34.51 -57.22 -16.52
C VAL J 81 35.42 -58.06 -15.61
N GLN J 82 35.91 -57.45 -14.52
CA GLN J 82 36.79 -58.16 -13.60
C GLN J 82 36.17 -59.43 -13.08
N ARG J 83 34.95 -59.33 -12.57
CA ARG J 83 34.24 -60.48 -11.99
C ARG J 83 33.75 -61.46 -13.04
N THR J 84 33.18 -60.93 -14.12
CA THR J 84 32.58 -61.73 -15.16
C THR J 84 33.59 -62.65 -15.86
N CYS J 85 34.89 -62.36 -15.70
CA CYS J 85 35.92 -63.25 -16.22
C CYS J 85 37.04 -63.57 -15.21
N GLN J 86 36.89 -63.04 -14.00
CA GLN J 86 37.62 -63.50 -12.80
C GLN J 86 39.13 -63.23 -12.75
N THR J 87 39.51 -62.00 -13.04
CA THR J 87 40.89 -61.52 -12.84
C THR J 87 40.89 -60.04 -12.51
N THR J 88 41.99 -59.56 -11.93
CA THR J 88 42.19 -58.13 -11.69
C THR J 88 42.29 -57.37 -13.02
N LEU J 89 41.74 -56.16 -13.06
CA LEU J 89 41.84 -55.28 -14.23
C LEU J 89 43.25 -55.23 -14.78
N PHE J 90 43.37 -55.44 -16.09
CA PHE J 90 44.65 -55.32 -16.79
C PHE J 90 45.15 -53.88 -16.70
N ALA J 91 46.40 -53.73 -16.27
CA ALA J 91 47.03 -52.43 -16.00
C ALA J 91 46.16 -51.55 -15.10
N PRO J 92 46.22 -51.76 -13.77
CA PRO J 92 45.38 -51.01 -12.84
C PRO J 92 45.71 -49.51 -12.81
N LYS J 93 46.94 -49.17 -13.17
CA LYS J 93 47.37 -47.77 -13.23
C LYS J 93 46.82 -47.08 -14.49
N LEU J 94 46.82 -47.79 -15.62
CA LEU J 94 46.24 -47.24 -16.85
C LEU J 94 44.74 -47.00 -16.68
N ALA J 95 44.11 -47.79 -15.81
CA ALA J 95 42.71 -47.57 -15.44
C ALA J 95 42.56 -46.32 -14.57
N ALA J 96 43.51 -46.10 -13.65
CA ALA J 96 43.51 -44.89 -12.82
C ALA J 96 43.64 -43.65 -13.70
N PHE J 97 44.52 -43.70 -14.70
CA PHE J 97 44.61 -42.65 -15.68
C PHE J 97 43.23 -42.39 -16.28
N THR J 98 42.55 -43.44 -16.74
CA THR J 98 41.23 -43.29 -17.36
C THR J 98 40.20 -42.71 -16.41
N PHE J 99 40.48 -42.70 -15.11
CA PHE J 99 39.61 -41.97 -14.21
C PHE J 99 39.86 -40.46 -14.26
N TRP J 100 41.07 -40.04 -13.88
CA TRP J 100 41.42 -38.63 -13.88
C TRP J 100 41.35 -38.02 -15.28
N GLY J 101 41.77 -38.78 -16.27
CA GLY J 101 41.62 -38.38 -17.66
C GLY J 101 40.20 -38.00 -17.99
N TRP J 102 39.26 -38.86 -17.60
CA TRP J 102 37.84 -38.64 -17.86
C TRP J 102 37.31 -37.51 -17.04
N GLN J 103 37.80 -37.37 -15.81
CA GLN J 103 37.39 -36.26 -14.94
C GLN J 103 37.84 -34.93 -15.54
N LEU J 104 39.09 -34.91 -16.01
CA LEU J 104 39.66 -33.75 -16.70
C LEU J 104 38.84 -33.37 -17.94
N VAL J 105 38.36 -34.38 -18.67
CA VAL J 105 37.47 -34.15 -19.81
C VAL J 105 36.20 -33.44 -19.35
N ILE J 106 35.54 -33.99 -18.33
CA ILE J 106 34.30 -33.38 -17.82
C ILE J 106 34.53 -31.96 -17.34
N LEU J 107 35.59 -31.76 -16.58
CA LEU J 107 35.94 -30.44 -16.06
C LEU J 107 36.23 -29.46 -17.18
N LEU J 108 36.89 -29.93 -18.23
CA LEU J 108 37.12 -29.09 -19.40
C LEU J 108 35.80 -28.71 -20.08
N ALA J 109 34.90 -29.68 -20.20
CA ALA J 109 33.57 -29.45 -20.73
C ALA J 109 32.87 -28.35 -19.93
N ALA J 110 32.93 -28.46 -18.60
CA ALA J 110 32.26 -27.52 -17.70
C ALA J 110 32.75 -26.10 -17.93
N ILE J 111 34.07 -25.94 -18.05
CA ILE J 111 34.62 -24.62 -18.29
C ILE J 111 34.42 -24.18 -19.73
N SER J 112 34.68 -25.06 -20.70
CA SER J 112 34.70 -24.65 -22.10
C SER J 112 33.33 -24.31 -22.69
N LEU J 113 32.29 -25.05 -22.31
CA LEU J 113 30.97 -24.87 -22.93
C LEU J 113 30.23 -23.57 -22.58
N PRO J 114 30.22 -23.18 -21.27
CA PRO J 114 29.61 -21.89 -20.94
C PRO J 114 30.43 -20.73 -21.47
N LEU J 115 31.74 -20.94 -21.58
CA LEU J 115 32.61 -19.93 -22.18
C LEU J 115 32.33 -19.69 -23.67
N GLY J 116 31.61 -20.61 -24.33
CA GLY J 116 31.25 -20.48 -25.75
C GLY J 116 32.06 -21.28 -26.78
N PHE J 117 32.99 -22.11 -26.32
CA PHE J 117 33.81 -22.93 -27.24
C PHE J 117 33.16 -24.26 -27.61
N THR J 118 32.30 -24.21 -28.62
CA THR J 118 31.55 -25.39 -29.05
C THR J 118 31.66 -25.62 -30.54
N SER J 119 31.80 -26.88 -30.94
CA SER J 119 31.85 -27.22 -32.35
C SER J 119 30.45 -27.16 -32.97
N SER J 120 29.44 -27.02 -32.11
CA SER J 120 28.01 -27.01 -32.47
C SER J 120 27.45 -28.40 -32.79
N LYS J 121 28.32 -29.36 -33.08
CA LYS J 121 27.88 -30.73 -33.41
C LYS J 121 27.28 -31.39 -32.18
N GLU J 122 26.03 -31.86 -32.28
CA GLU J 122 25.34 -32.44 -31.12
C GLU J 122 26.08 -33.62 -30.52
N TYR J 123 26.28 -33.58 -29.21
CA TYR J 123 26.98 -34.61 -28.44
C TYR J 123 28.41 -34.77 -28.89
N ALA J 124 28.92 -33.79 -29.63
CA ALA J 124 30.30 -33.79 -30.07
C ALA J 124 30.77 -32.37 -30.01
N GLU J 125 30.19 -31.63 -29.08
CA GLU J 125 30.27 -30.18 -29.04
C GLU J 125 31.61 -29.64 -28.56
N LEU J 126 32.35 -30.44 -27.79
CA LEU J 126 33.65 -30.02 -27.26
C LEU J 126 34.67 -29.76 -28.38
N GLU J 127 35.50 -28.74 -28.20
CA GLU J 127 36.48 -28.39 -29.23
C GLU J 127 37.71 -29.31 -29.37
N TRP J 128 38.42 -29.15 -30.48
CA TRP J 128 39.44 -30.12 -30.88
C TRP J 128 40.44 -30.55 -29.79
N PRO J 129 40.97 -29.61 -28.96
CA PRO J 129 41.97 -30.12 -28.01
C PRO J 129 41.36 -31.15 -27.06
N ILE J 130 40.09 -30.96 -26.72
CA ILE J 130 39.38 -31.89 -25.86
C ILE J 130 39.13 -33.22 -26.59
N ASP J 131 38.81 -33.16 -27.89
CA ASP J 131 38.63 -34.39 -28.69
C ASP J 131 39.89 -35.23 -28.77
N ILE J 132 41.05 -34.58 -28.82
CA ILE J 132 42.33 -35.29 -28.72
C ILE J 132 42.43 -35.97 -27.36
N LEU J 133 42.11 -35.23 -26.29
CA LEU J 133 42.18 -35.79 -24.94
C LEU J 133 41.25 -36.99 -24.78
N ILE J 134 40.00 -36.85 -25.22
CA ILE J 134 39.03 -37.95 -25.19
C ILE J 134 39.61 -39.21 -25.86
N THR J 135 40.09 -39.06 -27.09
CA THR J 135 40.68 -40.18 -27.82
C THR J 135 41.76 -40.89 -27.01
N ILE J 136 42.66 -40.11 -26.39
CA ILE J 136 43.74 -40.66 -25.56
C ILE J 136 43.15 -41.46 -24.41
N VAL J 137 42.20 -40.88 -23.69
CA VAL J 137 41.56 -41.55 -22.57
C VAL J 137 40.79 -42.77 -23.04
N TRP J 138 40.12 -42.66 -24.18
CA TRP J 138 39.38 -43.80 -24.74
C TRP J 138 40.28 -44.99 -25.16
N VAL J 139 41.35 -44.71 -25.90
CA VAL J 139 42.34 -45.72 -26.27
C VAL J 139 42.84 -46.42 -25.00
N ALA J 140 43.17 -45.62 -23.97
CA ALA J 140 43.63 -46.16 -22.69
C ALA J 140 42.61 -47.11 -22.08
N TYR J 141 41.35 -46.67 -22.07
CA TYR J 141 40.23 -47.45 -21.57
C TYR J 141 40.04 -48.75 -22.34
N ALA J 142 40.10 -48.66 -23.67
CA ALA J 142 40.03 -49.83 -24.55
C ALA J 142 41.08 -50.90 -24.16
N VAL J 143 42.33 -50.46 -23.98
CA VAL J 143 43.44 -51.32 -23.59
C VAL J 143 43.16 -51.93 -22.23
N VAL J 144 42.65 -51.13 -21.29
CA VAL J 144 42.31 -51.63 -19.95
C VAL J 144 41.23 -52.70 -20.02
N PHE J 145 40.17 -52.42 -20.77
CA PHE J 145 39.06 -53.37 -20.86
C PHE J 145 39.42 -54.65 -21.63
N PHE J 146 39.82 -54.49 -22.89
CA PHE J 146 40.16 -55.63 -23.75
C PHE J 146 41.35 -56.43 -23.21
N GLY J 147 42.25 -55.75 -22.50
CA GLY J 147 43.34 -56.41 -21.81
C GLY J 147 42.84 -57.32 -20.71
N THR J 148 41.86 -56.87 -19.95
CA THR J 148 41.28 -57.67 -18.86
C THR J 148 40.59 -58.91 -19.43
N LEU J 149 39.89 -58.75 -20.55
CA LEU J 149 39.34 -59.88 -21.28
C LEU J 149 40.44 -60.84 -21.75
N ALA J 150 41.48 -60.29 -22.38
CA ALA J 150 42.59 -61.07 -22.92
C ALA J 150 43.32 -61.91 -21.87
N LYS J 151 43.19 -61.55 -20.60
CA LYS J 151 43.83 -62.32 -19.52
C LYS J 151 42.82 -62.89 -18.52
N ARG J 152 41.64 -63.27 -19.03
CA ARG J 152 40.59 -63.90 -18.23
C ARG J 152 40.96 -65.32 -17.81
N LYS J 153 40.06 -65.96 -17.05
CA LYS J 153 40.27 -67.34 -16.61
C LYS J 153 39.43 -68.34 -17.42
N VAL J 154 38.14 -68.05 -17.56
CA VAL J 154 37.21 -68.91 -18.31
C VAL J 154 37.48 -68.89 -19.82
N LYS J 155 37.16 -70.00 -20.48
CA LYS J 155 37.28 -70.08 -21.94
C LYS J 155 36.32 -69.11 -22.62
N HIS J 156 35.08 -69.09 -22.12
CA HIS J 156 34.04 -68.25 -22.71
C HIS J 156 34.07 -66.81 -22.17
N ILE J 157 33.64 -65.88 -23.01
CA ILE J 157 33.48 -64.49 -22.62
C ILE J 157 32.00 -64.24 -22.48
N TYR J 158 31.59 -63.79 -21.30
CA TYR J 158 30.18 -63.46 -21.06
C TYR J 158 29.60 -62.44 -22.06
N VAL J 159 28.33 -62.65 -22.44
CA VAL J 159 27.64 -61.83 -23.44
C VAL J 159 27.54 -60.36 -23.03
N GLY J 160 27.60 -60.12 -21.71
CA GLY J 160 27.64 -58.76 -21.16
C GLY J 160 28.83 -58.00 -21.71
N ASN J 161 29.95 -58.68 -21.85
CA ASN J 161 31.17 -58.06 -22.37
C ASN J 161 31.22 -57.95 -23.88
N TRP J 162 30.34 -58.67 -24.58
CA TRP J 162 30.17 -58.46 -26.03
C TRP J 162 29.64 -57.04 -26.24
N PHE J 163 28.65 -56.69 -25.44
CA PHE J 163 28.06 -55.38 -25.52
C PHE J 163 29.05 -54.31 -25.09
N PHE J 164 29.66 -54.47 -23.92
CA PHE J 164 30.71 -53.53 -23.51
C PHE J 164 31.79 -53.42 -24.58
N GLY J 165 32.33 -54.56 -24.98
CA GLY J 165 33.36 -54.61 -26.01
C GLY J 165 32.99 -53.78 -27.21
N ALA J 166 31.83 -54.08 -27.78
CA ALA J 166 31.31 -53.38 -28.95
C ALA J 166 31.25 -51.88 -28.70
N PHE J 167 30.48 -51.48 -27.69
CA PHE J 167 30.38 -50.09 -27.26
C PHE J 167 31.74 -49.37 -27.27
N ILE J 168 32.77 -50.02 -26.71
CA ILE J 168 34.09 -49.41 -26.62
C ILE J 168 34.74 -49.14 -27.98
N LEU J 169 34.80 -50.17 -28.83
CA LEU J 169 35.37 -50.02 -30.16
C LEU J 169 34.59 -49.03 -31.01
N THR J 170 33.28 -49.24 -31.11
CA THR J 170 32.46 -48.46 -32.02
C THR J 170 32.34 -46.99 -31.62
N VAL J 171 32.35 -46.70 -30.32
CA VAL J 171 32.39 -45.30 -29.83
C VAL J 171 33.70 -44.63 -30.26
N ALA J 172 34.80 -45.36 -30.16
CA ALA J 172 36.11 -44.91 -30.61
C ALA J 172 36.12 -44.51 -32.10
N ILE J 173 35.65 -45.41 -32.98
CA ILE J 173 35.50 -45.10 -34.40
C ILE J 173 34.62 -43.83 -34.59
N LEU J 174 33.38 -43.92 -34.10
CA LEU J 174 32.43 -42.83 -34.11
C LEU J 174 33.10 -41.52 -33.76
N HIS J 175 33.78 -41.49 -32.61
CA HIS J 175 34.34 -40.24 -32.09
C HIS J 175 35.39 -39.63 -32.99
N VAL J 176 36.28 -40.48 -33.50
CA VAL J 176 37.36 -39.96 -34.32
C VAL J 176 36.82 -39.39 -35.63
N VAL J 177 36.02 -40.19 -36.34
CA VAL J 177 35.44 -39.82 -37.63
C VAL J 177 34.68 -38.49 -37.58
N ASN J 178 33.74 -38.37 -36.65
CA ASN J 178 32.83 -37.20 -36.60
C ASN J 178 33.49 -35.91 -36.09
N ASN J 179 34.70 -36.05 -35.56
CA ASN J 179 35.42 -34.90 -35.04
C ASN J 179 36.65 -34.55 -35.86
N LEU J 180 36.75 -35.09 -37.07
CA LEU J 180 37.77 -34.62 -37.99
C LEU J 180 37.45 -33.16 -38.33
N GLU J 181 38.39 -32.28 -38.02
CA GLU J 181 38.15 -30.83 -38.07
C GLU J 181 39.47 -30.09 -38.19
N ILE J 182 39.53 -29.12 -39.09
CA ILE J 182 40.70 -28.25 -39.15
C ILE J 182 40.69 -27.29 -37.97
N PRO J 183 41.75 -27.31 -37.15
CA PRO J 183 41.87 -26.31 -36.10
C PRO J 183 42.21 -24.96 -36.70
N VAL J 184 41.53 -23.93 -36.25
CA VAL J 184 41.83 -22.57 -36.65
C VAL J 184 42.65 -21.91 -35.56
N THR J 185 42.16 -21.98 -34.32
CA THR J 185 42.88 -21.48 -33.14
C THR J 185 42.78 -22.49 -32.01
N ALA J 186 43.18 -22.08 -30.81
CA ALA J 186 43.22 -22.97 -29.65
C ALA J 186 41.90 -23.70 -29.47
N MET J 187 40.81 -22.96 -29.43
CA MET J 187 39.51 -23.54 -29.15
C MET J 187 38.51 -23.34 -30.26
N LYS J 188 38.96 -23.38 -31.51
CA LYS J 188 38.05 -23.22 -32.66
C LYS J 188 38.51 -24.05 -33.83
N SER J 189 37.63 -24.93 -34.30
CA SER J 189 37.92 -25.75 -35.46
C SER J 189 36.74 -25.77 -36.40
N TYR J 190 36.97 -26.10 -37.67
CA TYR J 190 35.87 -26.27 -38.59
C TYR J 190 35.76 -27.71 -38.98
N SER J 191 34.52 -28.20 -38.99
CA SER J 191 34.23 -29.57 -39.38
C SER J 191 34.84 -29.87 -40.74
N LEU J 192 35.33 -31.10 -40.90
CA LEU J 192 35.83 -31.56 -42.19
C LEU J 192 34.71 -31.51 -43.24
N TYR J 193 33.49 -31.80 -42.81
CA TYR J 193 32.34 -31.96 -43.70
C TYR J 193 31.44 -30.75 -43.67
N ALA J 194 30.52 -30.69 -44.63
CA ALA J 194 29.55 -29.59 -44.71
C ALA J 194 28.23 -30.09 -45.26
N GLY J 195 27.20 -29.27 -45.07
CA GLY J 195 25.87 -29.56 -45.57
C GLY J 195 25.39 -30.97 -45.30
N ALA J 196 24.79 -31.57 -46.31
CA ALA J 196 24.17 -32.88 -46.18
C ALA J 196 25.15 -33.94 -45.69
N THR J 197 26.39 -33.86 -46.18
CA THR J 197 27.44 -34.81 -45.78
C THR J 197 27.74 -34.66 -44.31
N ASP J 198 27.94 -33.42 -43.86
CA ASP J 198 28.15 -33.17 -42.45
C ASP J 198 26.96 -33.67 -41.62
N ALA J 199 25.76 -33.37 -42.09
CA ALA J 199 24.53 -33.83 -41.44
C ALA J 199 24.54 -35.33 -41.22
N MET J 200 24.92 -36.08 -42.25
CA MET J 200 24.97 -37.52 -42.18
C MET J 200 26.06 -38.03 -41.26
N VAL J 201 27.28 -37.55 -41.43
CA VAL J 201 28.36 -37.93 -40.52
C VAL J 201 27.93 -37.66 -39.08
N GLN J 202 27.26 -36.52 -38.88
CA GLN J 202 26.77 -36.15 -37.55
C GLN J 202 25.79 -37.16 -36.94
N TRP J 203 24.81 -37.60 -37.71
CA TRP J 203 23.75 -38.42 -37.15
C TRP J 203 24.02 -39.89 -37.22
N TRP J 204 24.96 -40.27 -38.07
CA TRP J 204 25.58 -41.57 -37.96
C TRP J 204 26.28 -41.57 -36.60
N TYR J 205 27.04 -40.52 -36.30
CA TYR J 205 27.67 -40.38 -34.99
C TYR J 205 26.62 -40.21 -33.90
N GLY J 206 25.68 -39.32 -34.15
CA GLY J 206 24.71 -38.94 -33.16
C GLY J 206 23.86 -40.09 -32.67
N HIS J 207 23.34 -40.89 -33.60
CA HIS J 207 22.51 -41.97 -33.16
C HIS J 207 23.35 -43.05 -32.47
N ASN J 208 24.43 -43.42 -33.13
CA ASN J 208 25.32 -44.47 -32.62
C ASN J 208 26.03 -44.11 -31.32
N ALA J 209 26.04 -42.82 -30.98
CA ALA J 209 26.40 -42.39 -29.64
C ALA J 209 25.39 -43.01 -28.66
N VAL J 210 24.11 -42.73 -28.85
CA VAL J 210 23.10 -43.37 -27.99
C VAL J 210 22.92 -44.87 -28.31
N GLY J 211 23.26 -45.26 -29.52
CA GLY J 211 23.12 -46.64 -29.95
C GLY J 211 24.10 -47.55 -29.25
N PHE J 212 25.29 -47.05 -29.02
CA PHE J 212 26.35 -47.85 -28.43
C PHE J 212 26.74 -47.39 -27.04
N PHE J 213 26.86 -46.07 -26.88
CA PHE J 213 27.13 -45.48 -25.58
C PHE J 213 25.96 -45.69 -24.64
N LEU J 214 24.75 -45.35 -25.10
CA LEU J 214 23.55 -45.43 -24.24
C LEU J 214 22.69 -46.70 -24.37
N THR J 215 22.91 -47.50 -25.41
CA THR J 215 22.20 -48.78 -25.55
C THR J 215 23.16 -49.93 -25.30
N ALA J 216 24.04 -50.22 -26.27
CA ALA J 216 24.98 -51.35 -26.17
C ALA J 216 25.73 -51.39 -24.83
N GLY J 217 26.43 -50.28 -24.53
CA GLY J 217 27.19 -50.16 -23.30
C GLY J 217 26.35 -50.44 -22.07
N PHE J 218 25.09 -50.00 -22.09
CA PHE J 218 24.20 -50.19 -20.96
C PHE J 218 23.51 -51.55 -20.91
N LEU J 219 23.38 -52.19 -22.06
CA LEU J 219 22.90 -53.57 -22.11
C LEU J 219 23.93 -54.45 -21.40
N GLY J 220 25.21 -54.11 -21.59
CA GLY J 220 26.30 -54.74 -20.85
C GLY J 220 26.04 -54.68 -19.35
N ILE J 221 25.68 -53.50 -18.87
CA ILE J 221 25.26 -53.32 -17.48
C ILE J 221 24.10 -54.26 -17.15
N MET J 222 23.04 -54.17 -17.94
CA MET J 222 21.84 -54.97 -17.74
C MET J 222 22.18 -56.45 -17.61
N TYR J 223 23.06 -56.93 -18.48
CA TYR J 223 23.41 -58.34 -18.56
C TYR J 223 24.19 -58.86 -17.37
N TYR J 224 24.93 -57.99 -16.70
CA TYR J 224 25.52 -58.40 -15.44
C TYR J 224 24.53 -58.24 -14.27
N PHE J 225 23.97 -57.05 -14.13
CA PHE J 225 23.24 -56.73 -12.91
C PHE J 225 21.85 -57.36 -12.76
N VAL J 226 21.08 -57.48 -13.83
CA VAL J 226 19.78 -58.18 -13.75
C VAL J 226 19.94 -59.60 -13.19
N PRO J 227 20.80 -60.43 -13.83
CA PRO J 227 20.93 -61.78 -13.27
C PRO J 227 21.59 -61.79 -11.90
N LYS J 228 22.58 -60.93 -11.66
CA LYS J 228 23.32 -60.96 -10.40
C LYS J 228 22.44 -60.54 -9.22
N GLN J 229 21.57 -59.56 -9.45
CA GLN J 229 20.64 -59.07 -8.43
C GLN J 229 19.50 -60.06 -8.26
N ALA J 230 18.92 -60.48 -9.38
CA ALA J 230 17.81 -61.41 -9.36
C ALA J 230 18.24 -62.82 -8.91
N GLU J 231 19.52 -63.13 -9.11
CA GLU J 231 20.09 -64.47 -8.84
C GLU J 231 19.36 -65.59 -9.60
N ARG J 232 19.13 -65.35 -10.89
CA ARG J 232 18.51 -66.30 -11.78
C ARG J 232 19.45 -66.49 -12.97
N PRO J 233 19.20 -67.53 -13.79
CA PRO J 233 19.93 -67.59 -15.06
C PRO J 233 19.31 -66.76 -16.18
N VAL J 234 20.14 -66.34 -17.14
CA VAL J 234 19.70 -65.52 -18.27
C VAL J 234 18.86 -66.31 -19.26
N TYR J 235 17.55 -66.06 -19.24
CA TYR J 235 16.63 -66.66 -20.19
C TYR J 235 17.18 -66.54 -21.59
N SER J 236 17.40 -67.69 -22.23
CA SER J 236 17.88 -67.78 -23.63
C SER J 236 19.24 -67.17 -23.92
N TYR J 237 20.23 -68.04 -24.03
CA TYR J 237 21.55 -67.70 -24.53
C TYR J 237 21.45 -67.31 -25.99
N ARG J 238 20.79 -68.17 -26.78
CA ARG J 238 20.60 -67.96 -28.21
C ARG J 238 20.14 -66.54 -28.54
N LEU J 239 19.12 -66.08 -27.81
CA LEU J 239 18.60 -64.73 -27.98
C LEU J 239 19.71 -63.71 -27.83
N SER J 240 20.58 -63.89 -26.85
CA SER J 240 21.75 -63.02 -26.69
C SER J 240 22.56 -62.91 -27.99
N ILE J 241 22.86 -64.05 -28.63
CA ILE J 241 23.60 -64.03 -29.89
C ILE J 241 22.88 -63.20 -30.96
N VAL J 242 21.67 -63.62 -31.33
CA VAL J 242 20.88 -62.92 -32.35
C VAL J 242 20.77 -61.46 -31.98
N HIS J 243 20.18 -61.21 -30.82
CA HIS J 243 19.93 -59.87 -30.32
C HIS J 243 21.20 -59.01 -30.29
N PHE J 244 22.35 -59.63 -30.00
CA PHE J 244 23.60 -58.90 -30.04
C PHE J 244 24.09 -58.54 -31.46
N TRP J 245 24.26 -59.54 -32.31
CA TRP J 245 24.80 -59.28 -33.66
C TRP J 245 23.86 -58.42 -34.47
N ALA J 246 22.58 -58.74 -34.42
CA ALA J 246 21.56 -57.99 -35.14
C ALA J 246 21.54 -56.52 -34.73
N LEU J 247 21.58 -56.28 -33.42
CA LEU J 247 21.64 -54.92 -32.88
C LEU J 247 22.89 -54.19 -33.35
N ILE J 248 24.03 -54.85 -33.19
CA ILE J 248 25.34 -54.28 -33.47
C ILE J 248 25.52 -53.84 -34.94
N THR J 249 24.80 -54.50 -35.84
CA THR J 249 24.94 -54.25 -37.28
C THR J 249 23.85 -53.33 -37.82
N VAL J 250 22.62 -53.55 -37.38
CA VAL J 250 21.48 -52.75 -37.84
C VAL J 250 21.52 -51.33 -37.32
N TYR J 251 21.99 -51.16 -36.08
CA TYR J 251 21.94 -49.85 -35.44
C TYR J 251 22.74 -48.78 -36.18
N ILE J 252 23.88 -49.14 -36.73
CA ILE J 252 24.72 -48.18 -37.46
C ILE J 252 23.94 -47.48 -38.59
N TRP J 253 23.11 -48.25 -39.28
CA TRP J 253 22.29 -47.76 -40.37
C TRP J 253 21.22 -46.74 -39.98
N ALA J 254 20.86 -46.70 -38.71
CA ALA J 254 19.75 -45.87 -38.27
C ALA J 254 20.04 -44.37 -38.32
N GLY J 255 21.23 -43.98 -38.77
CA GLY J 255 21.61 -42.55 -38.85
C GLY J 255 20.53 -41.62 -39.41
N PRO J 256 20.10 -41.86 -40.64
CA PRO J 256 19.18 -40.99 -41.34
C PRO J 256 17.78 -40.78 -40.75
N HIS J 257 17.38 -41.51 -39.71
CA HIS J 257 16.03 -41.26 -39.16
C HIS J 257 15.94 -39.91 -38.47
N HIS J 258 17.11 -39.32 -38.26
CA HIS J 258 17.18 -37.97 -37.74
C HIS J 258 16.87 -36.96 -38.83
N LEU J 259 17.35 -37.24 -40.04
CA LEU J 259 17.28 -36.28 -41.13
C LEU J 259 16.12 -36.53 -42.09
N HIS J 260 14.96 -36.94 -41.56
CA HIS J 260 13.79 -37.23 -42.41
C HIS J 260 13.18 -35.97 -42.96
N TYR J 261 12.88 -36.01 -44.27
CA TYR J 261 12.34 -34.88 -45.01
C TYR J 261 13.23 -33.64 -44.95
N THR J 262 14.54 -33.88 -44.91
CA THR J 262 15.53 -32.80 -44.98
C THR J 262 16.23 -32.81 -46.34
N ALA J 263 17.30 -32.04 -46.45
CA ALA J 263 18.07 -31.96 -47.69
C ALA J 263 18.93 -33.21 -47.95
N LEU J 264 19.05 -34.08 -46.95
CA LEU J 264 19.64 -35.40 -47.13
C LEU J 264 18.86 -36.14 -48.19
N PRO J 265 19.55 -36.73 -49.18
CA PRO J 265 18.87 -37.42 -50.29
C PRO J 265 17.87 -38.44 -49.79
N ASP J 266 16.88 -38.76 -50.63
CA ASP J 266 15.85 -39.75 -50.28
C ASP J 266 16.37 -41.14 -49.94
N TRP J 267 17.34 -41.63 -50.71
CA TRP J 267 17.82 -42.99 -50.50
C TRP J 267 18.43 -43.20 -49.13
N ALA J 268 19.16 -42.19 -48.65
CA ALA J 268 19.78 -42.25 -47.33
C ALA J 268 18.70 -42.26 -46.26
N GLN J 269 17.70 -41.39 -46.43
CA GLN J 269 16.56 -41.30 -45.51
C GLN J 269 15.85 -42.64 -45.32
N SER J 270 15.44 -43.25 -46.43
CA SER J 270 14.75 -44.54 -46.41
C SER J 270 15.60 -45.62 -45.75
N LEU J 271 16.83 -45.79 -46.24
CA LEU J 271 17.81 -46.67 -45.62
C LEU J 271 17.80 -46.52 -44.10
N GLY J 272 17.63 -45.28 -43.65
CA GLY J 272 17.55 -45.00 -42.23
C GLY J 272 16.29 -45.56 -41.60
N MET J 273 15.15 -45.27 -42.20
CA MET J 273 13.86 -45.77 -41.71
C MET J 273 13.79 -47.30 -41.72
N VAL J 274 14.06 -47.89 -42.88
CA VAL J 274 13.99 -49.34 -43.04
C VAL J 274 14.76 -50.04 -41.93
N MET J 275 16.00 -49.60 -41.71
CA MET J 275 16.87 -50.23 -40.73
C MET J 275 16.46 -49.88 -39.30
N SER J 276 15.94 -48.69 -39.10
CA SER J 276 15.40 -48.33 -37.78
C SER J 276 14.25 -49.26 -37.42
N LEU J 277 13.43 -49.62 -38.41
CA LEU J 277 12.31 -50.51 -38.15
C LEU J 277 12.78 -51.94 -37.88
N ILE J 278 13.73 -52.40 -38.68
CA ILE J 278 14.36 -53.69 -38.45
C ILE J 278 14.91 -53.77 -37.02
N LEU J 279 15.51 -52.66 -36.59
CA LEU J 279 16.14 -52.53 -35.28
C LEU J 279 15.21 -52.86 -34.09
N LEU J 280 13.90 -52.73 -34.30
CA LEU J 280 12.90 -52.98 -33.25
C LEU J 280 13.15 -54.33 -32.61
N ALA J 281 13.24 -55.34 -33.47
CA ALA J 281 13.46 -56.71 -33.09
C ALA J 281 14.68 -56.89 -32.16
N PRO J 282 15.91 -56.67 -32.66
CA PRO J 282 17.10 -56.86 -31.83
C PRO J 282 17.04 -56.09 -30.52
N SER J 283 16.51 -54.87 -30.56
CA SER J 283 16.37 -54.05 -29.38
C SER J 283 15.56 -54.78 -28.31
N TRP J 284 14.37 -55.24 -28.70
CA TRP J 284 13.47 -55.92 -27.78
C TRP J 284 14.04 -57.23 -27.26
N GLY J 285 14.83 -57.92 -28.09
CA GLY J 285 15.58 -59.09 -27.66
C GLY J 285 16.38 -58.82 -26.40
N GLY J 286 16.79 -57.56 -26.23
CA GLY J 286 17.42 -57.11 -25.02
C GLY J 286 16.47 -57.16 -23.84
N MET J 287 15.31 -56.53 -23.96
CA MET J 287 14.36 -56.45 -22.85
C MET J 287 13.66 -57.78 -22.58
N ILE J 288 13.45 -58.57 -23.63
CA ILE J 288 12.91 -59.91 -23.46
C ILE J 288 13.88 -60.71 -22.59
N ASN J 289 15.14 -60.75 -23.01
CA ASN J 289 16.19 -61.45 -22.28
C ASN J 289 16.34 -60.99 -20.83
N GLY J 290 16.11 -59.70 -20.59
CA GLY J 290 16.20 -59.16 -19.25
C GLY J 290 15.02 -59.52 -18.37
N MET J 291 13.82 -59.35 -18.91
CA MET J 291 12.60 -59.56 -18.13
C MET J 291 12.25 -61.02 -17.91
N MET J 292 12.32 -61.84 -18.96
CA MET J 292 12.02 -63.26 -18.84
C MET J 292 13.00 -63.95 -17.88
N THR J 293 14.17 -63.36 -17.70
CA THR J 293 15.14 -63.76 -16.66
C THR J 293 14.52 -63.69 -15.27
N LEU J 294 13.65 -62.71 -15.05
CA LEU J 294 13.01 -62.52 -13.75
C LEU J 294 11.85 -63.49 -13.51
N SER J 295 11.40 -64.17 -14.56
CA SER J 295 10.24 -65.06 -14.44
C SER J 295 10.40 -66.07 -13.29
N GLY J 296 9.35 -66.18 -12.46
CA GLY J 296 9.41 -66.95 -11.24
C GLY J 296 9.78 -66.08 -10.05
N ALA J 297 10.75 -65.19 -10.24
CA ALA J 297 11.27 -64.35 -9.17
C ALA J 297 10.61 -62.97 -9.08
N TRP J 298 9.42 -62.83 -9.67
CA TRP J 298 8.68 -61.56 -9.67
C TRP J 298 8.29 -61.10 -8.26
N HIS J 299 8.24 -62.05 -7.33
CA HIS J 299 7.97 -61.75 -5.93
C HIS J 299 9.09 -60.91 -5.31
N LYS J 300 10.25 -60.90 -5.95
CA LYS J 300 11.38 -60.11 -5.47
C LYS J 300 11.15 -58.61 -5.68
N LEU J 301 10.22 -58.27 -6.56
CA LEU J 301 9.96 -56.88 -6.89
C LEU J 301 9.36 -56.07 -5.75
N ARG J 302 8.44 -56.66 -4.99
CA ARG J 302 7.94 -55.98 -3.81
C ARG J 302 8.98 -55.98 -2.69
N SER J 303 9.83 -57.01 -2.69
CA SER J 303 10.89 -57.18 -1.69
C SER J 303 12.10 -56.26 -1.92
N ASP J 304 12.65 -56.31 -3.13
CA ASP J 304 13.91 -55.63 -3.45
C ASP J 304 13.75 -54.46 -4.44
N PRO J 305 13.89 -53.22 -3.93
CA PRO J 305 13.78 -52.06 -4.81
C PRO J 305 14.92 -51.92 -5.82
N ILE J 306 16.12 -52.42 -5.50
CA ILE J 306 17.22 -52.41 -6.47
C ILE J 306 16.82 -53.17 -7.74
N LEU J 307 16.18 -54.33 -7.55
CA LEU J 307 15.64 -55.08 -8.68
C LEU J 307 14.55 -54.29 -9.40
N ARG J 308 13.66 -53.65 -8.64
CA ARG J 308 12.62 -52.80 -9.21
C ARG J 308 13.20 -51.86 -10.28
N PHE J 309 14.23 -51.10 -9.89
CA PHE J 309 14.93 -50.21 -10.81
C PHE J 309 15.29 -50.91 -12.12
N LEU J 310 16.07 -51.97 -12.01
CA LEU J 310 16.54 -52.72 -13.17
C LEU J 310 15.41 -53.17 -14.08
N VAL J 311 14.34 -53.70 -13.48
CA VAL J 311 13.18 -54.18 -14.23
C VAL J 311 12.43 -53.02 -14.89
N VAL J 312 11.93 -52.08 -14.10
CA VAL J 312 11.25 -50.89 -14.63
C VAL J 312 12.14 -50.21 -15.67
N SER J 313 13.45 -50.26 -15.45
CA SER J 313 14.44 -49.77 -16.42
C SER J 313 14.20 -50.37 -17.81
N LEU J 314 14.00 -51.68 -17.85
CA LEU J 314 13.74 -52.39 -19.09
C LEU J 314 12.40 -52.03 -19.72
N ALA J 315 11.40 -51.79 -18.87
CA ALA J 315 10.08 -51.37 -19.33
C ALA J 315 10.22 -50.10 -20.19
N PHE J 316 10.97 -49.12 -19.68
CA PHE J 316 11.21 -47.91 -20.44
C PHE J 316 12.11 -48.14 -21.64
N TYR J 317 13.15 -48.93 -21.47
CA TYR J 317 14.00 -49.30 -22.59
C TYR J 317 13.16 -49.86 -23.73
N GLY J 318 12.32 -50.84 -23.41
CA GLY J 318 11.43 -51.48 -24.37
C GLY J 318 10.52 -50.49 -25.04
N MET J 319 9.95 -49.59 -24.24
CA MET J 319 9.07 -48.54 -24.75
C MET J 319 9.79 -47.60 -25.72
N SER J 320 10.97 -47.13 -25.35
CA SER J 320 11.67 -46.18 -26.19
C SER J 320 12.34 -46.84 -27.39
N THR J 321 12.60 -48.14 -27.34
CA THR J 321 13.09 -48.87 -28.53
C THR J 321 11.93 -49.38 -29.39
N PHE J 322 10.74 -48.86 -29.11
CA PHE J 322 9.54 -49.10 -29.91
C PHE J 322 9.12 -47.74 -30.47
N GLU J 323 9.02 -46.76 -29.57
CA GLU J 323 8.77 -45.36 -29.91
C GLU J 323 9.75 -44.86 -30.98
N GLY J 324 11.02 -45.20 -30.82
CA GLY J 324 12.06 -44.78 -31.75
C GLY J 324 11.81 -45.29 -33.16
N PRO J 325 11.67 -46.61 -33.33
CA PRO J 325 11.31 -47.14 -34.65
C PRO J 325 10.06 -46.48 -35.23
N MET J 326 9.06 -46.18 -34.39
CA MET J 326 7.84 -45.51 -34.86
C MET J 326 8.13 -44.14 -35.43
N MET J 327 8.89 -43.35 -34.67
CA MET J 327 9.22 -41.99 -35.10
C MET J 327 10.20 -41.99 -36.26
N ALA J 328 10.77 -43.15 -36.54
CA ALA J 328 11.70 -43.28 -37.66
C ALA J 328 10.96 -43.58 -38.94
N ILE J 329 9.65 -43.79 -38.83
CA ILE J 329 8.76 -43.84 -40.00
C ILE J 329 8.58 -42.40 -40.48
N LYS J 330 8.85 -42.18 -41.78
CA LYS J 330 8.85 -40.82 -42.36
C LYS J 330 7.61 -40.02 -42.02
N THR J 331 6.44 -40.62 -42.20
CA THR J 331 5.17 -39.95 -41.92
C THR J 331 5.01 -39.58 -40.46
N VAL J 332 5.52 -40.41 -39.55
CA VAL J 332 5.53 -40.06 -38.14
C VAL J 332 6.54 -38.93 -37.87
N ASN J 333 7.79 -39.09 -38.32
CA ASN J 333 8.81 -38.05 -38.16
C ASN J 333 8.34 -36.72 -38.75
N ALA J 334 7.45 -36.81 -39.74
CA ALA J 334 6.86 -35.62 -40.37
C ALA J 334 6.20 -34.72 -39.34
N LEU J 335 5.62 -35.33 -38.32
CA LEU J 335 5.01 -34.60 -37.22
C LEU J 335 6.01 -34.44 -36.09
N SER J 336 6.69 -35.54 -35.73
CA SER J 336 7.58 -35.57 -34.58
C SER J 336 8.77 -34.59 -34.68
N HIS J 337 9.42 -34.54 -35.84
CA HIS J 337 10.67 -33.78 -36.00
C HIS J 337 10.53 -32.33 -35.57
N TYR J 338 11.57 -31.83 -34.90
CA TYR J 338 11.67 -30.46 -34.33
C TYR J 338 10.86 -30.22 -33.04
N THR J 339 9.88 -31.06 -32.77
CA THR J 339 8.98 -30.85 -31.64
C THR J 339 9.53 -31.37 -30.32
N ASP J 340 8.87 -30.99 -29.24
CA ASP J 340 9.20 -31.48 -27.91
C ASP J 340 9.05 -33.01 -27.81
N TRP J 341 8.42 -33.63 -28.80
CA TRP J 341 8.26 -35.08 -28.79
C TRP J 341 9.63 -35.74 -28.78
N THR J 342 10.55 -35.23 -29.60
CA THR J 342 11.91 -35.73 -29.64
C THR J 342 12.49 -35.74 -28.22
N ILE J 343 12.40 -34.61 -27.55
CA ILE J 343 12.88 -34.48 -26.17
C ILE J 343 12.26 -35.54 -25.23
N GLY J 344 10.99 -35.85 -25.44
CA GLY J 344 10.28 -36.85 -24.65
C GLY J 344 10.81 -38.25 -24.87
N HIS J 345 10.96 -38.63 -26.14
CA HIS J 345 11.63 -39.87 -26.50
C HIS J 345 12.98 -39.88 -25.81
N VAL J 346 13.77 -38.82 -25.96
CA VAL J 346 15.08 -38.74 -25.35
C VAL J 346 15.03 -39.08 -23.88
N HIS J 347 14.18 -38.39 -23.13
CA HIS J 347 14.20 -38.56 -21.69
C HIS J 347 13.51 -39.84 -21.20
N ALA J 348 12.55 -40.36 -21.97
CA ALA J 348 12.04 -41.70 -21.69
C ALA J 348 13.23 -42.64 -21.65
N GLY J 349 13.95 -42.74 -22.77
CA GLY J 349 15.19 -43.52 -22.82
C GLY J 349 16.22 -43.09 -21.78
N ALA J 350 16.34 -41.78 -21.58
CA ALA J 350 17.40 -41.24 -20.74
C ALA J 350 17.16 -41.45 -19.24
N LEU J 351 15.99 -41.02 -18.76
CA LEU J 351 15.61 -41.17 -17.36
C LEU J 351 15.18 -42.60 -17.09
N GLY J 352 14.24 -43.08 -17.90
CA GLY J 352 13.64 -44.40 -17.72
C GLY J 352 14.55 -45.58 -17.97
N TRP J 353 15.45 -45.47 -18.94
CA TRP J 353 16.33 -46.60 -19.23
C TRP J 353 17.73 -46.40 -18.69
N VAL J 354 18.49 -45.48 -19.29
CA VAL J 354 19.87 -45.22 -18.89
C VAL J 354 20.00 -44.96 -17.39
N ALA J 355 19.32 -43.92 -16.89
CA ALA J 355 19.42 -43.54 -15.47
C ALA J 355 18.98 -44.67 -14.52
N MET J 356 17.79 -45.22 -14.74
CA MET J 356 17.27 -46.30 -13.90
C MET J 356 18.22 -47.47 -13.83
N VAL J 357 18.68 -47.97 -14.99
CA VAL J 357 19.54 -49.15 -15.01
C VAL J 357 20.86 -48.91 -14.28
N SER J 358 21.45 -47.72 -14.47
CA SER J 358 22.71 -47.37 -13.82
C SER J 358 22.53 -47.08 -12.33
N ILE J 359 21.41 -46.45 -11.98
CA ILE J 359 21.02 -46.32 -10.58
C ILE J 359 21.06 -47.70 -9.92
N GLY J 360 20.21 -48.60 -10.41
CA GLY J 360 20.15 -49.97 -9.91
C GLY J 360 21.54 -50.56 -9.78
N ALA J 361 22.31 -50.49 -10.86
CA ALA J 361 23.66 -51.06 -10.90
C ALA J 361 24.54 -50.51 -9.79
N LEU J 362 24.51 -49.20 -9.59
CA LEU J 362 25.30 -48.58 -8.53
C LEU J 362 24.85 -49.02 -7.15
N TYR J 363 23.55 -48.92 -6.89
CA TYR J 363 22.97 -49.44 -5.64
C TYR J 363 23.43 -50.87 -5.32
N HIS J 364 23.56 -51.70 -6.36
CA HIS J 364 24.08 -53.06 -6.19
C HIS J 364 25.57 -53.02 -5.85
N LEU J 365 26.35 -52.30 -6.66
CA LEU J 365 27.80 -52.41 -6.59
C LEU J 365 28.45 -51.54 -5.51
N VAL J 366 27.89 -50.35 -5.27
CA VAL J 366 28.50 -49.41 -4.32
C VAL J 366 28.84 -50.03 -2.97
N PRO J 367 27.87 -50.74 -2.34
CA PRO J 367 28.19 -51.45 -1.09
C PRO J 367 29.35 -52.42 -1.27
N LYS J 368 29.19 -53.37 -2.19
CA LYS J 368 30.23 -54.34 -2.53
C LYS J 368 31.62 -53.71 -2.60
N VAL J 369 31.74 -52.66 -3.42
CA VAL J 369 33.00 -51.99 -3.68
C VAL J 369 33.56 -51.24 -2.47
N PHE J 370 32.68 -50.85 -1.55
CA PHE J 370 33.12 -50.17 -0.32
C PHE J 370 33.25 -51.12 0.87
N GLY J 371 33.48 -52.40 0.56
CA GLY J 371 33.55 -53.44 1.59
C GLY J 371 32.40 -53.28 2.57
N ARG J 372 31.19 -53.53 2.09
CA ARG J 372 29.97 -53.35 2.87
C ARG J 372 28.89 -54.23 2.25
N GLU J 373 28.12 -54.90 3.10
CA GLU J 373 27.18 -55.95 2.68
C GLU J 373 25.92 -55.45 1.96
N GLN J 374 25.52 -54.21 2.24
CA GLN J 374 24.42 -53.56 1.48
C GLN J 374 24.40 -52.03 1.60
N MET J 375 23.46 -51.39 0.93
CA MET J 375 23.28 -49.94 1.08
C MET J 375 22.87 -49.56 2.50
N HIS J 376 22.98 -48.28 2.84
CA HIS J 376 22.68 -47.83 4.20
C HIS J 376 21.22 -48.04 4.55
N SER J 377 20.34 -47.65 3.64
CA SER J 377 18.91 -47.76 3.86
C SER J 377 18.28 -48.30 2.59
N ILE J 378 17.61 -49.44 2.70
CA ILE J 378 16.86 -49.99 1.57
C ILE J 378 15.57 -49.21 1.32
N GLY J 379 14.98 -48.70 2.39
CA GLY J 379 13.81 -47.81 2.28
C GLY J 379 14.04 -46.65 1.34
N LEU J 380 15.22 -46.03 1.42
CA LEU J 380 15.58 -44.90 0.55
C LEU J 380 15.89 -45.31 -0.89
N ILE J 381 16.08 -46.61 -1.11
CA ILE J 381 16.21 -47.13 -2.45
C ILE J 381 14.82 -47.19 -3.05
N ASN J 382 13.84 -47.53 -2.22
CA ASN J 382 12.46 -47.57 -2.64
C ASN J 382 11.86 -46.19 -2.87
N THR J 383 12.07 -45.29 -1.92
CA THR J 383 11.57 -43.93 -2.08
C THR J 383 12.24 -43.25 -3.29
N HIS J 384 13.51 -43.57 -3.54
CA HIS J 384 14.20 -43.12 -4.75
C HIS J 384 13.44 -43.60 -5.97
N PHE J 385 13.16 -44.89 -5.99
CA PHE J 385 12.47 -45.52 -7.09
C PHE J 385 11.18 -44.80 -7.47
N TRP J 386 10.35 -44.48 -6.49
CA TRP J 386 9.08 -43.82 -6.78
C TRP J 386 9.23 -42.41 -7.32
N LEU J 387 10.13 -41.64 -6.72
CA LEU J 387 10.44 -40.31 -7.21
C LEU J 387 10.92 -40.41 -8.67
N ALA J 388 11.80 -41.36 -8.93
CA ALA J 388 12.39 -41.53 -10.25
C ALA J 388 11.35 -41.95 -11.28
N THR J 389 10.41 -42.80 -10.88
CA THR J 389 9.33 -43.22 -11.77
C THR J 389 8.30 -42.11 -12.00
N ILE J 390 7.73 -41.56 -10.93
CA ILE J 390 6.76 -40.47 -11.04
C ILE J 390 7.39 -39.41 -11.94
N GLY J 391 8.62 -39.02 -11.59
CA GLY J 391 9.40 -38.04 -12.36
C GLY J 391 9.51 -38.34 -13.84
N THR J 392 9.94 -39.56 -14.16
CA THR J 392 10.09 -39.98 -15.55
C THR J 392 8.76 -39.89 -16.30
N VAL J 393 7.70 -40.44 -15.71
CA VAL J 393 6.37 -40.46 -16.33
C VAL J 393 5.83 -39.05 -16.58
N LEU J 394 5.96 -38.17 -15.60
CA LEU J 394 5.53 -36.79 -15.78
C LEU J 394 6.24 -36.15 -16.96
N TYR J 395 7.57 -36.29 -17.00
CA TYR J 395 8.39 -35.76 -18.07
C TYR J 395 7.88 -36.23 -19.43
N ILE J 396 7.80 -37.55 -19.59
CA ILE J 396 7.30 -38.16 -20.82
C ILE J 396 5.94 -37.59 -21.24
N ALA J 397 4.98 -37.66 -20.32
CA ALA J 397 3.62 -37.14 -20.52
C ALA J 397 3.58 -35.69 -21.03
N SER J 398 4.28 -34.80 -20.32
CA SER J 398 4.28 -33.41 -20.69
C SER J 398 4.87 -33.22 -22.09
N MET J 399 5.90 -34.02 -22.41
CA MET J 399 6.53 -33.88 -23.72
C MET J 399 5.67 -34.41 -24.86
N TRP J 400 4.93 -35.50 -24.63
CA TRP J 400 3.98 -35.94 -25.66
C TRP J 400 2.92 -34.87 -25.91
N VAL J 401 2.32 -34.36 -24.83
CA VAL J 401 1.34 -33.31 -24.94
C VAL J 401 1.92 -32.19 -25.76
N ASN J 402 3.03 -31.63 -25.30
CA ASN J 402 3.73 -30.58 -26.04
C ASN J 402 4.04 -30.94 -27.49
N GLY J 403 4.68 -32.10 -27.68
CA GLY J 403 5.10 -32.56 -29.01
C GLY J 403 3.98 -32.68 -30.03
N ILE J 404 2.89 -33.33 -29.62
CA ILE J 404 1.69 -33.40 -30.44
C ILE J 404 1.15 -32.00 -30.74
N ALA J 405 0.98 -31.19 -29.68
CA ALA J 405 0.47 -29.83 -29.79
C ALA J 405 1.27 -29.07 -30.84
N GLN J 406 2.59 -29.10 -30.73
CA GLN J 406 3.47 -28.41 -31.67
C GLN J 406 3.32 -28.94 -33.08
N GLY J 407 3.65 -30.21 -33.26
CA GLY J 407 3.55 -30.85 -34.58
C GLY J 407 2.26 -30.50 -35.28
N LEU J 408 1.15 -30.77 -34.58
CA LEU J 408 -0.20 -30.44 -35.03
C LEU J 408 -0.33 -28.95 -35.35
N MET J 409 -0.02 -28.08 -34.40
CA MET J 409 -0.23 -26.65 -34.58
C MET J 409 0.58 -26.04 -35.71
N TRP J 410 1.81 -26.51 -35.89
CA TRP J 410 2.67 -25.97 -36.93
C TRP J 410 2.10 -26.18 -38.32
N ARG J 411 1.56 -27.37 -38.55
CA ARG J 411 1.11 -27.73 -39.87
C ARG J 411 -0.38 -27.47 -40.11
N ALA J 412 -1.10 -27.20 -39.03
CA ALA J 412 -2.54 -26.88 -39.09
C ALA J 412 -2.91 -25.80 -40.10
N ILE J 413 -3.69 -26.23 -41.09
CA ILE J 413 -4.16 -25.42 -42.22
C ILE J 413 -5.64 -25.18 -41.95
N ASN J 414 -6.16 -24.03 -42.35
CA ASN J 414 -7.60 -23.77 -42.27
C ASN J 414 -8.35 -24.31 -43.48
N ASP J 415 -9.67 -24.11 -43.48
CA ASP J 415 -10.51 -24.55 -44.60
C ASP J 415 -10.17 -23.81 -45.90
N ASP J 416 -9.60 -22.60 -45.76
CA ASP J 416 -9.18 -21.77 -46.91
C ASP J 416 -7.67 -21.85 -47.16
N GLY J 417 -7.04 -22.89 -46.63
CA GLY J 417 -5.66 -23.17 -46.95
C GLY J 417 -4.60 -22.40 -46.18
N THR J 418 -4.99 -21.32 -45.49
CA THR J 418 -4.04 -20.52 -44.70
C THR J 418 -3.65 -21.20 -43.41
N LEU J 419 -2.47 -20.86 -42.89
CA LEU J 419 -1.95 -21.46 -41.67
C LEU J 419 -2.76 -21.04 -40.45
N THR J 420 -3.16 -22.02 -39.64
CA THR J 420 -4.10 -21.79 -38.54
C THR J 420 -3.46 -21.06 -37.39
N TYR J 421 -2.21 -21.38 -37.10
CA TYR J 421 -1.56 -20.84 -35.91
C TYR J 421 -0.25 -20.16 -36.21
N SER J 422 -0.03 -19.04 -35.53
CA SER J 422 1.27 -18.42 -35.52
C SER J 422 2.25 -19.31 -34.76
N PHE J 423 3.55 -19.12 -34.97
CA PHE J 423 4.54 -19.90 -34.23
C PHE J 423 4.48 -19.59 -32.74
N VAL J 424 4.19 -18.35 -32.40
CA VAL J 424 4.13 -17.93 -31.00
C VAL J 424 2.95 -18.60 -30.28
N GLU J 425 1.84 -18.79 -30.99
CA GLU J 425 0.71 -19.48 -30.41
C GLU J 425 1.10 -20.88 -29.99
N SER J 426 1.91 -21.54 -30.81
CA SER J 426 2.41 -22.87 -30.50
C SER J 426 3.34 -22.80 -29.30
N LEU J 427 4.18 -21.77 -29.25
CA LEU J 427 5.10 -21.53 -28.12
C LEU J 427 4.32 -21.35 -26.82
N GLU J 428 3.29 -20.53 -26.85
CA GLU J 428 2.47 -20.30 -25.68
C GLU J 428 1.79 -21.59 -25.26
N ALA J 429 1.18 -22.30 -26.20
CA ALA J 429 0.55 -23.58 -25.92
C ALA J 429 1.46 -24.47 -25.10
N SER J 430 2.78 -24.33 -25.33
CA SER J 430 3.78 -25.21 -24.72
C SER J 430 4.14 -24.90 -23.28
N HIS J 431 3.77 -23.72 -22.80
CA HIS J 431 4.22 -23.31 -21.49
C HIS J 431 3.83 -24.28 -20.37
N PRO J 432 2.53 -24.67 -20.29
CA PRO J 432 2.17 -25.64 -19.26
C PRO J 432 3.08 -26.85 -19.31
N GLY J 433 3.28 -27.40 -20.51
CA GLY J 433 4.17 -28.55 -20.69
C GLY J 433 5.56 -28.31 -20.15
N PHE J 434 6.12 -27.12 -20.43
CA PHE J 434 7.45 -26.72 -19.96
C PHE J 434 7.53 -26.75 -18.46
N VAL J 435 6.43 -26.39 -17.81
CA VAL J 435 6.41 -26.34 -16.36
C VAL J 435 6.30 -27.73 -15.78
N VAL J 436 5.40 -28.53 -16.33
CA VAL J 436 5.23 -29.90 -15.85
C VAL J 436 6.53 -30.69 -16.03
N ARG J 437 7.19 -30.52 -17.18
CA ARG J 437 8.48 -31.19 -17.38
C ARG J 437 9.49 -30.74 -16.33
N MET J 438 9.55 -29.43 -16.09
CA MET J 438 10.45 -28.88 -15.08
C MET J 438 10.19 -29.57 -13.72
N ILE J 439 8.93 -29.77 -13.37
CA ILE J 439 8.55 -30.43 -12.13
C ILE J 439 8.89 -31.90 -12.21
N GLY J 440 8.60 -32.51 -13.36
CA GLY J 440 8.90 -33.91 -13.58
C GLY J 440 10.37 -34.17 -13.31
N GLY J 441 11.22 -33.40 -13.97
CA GLY J 441 12.67 -33.49 -13.81
C GLY J 441 13.12 -33.16 -12.40
N ALA J 442 12.50 -32.15 -11.79
CA ALA J 442 12.82 -31.80 -10.40
C ALA J 442 12.62 -32.97 -9.46
N ILE J 443 11.48 -33.65 -9.61
CA ILE J 443 11.16 -34.82 -8.80
C ILE J 443 12.21 -35.91 -9.03
N PHE J 444 12.59 -36.12 -10.28
CA PHE J 444 13.62 -37.09 -10.63
C PHE J 444 14.95 -36.75 -9.97
N PHE J 445 15.33 -35.49 -10.10
CA PHE J 445 16.50 -34.90 -9.45
C PHE J 445 16.50 -35.06 -7.93
N ALA J 446 15.34 -34.87 -7.32
CA ALA J 446 15.20 -35.05 -5.89
C ALA J 446 15.65 -36.47 -5.52
N GLY J 447 15.21 -37.44 -6.31
CA GLY J 447 15.60 -38.85 -6.10
C GLY J 447 17.10 -39.06 -6.10
N MET J 448 17.77 -38.39 -7.04
CA MET J 448 19.22 -38.40 -7.10
C MET J 448 19.87 -37.87 -5.82
N LEU J 449 19.31 -36.80 -5.26
CA LEU J 449 19.76 -36.32 -3.96
C LEU J 449 19.57 -37.39 -2.91
N VAL J 450 18.41 -38.06 -2.91
CA VAL J 450 18.15 -39.15 -1.97
C VAL J 450 19.19 -40.25 -2.11
N MET J 451 19.58 -40.54 -3.36
CA MET J 451 20.67 -41.49 -3.63
C MET J 451 21.98 -40.98 -3.05
N ALA J 452 22.30 -39.71 -3.32
CA ALA J 452 23.53 -39.09 -2.82
C ALA J 452 23.63 -39.24 -1.29
N TYR J 453 22.54 -38.90 -0.60
CA TYR J 453 22.50 -39.01 0.85
C TYR J 453 22.71 -40.46 1.27
N ASN J 454 21.99 -41.37 0.60
CA ASN J 454 22.11 -42.79 0.86
C ASN J 454 23.54 -43.28 0.66
N THR J 455 24.08 -43.06 -0.54
CA THR J 455 25.45 -43.46 -0.86
C THR J 455 26.43 -42.96 0.18
N TRP J 456 26.36 -41.67 0.48
CA TRP J 456 27.27 -41.04 1.44
C TRP J 456 27.21 -41.72 2.81
N ARG J 457 26.00 -41.95 3.31
CA ARG J 457 25.81 -42.61 4.61
C ARG J 457 26.46 -43.97 4.60
N THR J 458 26.36 -44.68 3.48
CA THR J 458 26.96 -46.01 3.39
C THR J 458 28.47 -45.94 3.24
N VAL J 459 28.98 -44.86 2.66
CA VAL J 459 30.43 -44.67 2.49
C VAL J 459 31.16 -44.40 3.82
N GLN J 460 30.50 -43.74 4.76
CA GLN J 460 31.06 -43.60 6.11
C GLN J 460 31.37 -44.97 6.71
N ALA J 461 30.40 -45.87 6.63
CA ALA J 461 30.55 -47.28 7.00
C ALA J 461 31.96 -47.69 7.44
N ALA J 462 32.72 -48.30 6.53
CA ALA J 462 34.08 -48.80 6.85
C ALA J 462 35.16 -48.02 6.09
N LYS J 463 36.40 -48.08 6.58
CA LYS J 463 37.49 -47.27 6.00
C LYS J 463 38.67 -48.07 5.42
N PRO J 464 39.01 -49.23 6.01
CA PRO J 464 39.82 -50.19 5.25
C PRO J 464 38.91 -51.13 4.47
N ALA J 465 38.23 -50.56 3.48
CA ALA J 465 37.21 -51.22 2.64
C ALA J 465 37.67 -52.56 2.05
N GLU J 466 37.80 -52.62 0.73
CA GLU J 466 38.41 -53.77 0.03
C GLU J 466 38.06 -55.15 0.63
N TYR J 467 36.87 -55.64 0.32
CA TYR J 467 36.49 -57.01 0.67
C TYR J 467 36.02 -57.72 -0.59
N ASP J 468 36.97 -58.32 -1.31
CA ASP J 468 36.65 -59.09 -2.52
C ASP J 468 37.89 -59.74 -3.16
N ALA J 469 38.04 -61.05 -2.94
CA ALA J 469 39.18 -61.78 -3.49
C ALA J 469 38.80 -62.69 -4.66
N ALA J 470 38.64 -63.99 -4.40
CA ALA J 470 38.40 -65.01 -5.45
C ALA J 470 37.32 -64.60 -6.46
N LYS K 6 32.47 -70.55 -32.84
CA LYS K 6 31.67 -70.01 -31.72
C LYS K 6 32.06 -68.58 -31.37
N LEU K 7 33.28 -68.19 -31.77
CA LEU K 7 33.85 -66.83 -31.59
C LEU K 7 33.74 -66.11 -30.22
N GLU K 8 33.35 -66.84 -29.18
CA GLU K 8 33.21 -66.26 -27.83
C GLU K 8 34.31 -66.73 -26.87
N LYS K 9 35.23 -67.52 -27.41
CA LYS K 9 36.45 -67.90 -26.70
C LYS K 9 37.64 -67.25 -27.41
N ASN K 10 37.34 -66.63 -28.55
CA ASN K 10 38.32 -65.96 -29.41
C ASN K 10 38.21 -64.44 -29.20
N VAL K 11 39.20 -63.84 -28.54
CA VAL K 11 39.12 -62.43 -28.16
C VAL K 11 39.29 -61.48 -29.35
N GLY K 12 40.22 -61.81 -30.25
CA GLY K 12 40.50 -61.01 -31.44
C GLY K 12 39.51 -61.27 -32.55
N LEU K 13 39.07 -62.53 -32.68
CA LEU K 13 38.08 -62.91 -33.68
C LEU K 13 36.77 -62.18 -33.44
N LEU K 14 36.34 -62.14 -32.17
CA LEU K 14 35.18 -61.34 -31.77
C LEU K 14 35.44 -59.86 -32.07
N THR K 15 36.62 -59.36 -31.67
CA THR K 15 37.00 -57.95 -31.91
C THR K 15 36.92 -57.61 -33.40
N LEU K 16 37.52 -58.46 -34.25
CA LEU K 16 37.54 -58.23 -35.69
C LEU K 16 36.13 -58.21 -36.29
N PHE K 17 35.34 -59.23 -35.98
CA PHE K 17 33.97 -59.32 -36.52
C PHE K 17 33.05 -58.22 -36.01
N MET K 18 33.37 -57.66 -34.84
CA MET K 18 32.67 -56.47 -34.33
C MET K 18 33.00 -55.23 -35.15
N ILE K 19 34.30 -54.90 -35.28
CA ILE K 19 34.76 -53.77 -36.10
C ILE K 19 34.31 -53.93 -37.55
N LEU K 20 34.13 -55.17 -37.98
CA LEU K 20 33.61 -55.45 -39.31
C LEU K 20 32.11 -55.17 -39.38
N ALA K 21 31.34 -55.80 -38.48
CA ALA K 21 29.88 -55.72 -38.47
C ALA K 21 29.39 -54.29 -38.32
N VAL K 22 30.15 -53.52 -37.55
CA VAL K 22 29.77 -52.18 -37.12
C VAL K 22 30.09 -51.15 -38.21
N SER K 23 30.94 -51.52 -39.16
CA SER K 23 31.43 -50.60 -40.20
C SER K 23 30.49 -50.45 -41.38
N ILE K 24 29.82 -51.55 -41.73
CA ILE K 24 28.99 -51.62 -42.93
C ILE K 24 28.05 -50.43 -43.13
N GLY K 25 27.26 -50.10 -42.11
CA GLY K 25 26.34 -48.96 -42.18
C GLY K 25 27.01 -47.62 -42.44
N GLY K 26 28.16 -47.41 -41.79
CA GLY K 26 28.98 -46.20 -42.01
C GLY K 26 29.50 -46.10 -43.44
N LEU K 27 30.07 -47.19 -43.94
CA LEU K 27 30.61 -47.23 -45.28
C LEU K 27 29.53 -47.03 -46.34
N THR K 28 28.32 -47.49 -46.05
CA THR K 28 27.24 -47.52 -47.04
C THR K 28 26.40 -46.25 -47.09
N GLN K 29 26.47 -45.45 -46.03
CA GLN K 29 25.67 -44.23 -45.96
C GLN K 29 26.50 -42.98 -46.14
N ILE K 30 27.64 -42.91 -45.47
CA ILE K 30 28.48 -41.73 -45.54
C ILE K 30 29.32 -41.65 -46.81
N VAL K 31 30.04 -42.74 -47.11
CA VAL K 31 31.01 -42.77 -48.23
C VAL K 31 30.43 -42.33 -49.58
N PRO K 32 29.25 -42.87 -49.98
CA PRO K 32 28.71 -42.49 -51.28
C PRO K 32 28.25 -41.02 -51.37
N LEU K 33 28.05 -40.38 -50.23
CA LEU K 33 27.66 -38.97 -50.21
C LEU K 33 28.81 -38.03 -50.51
N PHE K 34 30.03 -38.51 -50.26
CA PHE K 34 31.23 -37.73 -50.62
C PHE K 34 31.23 -37.52 -52.13
N PHE K 35 30.70 -38.49 -52.84
CA PHE K 35 30.78 -38.54 -54.29
C PHE K 35 29.46 -38.22 -54.98
N GLN K 36 28.37 -38.08 -54.22
CA GLN K 36 27.07 -37.69 -54.81
C GLN K 36 27.14 -36.23 -55.25
N ASP K 37 26.63 -35.93 -56.44
CA ASP K 37 26.68 -34.56 -56.92
C ASP K 37 25.70 -33.59 -56.25
N SER K 38 24.43 -33.96 -56.14
CA SER K 38 23.37 -33.09 -55.61
C SER K 38 23.65 -32.47 -54.24
N VAL K 39 24.45 -33.15 -53.41
CA VAL K 39 24.75 -32.67 -52.05
C VAL K 39 26.13 -31.97 -51.91
N ASN K 40 26.76 -31.66 -53.04
CA ASN K 40 28.03 -30.95 -53.01
C ASN K 40 28.02 -29.73 -53.91
N GLU K 41 27.10 -29.70 -54.88
CA GLU K 41 26.89 -28.56 -55.78
C GLU K 41 26.27 -27.40 -55.02
N PRO K 42 26.95 -26.24 -55.00
CA PRO K 42 26.35 -25.04 -54.42
C PRO K 42 25.17 -24.61 -55.25
N VAL K 43 24.22 -23.91 -54.65
CA VAL K 43 23.06 -23.46 -55.40
C VAL K 43 23.48 -22.30 -56.28
N GLU K 44 22.88 -22.24 -57.47
CA GLU K 44 23.29 -21.34 -58.57
C GLU K 44 24.38 -20.29 -58.28
N GLY K 45 23.97 -19.06 -57.95
CA GLY K 45 24.93 -17.96 -57.87
C GLY K 45 25.65 -17.86 -56.54
N MET K 46 25.26 -18.71 -55.60
CA MET K 46 25.73 -18.64 -54.21
C MET K 46 27.23 -18.46 -54.04
N LYS K 47 27.58 -17.47 -53.24
CA LYS K 47 28.94 -17.19 -52.81
C LYS K 47 29.20 -17.80 -51.41
N PRO K 48 30.47 -17.81 -50.96
CA PRO K 48 30.81 -18.11 -49.57
C PRO K 48 30.37 -16.98 -48.64
N TYR K 49 30.24 -17.23 -47.34
CA TYR K 49 29.88 -16.16 -46.41
C TYR K 49 30.96 -15.07 -46.43
N THR K 50 30.54 -13.81 -46.36
CA THR K 50 31.49 -12.71 -46.26
C THR K 50 32.15 -12.71 -44.89
N ALA K 51 33.32 -12.09 -44.82
CA ALA K 51 34.07 -11.98 -43.58
C ALA K 51 33.16 -11.73 -42.37
N LEU K 52 32.27 -10.74 -42.51
CA LEU K 52 31.40 -10.37 -41.43
C LEU K 52 30.32 -11.41 -41.18
N GLN K 53 29.75 -11.94 -42.25
CA GLN K 53 28.74 -12.99 -42.13
C GLN K 53 29.33 -14.21 -41.45
N LEU K 54 30.51 -14.62 -41.94
CA LEU K 54 31.27 -15.74 -41.41
C LEU K 54 31.59 -15.54 -39.93
N GLU K 55 32.00 -14.33 -39.56
CA GLU K 55 32.28 -14.00 -38.19
C GLU K 55 31.02 -14.13 -37.34
N GLY K 56 29.90 -13.70 -37.93
CA GLY K 56 28.60 -13.75 -37.26
C GLY K 56 28.05 -15.15 -37.15
N ARG K 57 28.34 -15.98 -38.14
CA ARG K 57 27.90 -17.35 -38.09
C ARG K 57 28.61 -18.01 -36.95
N ASP K 58 29.88 -17.67 -36.76
CA ASP K 58 30.61 -18.21 -35.62
C ASP K 58 30.05 -17.68 -34.29
N LEU K 59 29.43 -16.50 -34.32
CA LEU K 59 28.75 -15.99 -33.14
C LEU K 59 27.49 -16.79 -32.83
N TYR K 60 26.69 -17.02 -33.86
CA TYR K 60 25.53 -17.91 -33.79
C TYR K 60 25.89 -19.31 -33.25
N ILE K 61 27.10 -19.73 -33.59
CA ILE K 61 27.61 -20.99 -33.09
C ILE K 61 27.91 -20.92 -31.61
N ARG K 62 28.65 -19.88 -31.19
CA ARG K 62 29.11 -19.80 -29.82
C ARG K 62 27.97 -19.55 -28.84
N GLU K 63 26.92 -18.86 -29.28
CA GLU K 63 25.80 -18.56 -28.43
C GLU K 63 24.80 -19.70 -28.25
N GLY K 64 24.88 -20.69 -29.13
CA GLY K 64 24.05 -21.89 -29.03
C GLY K 64 22.72 -21.73 -29.69
N CYS K 65 22.63 -20.77 -30.60
CA CYS K 65 21.37 -20.43 -31.25
C CYS K 65 20.73 -21.68 -31.84
N VAL K 66 21.57 -22.53 -32.39
CA VAL K 66 21.15 -23.80 -32.98
C VAL K 66 20.27 -24.66 -32.06
N GLY K 67 20.50 -24.58 -30.76
CA GLY K 67 19.73 -25.36 -29.80
C GLY K 67 18.25 -25.00 -29.68
N CYS K 68 17.86 -23.86 -30.24
CA CYS K 68 16.45 -23.49 -30.30
C CYS K 68 15.97 -23.31 -31.76
N HIS K 69 16.90 -23.15 -32.70
CA HIS K 69 16.56 -22.74 -34.05
C HIS K 69 17.11 -23.69 -35.15
N SER K 70 16.18 -24.28 -35.92
CA SER K 70 16.51 -25.02 -37.13
C SER K 70 16.82 -24.13 -38.32
N GLN K 71 17.63 -24.64 -39.24
CA GLN K 71 17.85 -24.01 -40.55
C GLN K 71 17.69 -25.07 -41.63
N MET K 72 16.46 -25.55 -41.75
CA MET K 72 16.18 -26.64 -42.67
C MET K 72 14.67 -26.73 -42.83
N ILE K 73 14.17 -26.22 -43.94
CA ILE K 73 12.76 -26.21 -44.18
C ILE K 73 12.41 -27.49 -44.91
N ARG K 74 11.51 -28.24 -44.29
CA ARG K 74 11.04 -29.52 -44.81
C ARG K 74 10.03 -29.30 -45.91
N PRO K 75 10.02 -30.20 -46.92
CA PRO K 75 9.16 -30.02 -48.07
C PRO K 75 7.71 -30.37 -47.83
N PHE K 76 7.06 -29.72 -46.86
CA PHE K 76 5.61 -29.82 -46.70
C PHE K 76 5.00 -28.48 -47.05
N ARG K 77 3.74 -28.49 -47.48
CA ARG K 77 3.08 -27.25 -47.81
C ARG K 77 3.10 -26.26 -46.63
N ALA K 78 2.70 -26.75 -45.45
CA ALA K 78 2.60 -25.88 -44.28
C ALA K 78 3.94 -25.29 -43.87
N GLU K 79 5.03 -26.03 -44.05
CA GLU K 79 6.34 -25.47 -43.75
C GLU K 79 6.76 -24.46 -44.79
N THR K 80 6.43 -24.77 -46.03
CA THR K 80 6.58 -23.88 -47.16
C THR K 80 5.85 -22.55 -46.95
N GLU K 81 4.59 -22.63 -46.54
CA GLU K 81 3.79 -21.43 -46.34
C GLU K 81 4.35 -20.61 -45.20
N ARG K 82 4.78 -21.29 -44.15
CA ARG K 82 5.27 -20.61 -42.98
C ARG K 82 6.65 -19.98 -43.20
N TYR K 83 7.55 -20.67 -43.87
CA TYR K 83 8.93 -20.20 -43.91
C TYR K 83 9.47 -19.84 -45.27
N GLY K 84 8.92 -20.46 -46.30
CA GLY K 84 9.43 -20.24 -47.65
C GLY K 84 9.83 -21.54 -48.30
N HIS K 85 10.65 -21.43 -49.34
CA HIS K 85 11.02 -22.58 -50.13
C HIS K 85 11.75 -23.59 -49.27
N TYR K 86 11.37 -24.87 -49.39
CA TYR K 86 12.04 -25.90 -48.62
C TYR K 86 13.54 -25.82 -48.90
N SER K 87 14.33 -26.05 -47.84
CA SER K 87 15.78 -26.03 -47.89
C SER K 87 16.31 -27.00 -48.93
N VAL K 88 17.41 -26.62 -49.56
CA VAL K 88 18.01 -27.43 -50.61
C VAL K 88 19.43 -27.83 -50.24
N ALA K 89 19.82 -29.07 -50.60
CA ALA K 89 21.17 -29.55 -50.31
C ALA K 89 22.27 -28.53 -50.68
N GLY K 90 22.13 -27.89 -51.83
CA GLY K 90 23.10 -26.91 -52.29
C GLY K 90 23.30 -25.68 -51.42
N GLU K 91 22.32 -25.36 -50.57
CA GLU K 91 22.37 -24.14 -49.78
C GLU K 91 23.38 -24.22 -48.65
N SER K 92 23.58 -25.43 -48.10
CA SER K 92 24.43 -25.60 -46.94
C SER K 92 25.78 -26.15 -47.32
N VAL K 93 26.03 -26.21 -48.62
CA VAL K 93 27.24 -26.79 -49.17
C VAL K 93 28.55 -26.26 -48.58
N TYR K 94 28.55 -25.00 -48.12
CA TYR K 94 29.75 -24.40 -47.52
C TYR K 94 29.64 -24.28 -46.01
N ASP K 95 28.71 -25.02 -45.42
CA ASP K 95 28.48 -24.93 -43.98
C ASP K 95 29.34 -25.89 -43.18
N HIS K 96 30.52 -25.42 -42.79
CA HIS K 96 31.35 -26.15 -41.84
C HIS K 96 31.23 -25.49 -40.45
N PRO K 97 30.54 -26.15 -39.51
CA PRO K 97 29.73 -27.35 -39.66
C PRO K 97 28.29 -26.99 -39.96
N PHE K 98 27.49 -27.94 -40.42
CA PHE K 98 26.10 -27.65 -40.78
C PHE K 98 25.26 -27.24 -39.56
N LEU K 99 24.32 -26.33 -39.79
CA LEU K 99 23.48 -25.81 -38.70
C LEU K 99 21.99 -25.95 -39.00
N TRP K 100 21.64 -27.04 -39.69
CA TRP K 100 20.25 -27.51 -39.75
C TRP K 100 19.94 -27.77 -38.30
N GLY K 101 18.69 -27.59 -37.91
CA GLY K 101 18.43 -27.83 -36.51
C GLY K 101 18.20 -29.26 -36.13
N SER K 102 17.81 -29.46 -34.89
CA SER K 102 17.07 -30.66 -34.50
C SER K 102 15.91 -30.29 -33.60
N LYS K 103 15.91 -29.03 -33.13
CA LYS K 103 14.77 -28.48 -32.40
C LYS K 103 14.35 -27.12 -32.89
N ARG K 104 13.06 -26.85 -32.71
CA ARG K 104 12.47 -25.57 -32.94
C ARG K 104 11.80 -25.05 -31.67
N THR K 105 12.59 -24.63 -30.71
CA THR K 105 12.03 -23.91 -29.57
C THR K 105 11.56 -22.56 -30.10
N GLY K 106 12.40 -21.92 -30.92
CA GLY K 106 11.99 -20.78 -31.73
C GLY K 106 11.80 -21.23 -33.17
N PRO K 107 11.37 -20.33 -34.07
CA PRO K 107 11.08 -20.71 -35.43
C PRO K 107 12.33 -21.09 -36.20
N ASP K 108 12.10 -21.63 -37.40
CA ASP K 108 13.16 -21.94 -38.32
C ASP K 108 13.76 -20.66 -38.85
N LEU K 109 15.09 -20.61 -38.97
CA LEU K 109 15.77 -19.41 -39.48
C LEU K 109 16.39 -19.60 -40.86
N ALA K 110 16.06 -20.69 -41.53
CA ALA K 110 16.67 -20.99 -42.83
C ALA K 110 16.43 -19.86 -43.80
N ARG K 111 15.29 -19.18 -43.69
CA ARG K 111 15.04 -18.06 -44.57
C ARG K 111 14.62 -16.77 -43.90
N VAL K 112 15.23 -16.44 -42.74
CA VAL K 112 15.03 -15.11 -42.15
C VAL K 112 15.58 -14.02 -43.04
N GLY K 113 16.34 -14.43 -44.05
CA GLY K 113 16.46 -13.73 -45.32
C GLY K 113 16.56 -12.25 -45.12
N GLY K 114 15.64 -11.51 -45.73
CA GLY K 114 15.50 -10.10 -45.41
C GLY K 114 14.09 -9.88 -44.90
N ARG K 115 13.57 -10.83 -44.13
CA ARG K 115 12.16 -10.82 -43.70
C ARG K 115 11.95 -9.71 -42.66
N TYR K 116 13.01 -9.39 -41.92
CA TYR K 116 12.96 -8.35 -40.91
C TYR K 116 14.11 -7.40 -41.13
N SER K 117 13.92 -6.17 -40.66
CA SER K 117 14.90 -5.12 -40.78
C SER K 117 16.02 -5.36 -39.80
N ASP K 118 17.22 -4.89 -40.12
CA ASP K 118 18.34 -4.95 -39.17
C ASP K 118 17.93 -4.34 -37.84
N ASP K 119 17.19 -3.23 -37.89
CA ASP K 119 16.79 -2.58 -36.66
C ASP K 119 16.00 -3.53 -35.79
N TRP K 120 15.07 -4.26 -36.40
CA TRP K 120 14.27 -5.19 -35.64
C TRP K 120 15.22 -6.22 -35.03
N HIS K 121 16.13 -6.77 -35.86
CA HIS K 121 17.02 -7.84 -35.41
C HIS K 121 17.87 -7.43 -34.22
N ARG K 122 18.24 -6.16 -34.20
CA ARG K 122 19.05 -5.61 -33.11
C ARG K 122 18.23 -5.50 -31.83
N ALA K 123 17.02 -4.97 -31.95
CA ALA K 123 16.12 -4.82 -30.82
C ALA K 123 15.83 -6.18 -30.26
N HIS K 124 15.60 -7.13 -31.14
CA HIS K 124 15.05 -8.39 -30.72
C HIS K 124 16.13 -9.24 -30.04
N LEU K 125 17.33 -9.24 -30.62
CA LEU K 125 18.50 -9.84 -29.98
C LEU K 125 18.82 -9.18 -28.64
N TYR K 126 18.68 -7.87 -28.55
CA TYR K 126 19.02 -7.16 -27.30
C TYR K 126 18.11 -7.58 -26.15
N ASN K 127 16.85 -7.81 -26.49
CA ASN K 127 15.87 -8.27 -25.53
C ASN K 127 14.59 -8.79 -26.21
N PRO K 128 14.52 -10.09 -26.54
CA PRO K 128 13.41 -10.53 -27.36
C PRO K 128 12.06 -10.24 -26.78
N ARG K 129 11.92 -10.32 -25.45
CA ARG K 129 10.63 -10.09 -24.76
C ARG K 129 10.16 -8.69 -25.00
N ASN K 130 11.11 -7.82 -25.26
CA ASN K 130 10.84 -6.45 -25.54
C ASN K 130 10.11 -6.22 -26.86
N VAL K 131 10.29 -7.08 -27.84
CA VAL K 131 9.58 -6.91 -29.10
C VAL K 131 8.51 -7.98 -29.27
N VAL K 132 8.75 -9.16 -28.71
CA VAL K 132 7.85 -10.28 -28.79
C VAL K 132 7.63 -10.70 -27.35
N PRO K 133 6.65 -10.09 -26.71
CA PRO K 133 6.47 -10.18 -25.26
C PRO K 133 6.47 -11.58 -24.70
N GLU K 134 6.01 -12.55 -25.46
CA GLU K 134 5.88 -13.89 -24.93
C GLU K 134 6.99 -14.82 -25.43
N SER K 135 8.11 -14.22 -25.81
CA SER K 135 9.27 -14.98 -26.29
C SER K 135 9.94 -15.73 -25.15
N LYS K 136 10.59 -16.84 -25.48
CA LYS K 136 11.32 -17.57 -24.46
C LYS K 136 12.81 -17.54 -24.74
N MET K 137 13.16 -16.83 -25.81
CA MET K 137 14.56 -16.62 -26.21
C MET K 137 15.30 -15.81 -25.17
N PRO K 138 16.55 -16.17 -24.91
CA PRO K 138 17.38 -15.38 -24.01
C PRO K 138 17.69 -14.02 -24.60
N SER K 139 17.94 -13.03 -23.72
CA SER K 139 18.45 -11.74 -24.18
C SER K 139 19.94 -11.87 -24.47
N TYR K 140 20.40 -11.19 -25.51
CA TYR K 140 21.79 -11.25 -25.94
C TYR K 140 22.44 -9.87 -26.00
N PRO K 141 22.26 -9.05 -24.93
CA PRO K 141 22.70 -7.65 -24.97
C PRO K 141 24.22 -7.45 -25.09
N TRP K 142 25.00 -8.43 -24.66
CA TRP K 142 26.43 -8.29 -24.76
C TRP K 142 26.88 -8.17 -26.21
N LEU K 143 26.06 -8.63 -27.14
CA LEU K 143 26.45 -8.61 -28.53
C LEU K 143 26.80 -7.17 -28.97
N VAL K 144 26.19 -6.22 -28.27
CA VAL K 144 26.33 -4.80 -28.60
C VAL K 144 27.56 -4.23 -27.96
N GLU K 145 27.90 -4.74 -26.78
CA GLU K 145 29.06 -4.23 -26.02
C GLU K 145 30.39 -4.79 -26.52
N ASN K 146 30.34 -5.78 -27.40
CA ASN K 146 31.55 -6.43 -27.90
C ASN K 146 31.90 -6.06 -29.32
N THR K 147 33.19 -5.89 -29.56
CA THR K 147 33.67 -5.42 -30.85
C THR K 147 34.55 -6.46 -31.47
N LEU K 148 34.28 -6.79 -32.72
CA LEU K 148 35.18 -7.67 -33.44
C LEU K 148 36.48 -6.95 -33.77
N ASP K 149 37.61 -7.63 -33.56
CA ASP K 149 38.90 -7.05 -33.90
C ASP K 149 39.40 -7.56 -35.25
N GLY K 150 38.76 -8.61 -35.75
CA GLY K 150 39.09 -9.24 -37.03
C GLY K 150 40.40 -10.00 -37.08
N LYS K 151 40.95 -10.31 -35.90
CA LYS K 151 42.25 -10.98 -35.78
C LYS K 151 42.27 -12.27 -36.58
N ASP K 152 41.26 -13.11 -36.35
CA ASP K 152 41.27 -14.48 -36.85
C ASP K 152 40.51 -14.73 -38.17
N THR K 153 39.80 -13.70 -38.64
CA THR K 153 39.01 -13.84 -39.86
C THR K 153 39.85 -14.39 -41.02
N ALA K 154 41.04 -13.81 -41.21
CA ALA K 154 41.99 -14.25 -42.21
C ALA K 154 42.23 -15.75 -42.13
N LYS K 155 42.60 -16.24 -40.94
CA LYS K 155 42.84 -17.67 -40.73
C LYS K 155 41.62 -18.55 -41.04
N LYS K 156 40.45 -18.11 -40.57
CA LYS K 156 39.20 -18.86 -40.73
C LYS K 156 38.91 -19.14 -42.19
N MET K 157 39.01 -18.10 -43.01
CA MET K 157 38.81 -18.24 -44.45
C MET K 157 39.84 -19.16 -45.10
N SER K 158 41.10 -18.96 -44.74
CA SER K 158 42.18 -19.80 -45.24
C SER K 158 41.84 -21.25 -44.90
N ALA K 159 41.40 -21.46 -43.65
CA ALA K 159 41.02 -22.78 -43.18
C ALA K 159 39.89 -23.35 -44.02
N LEU K 160 38.84 -22.53 -44.22
CA LEU K 160 37.66 -22.94 -44.98
C LEU K 160 37.92 -23.16 -46.47
N ARG K 161 38.82 -22.34 -47.04
CA ARG K 161 39.22 -22.53 -48.45
C ARG K 161 39.85 -23.89 -48.57
N MET K 162 40.78 -24.18 -47.68
CA MET K 162 41.42 -25.48 -47.58
C MET K 162 40.38 -26.61 -47.56
N LEU K 163 39.22 -26.33 -46.97
CA LEU K 163 38.14 -27.32 -46.90
C LEU K 163 37.19 -27.27 -48.10
N GLY K 164 37.50 -26.44 -49.10
CA GLY K 164 36.71 -26.43 -50.32
C GLY K 164 36.01 -25.14 -50.65
N VAL K 165 35.79 -24.29 -49.64
CA VAL K 165 35.07 -23.03 -49.82
C VAL K 165 35.87 -22.01 -50.64
N PRO K 166 35.34 -21.60 -51.81
CA PRO K 166 36.15 -20.81 -52.75
C PRO K 166 36.29 -19.34 -52.34
N TYR K 167 37.01 -19.10 -51.26
CA TYR K 167 37.37 -17.75 -50.88
C TYR K 167 38.46 -17.24 -51.82
N THR K 168 38.31 -16.00 -52.28
CA THR K 168 39.30 -15.42 -53.18
C THR K 168 40.46 -14.88 -52.36
N GLU K 169 41.60 -14.66 -53.01
CA GLU K 169 42.72 -14.00 -52.36
C GLU K 169 42.30 -12.60 -51.92
N GLU K 170 41.44 -11.96 -52.71
CA GLU K 170 40.87 -10.66 -52.42
C GLU K 170 40.12 -10.74 -51.13
N ASP K 171 39.36 -11.84 -50.98
CA ASP K 171 38.54 -12.08 -49.79
C ASP K 171 39.38 -12.15 -48.51
N ILE K 172 40.42 -12.98 -48.53
CA ILE K 172 41.29 -13.17 -47.38
C ILE K 172 42.06 -11.90 -47.02
N ALA K 173 42.80 -11.36 -47.98
CA ALA K 173 43.38 -10.03 -47.87
C ALA K 173 42.28 -9.10 -47.45
N GLY K 174 42.46 -8.41 -46.34
CA GLY K 174 41.47 -7.44 -45.87
C GLY K 174 40.11 -8.04 -45.50
N ALA K 175 40.10 -9.30 -45.09
CA ALA K 175 38.95 -9.83 -44.37
C ALA K 175 38.98 -9.21 -42.98
N ARG K 176 40.18 -8.90 -42.50
CA ARG K 176 40.33 -8.22 -41.22
C ARG K 176 39.61 -6.87 -41.21
N ASP K 177 39.87 -6.00 -42.18
CA ASP K 177 39.27 -4.67 -42.14
C ASP K 177 37.82 -4.58 -42.62
N SER K 178 37.26 -5.69 -43.08
CA SER K 178 35.81 -5.78 -43.34
C SER K 178 35.05 -5.96 -42.02
N VAL K 179 35.79 -6.33 -40.98
CA VAL K 179 35.25 -6.83 -39.75
C VAL K 179 35.70 -5.98 -38.57
N ASN K 180 36.96 -5.57 -38.57
CA ASN K 180 37.49 -4.79 -37.45
C ASN K 180 36.62 -3.61 -37.07
N GLY K 181 36.33 -3.46 -35.78
CA GLY K 181 35.57 -2.33 -35.30
C GLY K 181 34.05 -2.53 -35.32
N LYS K 182 33.58 -3.49 -36.11
CA LYS K 182 32.17 -3.90 -36.08
C LYS K 182 31.80 -4.58 -34.76
N THR K 183 30.55 -4.43 -34.30
CA THR K 183 30.14 -5.07 -33.05
C THR K 183 29.70 -6.48 -33.32
N GLU K 184 29.68 -7.31 -32.29
CA GLU K 184 29.28 -8.70 -32.48
C GLU K 184 27.87 -8.68 -33.01
N MET K 185 27.03 -7.80 -32.44
CA MET K 185 25.66 -7.66 -32.89
C MET K 185 25.57 -7.36 -34.39
N ASP K 186 26.43 -6.45 -34.85
CA ASP K 186 26.57 -6.15 -36.27
C ASP K 186 26.76 -7.44 -37.06
N ALA K 187 27.71 -8.26 -36.62
CA ALA K 187 28.03 -9.49 -37.33
C ALA K 187 26.87 -10.48 -37.26
N MET K 188 26.22 -10.57 -36.10
CA MET K 188 25.13 -11.52 -35.97
C MET K 188 24.07 -11.14 -37.00
N VAL K 189 23.77 -9.85 -37.05
CA VAL K 189 22.72 -9.35 -37.93
C VAL K 189 23.09 -9.63 -39.38
N ALA K 190 24.34 -9.40 -39.72
CA ALA K 190 24.80 -9.61 -41.07
C ALA K 190 24.56 -11.07 -41.44
N TYR K 191 24.87 -11.97 -40.52
CA TYR K 191 24.71 -13.39 -40.78
C TYR K 191 23.23 -13.73 -41.00
N LEU K 192 22.37 -13.32 -40.07
CA LEU K 192 20.96 -13.64 -40.17
C LEU K 192 20.35 -13.09 -41.46
N GLN K 193 20.93 -12.02 -41.98
CA GLN K 193 20.37 -11.38 -43.15
C GLN K 193 20.72 -12.08 -44.44
N VAL K 194 21.63 -13.04 -44.37
CA VAL K 194 22.03 -13.72 -45.58
C VAL K 194 21.32 -15.05 -45.70
N LEU K 195 20.81 -15.56 -44.57
CA LEU K 195 20.16 -16.88 -44.53
C LEU K 195 19.06 -17.11 -45.56
N GLY K 196 19.34 -18.02 -46.49
CA GLY K 196 18.36 -18.44 -47.47
C GLY K 196 18.17 -17.48 -48.63
N THR K 197 18.91 -16.37 -48.60
CA THR K 197 18.85 -15.41 -49.70
C THR K 197 19.40 -16.00 -50.98
N ALA K 198 20.41 -16.85 -50.86
CA ALA K 198 21.10 -17.41 -52.01
C ALA K 198 20.18 -18.09 -53.01
N LEU K 199 19.17 -18.80 -52.50
CA LEU K 199 18.24 -19.54 -53.38
C LEU K 199 17.27 -18.58 -54.06
N THR K 200 16.67 -17.69 -53.28
CA THR K 200 15.55 -16.90 -53.79
C THR K 200 15.96 -15.69 -54.59
N ASN K 201 17.22 -15.62 -55.02
CA ASN K 201 17.64 -14.56 -55.95
C ASN K 201 18.56 -15.00 -57.10
N LYS K 202 18.74 -16.31 -57.22
CA LYS K 202 19.58 -16.94 -58.24
C LYS K 202 19.09 -16.69 -59.69
N MET L 1 24.07 -39.53 -58.23
CA MET L 1 24.63 -40.89 -58.01
C MET L 1 25.11 -41.53 -59.30
N SER L 2 26.37 -41.94 -59.33
CA SER L 2 26.88 -42.72 -60.44
C SER L 2 26.27 -44.13 -60.34
N THR L 3 26.42 -44.95 -61.38
CA THR L 3 25.86 -46.31 -61.29
C THR L 3 26.65 -47.18 -60.33
N PHE L 4 27.91 -46.82 -60.06
CA PHE L 4 28.75 -47.60 -59.15
C PHE L 4 28.24 -47.48 -57.72
N TRP L 5 28.09 -46.25 -57.27
CA TRP L 5 27.59 -46.02 -55.93
C TRP L 5 26.18 -46.56 -55.74
N SER L 6 25.42 -46.55 -56.84
CA SER L 6 24.06 -47.08 -56.85
C SER L 6 24.05 -48.55 -56.44
N GLY L 7 24.79 -49.37 -57.19
CA GLY L 7 24.96 -50.78 -56.86
C GLY L 7 25.62 -50.96 -55.51
N TYR L 8 26.66 -50.17 -55.26
CA TYR L 8 27.42 -50.20 -54.00
C TYR L 8 26.48 -50.25 -52.79
N ILE L 9 25.50 -49.33 -52.82
CA ILE L 9 24.47 -49.27 -51.79
C ILE L 9 23.59 -50.52 -51.79
N ALA L 10 22.88 -50.74 -52.91
CA ALA L 10 21.94 -51.86 -53.01
C ALA L 10 22.54 -53.18 -52.55
N LEU L 11 23.78 -53.45 -52.97
CA LEU L 11 24.48 -54.68 -52.64
C LEU L 11 24.73 -54.81 -51.15
N LEU L 12 25.32 -53.77 -50.56
CA LEU L 12 25.57 -53.75 -49.11
C LEU L 12 24.28 -53.82 -48.28
N THR L 13 23.27 -53.03 -48.69
CA THR L 13 21.94 -53.08 -48.06
C THR L 13 21.32 -54.47 -48.08
N LEU L 14 21.06 -54.98 -49.29
CA LEU L 14 20.50 -56.31 -49.46
C LEU L 14 21.43 -57.36 -48.84
N GLY L 15 22.73 -57.08 -48.87
CA GLY L 15 23.74 -57.98 -48.29
C GLY L 15 23.63 -58.07 -46.79
N THR L 16 23.22 -56.96 -46.18
CA THR L 16 22.96 -56.94 -44.74
C THR L 16 21.65 -57.66 -44.43
N ILE L 17 20.62 -57.41 -45.22
CA ILE L 17 19.34 -58.11 -45.07
C ILE L 17 19.47 -59.64 -45.23
N VAL L 18 20.13 -60.07 -46.32
CA VAL L 18 20.44 -61.49 -46.49
C VAL L 18 21.22 -62.00 -45.28
N ALA L 19 22.20 -61.22 -44.83
CA ALA L 19 22.99 -61.55 -43.64
C ALA L 19 22.13 -61.78 -42.41
N LEU L 20 21.19 -60.86 -42.16
CA LEU L 20 20.29 -60.92 -41.01
C LEU L 20 19.38 -62.14 -41.03
N PHE L 21 18.77 -62.40 -42.19
CA PHE L 21 17.94 -63.58 -42.38
C PHE L 21 18.74 -64.82 -42.04
N TRP L 22 19.97 -64.87 -42.53
CA TRP L 22 20.88 -65.97 -42.23
C TRP L 22 21.14 -66.07 -40.73
N LEU L 23 21.46 -64.93 -40.11
CA LEU L 23 21.72 -64.86 -38.67
C LEU L 23 20.53 -65.38 -37.86
N ILE L 24 19.34 -64.93 -38.24
CA ILE L 24 18.10 -65.27 -37.54
C ILE L 24 17.76 -66.76 -37.62
N PHE L 25 17.95 -67.34 -38.80
CA PHE L 25 17.66 -68.77 -39.01
C PHE L 25 18.79 -69.65 -38.48
N ALA L 26 20.03 -69.18 -38.60
CA ALA L 26 21.22 -69.95 -38.20
C ALA L 26 21.23 -70.30 -36.72
N THR L 27 20.94 -69.30 -35.88
CA THR L 27 20.96 -69.47 -34.43
C THR L 27 19.67 -70.09 -33.91
N ARG L 28 18.66 -70.18 -34.77
CA ARG L 28 17.37 -70.80 -34.46
C ARG L 28 17.38 -72.33 -34.73
N LYS L 29 18.59 -72.90 -34.81
CA LYS L 29 18.83 -74.26 -35.33
C LYS L 29 18.11 -75.42 -34.59
N GLY L 30 18.78 -76.04 -33.62
CA GLY L 30 18.19 -77.14 -32.86
C GLY L 30 17.34 -76.62 -31.71
N GLU L 31 16.33 -75.81 -32.06
CA GLU L 31 15.50 -75.08 -31.09
C GLU L 31 14.57 -76.00 -30.30
N SER L 32 14.45 -75.72 -29.00
CA SER L 32 13.82 -76.64 -28.06
C SER L 32 12.30 -76.45 -27.91
N ALA L 33 11.60 -76.30 -29.04
CA ALA L 33 10.14 -76.10 -29.07
C ALA L 33 9.63 -75.01 -28.12
N GLY L 34 9.69 -75.27 -26.81
CA GLY L 34 9.22 -74.33 -25.79
C GLY L 34 10.22 -74.01 -24.69
N THR L 35 9.72 -73.50 -23.56
CA THR L 35 10.54 -72.86 -22.51
C THR L 35 11.59 -73.77 -21.84
N THR L 36 11.46 -75.09 -22.02
CA THR L 36 12.49 -76.08 -21.67
C THR L 36 13.13 -75.97 -20.27
N ASP L 37 14.13 -75.10 -20.18
CA ASP L 37 15.05 -74.97 -19.03
C ASP L 37 16.35 -75.76 -19.24
N GLN L 38 16.91 -76.29 -18.15
CA GLN L 38 18.32 -76.71 -18.10
C GLN L 38 19.19 -75.46 -18.19
N THR L 39 20.49 -75.64 -18.02
CA THR L 39 21.41 -74.51 -18.08
C THR L 39 22.34 -74.68 -19.27
N MET L 40 23.57 -74.23 -19.10
CA MET L 40 24.65 -74.54 -20.01
C MET L 40 25.91 -74.76 -19.18
N GLY L 41 27.01 -75.13 -19.84
CA GLY L 41 28.29 -75.24 -19.17
C GLY L 41 28.84 -73.86 -18.85
N HIS L 42 29.67 -73.80 -17.80
CA HIS L 42 30.46 -72.60 -17.47
C HIS L 42 29.62 -71.44 -16.93
N ALA L 43 30.04 -70.89 -15.79
CA ALA L 43 29.37 -69.77 -15.17
C ALA L 43 30.27 -68.54 -15.13
N PHE L 44 29.68 -67.38 -14.90
CA PHE L 44 30.42 -66.12 -14.86
C PHE L 44 30.03 -65.40 -13.58
N ASP L 45 30.98 -65.29 -12.66
CA ASP L 45 30.70 -64.94 -11.28
C ASP L 45 29.70 -65.95 -10.73
N GLY L 46 28.42 -65.59 -10.75
CA GLY L 46 27.34 -66.51 -10.45
C GLY L 46 26.48 -66.76 -11.67
N ILE L 47 26.35 -65.73 -12.51
CA ILE L 47 25.48 -65.75 -13.69
C ILE L 47 25.62 -67.02 -14.51
N GLU L 48 24.51 -67.70 -14.71
CA GLU L 48 24.42 -68.77 -15.70
C GLU L 48 23.29 -68.47 -16.69
N GLU L 49 23.12 -69.31 -17.72
CA GLU L 49 22.10 -69.04 -18.74
C GLU L 49 21.44 -70.27 -19.35
N TYR L 50 20.11 -70.19 -19.45
CA TYR L 50 19.26 -71.20 -20.09
C TYR L 50 19.55 -71.32 -21.58
N ASP L 51 19.51 -72.53 -22.10
CA ASP L 51 19.53 -72.71 -23.56
C ASP L 51 18.11 -72.68 -24.11
N ASN L 52 17.39 -71.61 -23.79
CA ASN L 52 16.01 -71.47 -24.23
C ASN L 52 15.89 -71.02 -25.67
N PRO L 53 14.74 -71.31 -26.31
CA PRO L 53 14.52 -70.94 -27.70
C PRO L 53 14.16 -69.47 -27.87
N LEU L 54 14.39 -68.95 -29.07
CA LEU L 54 13.88 -67.65 -29.47
C LEU L 54 12.36 -67.70 -29.40
N PRO L 55 11.73 -66.77 -28.67
CA PRO L 55 10.27 -66.71 -28.59
C PRO L 55 9.62 -66.66 -29.98
N ARG L 56 8.61 -67.50 -30.19
CA ARG L 56 7.97 -67.63 -31.50
C ARG L 56 7.55 -66.27 -32.07
N TRP L 57 6.85 -65.48 -31.27
CA TRP L 57 6.35 -64.18 -31.72
C TRP L 57 7.49 -63.23 -32.10
N TRP L 58 8.54 -63.21 -31.28
CA TRP L 58 9.69 -62.34 -31.49
C TRP L 58 10.38 -62.68 -32.80
N PHE L 59 10.47 -63.96 -33.09
CA PHE L 59 10.97 -64.44 -34.36
C PHE L 59 10.15 -63.89 -35.53
N LEU L 60 8.82 -63.97 -35.42
CA LEU L 60 7.90 -63.49 -36.45
C LEU L 60 7.98 -61.97 -36.62
N LEU L 61 8.08 -61.27 -35.50
CA LEU L 61 8.24 -59.83 -35.49
C LEU L 61 9.51 -59.44 -36.23
N PHE L 62 10.58 -60.22 -36.02
CA PHE L 62 11.85 -60.01 -36.70
C PHE L 62 11.69 -60.19 -38.22
N ILE L 63 11.00 -61.27 -38.59
CA ILE L 63 10.72 -61.56 -40.00
C ILE L 63 9.79 -60.51 -40.60
N GLY L 64 8.83 -60.08 -39.79
CA GLY L 64 7.87 -59.05 -40.21
C GLY L 64 8.59 -57.81 -40.69
N THR L 65 9.43 -57.26 -39.80
CA THR L 65 10.23 -56.07 -40.10
C THR L 65 11.13 -56.25 -41.32
N LEU L 66 11.77 -57.41 -41.43
CA LEU L 66 12.65 -57.71 -42.56
C LEU L 66 11.91 -57.80 -43.89
N VAL L 67 10.77 -58.49 -43.89
CA VAL L 67 9.91 -58.60 -45.07
C VAL L 67 9.43 -57.22 -45.51
N PHE L 68 8.90 -56.46 -44.55
CA PHE L 68 8.48 -55.07 -44.77
C PHE L 68 9.62 -54.20 -45.31
N GLY L 69 10.82 -54.36 -44.74
CA GLY L 69 12.02 -53.67 -45.23
C GLY L 69 12.22 -53.84 -46.73
N ILE L 70 12.08 -55.08 -47.21
CA ILE L 70 12.13 -55.36 -48.64
C ILE L 70 10.95 -54.68 -49.35
N LEU L 71 9.74 -54.95 -48.86
CA LEU L 71 8.51 -54.38 -49.42
C LEU L 71 8.63 -52.89 -49.67
N TYR L 72 9.16 -52.18 -48.68
CA TYR L 72 9.35 -50.71 -48.70
C TYR L 72 10.46 -50.29 -49.68
N LEU L 73 11.59 -50.99 -49.63
CA LEU L 73 12.73 -50.73 -50.52
C LEU L 73 12.40 -50.96 -51.99
N VAL L 74 11.46 -51.85 -52.25
CA VAL L 74 10.93 -52.06 -53.59
C VAL L 74 10.00 -50.90 -53.97
N LEU L 75 9.08 -50.57 -53.08
CA LEU L 75 8.13 -49.48 -53.31
C LEU L 75 8.76 -48.09 -53.38
N TYR L 76 9.85 -47.90 -52.66
CA TYR L 76 10.42 -46.54 -52.44
C TYR L 76 11.90 -46.45 -52.77
N PRO L 77 12.39 -45.20 -53.01
CA PRO L 77 13.81 -45.02 -53.25
C PRO L 77 14.55 -45.39 -52.00
N GLY L 78 15.77 -45.87 -52.16
CA GLY L 78 16.56 -46.34 -51.03
C GLY L 78 17.67 -47.24 -51.52
N LEU L 79 17.30 -48.31 -52.21
CA LEU L 79 18.28 -49.23 -52.76
C LEU L 79 19.03 -48.58 -53.92
N GLY L 80 19.96 -47.68 -53.58
CA GLY L 80 20.71 -46.92 -54.57
C GLY L 80 19.84 -46.02 -55.42
N ASN L 81 20.06 -46.07 -56.74
CA ASN L 81 19.31 -45.23 -57.70
C ASN L 81 17.91 -45.74 -58.02
N TRP L 82 17.55 -46.86 -57.41
CA TRP L 82 16.27 -47.53 -57.59
C TRP L 82 15.05 -46.65 -57.29
N LYS L 83 14.67 -45.77 -58.22
CA LYS L 83 13.44 -45.00 -58.13
C LYS L 83 12.27 -45.95 -57.82
N GLY L 84 11.33 -45.52 -56.97
CA GLY L 84 10.29 -46.42 -56.46
C GLY L 84 9.41 -47.11 -57.49
N VAL L 85 8.75 -48.20 -57.08
CA VAL L 85 7.73 -48.84 -57.91
C VAL L 85 6.31 -48.47 -57.44
N LEU L 86 6.23 -47.68 -56.37
CA LEU L 86 4.98 -47.13 -55.86
C LEU L 86 4.08 -46.56 -56.98
N PRO L 87 2.83 -47.06 -57.06
CA PRO L 87 1.86 -46.56 -58.02
C PRO L 87 1.39 -45.16 -57.66
N GLY L 88 0.86 -44.43 -58.64
CA GLY L 88 0.36 -43.08 -58.40
C GLY L 88 1.39 -41.97 -58.60
N TYR L 89 2.66 -42.30 -58.36
CA TYR L 89 3.76 -41.36 -58.59
C TYR L 89 4.51 -41.65 -59.89
N GLU L 90 4.42 -40.72 -60.83
CA GLU L 90 5.01 -40.89 -62.17
C GLU L 90 6.53 -40.72 -62.11
N GLY L 91 7.24 -41.76 -62.52
CA GLY L 91 8.70 -41.76 -62.53
C GLY L 91 9.31 -42.11 -61.19
N GLY L 92 8.47 -42.52 -60.24
CA GLY L 92 8.92 -42.83 -58.89
C GLY L 92 8.76 -41.68 -57.88
N TRP L 93 8.69 -42.04 -56.61
CA TRP L 93 8.45 -41.10 -55.51
C TRP L 93 9.77 -40.39 -55.05
N THR L 94 9.77 -39.04 -54.92
CA THR L 94 10.81 -38.24 -54.18
C THR L 94 10.12 -37.25 -53.24
N GLN L 95 10.81 -36.78 -52.19
CA GLN L 95 10.21 -35.80 -51.28
C GLN L 95 9.86 -34.50 -52.00
N GLU L 96 10.67 -34.14 -53.00
CA GLU L 96 10.38 -33.01 -53.88
C GLU L 96 9.04 -33.22 -54.57
N LYS L 97 8.95 -34.31 -55.34
CA LYS L 97 7.76 -34.61 -56.13
C LYS L 97 6.49 -34.62 -55.27
N GLN L 98 6.62 -35.12 -54.06
CA GLN L 98 5.51 -35.18 -53.12
C GLN L 98 5.02 -33.78 -52.76
N TRP L 99 5.97 -32.87 -52.58
CA TRP L 99 5.69 -31.49 -52.27
C TRP L 99 5.02 -30.80 -53.47
N GLU L 100 5.60 -30.95 -54.66
CA GLU L 100 5.04 -30.38 -55.88
C GLU L 100 3.57 -30.69 -55.98
N ARG L 101 3.24 -31.95 -55.73
CA ARG L 101 1.87 -32.46 -55.80
C ARG L 101 1.00 -31.83 -54.73
N GLU L 102 1.50 -31.79 -53.51
CA GLU L 102 0.80 -31.22 -52.38
C GLU L 102 0.37 -29.77 -52.63
N VAL L 103 1.31 -28.94 -53.09
CA VAL L 103 1.01 -27.55 -53.44
C VAL L 103 0.04 -27.52 -54.63
N ALA L 104 0.35 -28.31 -55.66
CA ALA L 104 -0.47 -28.35 -56.87
C ALA L 104 -1.94 -28.56 -56.52
N GLN L 105 -2.21 -29.51 -55.62
CA GLN L 105 -3.57 -29.82 -55.20
C GLN L 105 -4.19 -28.72 -54.34
N ALA L 106 -3.35 -28.07 -53.54
CA ALA L 106 -3.81 -26.92 -52.78
C ALA L 106 -4.26 -25.80 -53.72
N ASP L 107 -3.58 -25.68 -54.86
CA ASP L 107 -3.89 -24.63 -55.80
C ASP L 107 -5.18 -24.89 -56.53
N GLU L 108 -5.53 -26.17 -56.70
CA GLU L 108 -6.80 -26.50 -57.32
C GLU L 108 -7.94 -26.25 -56.35
N LYS L 109 -7.63 -26.29 -55.07
CA LYS L 109 -8.64 -26.11 -54.04
C LYS L 109 -8.77 -24.65 -53.59
N TYR L 110 -7.66 -24.08 -53.13
CA TYR L 110 -7.70 -22.74 -52.59
C TYR L 110 -7.48 -21.69 -53.67
N GLY L 111 -7.21 -22.15 -54.89
CA GLY L 111 -7.01 -21.28 -56.03
C GLY L 111 -8.22 -20.41 -56.32
N PRO L 112 -9.37 -21.04 -56.63
CA PRO L 112 -10.59 -20.27 -56.88
C PRO L 112 -10.85 -19.17 -55.82
N ILE L 113 -10.63 -19.50 -54.56
CA ILE L 113 -10.87 -18.56 -53.46
C ILE L 113 -10.04 -17.32 -53.66
N PHE L 114 -8.72 -17.51 -53.71
CA PHE L 114 -7.76 -16.44 -54.00
C PHE L 114 -8.12 -15.65 -55.27
N ALA L 115 -8.44 -16.39 -56.34
CA ALA L 115 -8.87 -15.78 -57.59
C ALA L 115 -10.05 -14.84 -57.36
N LYS L 116 -11.00 -15.27 -56.53
CA LYS L 116 -12.21 -14.52 -56.24
C LYS L 116 -11.93 -13.13 -55.67
N TYR L 117 -11.04 -13.08 -54.68
CA TYR L 117 -10.69 -11.84 -54.04
C TYR L 117 -9.76 -11.01 -54.89
N ALA L 118 -8.92 -11.67 -55.67
CA ALA L 118 -8.02 -10.99 -56.60
C ALA L 118 -8.80 -10.14 -57.59
N ALA L 119 -10.00 -10.60 -57.94
CA ALA L 119 -10.83 -9.88 -58.90
C ALA L 119 -11.48 -8.65 -58.29
N MET L 120 -11.58 -8.60 -56.96
CA MET L 120 -12.20 -7.46 -56.30
C MET L 120 -11.15 -6.44 -55.94
N SER L 121 -11.59 -5.19 -55.79
CA SER L 121 -10.76 -4.10 -55.29
C SER L 121 -10.45 -4.34 -53.82
N VAL L 122 -9.42 -3.66 -53.31
CA VAL L 122 -9.05 -3.82 -51.91
C VAL L 122 -10.24 -3.52 -50.99
N GLU L 123 -10.90 -2.38 -51.21
CA GLU L 123 -12.00 -1.99 -50.32
C GLU L 123 -13.19 -2.96 -50.38
N GLU L 124 -13.46 -3.51 -51.57
CA GLU L 124 -14.48 -4.56 -51.74
C GLU L 124 -14.15 -5.82 -50.94
N VAL L 125 -12.88 -6.22 -50.91
CA VAL L 125 -12.47 -7.38 -50.16
C VAL L 125 -12.61 -7.10 -48.68
N ALA L 126 -12.40 -5.85 -48.30
CA ALA L 126 -12.36 -5.45 -46.88
C ALA L 126 -13.72 -5.51 -46.21
N GLN L 127 -14.78 -5.38 -46.99
CA GLN L 127 -16.13 -5.43 -46.46
C GLN L 127 -16.71 -6.85 -46.60
N ASP L 128 -15.88 -7.78 -47.05
CA ASP L 128 -16.24 -9.21 -47.09
C ASP L 128 -15.69 -9.92 -45.84
N PRO L 129 -16.57 -10.24 -44.89
CA PRO L 129 -16.19 -10.76 -43.58
C PRO L 129 -15.28 -11.98 -43.64
N GLN L 130 -15.51 -12.85 -44.62
CA GLN L 130 -14.72 -14.08 -44.81
C GLN L 130 -13.28 -13.76 -45.12
N ALA L 131 -13.11 -12.90 -46.12
CA ALA L 131 -11.81 -12.43 -46.53
C ALA L 131 -11.06 -11.77 -45.36
N VAL L 132 -11.76 -10.97 -44.56
CA VAL L 132 -11.12 -10.31 -43.45
C VAL L 132 -10.62 -11.33 -42.48
N LYS L 133 -11.39 -12.38 -42.24
CA LYS L 133 -10.97 -13.45 -41.34
C LYS L 133 -9.66 -14.09 -41.84
N MET L 134 -9.55 -14.19 -43.17
CA MET L 134 -8.36 -14.75 -43.84
C MET L 134 -7.21 -13.77 -43.71
N GLY L 135 -7.48 -12.50 -44.03
CA GLY L 135 -6.52 -11.43 -43.85
C GLY L 135 -5.98 -11.46 -42.43
N ALA L 136 -6.87 -11.70 -41.48
CA ALA L 136 -6.49 -11.69 -40.07
C ALA L 136 -5.53 -12.79 -39.79
N ARG L 137 -5.78 -13.92 -40.46
CA ARG L 137 -5.02 -15.14 -40.24
C ARG L 137 -3.65 -15.00 -40.90
N LEU L 138 -3.64 -14.45 -42.11
CA LEU L 138 -2.40 -14.11 -42.78
C LEU L 138 -1.59 -13.17 -41.89
N PHE L 139 -2.22 -12.06 -41.44
CA PHE L 139 -1.59 -11.07 -40.58
C PHE L 139 -0.92 -11.66 -39.38
N ALA L 140 -1.59 -12.61 -38.74
CA ALA L 140 -1.07 -13.21 -37.51
C ALA L 140 0.21 -13.96 -37.82
N ASN L 141 0.28 -14.51 -39.04
CA ASN L 141 1.45 -15.28 -39.45
C ASN L 141 2.63 -14.47 -39.89
N TYR L 142 2.41 -13.39 -40.64
CA TYR L 142 3.52 -12.69 -41.27
C TYR L 142 3.79 -11.27 -40.76
N CYS L 143 2.90 -10.72 -39.94
CA CYS L 143 3.00 -9.31 -39.59
C CYS L 143 2.99 -9.09 -38.10
N SER L 144 2.47 -10.05 -37.35
CA SER L 144 2.20 -9.87 -35.93
C SER L 144 3.47 -9.65 -35.12
N ILE L 145 4.58 -10.17 -35.64
CA ILE L 145 5.83 -10.10 -34.89
C ILE L 145 6.37 -8.65 -34.79
N CYS L 146 6.10 -7.83 -35.81
CA CYS L 146 6.53 -6.43 -35.78
C CYS L 146 5.38 -5.56 -35.33
N HIS L 147 4.20 -5.74 -35.92
CA HIS L 147 3.07 -4.82 -35.69
C HIS L 147 2.19 -5.26 -34.54
N GLY L 148 2.68 -6.20 -33.73
CA GLY L 148 1.89 -6.77 -32.64
C GLY L 148 0.81 -7.76 -33.08
N SER L 149 0.41 -8.66 -32.19
CA SER L 149 -0.71 -9.56 -32.52
C SER L 149 -2.04 -8.84 -32.55
N ASP L 150 -2.11 -7.68 -31.92
CA ASP L 150 -3.33 -6.86 -31.96
C ASP L 150 -3.31 -5.81 -33.08
N ALA L 151 -2.22 -5.79 -33.85
CA ALA L 151 -1.97 -4.82 -34.93
C ALA L 151 -1.81 -3.39 -34.41
N LYS L 152 -1.61 -3.27 -33.11
CA LYS L 152 -1.61 -1.96 -32.50
C LYS L 152 -0.20 -1.44 -32.27
N GLY L 153 0.77 -2.18 -32.81
CA GLY L 153 2.18 -1.79 -32.80
C GLY L 153 2.83 -1.62 -31.45
N SER L 154 4.07 -1.15 -31.48
CA SER L 154 4.88 -0.82 -30.29
C SER L 154 5.99 0.19 -30.68
N LEU L 155 6.78 0.64 -29.74
CA LEU L 155 7.81 1.61 -30.05
C LEU L 155 8.66 1.15 -31.20
N GLY L 156 8.66 1.93 -32.28
CA GLY L 156 9.36 1.54 -33.47
C GLY L 156 8.43 1.02 -34.54
N PHE L 157 7.20 0.69 -34.14
CA PHE L 157 6.32 -0.02 -35.04
C PHE L 157 4.91 0.50 -35.04
N PRO L 158 4.46 0.96 -36.22
CA PRO L 158 3.18 1.60 -36.40
C PRO L 158 2.05 0.74 -35.90
N ASN L 159 1.11 1.39 -35.25
CA ASN L 159 -0.16 0.79 -34.94
C ASN L 159 -1.00 0.86 -36.22
N LEU L 160 -1.34 -0.31 -36.78
CA LEU L 160 -2.13 -0.37 -38.02
C LEU L 160 -3.64 -0.30 -37.78
N ALA L 161 -4.03 -0.42 -36.51
CA ALA L 161 -5.43 -0.43 -36.12
C ALA L 161 -6.04 0.99 -36.03
N ASP L 162 -5.23 2.01 -35.74
CA ASP L 162 -5.75 3.37 -35.59
C ASP L 162 -6.05 4.09 -36.90
N GLN L 163 -6.37 5.38 -36.79
CA GLN L 163 -6.71 6.20 -37.95
C GLN L 163 -5.54 7.03 -38.46
N ASP L 164 -4.36 6.85 -37.86
CA ASP L 164 -3.16 7.58 -38.27
C ASP L 164 -2.33 6.72 -39.17
N TRP L 165 -2.09 7.24 -40.38
CA TRP L 165 -1.24 6.60 -41.39
C TRP L 165 -0.07 7.50 -41.76
N ARG L 166 1.13 6.94 -41.84
CA ARG L 166 2.32 7.71 -42.15
C ARG L 166 2.45 7.84 -43.64
N TRP L 167 2.13 6.77 -44.37
CA TRP L 167 2.25 6.75 -45.81
C TRP L 167 0.91 6.89 -46.52
N GLY L 168 -0.14 7.18 -45.80
CA GLY L 168 -1.43 7.19 -46.45
C GLY L 168 -2.25 5.98 -46.08
N GLY L 169 -3.57 6.19 -45.93
CA GLY L 169 -4.48 5.17 -45.47
C GLY L 169 -5.55 4.77 -46.47
N ASP L 170 -5.41 5.19 -47.72
CA ASP L 170 -6.28 4.66 -48.75
C ASP L 170 -5.79 3.25 -49.04
N ALA L 171 -6.68 2.43 -49.61
CA ALA L 171 -6.33 1.08 -49.99
C ALA L 171 -5.00 1.04 -50.77
N ALA L 172 -4.89 1.84 -51.83
CA ALA L 172 -3.75 1.79 -52.75
C ALA L 172 -2.45 2.07 -52.02
N SER L 173 -2.49 3.04 -51.11
CA SER L 173 -1.33 3.37 -50.31
C SER L 173 -0.97 2.19 -49.46
N ILE L 174 -1.96 1.64 -48.76
CA ILE L 174 -1.73 0.49 -47.88
C ILE L 174 -1.18 -0.72 -48.65
N LYS L 175 -1.78 -1.03 -49.80
CA LYS L 175 -1.27 -2.13 -50.59
C LYS L 175 0.18 -1.87 -50.97
N THR L 176 0.49 -0.63 -51.33
CA THR L 176 1.86 -0.35 -51.72
C THR L 176 2.81 -0.58 -50.56
N SER L 177 2.44 -0.10 -49.38
CA SER L 177 3.31 -0.25 -48.24
C SER L 177 3.67 -1.71 -48.11
N ILE L 178 2.70 -2.59 -48.32
CA ILE L 178 2.92 -4.00 -48.02
C ILE L 178 3.66 -4.62 -49.17
N LEU L 179 3.23 -4.27 -50.38
CA LEU L 179 3.69 -4.91 -51.61
C LEU L 179 5.15 -4.55 -51.83
N ASN L 180 5.44 -3.25 -51.80
CA ASN L 180 6.78 -2.73 -52.09
C ASN L 180 7.67 -2.38 -50.95
N GLY L 181 7.14 -2.45 -49.73
CA GLY L 181 7.91 -2.02 -48.59
C GLY L 181 7.95 -0.51 -48.51
N ARG L 182 8.55 -0.01 -47.46
CA ARG L 182 8.66 1.39 -47.22
C ARG L 182 9.93 1.58 -46.41
N ILE L 183 10.75 2.57 -46.78
CA ILE L 183 11.84 3.03 -45.91
C ILE L 183 11.68 4.53 -45.71
N ALA L 184 11.58 4.95 -44.47
CA ALA L 184 11.50 6.37 -44.13
C ALA L 184 12.91 6.93 -43.96
N ALA L 185 13.04 8.24 -43.99
CA ALA L 185 14.33 8.85 -43.80
C ALA L 185 14.15 10.23 -43.22
N MET L 186 14.02 10.29 -41.89
CA MET L 186 14.14 11.50 -41.07
C MET L 186 15.62 11.71 -40.99
N PRO L 187 16.13 12.82 -41.52
CA PRO L 187 17.57 12.99 -41.39
C PRO L 187 17.96 13.40 -39.98
N ALA L 188 19.25 13.37 -39.70
CA ALA L 188 19.73 13.77 -38.41
C ALA L 188 19.99 15.28 -38.38
N TRP L 189 19.47 15.98 -37.38
CA TRP L 189 19.71 17.43 -37.28
C TRP L 189 20.73 17.84 -36.24
N GLY L 190 21.07 16.92 -35.35
CA GLY L 190 22.18 17.15 -34.40
C GLY L 190 23.19 18.17 -34.86
N GLN L 191 24.00 17.82 -35.85
CA GLN L 191 25.13 18.65 -36.28
C GLN L 191 24.63 19.87 -37.00
N ALA L 192 23.62 19.68 -37.83
CA ALA L 192 23.17 20.75 -38.69
C ALA L 192 22.67 21.93 -37.86
N ILE L 193 21.98 21.61 -36.79
CA ILE L 193 21.03 22.51 -36.15
C ILE L 193 21.55 22.94 -34.76
N GLY L 194 22.54 22.23 -34.22
CA GLY L 194 23.10 22.55 -32.91
C GLY L 194 22.30 21.84 -31.85
N GLU L 195 22.95 21.48 -30.76
CA GLU L 195 22.28 20.82 -29.63
C GLU L 195 21.16 21.64 -29.04
N GLU L 196 21.39 22.94 -28.83
CA GLU L 196 20.35 23.87 -28.40
C GLU L 196 19.22 23.92 -29.40
N GLY L 197 19.55 23.87 -30.67
CA GLY L 197 18.55 23.85 -31.73
C GLY L 197 17.69 22.62 -31.65
N VAL L 198 18.30 21.46 -31.35
CA VAL L 198 17.57 20.21 -31.16
C VAL L 198 16.60 20.36 -29.99
N LYS L 199 17.12 20.77 -28.84
CA LYS L 199 16.30 21.00 -27.65
C LYS L 199 15.12 21.94 -27.93
N ASN L 200 15.34 23.01 -28.69
CA ASN L 200 14.24 23.91 -28.99
C ASN L 200 13.19 23.34 -29.92
N VAL L 201 13.56 22.79 -31.08
CA VAL L 201 12.47 22.24 -31.92
C VAL L 201 11.74 21.17 -31.15
N ALA L 202 12.47 20.40 -30.38
CA ALA L 202 11.86 19.30 -29.72
C ALA L 202 10.72 19.83 -28.86
N ALA L 203 11.05 20.78 -28.00
CA ALA L 203 10.08 21.48 -27.18
C ALA L 203 8.97 22.11 -28.05
N PHE L 204 9.32 22.82 -29.11
CA PHE L 204 8.30 23.39 -29.97
C PHE L 204 7.32 22.32 -30.52
N VAL L 205 7.86 21.21 -31.01
CA VAL L 205 7.06 20.14 -31.54
C VAL L 205 6.21 19.57 -30.42
N ARG L 206 6.81 19.26 -29.28
CA ARG L 206 6.01 18.69 -28.21
C ARG L 206 4.87 19.60 -27.71
N LYS L 207 5.19 20.85 -27.36
CA LYS L 207 4.20 21.77 -26.84
C LYS L 207 3.32 22.31 -27.94
N ASP L 208 3.90 23.08 -28.85
CA ASP L 208 3.11 23.87 -29.79
C ASP L 208 2.49 23.08 -30.93
N LEU L 209 3.14 22.06 -31.43
CA LEU L 209 2.49 21.28 -32.46
C LEU L 209 1.65 20.16 -31.87
N ALA L 210 2.20 19.41 -30.93
CA ALA L 210 1.52 18.22 -30.48
C ALA L 210 0.64 18.48 -29.27
N GLY L 211 0.66 19.70 -28.75
CA GLY L 211 -0.16 20.02 -27.61
C GLY L 211 0.03 19.24 -26.33
N LEU L 212 1.27 18.83 -26.07
CA LEU L 212 1.64 18.08 -24.87
C LEU L 212 2.40 19.03 -23.99
N PRO L 213 2.25 18.90 -22.66
CA PRO L 213 2.90 19.91 -21.85
C PRO L 213 4.41 19.59 -21.65
N LEU L 214 5.18 20.64 -21.36
CA LEU L 214 6.60 20.48 -21.14
C LEU L 214 6.85 20.14 -19.68
N PRO L 215 7.88 19.33 -19.40
CA PRO L 215 8.23 18.93 -18.06
C PRO L 215 8.63 20.14 -17.31
N GLU L 216 8.26 20.23 -16.03
CA GLU L 216 8.38 21.51 -15.29
C GLU L 216 9.81 22.03 -15.38
N GLY L 217 9.94 23.35 -15.60
CA GLY L 217 11.22 24.04 -15.82
C GLY L 217 12.17 23.40 -16.83
N THR L 218 11.85 23.53 -18.10
CA THR L 218 12.80 23.16 -19.12
C THR L 218 12.87 24.37 -20.03
N ASP L 219 13.71 25.33 -19.68
CA ASP L 219 13.76 26.57 -20.46
C ASP L 219 14.33 26.41 -21.86
N ALA L 220 13.52 25.89 -22.75
CA ALA L 220 13.85 25.83 -24.15
C ALA L 220 13.27 27.08 -24.74
N ASP L 221 13.97 27.69 -25.69
CA ASP L 221 13.45 28.86 -26.40
C ASP L 221 12.47 28.39 -27.47
N LEU L 222 11.19 28.44 -27.14
CA LEU L 222 10.13 27.96 -28.02
C LEU L 222 9.91 28.79 -29.26
N SER L 223 10.35 30.06 -29.24
CA SER L 223 10.28 30.91 -30.44
C SER L 223 11.34 30.46 -31.42
N ALA L 224 12.55 30.23 -30.90
CA ALA L 224 13.62 29.66 -31.66
C ALA L 224 13.14 28.37 -32.30
N GLY L 225 12.69 27.42 -31.49
CA GLY L 225 12.14 26.16 -32.00
C GLY L 225 11.17 26.41 -33.14
N LYS L 226 10.27 27.37 -32.96
CA LYS L 226 9.26 27.65 -33.98
C LYS L 226 9.93 27.96 -35.28
N ASN L 227 10.93 28.83 -35.22
CA ASN L 227 11.73 29.18 -36.38
C ASN L 227 12.52 28.00 -36.96
N VAL L 228 13.18 27.23 -36.11
CA VAL L 228 13.93 26.10 -36.59
C VAL L 228 12.95 25.26 -37.37
N TYR L 229 11.78 25.01 -36.80
CA TYR L 229 10.83 24.11 -37.45
C TYR L 229 10.49 24.63 -38.82
N ALA L 230 10.19 25.93 -38.90
CA ALA L 230 9.71 26.50 -40.14
C ALA L 230 10.79 26.46 -41.19
N GLN L 231 12.03 26.59 -40.74
CA GLN L 231 13.17 26.60 -41.64
C GLN L 231 13.46 25.22 -42.20
N THR L 232 13.30 24.18 -41.41
CA THR L 232 13.81 22.87 -41.80
C THR L 232 12.78 21.80 -41.80
N CYS L 233 12.17 21.58 -40.65
CA CYS L 233 11.16 20.57 -40.47
C CYS L 233 9.93 20.71 -41.36
N ALA L 234 9.50 21.94 -41.57
CA ALA L 234 8.26 22.17 -42.25
C ALA L 234 8.26 21.60 -43.66
N VAL L 235 9.44 21.41 -44.24
CA VAL L 235 9.56 21.05 -45.63
C VAL L 235 8.98 19.70 -45.83
N CYS L 236 9.25 18.81 -44.88
CA CYS L 236 8.71 17.46 -44.93
C CYS L 236 7.45 17.35 -44.08
N HIS L 237 7.45 17.93 -42.88
CA HIS L 237 6.31 17.71 -41.97
C HIS L 237 5.13 18.63 -42.17
N GLY L 238 5.30 19.61 -43.05
CA GLY L 238 4.32 20.72 -43.25
C GLY L 238 4.39 21.70 -42.08
N GLN L 239 4.35 23.01 -42.29
CA GLN L 239 4.45 23.85 -41.08
C GLN L 239 3.08 23.83 -40.54
N GLY L 240 2.96 23.59 -39.25
CA GLY L 240 1.67 23.19 -38.73
C GLY L 240 1.66 21.71 -38.38
N GLY L 241 2.55 20.96 -39.06
CA GLY L 241 2.84 19.60 -38.71
C GLY L 241 1.80 18.65 -39.21
N GLU L 242 1.19 18.97 -40.34
CA GLU L 242 0.11 18.15 -40.91
C GLU L 242 0.65 16.86 -41.53
N GLY L 243 1.97 16.77 -41.63
CA GLY L 243 2.64 15.57 -42.16
C GLY L 243 2.64 15.55 -43.68
N MET L 244 3.44 14.68 -44.27
CA MET L 244 3.40 14.45 -45.71
C MET L 244 3.49 12.98 -46.11
N ALA L 245 2.33 12.41 -46.49
CA ALA L 245 2.18 10.97 -46.72
C ALA L 245 3.03 10.54 -47.88
N ALA L 246 3.37 11.50 -48.74
CA ALA L 246 4.27 11.25 -49.88
C ALA L 246 5.62 10.77 -49.43
N LEU L 247 6.10 11.28 -48.30
CA LEU L 247 7.43 10.97 -47.81
C LEU L 247 7.37 10.11 -46.60
N GLY L 248 6.16 9.74 -46.17
CA GLY L 248 6.01 9.05 -44.89
C GLY L 248 6.46 9.90 -43.69
N ALA L 249 6.60 11.21 -43.89
CA ALA L 249 6.70 12.15 -42.79
C ALA L 249 5.38 12.20 -42.04
N PRO L 250 5.41 11.76 -40.79
CA PRO L 250 4.19 11.61 -40.00
C PRO L 250 3.73 12.95 -39.49
N LYS L 251 2.44 13.09 -39.19
CA LYS L 251 1.97 14.37 -38.70
C LYS L 251 2.51 14.57 -37.32
N LEU L 252 2.77 15.83 -36.99
CA LEU L 252 3.43 16.20 -35.76
C LEU L 252 2.53 17.05 -34.88
N ASN L 253 1.34 17.35 -35.38
CA ASN L 253 0.39 18.08 -34.60
C ASN L 253 -0.44 17.16 -33.68
N SER L 254 -0.02 15.91 -33.54
CA SER L 254 -0.66 15.01 -32.62
C SER L 254 0.32 13.89 -32.35
N ALA L 255 0.52 13.56 -31.08
CA ALA L 255 1.50 12.54 -30.75
C ALA L 255 0.94 11.13 -30.99
N ALA L 256 -0.37 11.08 -31.29
CA ALA L 256 -1.15 9.85 -31.37
C ALA L 256 -0.53 8.79 -32.27
N GLY L 257 -0.01 9.20 -33.41
CA GLY L 257 0.52 8.25 -34.34
C GLY L 257 2.02 8.08 -34.28
N TRP L 258 2.68 8.55 -33.21
CA TRP L 258 4.13 8.57 -33.23
C TRP L 258 4.70 7.23 -32.82
N ILE L 259 5.70 6.75 -33.55
CA ILE L 259 6.25 5.45 -33.20
C ILE L 259 7.55 5.54 -32.41
N TYR L 260 8.08 6.74 -32.21
CA TYR L 260 9.34 6.86 -31.47
C TYR L 260 9.21 7.53 -30.12
N GLY L 261 7.99 7.58 -29.59
CA GLY L 261 7.81 8.13 -28.26
C GLY L 261 7.45 9.58 -28.38
N SER L 262 7.06 10.21 -27.29
CA SER L 262 6.62 11.55 -27.40
C SER L 262 7.24 12.39 -26.32
N SER L 263 8.10 11.78 -25.51
CA SER L 263 8.74 12.50 -24.41
C SER L 263 9.74 13.45 -25.00
N LEU L 264 9.94 14.59 -24.36
CA LEU L 264 10.85 15.60 -24.90
C LEU L 264 12.15 14.89 -25.27
N GLY L 265 12.72 14.15 -24.31
CA GLY L 265 13.93 13.39 -24.53
C GLY L 265 13.90 12.56 -25.79
N GLN L 266 12.82 11.80 -26.00
CA GLN L 266 12.71 10.98 -27.20
C GLN L 266 12.61 11.81 -28.47
N LEU L 267 11.89 12.92 -28.42
CA LEU L 267 11.81 13.79 -29.58
C LEU L 267 13.22 14.28 -29.89
N GLN L 268 13.96 14.60 -28.83
CA GLN L 268 15.30 15.05 -28.97
C GLN L 268 16.19 14.01 -29.65
N GLN L 269 15.99 12.75 -29.33
CA GLN L 269 16.78 11.74 -29.97
C GLN L 269 16.39 11.53 -31.45
N THR L 270 15.10 11.65 -31.73
CA THR L 270 14.63 11.53 -33.10
C THR L 270 15.25 12.64 -33.93
N ILE L 271 15.08 13.86 -33.45
CA ILE L 271 15.53 15.05 -34.15
C ILE L 271 17.03 15.08 -34.29
N ARG L 272 17.74 14.64 -33.26
CA ARG L 272 19.19 14.75 -33.22
C ARG L 272 19.83 13.73 -34.14
N HIS L 273 19.39 12.47 -34.08
CA HIS L 273 20.01 11.44 -34.87
C HIS L 273 19.20 10.87 -36.04
N GLY L 274 18.03 11.42 -36.32
CA GLY L 274 17.15 10.93 -37.39
C GLY L 274 16.47 9.60 -37.10
N ARG L 275 15.70 9.13 -38.07
CA ARG L 275 15.05 7.84 -38.01
C ARG L 275 15.00 7.19 -39.37
N ASN L 276 15.07 5.85 -39.40
CA ASN L 276 15.04 5.12 -40.66
C ASN L 276 14.15 3.92 -40.70
N GLY L 277 12.85 4.14 -40.49
CA GLY L 277 11.87 3.06 -40.42
C GLY L 277 11.87 2.16 -41.64
N GLN L 278 11.77 0.86 -41.43
CA GLN L 278 11.69 -0.07 -42.57
C GLN L 278 10.55 -1.02 -42.43
N MET L 279 9.65 -0.94 -43.40
CA MET L 279 8.62 -1.89 -43.57
C MET L 279 9.08 -2.75 -44.76
N PRO L 280 9.51 -4.00 -44.49
CA PRO L 280 10.05 -4.90 -45.51
C PRO L 280 9.00 -5.18 -46.56
N ALA L 281 9.41 -5.42 -47.79
CA ALA L 281 8.45 -5.63 -48.86
C ALA L 281 8.00 -7.06 -48.81
N GLN L 282 6.72 -7.30 -49.12
CA GLN L 282 6.15 -8.64 -49.01
C GLN L 282 5.93 -9.33 -50.33
N GLN L 283 6.09 -8.58 -51.41
CA GLN L 283 5.97 -9.06 -52.80
C GLN L 283 6.67 -10.38 -53.07
N GLN L 284 7.84 -10.54 -52.47
CA GLN L 284 8.67 -11.70 -52.64
C GLN L 284 8.25 -12.84 -51.74
N TYR L 285 8.04 -12.55 -50.46
CA TYR L 285 7.73 -13.60 -49.49
C TYR L 285 6.31 -14.11 -49.65
N LEU L 286 5.37 -13.24 -49.96
CA LEU L 286 3.96 -13.60 -49.89
C LEU L 286 3.27 -13.63 -51.23
N GLY L 287 3.77 -12.87 -52.19
CA GLY L 287 3.14 -12.88 -53.51
C GLY L 287 1.92 -11.98 -53.53
N ASP L 288 1.52 -11.58 -54.74
CA ASP L 288 0.43 -10.63 -54.94
C ASP L 288 -0.85 -11.00 -54.22
N ASP L 289 -1.29 -12.26 -54.33
CA ASP L 289 -2.54 -12.72 -53.71
C ASP L 289 -2.61 -12.50 -52.22
N LYS L 290 -1.76 -13.18 -51.46
CA LYS L 290 -1.68 -12.94 -50.02
C LYS L 290 -1.64 -11.44 -49.66
N VAL L 291 -0.82 -10.67 -50.36
CA VAL L 291 -0.61 -9.25 -50.07
C VAL L 291 -1.90 -8.48 -50.28
N HIS L 292 -2.65 -8.85 -51.31
CA HIS L 292 -3.90 -8.19 -51.59
C HIS L 292 -4.85 -8.36 -50.42
N LEU L 293 -5.03 -9.61 -49.97
CA LEU L 293 -5.82 -9.93 -48.77
C LEU L 293 -5.36 -9.21 -47.51
N LEU L 294 -4.05 -9.01 -47.36
CA LEU L 294 -3.52 -8.37 -46.16
C LEU L 294 -3.79 -6.89 -46.21
N ALA L 295 -3.81 -6.33 -47.42
CA ALA L 295 -4.10 -4.93 -47.55
C ALA L 295 -5.55 -4.74 -47.14
N ALA L 296 -6.42 -5.58 -47.67
CA ALA L 296 -7.83 -5.58 -47.30
C ALA L 296 -7.98 -5.65 -45.78
N TYR L 297 -7.30 -6.60 -45.14
CA TYR L 297 -7.39 -6.76 -43.70
C TYR L 297 -7.04 -5.49 -42.97
N VAL L 298 -5.87 -4.94 -43.27
CA VAL L 298 -5.38 -3.73 -42.63
C VAL L 298 -6.38 -2.58 -42.85
N TYR L 299 -6.86 -2.47 -44.09
CA TYR L 299 -7.83 -1.49 -44.44
C TYR L 299 -9.03 -1.62 -43.53
N SER L 300 -9.46 -2.87 -43.31
CA SER L 300 -10.66 -3.13 -42.52
C SER L 300 -10.54 -2.65 -41.08
N LEU L 301 -9.40 -2.95 -40.47
CA LEU L 301 -9.09 -2.57 -39.09
C LEU L 301 -9.57 -1.20 -38.60
N SER L 302 -9.57 -0.21 -39.49
CA SER L 302 -9.89 1.15 -39.12
C SER L 302 -11.30 1.52 -39.60
N GLN L 303 -12.30 0.85 -39.01
CA GLN L 303 -13.74 1.04 -39.28
C GLN L 303 -14.45 -0.25 -38.96
N UNK M 1 -32.42 1.24 -35.40
CA UNK M 1 -31.59 0.22 -34.70
C UNK M 1 -32.29 -0.37 -33.45
N UNK M 2 -32.31 0.41 -32.33
CA UNK M 2 -33.17 0.19 -31.11
C UNK M 2 -34.49 0.91 -31.31
N UNK M 3 -35.60 0.29 -30.94
CA UNK M 3 -36.86 1.04 -30.82
C UNK M 3 -37.43 1.09 -29.35
N UNK M 4 -37.59 2.29 -28.79
CA UNK M 4 -38.36 2.51 -27.55
C UNK M 4 -39.61 3.26 -28.00
N UNK M 5 -40.58 3.44 -27.12
CA UNK M 5 -41.70 4.31 -27.48
C UNK M 5 -41.12 5.73 -27.73
N UNK M 6 -40.21 6.21 -26.86
CA UNK M 6 -39.61 7.54 -27.07
C UNK M 6 -38.89 7.63 -28.45
N UNK M 7 -38.04 6.66 -28.82
CA UNK M 7 -37.47 6.63 -30.21
C UNK M 7 -38.58 6.66 -31.32
N UNK M 8 -39.65 5.85 -31.19
CA UNK M 8 -40.72 5.85 -32.21
C UNK M 8 -41.41 7.21 -32.32
N UNK M 9 -41.77 7.78 -31.17
CA UNK M 9 -42.28 9.15 -31.07
C UNK M 9 -41.47 10.12 -31.93
N UNK M 10 -40.16 10.08 -31.76
CA UNK M 10 -39.29 11.00 -32.47
C UNK M 10 -39.24 10.69 -33.98
N UNK M 11 -39.02 9.40 -34.31
CA UNK M 11 -38.96 9.01 -35.71
C UNK M 11 -40.27 9.40 -36.43
N UNK M 12 -41.45 9.22 -35.79
CA UNK M 12 -42.74 9.70 -36.35
C UNK M 12 -42.81 11.23 -36.42
N UNK M 13 -42.08 11.94 -35.55
CA UNK M 13 -42.04 13.42 -35.64
C UNK M 13 -41.15 13.81 -36.85
N UNK M 14 -39.85 13.47 -36.87
CA UNK M 14 -39.00 13.84 -38.04
C UNK M 14 -39.73 13.47 -39.35
N UNK M 15 -40.49 12.38 -39.33
CA UNK M 15 -41.25 11.95 -40.49
C UNK M 15 -42.42 12.88 -40.84
N UNK M 16 -43.42 13.00 -39.96
CA UNK M 16 -44.52 13.90 -40.26
C UNK M 16 -43.91 15.27 -40.71
N UNK M 17 -42.70 15.60 -40.25
CA UNK M 17 -42.05 16.86 -40.65
C UNK M 17 -41.45 16.84 -42.09
N UNK M 18 -40.71 15.78 -42.47
CA UNK M 18 -40.37 15.57 -43.88
C UNK M 18 -41.69 15.56 -44.73
N UNK M 19 -42.79 15.10 -44.14
CA UNK M 19 -44.12 15.17 -44.78
C UNK M 19 -44.64 16.58 -45.04
N UNK M 20 -44.57 17.51 -44.06
CA UNK M 20 -44.99 18.94 -44.33
C UNK M 20 -44.09 19.59 -45.40
N UNK M 21 -42.77 19.46 -45.27
CA UNK M 21 -41.87 20.09 -46.24
C UNK M 21 -41.97 19.41 -47.63
N UNK M 22 -43.00 18.60 -47.82
CA UNK M 22 -43.39 18.03 -49.13
C UNK M 22 -44.82 18.43 -49.46
N UNK M 23 -45.76 18.24 -48.52
CA UNK M 23 -47.14 18.79 -48.64
C UNK M 23 -47.19 20.31 -48.97
N UNK M 24 -46.39 21.13 -48.28
CA UNK M 24 -46.11 22.51 -48.75
C UNK M 24 -45.32 22.45 -50.09
N UNK M 25 -44.15 21.77 -50.10
CA UNK M 25 -43.24 21.68 -51.30
C UNK M 25 -43.78 21.22 -52.69
N UNK M 26 -44.91 20.51 -52.72
CA UNK M 26 -45.56 20.16 -53.99
C UNK M 26 -47.07 20.46 -54.01
N UNK M 27 -47.56 21.22 -53.02
CA UNK M 27 -48.73 22.07 -53.26
C UNK M 27 -48.23 23.52 -53.54
N UNK M 28 -46.90 23.67 -53.51
CA UNK M 28 -46.16 24.89 -53.93
C UNK M 28 -45.61 24.83 -55.36
N UNK M 29 -44.70 23.88 -55.65
CA UNK M 29 -44.19 23.67 -57.02
C UNK M 29 -45.28 23.42 -58.12
N UNK M 30 -46.37 22.73 -57.76
CA UNK M 30 -47.56 22.49 -58.60
C UNK M 30 -48.72 22.04 -57.72
N UNK N 1 -10.81 -18.02 43.66
CA UNK N 1 -9.70 -17.20 44.25
C UNK N 1 -9.91 -17.02 45.76
N UNK N 2 -10.07 -15.77 46.22
CA UNK N 2 -10.36 -15.50 47.64
C UNK N 2 -11.80 -15.90 47.95
N UNK N 3 -11.99 -17.18 48.29
CA UNK N 3 -13.31 -17.75 48.54
C UNK N 3 -13.74 -17.59 50.00
N UNK N 4 -14.63 -16.64 50.25
CA UNK N 4 -15.22 -16.46 51.57
C UNK N 4 -16.34 -17.47 51.76
N UNK N 5 -17.09 -17.37 52.86
CA UNK N 5 -18.26 -18.24 53.07
C UNK N 5 -19.41 -17.88 52.14
N UNK N 6 -19.44 -16.64 51.66
CA UNK N 6 -20.46 -16.16 50.70
C UNK N 6 -20.09 -16.48 49.24
N UNK N 7 -18.83 -16.82 49.01
CA UNK N 7 -18.38 -17.30 47.71
C UNK N 7 -18.69 -18.80 47.52
N UNK N 8 -18.27 -19.62 48.50
CA UNK N 8 -18.52 -21.07 48.49
C UNK N 8 -20.01 -21.39 48.43
N UNK N 9 -20.83 -20.43 48.86
CA UNK N 9 -22.29 -20.55 48.90
C UNK N 9 -22.88 -20.62 47.51
N UNK N 10 -22.31 -19.81 46.63
CA UNK N 10 -22.77 -19.73 45.26
C UNK N 10 -22.18 -20.86 44.44
N UNK N 11 -20.90 -21.17 44.69
CA UNK N 11 -20.23 -22.30 44.05
C UNK N 11 -21.11 -23.54 44.14
N UNK N 12 -21.45 -23.95 45.38
CA UNK N 12 -22.37 -25.08 45.61
C UNK N 12 -23.81 -24.77 45.19
N UNK N 13 -24.19 -23.48 45.16
CA UNK N 13 -25.54 -23.08 44.72
C UNK N 13 -25.69 -23.20 43.22
N UNK N 14 -24.62 -22.91 42.48
CA UNK N 14 -24.59 -23.11 41.03
C UNK N 14 -24.35 -24.58 40.69
N UNK N 15 -23.71 -25.29 41.63
CA UNK N 15 -23.46 -26.74 41.50
C UNK N 15 -24.75 -27.56 41.63
N UNK N 16 -25.46 -27.40 42.74
CA UNK N 16 -26.75 -28.06 42.96
C UNK N 16 -27.82 -27.59 41.95
N UNK N 17 -27.65 -26.38 41.40
CA UNK N 17 -28.52 -25.88 40.31
C UNK N 17 -28.22 -26.54 38.97
N UNK N 18 -26.94 -26.83 38.72
CA UNK N 18 -26.53 -27.62 37.54
C UNK N 18 -26.85 -29.12 37.72
N UNK N 19 -27.18 -29.51 38.94
CA UNK N 19 -27.54 -30.88 39.27
C UNK N 19 -29.01 -31.22 38.94
N UNK N 20 -29.90 -30.22 39.03
CA UNK N 20 -31.28 -30.37 38.53
C UNK N 20 -31.30 -30.25 37.01
N UNK N 21 -30.28 -29.58 36.47
CA UNK N 21 -30.02 -29.53 35.02
C UNK N 21 -29.23 -30.78 34.57
N UNK N 22 -29.11 -31.74 35.47
CA UNK N 22 -28.50 -33.04 35.21
C UNK N 22 -29.36 -34.17 35.76
N UNK N 23 -30.50 -33.81 36.37
CA UNK N 23 -31.54 -34.77 36.79
C UNK N 23 -32.80 -34.63 35.94
N UNK N 24 -32.78 -33.64 35.03
CA UNK N 24 -33.77 -33.53 33.95
C UNK N 24 -33.10 -33.89 32.62
N UNK N 25 -31.80 -33.57 32.49
CA UNK N 25 -31.02 -33.81 31.27
C UNK N 25 -30.49 -35.26 31.10
N UNK N 26 -29.88 -35.80 32.15
CA UNK N 26 -29.31 -37.17 32.12
C UNK N 26 -30.37 -38.27 32.20
N UNK N 27 -31.53 -37.94 32.78
CA UNK N 27 -32.68 -38.84 32.81
C UNK N 27 -33.52 -38.71 31.52
N UNK N 28 -33.12 -37.77 30.67
CA UNK N 28 -33.73 -37.57 29.34
C UNK N 28 -32.91 -38.19 28.20
N UNK N 29 -31.61 -38.40 28.44
CA UNK N 29 -30.68 -38.95 27.43
C UNK N 29 -30.89 -40.45 27.14
N UNK N 30 -31.64 -41.13 28.01
CA UNK N 30 -32.02 -42.54 27.82
C UNK N 30 -33.35 -42.84 28.51
N UNK O 1 31.92 -8.81 36.09
CA UNK O 1 30.97 -9.46 35.14
C UNK O 1 31.71 -10.27 34.04
N UNK O 2 31.81 -9.71 32.82
CA UNK O 2 32.46 -10.39 31.67
C UNK O 2 33.98 -10.45 31.81
N UNK O 3 34.52 -11.65 32.00
CA UNK O 3 35.95 -11.89 31.84
C UNK O 3 36.31 -12.55 30.47
N UNK O 4 37.04 -11.80 29.64
CA UNK O 4 37.74 -12.33 28.47
C UNK O 4 39.23 -12.38 28.86
N UNK O 5 40.09 -12.83 27.95
CA UNK O 5 41.53 -12.61 28.12
C UNK O 5 41.83 -11.10 28.02
N UNK O 6 41.20 -10.40 27.05
CA UNK O 6 41.40 -8.94 26.88
C UNK O 6 40.95 -8.14 28.11
N UNK O 7 39.82 -8.50 28.73
CA UNK O 7 39.44 -7.90 30.03
C UNK O 7 40.45 -8.19 31.15
N UNK O 8 40.89 -9.44 31.32
CA UNK O 8 41.90 -9.74 32.37
C UNK O 8 43.26 -9.11 32.05
N UNK O 9 43.51 -8.89 30.75
CA UNK O 9 44.73 -8.26 30.25
C UNK O 9 44.81 -6.85 30.78
N UNK O 10 43.69 -6.15 30.67
CA UNK O 10 43.62 -4.77 31.09
C UNK O 10 43.37 -4.65 32.58
N UNK O 11 42.60 -5.60 33.14
CA UNK O 11 42.30 -5.60 34.55
C UNK O 11 43.63 -5.68 35.32
N UNK O 12 44.52 -6.60 34.90
CA UNK O 12 45.87 -6.69 35.50
C UNK O 12 46.72 -5.45 35.19
N UNK O 13 46.48 -4.79 34.05
CA UNK O 13 47.28 -3.62 33.66
C UNK O 13 46.95 -2.46 34.59
N UNK O 14 45.66 -2.31 34.92
CA UNK O 14 45.20 -1.26 35.84
C UNK O 14 45.62 -1.55 37.31
N UNK O 15 45.71 -2.84 37.65
CA UNK O 15 46.14 -3.25 39.00
C UNK O 15 47.63 -2.95 39.30
N UNK O 16 48.52 -3.40 38.40
CA UNK O 16 49.95 -3.09 38.50
C UNK O 16 50.16 -1.57 38.46
N UNK O 17 49.39 -0.83 37.66
CA UNK O 17 49.50 0.64 37.69
C UNK O 17 48.91 1.29 38.98
N UNK O 18 47.89 0.67 39.60
CA UNK O 18 47.46 1.05 40.97
C UNK O 18 48.54 0.69 41.98
N UNK O 19 49.31 -0.36 41.68
CA UNK O 19 50.43 -0.74 42.53
C UNK O 19 51.68 0.12 42.34
N UNK O 20 51.85 0.78 41.19
CA UNK O 20 52.98 1.72 41.02
C UNK O 20 52.63 2.98 41.77
N UNK O 21 51.44 3.51 41.52
CA UNK O 21 50.95 4.68 42.28
C UNK O 21 50.67 4.36 43.78
N UNK O 22 51.15 3.20 44.25
CA UNK O 22 51.10 2.84 45.67
C UNK O 22 52.47 2.37 46.17
N UNK O 23 53.28 1.81 45.27
CA UNK O 23 54.71 1.56 45.54
C UNK O 23 55.57 2.86 45.49
N UNK O 24 55.20 3.82 44.64
CA UNK O 24 55.77 5.18 44.74
C UNK O 24 55.00 6.06 45.75
N UNK O 25 53.85 5.57 46.24
CA UNK O 25 53.11 6.24 47.31
C UNK O 25 53.73 6.02 48.70
N UNK O 26 53.50 4.84 49.29
CA UNK O 26 53.98 4.56 50.66
C UNK O 26 55.49 4.37 50.82
N UNK O 27 56.27 4.54 49.75
CA UNK O 27 57.75 4.59 49.86
C UNK O 27 58.26 6.03 49.87
N UNK O 28 57.55 6.92 49.15
CA UNK O 28 57.72 8.37 49.30
C UNK O 28 57.11 8.82 50.64
N UNK O 29 55.96 8.25 51.01
CA UNK O 29 55.30 8.57 52.30
C UNK O 29 56.23 8.47 53.52
N UNK O 30 57.48 8.00 53.31
CA UNK O 30 58.58 8.05 54.30
C UNK O 30 59.89 7.45 53.77
N UNK P 1 -8.22 -30.43 -32.45
CA UNK P 1 -8.46 -29.42 -33.52
C UNK P 1 -8.27 -30.07 -34.91
N UNK P 2 -7.30 -29.58 -35.71
CA UNK P 2 -6.98 -30.17 -37.04
C UNK P 2 -6.44 -31.60 -36.91
N UNK P 3 -6.92 -32.48 -37.81
CA UNK P 3 -6.36 -33.82 -38.00
C UNK P 3 -6.03 -34.02 -39.49
N UNK P 4 -4.75 -34.03 -39.84
CA UNK P 4 -4.32 -34.49 -41.16
C UNK P 4 -4.03 -35.98 -41.00
N UNK P 5 -3.45 -36.61 -42.02
CA UNK P 5 -2.96 -38.00 -41.86
C UNK P 5 -1.57 -37.98 -41.19
N UNK P 6 -0.83 -36.87 -41.32
CA UNK P 6 0.45 -36.67 -40.61
C UNK P 6 0.25 -36.53 -39.10
N UNK P 7 -0.81 -35.82 -38.69
CA UNK P 7 -1.30 -35.84 -37.30
C UNK P 7 -1.88 -37.21 -36.86
N UNK P 8 -2.81 -37.77 -37.65
CA UNK P 8 -3.43 -39.07 -37.30
C UNK P 8 -2.44 -40.25 -37.30
N UNK P 9 -1.19 -39.98 -37.71
CA UNK P 9 -0.08 -40.94 -37.53
C UNK P 9 0.47 -40.84 -36.12
N UNK P 10 0.75 -39.62 -35.70
CA UNK P 10 1.29 -39.41 -34.38
C UNK P 10 0.24 -39.64 -33.29
N UNK P 11 -0.97 -39.12 -33.48
CA UNK P 11 -2.02 -39.28 -32.46
C UNK P 11 -2.22 -40.78 -32.09
N UNK P 12 -2.30 -41.66 -33.10
CA UNK P 12 -2.38 -43.11 -32.84
C UNK P 12 -1.00 -43.76 -32.59
N UNK P 13 0.08 -43.00 -32.73
CA UNK P 13 1.41 -43.50 -32.34
C UNK P 13 1.64 -43.30 -30.84
N UNK P 14 1.41 -42.08 -30.32
CA UNK P 14 1.45 -41.82 -28.87
C UNK P 14 0.44 -42.70 -28.14
N UNK P 15 -0.72 -42.92 -28.75
CA UNK P 15 -1.72 -43.87 -28.22
C UNK P 15 -1.17 -45.30 -28.02
N UNK P 16 -0.78 -45.96 -29.13
CA UNK P 16 -0.22 -47.31 -29.08
C UNK P 16 1.22 -47.36 -28.52
N UNK P 17 1.84 -46.20 -28.25
CA UNK P 17 3.07 -46.18 -27.45
C UNK P 17 2.72 -46.00 -25.96
N UNK P 18 1.65 -45.24 -25.67
CA UNK P 18 1.15 -45.12 -24.29
C UNK P 18 0.56 -46.43 -23.83
N UNK P 19 0.42 -47.39 -24.76
CA UNK P 19 -0.15 -48.70 -24.45
C UNK P 19 0.91 -49.77 -24.17
N UNK P 20 2.13 -49.61 -24.70
CA UNK P 20 3.25 -50.52 -24.36
C UNK P 20 3.86 -50.12 -23.02
N UNK P 21 3.68 -48.84 -22.64
CA UNK P 21 3.97 -48.39 -21.27
C UNK P 21 2.74 -48.66 -20.40
N UNK P 22 2.04 -49.75 -20.70
CA UNK P 22 0.85 -50.18 -19.99
C UNK P 22 0.66 -51.69 -20.14
N UNK P 23 1.34 -52.29 -21.13
CA UNK P 23 1.45 -53.76 -21.27
C UNK P 23 2.74 -54.27 -20.61
N UNK P 24 3.68 -53.36 -20.36
CA UNK P 24 4.77 -53.59 -19.41
C UNK P 24 4.20 -53.31 -18.03
N UNK P 25 3.58 -52.13 -17.86
CA UNK P 25 2.92 -51.75 -16.60
C UNK P 25 1.90 -52.80 -16.07
N UNK P 26 1.06 -53.32 -16.94
CA UNK P 26 0.00 -54.28 -16.56
C UNK P 26 0.52 -55.69 -16.34
N UNK P 27 1.18 -56.28 -17.33
CA UNK P 27 1.79 -57.62 -17.17
C UNK P 27 2.89 -57.64 -16.09
N UNK P 28 3.08 -56.44 -15.44
CA UNK P 28 4.02 -56.25 -14.32
C UNK P 28 3.40 -56.49 -12.94
N UNK P 29 2.75 -55.44 -12.38
CA UNK P 29 2.24 -55.43 -11.00
C UNK P 29 1.99 -56.82 -10.31
N UNK P 30 1.17 -57.70 -10.94
CA UNK P 30 1.01 -59.13 -10.55
C UNK P 30 -0.09 -59.82 -11.39
#